data_2EC4
#
_entry.id   2EC4
#
_entity_poly.entity_id   1
_entity_poly.type   'polypeptide(L)'
_entity_poly.pdbx_seq_one_letter_code
;GSSGSSGENAENEGDALLQFTAEFSSRYGDCHPVFFIGSLEAAFQEAFYVKARDRKLLAIYLHHDESVLTNVFCSQMLCA
ESIVSYLSQNFITWAWDLTKDSNRARFLTMCNRHFGSVVAQTIRTQKTDQFPLFLIIMGKRSSNEVLNVIQGNTTVDELM
MRLMAAMEIFTAQQQEDI
;
_entity_poly.pdbx_strand_id   A
#
# COMPACT_ATOMS: atom_id res chain seq x y z
N GLU A 8 -19.16 11.31 4.10
CA GLU A 8 -18.44 12.20 4.99
C GLU A 8 -17.56 13.17 4.21
N ASN A 9 -17.10 14.22 4.89
CA ASN A 9 -16.25 15.22 4.25
C ASN A 9 -14.99 14.58 3.68
N ALA A 10 -14.89 14.58 2.36
CA ALA A 10 -13.74 13.99 1.68
C ALA A 10 -13.57 14.59 0.29
N GLU A 11 -12.39 14.38 -0.30
CA GLU A 11 -12.09 14.90 -1.63
C GLU A 11 -11.92 13.76 -2.63
N ASN A 12 -12.18 14.06 -3.90
CA ASN A 12 -12.06 13.06 -4.96
C ASN A 12 -10.69 12.39 -4.92
N GLU A 13 -10.69 11.08 -4.75
CA GLU A 13 -9.44 10.32 -4.70
C GLU A 13 -8.99 9.92 -6.10
N GLY A 14 -9.85 9.20 -6.81
CA GLY A 14 -9.51 8.78 -8.16
C GLY A 14 -8.69 9.80 -8.91
N ASP A 15 -9.32 10.91 -9.27
CA ASP A 15 -8.64 11.97 -10.00
C ASP A 15 -7.32 12.34 -9.32
N ALA A 16 -7.37 12.61 -8.02
CA ALA A 16 -6.19 12.97 -7.26
C ALA A 16 -5.04 12.01 -7.55
N LEU A 17 -5.34 10.72 -7.58
CA LEU A 17 -4.34 9.71 -7.84
C LEU A 17 -3.84 9.78 -9.29
N LEU A 18 -4.77 9.94 -10.21
CA LEU A 18 -4.44 10.04 -11.63
C LEU A 18 -3.29 11.01 -11.85
N GLN A 19 -3.52 12.27 -11.48
CA GLN A 19 -2.50 13.31 -11.63
C GLN A 19 -1.13 12.79 -11.22
N PHE A 20 -1.09 12.06 -10.10
CA PHE A 20 0.16 11.52 -9.59
C PHE A 20 0.69 10.43 -10.52
N THR A 21 -0.14 9.41 -10.77
CA THR A 21 0.25 8.31 -11.63
C THR A 21 0.78 8.82 -12.97
N ALA A 22 0.16 9.88 -13.49
CA ALA A 22 0.57 10.46 -14.76
C ALA A 22 1.98 11.05 -14.66
N GLU A 23 2.22 11.84 -13.62
CA GLU A 23 3.53 12.46 -13.42
C GLU A 23 4.59 11.40 -13.12
N PHE A 24 4.34 10.59 -12.09
CA PHE A 24 5.27 9.55 -11.70
C PHE A 24 5.71 8.73 -12.91
N SER A 25 4.79 8.51 -13.83
CA SER A 25 5.08 7.73 -15.04
C SER A 25 6.29 8.31 -15.76
N SER A 26 6.22 9.58 -16.12
CA SER A 26 7.30 10.25 -16.83
C SER A 26 8.47 10.52 -15.89
N ARG A 27 8.19 11.12 -14.75
CA ARG A 27 9.21 11.43 -13.76
C ARG A 27 10.22 10.29 -13.66
N TYR A 28 9.75 9.12 -13.27
CA TYR A 28 10.61 7.95 -13.13
C TYR A 28 10.73 7.19 -14.45
N GLY A 29 9.61 6.70 -14.95
CA GLY A 29 9.61 5.96 -16.19
C GLY A 29 8.32 5.20 -16.42
N ASP A 30 8.19 4.58 -17.59
CA ASP A 30 7.00 3.81 -17.92
C ASP A 30 6.86 2.61 -17.00
N CYS A 31 7.96 1.90 -16.78
CA CYS A 31 7.95 0.73 -15.92
C CYS A 31 7.47 1.09 -14.51
N HIS A 32 6.28 0.61 -14.16
CA HIS A 32 5.71 0.89 -12.85
C HIS A 32 4.50 0.00 -12.58
N PRO A 33 4.24 -0.28 -11.29
CA PRO A 33 3.11 -1.12 -10.88
C PRO A 33 1.76 -0.46 -11.12
N VAL A 34 0.86 -1.18 -11.76
CA VAL A 34 -0.48 -0.66 -12.05
C VAL A 34 -1.13 -0.11 -10.78
N PHE A 35 -1.32 1.21 -10.74
CA PHE A 35 -1.93 1.86 -9.60
C PHE A 35 -3.45 1.89 -9.74
N PHE A 36 -4.14 1.31 -8.76
CA PHE A 36 -5.60 1.26 -8.77
C PHE A 36 -6.19 2.66 -8.69
N ILE A 37 -7.02 3.01 -9.67
CA ILE A 37 -7.64 4.33 -9.73
C ILE A 37 -9.03 4.29 -9.11
N GLY A 38 -9.21 5.00 -7.99
CA GLY A 38 -10.50 5.03 -7.33
C GLY A 38 -10.38 5.45 -5.87
N SER A 39 -11.33 5.00 -5.06
CA SER A 39 -11.34 5.35 -3.65
C SER A 39 -10.75 4.22 -2.81
N LEU A 40 -9.92 4.57 -1.83
CA LEU A 40 -9.28 3.58 -0.97
C LEU A 40 -10.30 2.53 -0.53
N GLU A 41 -11.52 2.96 -0.24
CA GLU A 41 -12.58 2.06 0.18
C GLU A 41 -12.64 0.83 -0.72
N ALA A 42 -12.59 1.07 -2.03
CA ALA A 42 -12.65 0.00 -3.01
C ALA A 42 -11.41 -0.91 -2.91
N ALA A 43 -10.25 -0.28 -2.74
CA ALA A 43 -9.00 -1.02 -2.63
C ALA A 43 -9.10 -2.12 -1.57
N PHE A 44 -10.06 -1.97 -0.66
CA PHE A 44 -10.26 -2.94 0.40
C PHE A 44 -11.25 -4.02 -0.02
N GLN A 45 -12.45 -3.58 -0.41
CA GLN A 45 -13.49 -4.51 -0.84
C GLN A 45 -13.00 -5.38 -1.99
N GLU A 46 -12.29 -4.77 -2.94
CA GLU A 46 -11.78 -5.49 -4.09
C GLU A 46 -10.67 -6.45 -3.67
N ALA A 47 -10.26 -6.37 -2.41
CA ALA A 47 -9.21 -7.23 -1.88
C ALA A 47 -9.80 -8.35 -1.03
N PHE A 48 -10.63 -7.98 -0.06
CA PHE A 48 -11.26 -8.95 0.83
C PHE A 48 -12.67 -9.29 0.36
N TYR A 49 -13.48 -8.25 0.13
CA TYR A 49 -14.85 -8.45 -0.31
C TYR A 49 -14.89 -8.88 -1.77
N VAL A 50 -13.72 -9.17 -2.33
CA VAL A 50 -13.62 -9.59 -3.73
C VAL A 50 -14.06 -11.05 -3.88
N LYS A 51 -14.16 -11.50 -5.12
CA LYS A 51 -14.56 -12.87 -5.41
C LYS A 51 -13.70 -13.87 -4.64
N ALA A 52 -14.35 -14.78 -3.94
CA ALA A 52 -13.65 -15.80 -3.16
C ALA A 52 -12.47 -16.36 -3.95
N ARG A 53 -12.53 -16.24 -5.27
CA ARG A 53 -11.46 -16.74 -6.12
C ARG A 53 -10.40 -15.67 -6.37
N ASP A 54 -10.86 -14.43 -6.57
CA ASP A 54 -9.96 -13.32 -6.82
C ASP A 54 -9.47 -12.72 -5.51
N ARG A 55 -9.61 -13.47 -4.43
CA ARG A 55 -9.19 -13.01 -3.11
C ARG A 55 -7.73 -12.59 -3.14
N LYS A 56 -7.45 -11.41 -2.57
CA LYS A 56 -6.08 -10.89 -2.52
C LYS A 56 -5.89 -9.99 -1.31
N LEU A 57 -4.67 -9.49 -1.13
CA LEU A 57 -4.36 -8.61 -0.02
C LEU A 57 -4.05 -7.19 -0.50
N LEU A 58 -4.18 -6.23 0.40
CA LEU A 58 -3.91 -4.83 0.06
C LEU A 58 -2.58 -4.38 0.64
N ALA A 59 -1.95 -3.42 -0.03
CA ALA A 59 -0.67 -2.89 0.41
C ALA A 59 -0.58 -1.38 0.19
N ILE A 60 -0.71 -0.61 1.26
CA ILE A 60 -0.64 0.83 1.18
C ILE A 60 0.80 1.31 1.03
N TYR A 61 1.07 2.04 -0.04
CA TYR A 61 2.41 2.57 -0.29
C TYR A 61 2.46 4.07 -0.08
N LEU A 62 3.00 4.48 1.06
CA LEU A 62 3.10 5.91 1.39
C LEU A 62 4.28 6.54 0.66
N HIS A 63 3.99 7.59 -0.11
CA HIS A 63 5.04 8.30 -0.85
C HIS A 63 5.35 9.65 -0.20
N HIS A 64 6.57 9.76 0.33
CA HIS A 64 7.00 10.99 0.98
C HIS A 64 8.25 11.55 0.31
N ASP A 65 8.12 12.74 -0.29
CA ASP A 65 9.24 13.37 -0.96
C ASP A 65 10.39 13.62 0.00
N GLU A 66 10.10 14.30 1.10
CA GLU A 66 11.12 14.60 2.11
C GLU A 66 12.08 13.43 2.28
N SER A 67 11.53 12.22 2.26
CA SER A 67 12.34 11.02 2.40
C SER A 67 13.37 10.90 1.28
N VAL A 68 14.58 10.49 1.63
CA VAL A 68 15.65 10.33 0.65
C VAL A 68 15.56 8.99 -0.07
N LEU A 69 14.95 8.01 0.59
CA LEU A 69 14.79 6.69 0.02
C LEU A 69 13.68 6.67 -1.02
N THR A 70 12.53 7.24 -0.67
CA THR A 70 11.39 7.28 -1.57
C THR A 70 11.84 7.50 -3.01
N ASN A 71 12.97 8.19 -3.18
CA ASN A 71 13.51 8.46 -4.50
C ASN A 71 14.10 7.19 -5.12
N VAL A 72 15.11 6.63 -4.46
CA VAL A 72 15.76 5.43 -4.95
C VAL A 72 14.84 4.23 -4.86
N PHE A 73 14.24 4.04 -3.68
CA PHE A 73 13.32 2.92 -3.47
C PHE A 73 12.36 2.76 -4.64
N CYS A 74 12.02 3.88 -5.26
CA CYS A 74 11.11 3.88 -6.41
C CYS A 74 11.73 3.16 -7.59
N SER A 75 12.94 3.58 -7.98
CA SER A 75 13.63 2.98 -9.10
C SER A 75 14.49 1.80 -8.64
N GLN A 76 14.47 1.54 -7.34
CA GLN A 76 15.23 0.44 -6.77
C GLN A 76 14.36 -0.79 -6.58
N MET A 77 13.27 -0.62 -5.82
CA MET A 77 12.36 -1.73 -5.55
C MET A 77 11.16 -1.67 -6.49
N LEU A 78 10.57 -0.49 -6.63
CA LEU A 78 9.41 -0.30 -7.50
C LEU A 78 9.83 -0.25 -8.96
N CYS A 79 11.03 -0.74 -9.24
CA CYS A 79 11.56 -0.75 -10.60
C CYS A 79 11.45 -2.14 -11.21
N ALA A 80 11.49 -3.16 -10.36
CA ALA A 80 11.40 -4.55 -10.81
C ALA A 80 10.05 -4.81 -11.47
N GLU A 81 10.04 -5.72 -12.44
CA GLU A 81 8.81 -6.08 -13.14
C GLU A 81 8.05 -7.16 -12.39
N SER A 82 8.78 -8.11 -11.82
CA SER A 82 8.16 -9.20 -11.07
C SER A 82 7.49 -8.68 -9.81
N ILE A 83 8.14 -7.72 -9.15
CA ILE A 83 7.61 -7.13 -7.93
C ILE A 83 6.35 -6.30 -8.21
N VAL A 84 6.45 -5.43 -9.20
CA VAL A 84 5.32 -4.58 -9.57
C VAL A 84 4.17 -5.41 -10.16
N SER A 85 4.51 -6.33 -11.04
CA SER A 85 3.51 -7.19 -11.67
C SER A 85 2.81 -8.06 -10.63
N TYR A 86 3.60 -8.67 -9.76
CA TYR A 86 3.06 -9.53 -8.72
C TYR A 86 2.29 -8.71 -7.67
N LEU A 87 2.92 -7.66 -7.17
CA LEU A 87 2.30 -6.80 -6.17
C LEU A 87 0.97 -6.24 -6.69
N SER A 88 0.90 -5.99 -7.98
CA SER A 88 -0.31 -5.46 -8.60
C SER A 88 -1.30 -6.58 -8.89
N GLN A 89 -0.80 -7.67 -9.46
CA GLN A 89 -1.65 -8.82 -9.79
C GLN A 89 -2.10 -9.55 -8.53
N ASN A 90 -1.14 -10.07 -7.78
CA ASN A 90 -1.43 -10.79 -6.54
C ASN A 90 -2.02 -9.86 -5.50
N PHE A 91 -1.29 -8.78 -5.21
CA PHE A 91 -1.74 -7.81 -4.21
C PHE A 91 -2.34 -6.58 -4.88
N ILE A 92 -2.87 -5.67 -4.08
CA ILE A 92 -3.48 -4.45 -4.60
C ILE A 92 -2.55 -3.25 -4.42
N THR A 93 -1.98 -2.80 -5.52
CA THR A 93 -1.07 -1.65 -5.49
C THR A 93 -1.83 -0.35 -5.32
N TRP A 94 -1.51 0.39 -4.27
CA TRP A 94 -2.17 1.66 -3.99
C TRP A 94 -1.19 2.66 -3.41
N ALA A 95 -1.13 3.85 -4.02
CA ALA A 95 -0.22 4.89 -3.55
C ALA A 95 -1.00 6.10 -3.04
N TRP A 96 -0.42 6.80 -2.07
CA TRP A 96 -1.07 7.98 -1.50
C TRP A 96 -0.04 9.05 -1.15
N ASP A 97 -0.10 10.17 -1.87
CA ASP A 97 0.82 11.28 -1.65
C ASP A 97 0.46 12.05 -0.38
N LEU A 98 1.25 11.87 0.67
CA LEU A 98 0.99 12.54 1.93
C LEU A 98 2.09 13.57 2.23
N THR A 99 2.84 13.93 1.20
CA THR A 99 3.93 14.90 1.34
C THR A 99 3.48 16.10 2.18
N LYS A 100 2.57 16.89 1.63
CA LYS A 100 2.06 18.07 2.32
C LYS A 100 1.32 17.67 3.59
N ASP A 101 1.40 18.52 4.61
CA ASP A 101 0.74 18.25 5.88
C ASP A 101 -0.74 17.92 5.65
N SER A 102 -1.43 18.77 4.90
CA SER A 102 -2.84 18.56 4.62
C SER A 102 -3.15 17.07 4.42
N ASN A 103 -2.41 16.44 3.52
CA ASN A 103 -2.59 15.02 3.24
C ASN A 103 -2.10 14.16 4.41
N ARG A 104 -0.96 14.53 4.97
CA ARG A 104 -0.38 13.80 6.08
C ARG A 104 -1.45 13.49 7.14
N ALA A 105 -2.04 14.54 7.69
CA ALA A 105 -3.08 14.39 8.70
C ALA A 105 -4.23 13.53 8.19
N ARG A 106 -4.79 13.91 7.04
CA ARG A 106 -5.90 13.17 6.45
C ARG A 106 -5.72 11.67 6.65
N PHE A 107 -4.66 11.13 6.06
CA PHE A 107 -4.37 9.71 6.18
C PHE A 107 -4.47 9.24 7.63
N LEU A 108 -3.72 9.90 8.51
CA LEU A 108 -3.71 9.57 9.92
C LEU A 108 -5.13 9.44 10.46
N THR A 109 -5.98 10.40 10.11
CA THR A 109 -7.37 10.39 10.55
C THR A 109 -8.10 9.15 10.05
N MET A 110 -7.92 8.84 8.77
CA MET A 110 -8.56 7.68 8.17
C MET A 110 -8.11 6.40 8.86
N CYS A 111 -6.80 6.17 8.89
CA CYS A 111 -6.25 4.98 9.53
C CYS A 111 -6.66 4.89 10.99
N ASN A 112 -6.67 6.04 11.67
CA ASN A 112 -7.04 6.09 13.08
C ASN A 112 -8.27 5.23 13.35
N ARG A 113 -9.25 5.30 12.45
CA ARG A 113 -10.47 4.52 12.58
C ARG A 113 -10.37 3.20 11.82
N HIS A 114 -10.21 3.30 10.51
CA HIS A 114 -10.10 2.13 9.66
C HIS A 114 -9.23 1.06 10.31
N PHE A 115 -8.02 1.45 10.69
CA PHE A 115 -7.09 0.52 11.33
C PHE A 115 -7.17 0.64 12.86
N GLY A 116 -6.86 1.83 13.37
CA GLY A 116 -6.91 2.04 14.81
C GLY A 116 -6.03 3.20 15.25
N SER A 117 -6.03 3.48 16.54
CA SER A 117 -5.23 4.57 17.09
C SER A 117 -3.77 4.14 17.26
N VAL A 118 -3.58 2.90 17.71
CA VAL A 118 -2.24 2.37 17.92
C VAL A 118 -1.47 2.29 16.61
N VAL A 119 -2.20 2.26 15.49
CA VAL A 119 -1.58 2.20 14.17
C VAL A 119 -1.11 3.57 13.71
N ALA A 120 -2.04 4.51 13.64
CA ALA A 120 -1.73 5.87 13.20
C ALA A 120 -0.56 6.43 14.01
N GLN A 121 -0.68 6.41 15.33
CA GLN A 121 0.36 6.93 16.20
C GLN A 121 1.74 6.48 15.72
N THR A 122 1.88 5.17 15.48
CA THR A 122 3.14 4.62 15.02
C THR A 122 3.73 5.45 13.89
N ILE A 123 2.92 5.68 12.85
CA ILE A 123 3.36 6.46 11.70
C ILE A 123 4.03 7.76 12.14
N ARG A 124 3.45 8.39 13.15
CA ARG A 124 3.99 9.65 13.67
C ARG A 124 5.42 9.47 14.15
N THR A 125 5.66 8.38 14.88
CA THR A 125 6.99 8.10 15.40
C THR A 125 7.95 7.72 14.28
N GLN A 126 7.48 6.91 13.34
CA GLN A 126 8.30 6.48 12.22
C GLN A 126 8.94 7.68 11.51
N LYS A 127 10.26 7.76 11.58
CA LYS A 127 10.99 8.85 10.95
C LYS A 127 10.60 9.00 9.49
N THR A 128 11.16 10.00 8.82
CA THR A 128 10.86 10.26 7.42
C THR A 128 11.71 9.37 6.52
N ASP A 129 12.99 9.24 6.85
CA ASP A 129 13.91 8.43 6.07
C ASP A 129 13.36 7.01 5.90
N GLN A 130 12.89 6.43 7.00
CA GLN A 130 12.35 5.08 6.97
C GLN A 130 11.53 4.84 5.71
N PHE A 131 10.75 5.84 5.32
CA PHE A 131 9.92 5.75 4.13
C PHE A 131 10.74 5.31 2.93
N PRO A 132 10.06 4.74 1.92
CA PRO A 132 8.61 4.51 1.97
C PRO A 132 8.22 3.44 3.00
N LEU A 133 7.00 3.55 3.52
CA LEU A 133 6.51 2.60 4.51
C LEU A 133 5.49 1.65 3.88
N PHE A 134 5.94 0.42 3.60
CA PHE A 134 5.07 -0.58 3.00
C PHE A 134 4.39 -1.42 4.07
N LEU A 135 3.07 -1.31 4.15
CA LEU A 135 2.29 -2.06 5.14
C LEU A 135 1.41 -3.09 4.46
N ILE A 136 1.08 -4.16 5.19
CA ILE A 136 0.24 -5.23 4.66
C ILE A 136 -0.95 -5.49 5.57
N ILE A 137 -2.14 -5.49 4.98
CA ILE A 137 -3.36 -5.73 5.75
C ILE A 137 -3.99 -7.06 5.36
N MET A 138 -4.57 -7.75 6.34
CA MET A 138 -5.22 -9.04 6.09
C MET A 138 -6.72 -8.86 5.87
N GLY A 139 -7.32 -7.95 6.64
CA GLY A 139 -8.75 -7.70 6.52
C GLY A 139 -9.57 -8.52 7.49
N LYS A 140 -10.35 -7.84 8.33
CA LYS A 140 -11.19 -8.50 9.31
C LYS A 140 -12.52 -7.80 9.46
N ARG A 141 -13.61 -8.55 9.35
CA ARG A 141 -14.95 -7.98 9.47
C ARG A 141 -14.98 -6.90 10.54
N SER A 142 -14.37 -7.18 11.69
CA SER A 142 -14.34 -6.23 12.80
C SER A 142 -13.63 -4.94 12.39
N SER A 143 -12.37 -5.07 11.96
CA SER A 143 -11.59 -3.92 11.54
C SER A 143 -10.33 -4.37 10.79
N ASN A 144 -9.81 -3.49 9.94
CA ASN A 144 -8.61 -3.79 9.17
C ASN A 144 -7.37 -3.66 10.03
N GLU A 145 -6.55 -4.71 10.05
CA GLU A 145 -5.32 -4.71 10.83
C GLU A 145 -4.14 -5.14 9.97
N VAL A 146 -2.97 -4.55 10.24
CA VAL A 146 -1.75 -4.88 9.50
C VAL A 146 -1.07 -6.10 10.09
N LEU A 147 -0.34 -6.83 9.25
CA LEU A 147 0.37 -8.02 9.69
C LEU A 147 1.87 -7.77 9.73
N ASN A 148 2.37 -7.00 8.75
CA ASN A 148 3.79 -6.70 8.68
C ASN A 148 4.01 -5.23 8.32
N VAL A 149 5.03 -4.62 8.91
CA VAL A 149 5.34 -3.22 8.65
C VAL A 149 6.83 -3.04 8.34
N ILE A 150 7.15 -2.85 7.07
CA ILE A 150 8.54 -2.66 6.65
C ILE A 150 8.91 -1.19 6.64
N GLN A 151 10.08 -0.87 7.17
CA GLN A 151 10.56 0.51 7.21
C GLN A 151 10.70 1.09 5.81
N GLY A 152 11.64 0.55 5.04
CA GLY A 152 11.85 1.02 3.69
C GLY A 152 13.23 0.67 3.16
N ASN A 153 14.19 0.52 4.07
CA ASN A 153 15.56 0.18 3.69
C ASN A 153 15.70 -1.32 3.46
N THR A 154 14.57 -2.00 3.31
CA THR A 154 14.57 -3.44 3.08
C THR A 154 15.11 -3.78 1.69
N THR A 155 15.29 -5.07 1.43
CA THR A 155 15.80 -5.53 0.14
C THR A 155 14.67 -6.04 -0.75
N VAL A 156 14.61 -5.56 -1.98
CA VAL A 156 13.59 -5.97 -2.92
C VAL A 156 13.25 -7.45 -2.75
N ASP A 157 14.25 -8.26 -2.42
CA ASP A 157 14.05 -9.68 -2.22
C ASP A 157 13.11 -9.94 -1.04
N GLU A 158 13.35 -9.25 0.06
CA GLU A 158 12.53 -9.41 1.26
C GLU A 158 11.05 -9.17 0.94
N LEU A 159 10.79 -8.19 0.08
CA LEU A 159 9.43 -7.86 -0.32
C LEU A 159 8.73 -9.08 -0.93
N MET A 160 9.46 -9.81 -1.77
CA MET A 160 8.91 -10.99 -2.42
C MET A 160 8.38 -11.98 -1.39
N MET A 161 9.25 -12.41 -0.48
CA MET A 161 8.87 -13.36 0.56
C MET A 161 7.81 -12.76 1.48
N ARG A 162 8.00 -11.49 1.84
CA ARG A 162 7.06 -10.80 2.72
C ARG A 162 5.65 -10.83 2.12
N LEU A 163 5.56 -10.61 0.82
CA LEU A 163 4.27 -10.60 0.14
C LEU A 163 3.72 -12.01 -0.01
N MET A 164 4.48 -12.87 -0.69
CA MET A 164 4.08 -14.26 -0.90
C MET A 164 3.66 -14.91 0.42
N ALA A 165 4.47 -14.70 1.46
CA ALA A 165 4.19 -15.25 2.77
C ALA A 165 2.82 -14.82 3.27
N ALA A 166 2.56 -13.52 3.24
CA ALA A 166 1.29 -12.98 3.69
C ALA A 166 0.12 -13.76 3.11
N MET A 167 0.30 -14.30 1.90
CA MET A 167 -0.74 -15.07 1.25
C MET A 167 -0.91 -16.43 1.93
N GLU A 168 0.14 -17.23 1.91
CA GLU A 168 0.10 -18.55 2.53
C GLU A 168 -0.34 -18.46 4.00
N ILE A 169 0.11 -17.40 4.67
CA ILE A 169 -0.24 -17.19 6.07
C ILE A 169 -1.74 -16.91 6.23
N PHE A 170 -2.24 -15.98 5.43
CA PHE A 170 -3.66 -15.62 5.49
C PHE A 170 -4.54 -16.87 5.42
N THR A 171 -4.38 -17.64 4.36
CA THR A 171 -5.16 -18.86 4.17
C THR A 171 -5.17 -19.70 5.44
N ALA A 172 -4.02 -19.80 6.09
CA ALA A 172 -3.91 -20.58 7.32
C ALA A 172 -4.59 -19.87 8.48
N GLN A 173 -4.46 -18.55 8.53
CA GLN A 173 -5.07 -17.76 9.59
C GLN A 173 -6.59 -17.91 9.57
N GLN A 174 -7.20 -17.65 8.42
CA GLN A 174 -8.65 -17.76 8.29
C GLN A 174 -9.11 -19.19 8.54
N GLN A 175 -10.38 -19.33 8.92
CA GLN A 175 -10.95 -20.65 9.20
C GLN A 175 -12.18 -20.90 8.34
N GLU A 176 -12.73 -22.10 8.44
CA GLU A 176 -13.91 -22.47 7.67
C GLU A 176 -15.17 -22.40 8.53
N ASP A 177 -15.03 -22.75 9.81
CA ASP A 177 -16.16 -22.73 10.74
C ASP A 177 -16.63 -21.30 10.98
N ILE A 178 -15.70 -20.44 11.40
CA ILE A 178 -16.02 -19.04 11.67
C ILE A 178 -16.10 -18.24 10.38
N GLU A 8 -16.58 13.47 8.76
CA GLU A 8 -16.01 14.35 7.74
C GLU A 8 -16.25 13.79 6.34
N ASN A 9 -16.58 14.67 5.40
CA ASN A 9 -16.84 14.27 4.02
C ASN A 9 -15.54 13.93 3.30
N ALA A 10 -15.65 13.10 2.27
CA ALA A 10 -14.49 12.71 1.49
C ALA A 10 -14.58 13.22 0.06
N GLU A 11 -13.46 13.71 -0.47
CA GLU A 11 -13.43 14.23 -1.84
C GLU A 11 -13.07 13.13 -2.83
N ASN A 12 -13.07 13.48 -4.11
CA ASN A 12 -12.75 12.52 -5.16
C ASN A 12 -11.29 12.09 -5.09
N GLU A 13 -11.04 10.84 -4.71
CA GLU A 13 -9.69 10.32 -4.60
C GLU A 13 -9.13 9.96 -5.97
N GLY A 14 -9.93 9.23 -6.75
CA GLY A 14 -9.49 8.83 -8.08
C GLY A 14 -8.77 9.94 -8.82
N ASP A 15 -9.37 11.13 -8.83
CA ASP A 15 -8.78 12.28 -9.50
C ASP A 15 -7.39 12.59 -8.93
N ALA A 16 -7.33 12.70 -7.61
CA ALA A 16 -6.07 13.00 -6.93
C ALA A 16 -4.96 12.06 -7.40
N LEU A 17 -5.14 10.77 -7.14
CA LEU A 17 -4.16 9.77 -7.53
C LEU A 17 -3.86 9.86 -9.03
N LEU A 18 -4.90 9.83 -9.84
CA LEU A 18 -4.75 9.91 -11.29
C LEU A 18 -3.56 10.79 -11.67
N GLN A 19 -3.46 11.94 -11.02
CA GLN A 19 -2.37 12.88 -11.29
C GLN A 19 -1.03 12.29 -10.86
N PHE A 20 -0.98 11.81 -9.62
CA PHE A 20 0.25 11.21 -9.09
C PHE A 20 0.72 10.05 -9.96
N THR A 21 -0.21 9.17 -10.31
CA THR A 21 0.12 8.02 -11.14
C THR A 21 0.67 8.45 -12.49
N ALA A 22 -0.06 9.34 -13.16
CA ALA A 22 0.35 9.84 -14.47
C ALA A 22 1.75 10.45 -14.40
N GLU A 23 1.89 11.48 -13.58
CA GLU A 23 3.18 12.15 -13.42
C GLU A 23 4.26 11.17 -13.00
N PHE A 24 3.93 10.30 -12.05
CA PHE A 24 4.88 9.31 -11.55
C PHE A 24 5.52 8.54 -12.70
N SER A 25 4.74 8.32 -13.76
CA SER A 25 5.23 7.59 -14.93
C SER A 25 6.51 8.23 -15.47
N SER A 26 6.41 9.50 -15.87
CA SER A 26 7.55 10.22 -16.40
C SER A 26 8.55 10.54 -15.30
N ARG A 27 8.06 10.78 -14.10
CA ARG A 27 8.91 11.09 -12.97
C ARG A 27 10.16 10.21 -12.97
N TYR A 28 9.95 8.91 -12.84
CA TYR A 28 11.05 7.95 -12.82
C TYR A 28 11.04 7.08 -14.07
N GLY A 29 9.85 6.71 -14.52
CA GLY A 29 9.72 5.88 -15.70
C GLY A 29 8.37 5.20 -15.78
N ASP A 30 8.03 4.72 -16.97
CA ASP A 30 6.75 4.04 -17.20
C ASP A 30 6.63 2.84 -16.27
N CYS A 31 7.71 2.10 -16.11
CA CYS A 31 7.72 0.92 -15.24
C CYS A 31 7.18 1.25 -13.86
N HIS A 32 5.98 0.76 -13.58
CA HIS A 32 5.34 1.01 -12.28
C HIS A 32 4.12 0.11 -12.10
N PRO A 33 3.80 -0.20 -10.84
CA PRO A 33 2.66 -1.06 -10.49
C PRO A 33 1.32 -0.37 -10.76
N VAL A 34 0.48 -1.01 -11.56
CA VAL A 34 -0.83 -0.47 -11.89
C VAL A 34 -1.60 -0.07 -10.64
N PHE A 35 -1.73 1.23 -10.41
CA PHE A 35 -2.44 1.74 -9.24
C PHE A 35 -3.95 1.74 -9.48
N PHE A 36 -4.71 1.47 -8.43
CA PHE A 36 -6.16 1.44 -8.51
C PHE A 36 -6.75 2.84 -8.37
N ILE A 37 -7.38 3.33 -9.43
CA ILE A 37 -7.98 4.65 -9.41
C ILE A 37 -9.21 4.69 -8.52
N GLY A 38 -9.08 5.34 -7.37
CA GLY A 38 -10.19 5.44 -6.43
C GLY A 38 -9.73 5.72 -5.01
N SER A 39 -10.53 5.30 -4.04
CA SER A 39 -10.21 5.51 -2.63
C SER A 39 -10.08 4.18 -1.90
N LEU A 40 -9.29 4.18 -0.83
CA LEU A 40 -9.08 2.97 -0.03
C LEU A 40 -10.39 2.22 0.16
N GLU A 41 -11.47 2.95 0.40
CA GLU A 41 -12.78 2.35 0.60
C GLU A 41 -13.17 1.47 -0.59
N ALA A 42 -13.07 2.04 -1.79
CA ALA A 42 -13.41 1.31 -3.01
C ALA A 42 -12.52 0.08 -3.17
N ALA A 43 -11.21 0.29 -3.20
CA ALA A 43 -10.26 -0.80 -3.35
C ALA A 43 -10.70 -2.02 -2.56
N PHE A 44 -11.11 -1.80 -1.31
CA PHE A 44 -11.55 -2.89 -0.46
C PHE A 44 -12.59 -3.76 -1.17
N GLN A 45 -13.50 -3.12 -1.88
CA GLN A 45 -14.54 -3.82 -2.61
C GLN A 45 -13.94 -4.78 -3.64
N GLU A 46 -12.72 -4.48 -4.07
CA GLU A 46 -12.03 -5.31 -5.06
C GLU A 46 -10.88 -6.07 -4.41
N ALA A 47 -10.81 -6.02 -3.08
CA ALA A 47 -9.76 -6.70 -2.35
C ALA A 47 -10.24 -8.04 -1.80
N PHE A 48 -11.18 -7.99 -0.87
CA PHE A 48 -11.73 -9.20 -0.27
C PHE A 48 -13.20 -9.37 -0.64
N TYR A 49 -13.93 -8.25 -0.68
CA TYR A 49 -15.35 -8.28 -1.02
C TYR A 49 -15.61 -9.19 -2.21
N VAL A 50 -14.70 -9.17 -3.18
CA VAL A 50 -14.83 -10.00 -4.37
C VAL A 50 -14.79 -11.48 -4.02
N LYS A 51 -15.18 -12.32 -4.97
CA LYS A 51 -15.18 -13.76 -4.75
C LYS A 51 -13.82 -14.24 -4.24
N ALA A 52 -13.71 -15.55 -4.02
CA ALA A 52 -12.47 -16.13 -3.52
C ALA A 52 -11.48 -16.32 -4.66
N ARG A 53 -11.99 -16.64 -5.84
CA ARG A 53 -11.14 -16.86 -7.01
C ARG A 53 -10.31 -15.62 -7.32
N ASP A 54 -10.82 -14.45 -6.91
CA ASP A 54 -10.12 -13.20 -7.14
C ASP A 54 -9.75 -12.53 -5.82
N ARG A 55 -9.79 -13.30 -4.74
CA ARG A 55 -9.45 -12.79 -3.42
C ARG A 55 -8.01 -12.28 -3.38
N LYS A 56 -7.81 -11.14 -2.73
CA LYS A 56 -6.47 -10.55 -2.63
C LYS A 56 -6.33 -9.79 -1.31
N LEU A 57 -5.13 -9.26 -1.07
CA LEU A 57 -4.86 -8.50 0.15
C LEU A 57 -4.62 -7.03 -0.17
N LEU A 58 -4.61 -6.21 0.88
CA LEU A 58 -4.38 -4.77 0.71
C LEU A 58 -2.98 -4.39 1.17
N ALA A 59 -2.39 -3.42 0.48
CA ALA A 59 -1.05 -2.96 0.82
C ALA A 59 -0.93 -1.45 0.63
N ILE A 60 -0.75 -0.74 1.74
CA ILE A 60 -0.62 0.71 1.70
C ILE A 60 0.84 1.13 1.54
N TYR A 61 1.11 1.89 0.48
CA TYR A 61 2.48 2.35 0.20
C TYR A 61 2.58 3.86 0.37
N LEU A 62 3.25 4.29 1.43
CA LEU A 62 3.42 5.72 1.71
C LEU A 62 4.57 6.29 0.89
N HIS A 63 4.31 7.40 0.20
CA HIS A 63 5.32 8.05 -0.61
C HIS A 63 5.62 9.45 -0.08
N HIS A 64 6.90 9.74 0.13
CA HIS A 64 7.32 11.05 0.63
C HIS A 64 8.59 11.52 -0.08
N ASP A 65 8.46 12.58 -0.86
CA ASP A 65 9.60 13.14 -1.59
C ASP A 65 10.74 13.47 -0.64
N GLU A 66 10.45 14.31 0.36
CA GLU A 66 11.45 14.72 1.33
C GLU A 66 12.41 13.56 1.65
N SER A 67 11.83 12.38 1.88
CA SER A 67 12.63 11.19 2.20
C SER A 67 13.68 10.94 1.12
N VAL A 68 14.83 10.44 1.54
CA VAL A 68 15.93 10.15 0.61
C VAL A 68 15.79 8.75 0.03
N LEU A 69 15.14 7.86 0.78
CA LEU A 69 14.94 6.49 0.32
C LEU A 69 13.90 6.42 -0.78
N THR A 70 12.94 7.35 -0.74
CA THR A 70 11.88 7.39 -1.74
C THR A 70 12.44 7.62 -3.13
N ASN A 71 13.56 8.34 -3.20
CA ASN A 71 14.20 8.63 -4.48
C ASN A 71 14.77 7.37 -5.10
N VAL A 72 15.57 6.64 -4.32
CA VAL A 72 16.19 5.41 -4.79
C VAL A 72 15.17 4.28 -4.85
N PHE A 73 14.50 4.03 -3.73
CA PHE A 73 13.50 2.96 -3.66
C PHE A 73 12.57 3.02 -4.87
N CYS A 74 12.53 4.16 -5.54
CA CYS A 74 11.69 4.35 -6.71
C CYS A 74 12.21 3.52 -7.88
N SER A 75 13.38 3.90 -8.39
CA SER A 75 13.99 3.20 -9.51
C SER A 75 14.85 2.04 -9.03
N GLN A 76 14.95 1.89 -7.72
CA GLN A 76 15.75 0.83 -7.12
C GLN A 76 14.86 -0.36 -6.73
N MET A 77 13.79 -0.07 -5.99
CA MET A 77 12.87 -1.11 -5.55
C MET A 77 11.66 -1.19 -6.47
N LEU A 78 10.83 -0.15 -6.42
CA LEU A 78 9.62 -0.10 -7.25
C LEU A 78 9.94 -0.47 -8.69
N CYS A 79 11.18 -0.25 -9.10
CA CYS A 79 11.62 -0.57 -10.45
C CYS A 79 11.41 -2.05 -10.75
N ALA A 80 11.66 -2.89 -9.76
CA ALA A 80 11.50 -4.33 -9.92
C ALA A 80 10.12 -4.68 -10.47
N GLU A 81 10.10 -5.23 -11.68
CA GLU A 81 8.85 -5.60 -12.34
C GLU A 81 8.22 -6.81 -11.64
N SER A 82 9.03 -7.80 -11.33
CA SER A 82 8.56 -9.01 -10.67
C SER A 82 7.73 -8.67 -9.43
N ILE A 83 7.94 -7.46 -8.90
CA ILE A 83 7.22 -7.01 -7.73
C ILE A 83 5.99 -6.19 -8.13
N VAL A 84 6.23 -5.00 -8.66
CA VAL A 84 5.15 -4.12 -9.08
C VAL A 84 4.01 -4.92 -9.71
N SER A 85 4.34 -6.06 -10.31
CA SER A 85 3.35 -6.90 -10.95
C SER A 85 2.70 -7.85 -9.93
N TYR A 86 3.51 -8.72 -9.35
CA TYR A 86 3.01 -9.68 -8.37
C TYR A 86 2.16 -8.98 -7.31
N LEU A 87 2.66 -7.84 -6.82
CA LEU A 87 1.94 -7.08 -5.80
C LEU A 87 0.62 -6.56 -6.34
N SER A 88 0.63 -6.10 -7.60
CA SER A 88 -0.57 -5.58 -8.23
C SER A 88 -1.59 -6.69 -8.46
N GLN A 89 -1.11 -7.87 -8.84
CA GLN A 89 -1.98 -9.01 -9.09
C GLN A 89 -2.41 -9.66 -7.78
N ASN A 90 -1.44 -10.18 -7.04
CA ASN A 90 -1.72 -10.82 -5.77
C ASN A 90 -2.33 -9.85 -4.77
N PHE A 91 -1.77 -8.64 -4.71
CA PHE A 91 -2.26 -7.62 -3.80
C PHE A 91 -2.83 -6.43 -4.57
N ILE A 92 -3.35 -5.45 -3.85
CA ILE A 92 -3.93 -4.27 -4.47
C ILE A 92 -2.98 -3.09 -4.38
N THR A 93 -2.60 -2.54 -5.53
CA THR A 93 -1.69 -1.41 -5.58
C THR A 93 -2.39 -0.12 -5.18
N TRP A 94 -1.89 0.51 -4.12
CA TRP A 94 -2.48 1.76 -3.63
C TRP A 94 -1.43 2.60 -2.91
N ALA A 95 -1.21 3.81 -3.40
CA ALA A 95 -0.25 4.72 -2.80
C ALA A 95 -0.90 6.05 -2.40
N TRP A 96 -0.19 6.83 -1.60
CA TRP A 96 -0.71 8.12 -1.15
C TRP A 96 0.44 9.09 -0.87
N ASP A 97 0.40 10.24 -1.55
CA ASP A 97 1.44 11.25 -1.38
C ASP A 97 1.21 12.05 -0.10
N LEU A 98 2.09 11.88 0.87
CA LEU A 98 1.99 12.58 2.15
C LEU A 98 2.84 13.84 2.15
N THR A 99 3.33 14.21 0.96
CA THR A 99 4.15 15.40 0.82
C THR A 99 3.51 16.61 1.50
N LYS A 100 2.20 16.79 1.25
CA LYS A 100 1.46 17.91 1.83
C LYS A 100 1.02 17.58 3.25
N ASP A 101 1.13 18.56 4.14
CA ASP A 101 0.74 18.37 5.54
C ASP A 101 -0.69 17.82 5.63
N SER A 102 -1.61 18.47 4.94
CA SER A 102 -3.01 18.04 4.96
C SER A 102 -3.13 16.57 4.56
N ASN A 103 -2.58 16.24 3.40
CA ASN A 103 -2.62 14.86 2.90
C ASN A 103 -2.07 13.89 3.94
N ARG A 104 -0.82 14.11 4.35
CA ARG A 104 -0.18 13.25 5.33
C ARG A 104 -1.14 12.93 6.48
N ALA A 105 -1.60 13.97 7.17
CA ALA A 105 -2.52 13.80 8.28
C ALA A 105 -3.77 13.04 7.86
N ARG A 106 -4.40 13.49 6.79
CA ARG A 106 -5.60 12.86 6.27
C ARG A 106 -5.53 11.34 6.43
N PHE A 107 -4.48 10.75 5.86
CA PHE A 107 -4.29 9.31 5.94
C PHE A 107 -4.26 8.84 7.40
N LEU A 108 -3.39 9.46 8.19
CA LEU A 108 -3.27 9.10 9.60
C LEU A 108 -4.63 9.11 10.29
N THR A 109 -5.43 10.13 9.99
CA THR A 109 -6.76 10.25 10.58
C THR A 109 -7.66 9.11 10.16
N MET A 110 -8.00 9.07 8.87
CA MET A 110 -8.85 8.02 8.33
C MET A 110 -8.40 6.64 8.82
N CYS A 111 -7.09 6.39 8.74
CA CYS A 111 -6.53 5.12 9.18
C CYS A 111 -7.08 4.72 10.53
N ASN A 112 -6.90 5.58 11.52
CA ASN A 112 -7.37 5.32 12.88
C ASN A 112 -8.81 4.78 12.85
N ARG A 113 -9.68 5.48 12.13
CA ARG A 113 -11.07 5.08 12.03
C ARG A 113 -11.19 3.61 11.61
N HIS A 114 -10.39 3.22 10.63
CA HIS A 114 -10.40 1.85 10.14
C HIS A 114 -9.54 0.94 11.02
N PHE A 115 -8.23 1.17 10.99
CA PHE A 115 -7.31 0.37 11.79
C PHE A 115 -7.31 0.83 13.24
N GLY A 116 -6.80 2.04 13.48
CA GLY A 116 -6.76 2.57 14.83
C GLY A 116 -5.53 3.43 15.06
N SER A 117 -5.55 4.17 16.17
CA SER A 117 -4.43 5.05 16.51
C SER A 117 -3.14 4.25 16.64
N VAL A 118 -3.22 3.08 17.26
CA VAL A 118 -2.06 2.23 17.44
C VAL A 118 -1.27 2.08 16.15
N VAL A 119 -1.95 2.27 15.02
CA VAL A 119 -1.31 2.17 13.72
C VAL A 119 -0.77 3.52 13.26
N ALA A 120 -1.68 4.48 13.07
CA ALA A 120 -1.29 5.82 12.63
C ALA A 120 -0.10 6.34 13.44
N GLN A 121 -0.18 6.18 14.76
CA GLN A 121 0.89 6.64 15.64
C GLN A 121 2.24 6.06 15.20
N THR A 122 2.30 4.74 15.09
CA THR A 122 3.52 4.06 14.68
C THR A 122 4.20 4.80 13.54
N ILE A 123 3.41 5.42 12.68
CA ILE A 123 3.94 6.17 11.54
C ILE A 123 4.30 7.59 11.94
N ARG A 124 3.35 8.27 12.58
CA ARG A 124 3.55 9.65 13.01
C ARG A 124 4.86 9.78 13.80
N THR A 125 5.15 8.77 14.62
CA THR A 125 6.35 8.77 15.43
C THR A 125 7.60 8.54 14.58
N GLN A 126 7.44 7.72 13.53
CA GLN A 126 8.56 7.41 12.64
C GLN A 126 9.02 8.67 11.91
N LYS A 127 10.32 8.73 11.62
CA LYS A 127 10.90 9.88 10.92
C LYS A 127 10.60 9.81 9.43
N THR A 128 10.89 10.89 8.73
CA THR A 128 10.66 10.96 7.29
C THR A 128 11.56 9.99 6.54
N ASP A 129 12.79 9.84 7.02
CA ASP A 129 13.75 8.95 6.40
C ASP A 129 13.16 7.56 6.21
N GLN A 130 12.52 7.04 7.26
CA GLN A 130 11.91 5.72 7.22
C GLN A 130 11.22 5.49 5.87
N PHE A 131 10.45 6.48 5.43
CA PHE A 131 9.74 6.37 4.17
C PHE A 131 10.68 6.03 3.03
N PRO A 132 10.14 5.38 1.98
CA PRO A 132 8.73 5.04 1.91
C PRO A 132 8.34 3.94 2.90
N LEU A 133 7.15 4.05 3.48
CA LEU A 133 6.67 3.07 4.45
C LEU A 133 5.77 2.04 3.77
N PHE A 134 6.31 0.84 3.56
CA PHE A 134 5.56 -0.23 2.93
C PHE A 134 4.99 -1.18 3.97
N LEU A 135 3.66 -1.22 4.07
CA LEU A 135 3.00 -2.09 5.03
C LEU A 135 2.15 -3.15 4.31
N ILE A 136 1.98 -4.29 4.97
CA ILE A 136 1.20 -5.39 4.39
C ILE A 136 -0.08 -5.62 5.18
N ILE A 137 -1.21 -5.29 4.57
CA ILE A 137 -2.52 -5.47 5.21
C ILE A 137 -3.25 -6.69 4.63
N MET A 138 -3.57 -7.64 5.50
CA MET A 138 -4.28 -8.84 5.08
C MET A 138 -5.79 -8.59 5.01
N GLY A 139 -6.27 -7.70 5.86
CA GLY A 139 -7.68 -7.38 5.87
C GLY A 139 -8.50 -8.40 6.65
N LYS A 140 -9.58 -7.94 7.27
CA LYS A 140 -10.45 -8.82 8.05
C LYS A 140 -11.89 -8.31 8.04
N ARG A 141 -12.78 -9.09 7.47
CA ARG A 141 -14.19 -8.72 7.40
C ARG A 141 -14.62 -7.99 8.67
N SER A 142 -13.99 -8.32 9.78
CA SER A 142 -14.30 -7.69 11.06
C SER A 142 -13.57 -6.37 11.21
N SER A 143 -12.24 -6.44 11.33
CA SER A 143 -11.42 -5.24 11.47
C SER A 143 -10.03 -5.47 10.91
N ASN A 144 -9.60 -4.56 10.05
CA ASN A 144 -8.28 -4.66 9.42
C ASN A 144 -7.17 -4.40 10.45
N GLU A 145 -6.01 -4.99 10.21
CA GLU A 145 -4.87 -4.83 11.11
C GLU A 145 -3.55 -4.97 10.36
N VAL A 146 -2.47 -4.50 10.97
CA VAL A 146 -1.15 -4.58 10.36
C VAL A 146 -0.41 -5.84 10.82
N LEU A 147 0.13 -6.58 9.85
CA LEU A 147 0.86 -7.80 10.15
C LEU A 147 2.36 -7.54 10.20
N ASN A 148 2.92 -7.12 9.08
CA ASN A 148 4.35 -6.82 9.00
C ASN A 148 4.59 -5.38 8.57
N VAL A 149 5.57 -4.73 9.19
CA VAL A 149 5.90 -3.35 8.87
C VAL A 149 7.32 -3.23 8.33
N ILE A 150 7.45 -2.60 7.17
CA ILE A 150 8.76 -2.43 6.54
C ILE A 150 9.10 -0.94 6.40
N GLN A 151 10.02 -0.47 7.22
CA GLN A 151 10.44 0.92 7.19
C GLN A 151 10.61 1.40 5.76
N GLY A 152 11.53 0.77 5.04
CA GLY A 152 11.78 1.15 3.65
C GLY A 152 13.24 1.05 3.28
N ASN A 153 14.11 1.04 4.28
CA ASN A 153 15.55 0.94 4.04
C ASN A 153 15.96 -0.50 3.76
N THR A 154 14.97 -1.36 3.54
CA THR A 154 15.23 -2.77 3.27
C THR A 154 15.69 -2.96 1.83
N THR A 155 16.01 -4.21 1.47
CA THR A 155 16.47 -4.54 0.14
C THR A 155 15.32 -5.02 -0.74
N VAL A 156 15.21 -4.45 -1.94
CA VAL A 156 14.15 -4.82 -2.87
C VAL A 156 13.83 -6.31 -2.77
N ASP A 157 14.85 -7.12 -2.52
CA ASP A 157 14.68 -8.56 -2.40
C ASP A 157 13.80 -8.90 -1.19
N GLU A 158 14.15 -8.32 -0.04
CA GLU A 158 13.39 -8.57 1.19
C GLU A 158 11.90 -8.40 0.95
N LEU A 159 11.54 -7.42 0.12
CA LEU A 159 10.14 -7.15 -0.19
C LEU A 159 9.54 -8.28 -1.03
N MET A 160 10.27 -8.68 -2.07
CA MET A 160 9.81 -9.74 -2.96
C MET A 160 9.35 -10.95 -2.15
N MET A 161 10.22 -11.43 -1.26
CA MET A 161 9.91 -12.59 -0.43
C MET A 161 8.77 -12.26 0.54
N ARG A 162 8.97 -11.20 1.34
CA ARG A 162 7.97 -10.79 2.31
C ARG A 162 6.56 -10.96 1.75
N LEU A 163 6.34 -10.45 0.54
CA LEU A 163 5.03 -10.54 -0.11
C LEU A 163 4.50 -11.97 -0.03
N MET A 164 5.29 -12.91 -0.52
CA MET A 164 4.89 -14.32 -0.49
C MET A 164 4.47 -14.75 0.90
N ALA A 165 5.39 -14.63 1.86
CA ALA A 165 5.10 -15.00 3.24
C ALA A 165 3.72 -14.54 3.67
N ALA A 166 3.42 -13.26 3.43
CA ALA A 166 2.13 -12.69 3.79
C ALA A 166 0.98 -13.58 3.31
N MET A 167 1.14 -14.11 2.09
CA MET A 167 0.11 -14.98 1.52
C MET A 167 0.05 -16.31 2.25
N GLU A 168 1.17 -17.05 2.22
CA GLU A 168 1.24 -18.34 2.88
C GLU A 168 0.64 -18.27 4.28
N ILE A 169 0.96 -17.20 5.00
CA ILE A 169 0.45 -17.02 6.36
C ILE A 169 -1.01 -16.58 6.34
N PHE A 170 -1.31 -15.58 5.54
CA PHE A 170 -2.68 -15.07 5.44
C PHE A 170 -3.69 -16.22 5.37
N THR A 171 -3.58 -17.04 4.34
CA THR A 171 -4.47 -18.18 4.17
C THR A 171 -4.57 -19.00 5.45
N ALA A 172 -3.46 -19.60 5.85
CA ALA A 172 -3.42 -20.41 7.06
C ALA A 172 -4.14 -19.72 8.21
N GLN A 173 -3.90 -18.43 8.36
CA GLN A 173 -4.54 -17.66 9.42
C GLN A 173 -6.06 -17.71 9.30
N GLN A 174 -6.56 -17.54 8.09
CA GLN A 174 -8.00 -17.58 7.84
C GLN A 174 -8.56 -18.98 8.05
N GLN A 175 -9.88 -19.08 8.11
CA GLN A 175 -10.53 -20.36 8.32
C GLN A 175 -10.30 -21.29 7.13
N GLU A 176 -10.43 -22.60 7.37
CA GLU A 176 -10.24 -23.58 6.32
C GLU A 176 -11.49 -23.74 5.47
N ASP A 177 -12.62 -23.93 6.13
CA ASP A 177 -13.90 -24.09 5.43
C ASP A 177 -13.96 -23.17 4.21
N ILE A 178 -13.81 -21.87 4.44
CA ILE A 178 -13.85 -20.89 3.37
C ILE A 178 -12.50 -20.77 2.68
N GLU A 8 -17.76 18.81 3.05
CA GLU A 8 -16.54 19.57 2.79
C GLU A 8 -16.33 19.78 1.30
N ASN A 9 -15.46 20.71 0.95
CA ASN A 9 -15.17 21.02 -0.45
C ASN A 9 -13.93 20.27 -0.92
N ALA A 10 -14.14 19.21 -1.71
CA ALA A 10 -13.04 18.41 -2.22
C ALA A 10 -13.38 17.85 -3.61
N GLU A 11 -12.34 17.46 -4.34
CA GLU A 11 -12.53 16.91 -5.68
C GLU A 11 -12.55 15.38 -5.64
N ASN A 12 -12.80 14.76 -6.79
CA ASN A 12 -12.84 13.31 -6.89
C ASN A 12 -11.47 12.70 -6.61
N GLU A 13 -11.37 11.96 -5.51
CA GLU A 13 -10.11 11.32 -5.13
C GLU A 13 -9.40 10.76 -6.36
N GLY A 14 -10.09 9.88 -7.08
CA GLY A 14 -9.50 9.28 -8.26
C GLY A 14 -8.65 10.25 -9.04
N ASP A 15 -9.28 11.31 -9.56
CA ASP A 15 -8.57 12.32 -10.34
C ASP A 15 -7.17 12.56 -9.77
N ALA A 16 -7.11 12.91 -8.48
CA ALA A 16 -5.84 13.17 -7.81
C ALA A 16 -4.81 12.10 -8.18
N LEU A 17 -5.20 10.84 -8.03
CA LEU A 17 -4.31 9.73 -8.32
C LEU A 17 -3.89 9.75 -9.79
N LEU A 18 -4.86 9.84 -10.69
CA LEU A 18 -4.58 9.88 -12.12
C LEU A 18 -3.47 10.87 -12.43
N GLN A 19 -3.50 12.03 -11.76
CA GLN A 19 -2.50 13.05 -11.98
C GLN A 19 -1.13 12.59 -11.49
N PHE A 20 -1.09 12.04 -10.28
CA PHE A 20 0.16 11.55 -9.70
C PHE A 20 0.76 10.45 -10.57
N THR A 21 -0.03 9.42 -10.86
CA THR A 21 0.43 8.32 -11.67
C THR A 21 1.30 8.80 -12.83
N ALA A 22 0.74 9.66 -13.66
CA ALA A 22 1.46 10.20 -14.81
C ALA A 22 2.78 10.85 -14.36
N GLU A 23 2.68 11.80 -13.44
CA GLU A 23 3.85 12.50 -12.93
C GLU A 23 4.95 11.51 -12.55
N PHE A 24 4.56 10.44 -11.86
CA PHE A 24 5.50 9.43 -11.42
C PHE A 24 6.23 8.82 -12.61
N SER A 25 5.52 8.65 -13.72
CA SER A 25 6.10 8.07 -14.93
C SER A 25 7.04 9.07 -15.61
N SER A 26 6.63 10.34 -15.62
CA SER A 26 7.43 11.39 -16.25
C SER A 26 8.70 11.64 -15.43
N ARG A 27 8.55 11.65 -14.12
CA ARG A 27 9.69 11.89 -13.23
C ARG A 27 10.56 10.64 -13.10
N TYR A 28 9.97 9.58 -12.54
CA TYR A 28 10.69 8.32 -12.36
C TYR A 28 10.78 7.55 -13.67
N GLY A 29 9.64 7.06 -14.14
CA GLY A 29 9.61 6.30 -15.38
C GLY A 29 8.29 5.57 -15.58
N ASP A 30 7.92 5.35 -16.83
CA ASP A 30 6.68 4.66 -17.15
C ASP A 30 6.59 3.33 -16.41
N CYS A 31 7.66 2.55 -16.46
CA CYS A 31 7.70 1.26 -15.77
C CYS A 31 7.36 1.41 -14.31
N HIS A 32 6.14 1.04 -13.94
CA HIS A 32 5.69 1.14 -12.56
C HIS A 32 4.37 0.38 -12.36
N PRO A 33 4.10 -0.02 -11.11
CA PRO A 33 2.88 -0.75 -10.76
C PRO A 33 1.62 0.12 -10.87
N VAL A 34 0.66 -0.35 -11.66
CA VAL A 34 -0.58 0.38 -11.86
C VAL A 34 -1.36 0.49 -10.55
N PHE A 35 -1.61 1.72 -10.12
CA PHE A 35 -2.35 1.96 -8.88
C PHE A 35 -3.85 1.88 -9.12
N PHE A 36 -4.57 1.38 -8.12
CA PHE A 36 -6.02 1.25 -8.22
C PHE A 36 -6.70 2.61 -8.24
N ILE A 37 -7.14 3.04 -9.42
CA ILE A 37 -7.79 4.33 -9.56
C ILE A 37 -9.14 4.35 -8.83
N GLY A 38 -9.16 5.01 -7.68
CA GLY A 38 -10.39 5.09 -6.90
C GLY A 38 -10.13 5.42 -5.44
N SER A 39 -11.13 5.20 -4.60
CA SER A 39 -11.01 5.48 -3.18
C SER A 39 -10.47 4.27 -2.43
N LEU A 40 -9.67 4.52 -1.40
CA LEU A 40 -9.09 3.44 -0.60
C LEU A 40 -10.17 2.47 -0.15
N GLU A 41 -11.41 2.95 -0.08
CA GLU A 41 -12.53 2.11 0.34
C GLU A 41 -12.64 0.86 -0.55
N ALA A 42 -12.66 1.08 -1.86
CA ALA A 42 -12.77 0.00 -2.81
C ALA A 42 -11.65 -1.03 -2.61
N ALA A 43 -10.42 -0.54 -2.55
CA ALA A 43 -9.26 -1.41 -2.36
C ALA A 43 -9.59 -2.57 -1.42
N PHE A 44 -10.34 -2.26 -0.36
CA PHE A 44 -10.73 -3.27 0.62
C PHE A 44 -11.56 -4.37 -0.04
N GLN A 45 -12.51 -3.97 -0.87
CA GLN A 45 -13.38 -4.91 -1.56
C GLN A 45 -12.65 -5.57 -2.73
N GLU A 46 -11.96 -4.75 -3.52
CA GLU A 46 -11.22 -5.25 -4.68
C GLU A 46 -10.20 -6.30 -4.26
N ALA A 47 -10.00 -6.43 -2.95
CA ALA A 47 -9.06 -7.40 -2.41
C ALA A 47 -9.76 -8.44 -1.54
N PHE A 48 -10.78 -7.99 -0.81
CA PHE A 48 -11.54 -8.88 0.07
C PHE A 48 -12.82 -9.35 -0.61
N TYR A 49 -13.48 -8.43 -1.31
CA TYR A 49 -14.72 -8.76 -2.00
C TYR A 49 -14.45 -9.50 -3.31
N VAL A 50 -13.23 -10.02 -3.43
CA VAL A 50 -12.84 -10.75 -4.63
C VAL A 50 -13.23 -12.22 -4.53
N LYS A 51 -13.07 -12.94 -5.64
CA LYS A 51 -13.41 -14.36 -5.68
C LYS A 51 -12.57 -15.15 -4.68
N ALA A 52 -13.10 -16.29 -4.24
CA ALA A 52 -12.40 -17.13 -3.28
C ALA A 52 -11.03 -17.54 -3.81
N ARG A 53 -10.97 -17.87 -5.10
CA ARG A 53 -9.72 -18.28 -5.73
C ARG A 53 -8.85 -17.07 -6.05
N ASP A 54 -9.50 -15.99 -6.49
CA ASP A 54 -8.78 -14.76 -6.84
C ASP A 54 -8.50 -13.94 -5.59
N ARG A 55 -8.63 -14.57 -4.43
CA ARG A 55 -8.38 -13.89 -3.16
C ARG A 55 -7.00 -13.25 -3.15
N LYS A 56 -6.93 -12.00 -2.66
CA LYS A 56 -5.67 -11.29 -2.58
C LYS A 56 -5.61 -10.41 -1.34
N LEU A 57 -4.49 -9.73 -1.14
CA LEU A 57 -4.31 -8.86 0.01
C LEU A 57 -4.24 -7.40 -0.42
N LEU A 58 -4.18 -6.50 0.57
CA LEU A 58 -4.12 -5.08 0.29
C LEU A 58 -2.74 -4.51 0.63
N ALA A 59 -2.19 -3.71 -0.27
CA ALA A 59 -0.88 -3.11 -0.06
C ALA A 59 -0.96 -1.59 -0.11
N ILE A 60 -0.77 -0.96 1.04
CA ILE A 60 -0.81 0.50 1.14
C ILE A 60 0.57 1.11 0.97
N TYR A 61 0.75 1.88 -0.09
CA TYR A 61 2.03 2.52 -0.37
C TYR A 61 1.95 4.03 -0.14
N LEU A 62 2.64 4.50 0.88
CA LEU A 62 2.65 5.92 1.21
C LEU A 62 3.79 6.64 0.51
N HIS A 63 3.46 7.42 -0.52
CA HIS A 63 4.46 8.15 -1.27
C HIS A 63 4.79 9.48 -0.59
N HIS A 64 6.05 9.65 -0.19
CA HIS A 64 6.48 10.87 0.47
C HIS A 64 7.70 11.47 -0.24
N ASP A 65 7.55 12.71 -0.71
CA ASP A 65 8.63 13.39 -1.40
C ASP A 65 9.77 13.72 -0.44
N GLU A 66 9.44 14.45 0.63
CA GLU A 66 10.44 14.83 1.62
C GLU A 66 11.50 13.75 1.78
N SER A 67 11.06 12.51 1.86
CA SER A 67 11.96 11.38 2.02
C SER A 67 12.97 11.33 0.88
N VAL A 68 14.22 11.01 1.20
CA VAL A 68 15.26 10.93 0.19
C VAL A 68 15.38 9.51 -0.36
N LEU A 69 14.99 8.54 0.45
CA LEU A 69 15.04 7.14 0.04
C LEU A 69 14.08 6.86 -1.11
N THR A 70 12.85 7.32 -0.96
CA THR A 70 11.83 7.14 -1.98
C THR A 70 12.45 7.11 -3.37
N ASN A 71 13.38 8.03 -3.62
CA ASN A 71 14.04 8.12 -4.91
C ASN A 71 14.54 6.75 -5.35
N VAL A 72 15.33 6.10 -4.49
CA VAL A 72 15.87 4.78 -4.80
C VAL A 72 14.87 3.68 -4.46
N PHE A 73 14.25 3.80 -3.28
CA PHE A 73 13.27 2.81 -2.84
C PHE A 73 12.38 2.37 -3.99
N CYS A 74 12.07 3.31 -4.88
CA CYS A 74 11.22 3.01 -6.03
C CYS A 74 12.06 2.58 -7.23
N SER A 75 13.22 3.21 -7.40
CA SER A 75 14.11 2.89 -8.50
C SER A 75 14.82 1.56 -8.27
N GLN A 76 14.72 1.05 -7.04
CA GLN A 76 15.36 -0.21 -6.69
C GLN A 76 14.31 -1.30 -6.46
N MET A 77 13.19 -0.92 -5.85
CA MET A 77 12.11 -1.86 -5.58
C MET A 77 11.00 -1.73 -6.61
N LEU A 78 10.56 -0.49 -6.84
CA LEU A 78 9.49 -0.23 -7.81
C LEU A 78 10.05 -0.17 -9.23
N CYS A 79 11.26 -0.69 -9.41
CA CYS A 79 11.91 -0.68 -10.71
C CYS A 79 11.88 -2.07 -11.34
N ALA A 80 11.78 -3.10 -10.49
CA ALA A 80 11.74 -4.48 -10.96
C ALA A 80 10.37 -4.83 -11.51
N GLU A 81 10.34 -5.38 -12.72
CA GLU A 81 9.09 -5.77 -13.36
C GLU A 81 8.41 -6.88 -12.58
N SER A 82 9.21 -7.84 -12.11
CA SER A 82 8.68 -8.97 -11.35
C SER A 82 8.01 -8.50 -10.05
N ILE A 83 8.55 -7.43 -9.47
CA ILE A 83 8.01 -6.89 -8.24
C ILE A 83 6.74 -6.08 -8.50
N VAL A 84 6.86 -5.06 -9.33
CA VAL A 84 5.73 -4.22 -9.67
C VAL A 84 4.56 -5.05 -10.21
N SER A 85 4.88 -6.12 -10.94
CA SER A 85 3.86 -6.99 -11.49
C SER A 85 3.29 -7.91 -10.43
N TYR A 86 4.16 -8.70 -9.81
CA TYR A 86 3.75 -9.64 -8.77
C TYR A 86 2.88 -8.93 -7.72
N LEU A 87 3.35 -7.77 -7.27
CA LEU A 87 2.63 -7.00 -6.27
C LEU A 87 1.33 -6.45 -6.83
N SER A 88 1.35 -6.10 -8.12
CA SER A 88 0.16 -5.56 -8.77
C SER A 88 -0.72 -6.68 -9.31
N GLN A 89 -0.19 -7.90 -9.32
CA GLN A 89 -0.92 -9.05 -9.81
C GLN A 89 -1.58 -9.81 -8.66
N ASN A 90 -0.76 -10.26 -7.70
CA ASN A 90 -1.26 -10.99 -6.56
C ASN A 90 -1.84 -10.03 -5.51
N PHE A 91 -1.20 -8.88 -5.36
CA PHE A 91 -1.65 -7.88 -4.40
C PHE A 91 -2.22 -6.66 -5.10
N ILE A 92 -2.89 -5.80 -4.34
CA ILE A 92 -3.48 -4.58 -4.89
C ILE A 92 -2.55 -3.39 -4.73
N THR A 93 -2.21 -2.75 -5.84
CA THR A 93 -1.33 -1.60 -5.83
C THR A 93 -2.11 -0.31 -5.59
N TRP A 94 -1.88 0.32 -4.44
CA TRP A 94 -2.57 1.55 -4.09
C TRP A 94 -1.62 2.52 -3.39
N ALA A 95 -1.55 3.74 -3.90
CA ALA A 95 -0.68 4.77 -3.32
C ALA A 95 -1.48 6.02 -2.94
N TRP A 96 -0.96 6.77 -1.99
CA TRP A 96 -1.62 8.00 -1.55
C TRP A 96 -0.60 9.09 -1.23
N ASP A 97 -0.57 10.11 -2.08
CA ASP A 97 0.36 11.22 -1.89
C ASP A 97 -0.04 12.09 -0.71
N LEU A 98 0.72 12.00 0.37
CA LEU A 98 0.42 12.78 1.57
C LEU A 98 1.56 13.75 1.87
N THR A 99 2.39 14.01 0.87
CA THR A 99 3.51 14.94 1.02
C THR A 99 3.04 16.27 1.60
N LYS A 100 1.92 16.78 1.09
CA LYS A 100 1.37 18.04 1.56
C LYS A 100 0.85 17.92 2.98
N ASP A 101 0.91 19.01 3.73
CA ASP A 101 0.45 19.03 5.11
C ASP A 101 -1.02 18.63 5.19
N SER A 102 -1.88 19.39 4.49
CA SER A 102 -3.31 19.12 4.49
C SER A 102 -3.59 17.62 4.39
N ASN A 103 -2.98 16.98 3.39
CA ASN A 103 -3.16 15.56 3.17
C ASN A 103 -2.48 14.75 4.29
N ARG A 104 -1.30 15.21 4.70
CA ARG A 104 -0.55 14.53 5.74
C ARG A 104 -1.44 14.23 6.95
N ALA A 105 -2.11 15.25 7.45
CA ALA A 105 -3.01 15.09 8.60
C ALA A 105 -4.13 14.11 8.28
N ARG A 106 -4.79 14.31 7.15
CA ARG A 106 -5.88 13.44 6.74
C ARG A 106 -5.52 11.97 6.97
N PHE A 107 -4.53 11.49 6.24
CA PHE A 107 -4.09 10.09 6.37
C PHE A 107 -4.02 9.68 7.84
N LEU A 108 -3.42 10.54 8.66
CA LEU A 108 -3.29 10.27 10.08
C LEU A 108 -4.63 10.39 10.79
N THR A 109 -5.54 11.15 10.20
CA THR A 109 -6.87 11.35 10.77
C THR A 109 -7.80 10.18 10.43
N MET A 110 -7.55 9.55 9.28
CA MET A 110 -8.36 8.42 8.84
C MET A 110 -7.85 7.12 9.45
N CYS A 111 -6.54 7.00 9.56
CA CYS A 111 -5.93 5.79 10.12
C CYS A 111 -6.51 5.48 11.50
N ASN A 112 -6.99 6.52 12.18
CA ASN A 112 -7.58 6.36 13.50
C ASN A 112 -8.97 5.73 13.42
N ARG A 113 -9.65 5.99 12.31
CA ARG A 113 -10.99 5.45 12.10
C ARG A 113 -10.93 4.07 11.44
N HIS A 114 -10.04 3.92 10.47
CA HIS A 114 -9.87 2.65 9.77
C HIS A 114 -9.20 1.61 10.67
N PHE A 115 -7.98 1.91 11.09
CA PHE A 115 -7.24 0.99 11.95
C PHE A 115 -7.45 1.34 13.42
N GLY A 116 -6.92 2.49 13.84
CA GLY A 116 -7.07 2.92 15.22
C GLY A 116 -5.88 3.73 15.69
N SER A 117 -5.69 3.78 17.01
CA SER A 117 -4.59 4.52 17.60
C SER A 117 -3.30 3.71 17.58
N VAL A 118 -3.36 2.51 18.15
CA VAL A 118 -2.20 1.63 18.20
C VAL A 118 -1.41 1.69 16.90
N VAL A 119 -2.06 1.31 15.80
CA VAL A 119 -1.41 1.32 14.49
C VAL A 119 -1.02 2.74 14.10
N ALA A 120 -1.95 3.68 14.26
CA ALA A 120 -1.69 5.07 13.93
C ALA A 120 -0.34 5.53 14.45
N GLN A 121 -0.17 5.48 15.76
CA GLN A 121 1.08 5.89 16.39
C GLN A 121 2.28 5.32 15.63
N THR A 122 2.22 4.04 15.32
CA THR A 122 3.31 3.37 14.60
C THR A 122 3.88 4.29 13.52
N ILE A 123 3.01 4.83 12.68
CA ILE A 123 3.43 5.72 11.60
C ILE A 123 3.91 7.06 12.16
N ARG A 124 3.06 7.73 12.92
CA ARG A 124 3.39 9.01 13.51
C ARG A 124 4.83 9.02 14.01
N THR A 125 5.22 7.94 14.70
CA THR A 125 6.56 7.82 15.24
C THR A 125 7.60 7.68 14.12
N GLN A 126 7.25 6.91 13.10
CA GLN A 126 8.15 6.69 11.97
C GLN A 126 8.60 8.02 11.37
N LYS A 127 9.90 8.26 11.38
CA LYS A 127 10.46 9.49 10.84
C LYS A 127 10.11 9.64 9.36
N THR A 128 10.51 10.76 8.77
CA THR A 128 10.24 11.03 7.36
C THR A 128 11.10 10.16 6.47
N ASP A 129 12.41 10.24 6.65
CA ASP A 129 13.35 9.45 5.85
C ASP A 129 12.87 8.01 5.72
N GLN A 130 12.39 7.46 6.83
CA GLN A 130 11.91 6.08 6.85
C GLN A 130 11.02 5.80 5.63
N PHE A 131 10.15 6.73 5.31
CA PHE A 131 9.24 6.58 4.18
C PHE A 131 10.02 6.24 2.91
N PRO A 132 9.32 5.65 1.94
CA PRO A 132 7.89 5.35 2.05
C PRO A 132 7.61 4.24 3.05
N LEU A 133 6.35 4.09 3.44
CA LEU A 133 5.96 3.06 4.39
C LEU A 133 5.02 2.05 3.74
N PHE A 134 5.52 0.82 3.56
CA PHE A 134 4.73 -0.24 2.95
C PHE A 134 4.10 -1.14 4.02
N LEU A 135 2.77 -1.18 4.02
CA LEU A 135 2.05 -2.00 4.99
C LEU A 135 1.12 -2.99 4.29
N ILE A 136 1.00 -4.18 4.85
CA ILE A 136 0.14 -5.21 4.29
C ILE A 136 -1.03 -5.51 5.20
N ILE A 137 -2.21 -5.03 4.83
CA ILE A 137 -3.42 -5.25 5.61
C ILE A 137 -4.22 -6.42 5.06
N MET A 138 -4.20 -7.54 5.79
CA MET A 138 -4.93 -8.73 5.37
C MET A 138 -6.28 -8.82 6.10
N GLY A 139 -6.22 -8.94 7.41
CA GLY A 139 -7.44 -9.03 8.20
C GLY A 139 -8.55 -9.76 7.46
N LYS A 140 -9.78 -9.34 7.71
CA LYS A 140 -10.95 -9.95 7.06
C LYS A 140 -11.74 -8.92 6.29
N ARG A 141 -12.80 -9.38 5.60
CA ARG A 141 -13.65 -8.49 4.82
C ARG A 141 -14.09 -7.30 5.65
N SER A 142 -14.42 -7.55 6.91
CA SER A 142 -14.87 -6.49 7.81
C SER A 142 -13.73 -6.00 8.69
N SER A 143 -13.26 -6.87 9.58
CA SER A 143 -12.17 -6.54 10.48
C SER A 143 -10.89 -6.25 9.71
N ASN A 144 -9.94 -5.58 10.35
CA ASN A 144 -8.67 -5.25 9.73
C ASN A 144 -7.52 -5.37 10.72
N GLU A 145 -6.32 -5.63 10.21
CA GLU A 145 -5.15 -5.77 11.06
C GLU A 145 -3.86 -5.60 10.24
N VAL A 146 -2.74 -5.46 10.93
CA VAL A 146 -1.45 -5.29 10.27
C VAL A 146 -0.61 -6.56 10.37
N LEU A 147 -0.17 -7.05 9.21
CA LEU A 147 0.65 -8.26 9.16
C LEU A 147 2.14 -7.91 9.16
N ASN A 148 2.58 -7.21 8.11
CA ASN A 148 3.97 -6.82 8.00
C ASN A 148 4.10 -5.31 7.90
N VAL A 149 5.12 -4.76 8.54
CA VAL A 149 5.36 -3.32 8.52
C VAL A 149 6.80 -3.00 8.14
N ILE A 150 6.99 -2.48 6.93
CA ILE A 150 8.32 -2.14 6.44
C ILE A 150 8.58 -0.64 6.58
N GLN A 151 9.81 -0.29 6.98
CA GLN A 151 10.18 1.11 7.15
C GLN A 151 10.48 1.75 5.81
N GLY A 152 11.56 1.32 5.17
CA GLY A 152 11.94 1.88 3.88
C GLY A 152 13.31 1.43 3.43
N ASN A 153 14.17 1.12 4.39
CA ASN A 153 15.53 0.67 4.08
C ASN A 153 15.53 -0.80 3.70
N THR A 154 14.35 -1.36 3.45
CA THR A 154 14.23 -2.76 3.08
C THR A 154 14.88 -3.04 1.74
N THR A 155 14.86 -4.30 1.31
CA THR A 155 15.45 -4.69 0.04
C THR A 155 14.47 -5.50 -0.80
N VAL A 156 14.55 -5.35 -2.11
CA VAL A 156 13.67 -6.07 -3.02
C VAL A 156 13.41 -7.49 -2.53
N ASP A 157 14.48 -8.20 -2.17
CA ASP A 157 14.36 -9.56 -1.67
C ASP A 157 13.36 -9.63 -0.52
N GLU A 158 13.40 -8.65 0.37
CA GLU A 158 12.50 -8.60 1.51
C GLU A 158 11.04 -8.54 1.05
N LEU A 159 10.76 -7.64 0.12
CA LEU A 159 9.42 -7.48 -0.40
C LEU A 159 8.82 -8.83 -0.81
N MET A 160 9.50 -9.52 -1.71
CA MET A 160 9.04 -10.83 -2.18
C MET A 160 8.66 -11.72 -1.00
N MET A 161 9.59 -11.87 -0.07
CA MET A 161 9.35 -12.70 1.11
C MET A 161 8.12 -12.23 1.87
N ARG A 162 8.14 -10.98 2.32
CA ARG A 162 7.03 -10.40 3.06
C ARG A 162 5.71 -10.70 2.36
N LEU A 163 5.66 -10.46 1.06
CA LEU A 163 4.45 -10.70 0.28
C LEU A 163 4.05 -12.17 0.32
N MET A 164 4.92 -13.03 -0.20
CA MET A 164 4.66 -14.47 -0.21
C MET A 164 4.17 -14.94 1.15
N ALA A 165 4.92 -14.60 2.20
CA ALA A 165 4.56 -14.99 3.55
C ALA A 165 3.15 -14.54 3.89
N ALA A 166 2.85 -13.27 3.62
CA ALA A 166 1.52 -12.73 3.90
C ALA A 166 0.43 -13.59 3.28
N MET A 167 0.72 -14.16 2.12
CA MET A 167 -0.26 -15.01 1.43
C MET A 167 -0.37 -16.36 2.12
N GLU A 168 0.77 -16.98 2.41
CA GLU A 168 0.78 -18.28 3.07
C GLU A 168 0.13 -18.19 4.44
N ILE A 169 0.37 -17.10 5.14
CA ILE A 169 -0.21 -16.89 6.47
C ILE A 169 -1.73 -16.79 6.41
N PHE A 170 -2.22 -16.13 5.37
CA PHE A 170 -3.66 -15.96 5.19
C PHE A 170 -4.38 -17.30 5.24
N THR A 171 -4.15 -18.13 4.23
CA THR A 171 -4.77 -19.45 4.15
C THR A 171 -4.58 -20.22 5.45
N ALA A 172 -3.33 -20.48 5.80
CA ALA A 172 -3.01 -21.21 7.02
C ALA A 172 -3.79 -20.66 8.21
N GLN A 173 -3.96 -19.34 8.24
CA GLN A 173 -4.68 -18.68 9.33
C GLN A 173 -6.16 -19.05 9.29
N GLN A 174 -6.86 -18.60 8.26
CA GLN A 174 -8.28 -18.88 8.11
C GLN A 174 -8.55 -20.37 8.21
N GLN A 175 -9.82 -20.75 8.14
CA GLN A 175 -10.21 -22.15 8.23
C GLN A 175 -11.23 -22.50 7.16
N GLU A 176 -11.48 -23.80 6.98
CA GLU A 176 -12.43 -24.27 5.98
C GLU A 176 -13.51 -25.13 6.62
N ASP A 177 -14.74 -24.64 6.61
CA ASP A 177 -15.86 -25.36 7.19
C ASP A 177 -16.46 -26.33 6.17
N ILE A 178 -16.96 -25.79 5.07
CA ILE A 178 -17.57 -26.60 4.03
C ILE A 178 -16.52 -27.46 3.32
N GLU A 8 -16.89 9.41 5.49
CA GLU A 8 -16.09 8.23 5.84
C GLU A 8 -15.00 8.00 4.81
N ASN A 9 -14.78 8.98 3.95
CA ASN A 9 -13.76 8.88 2.91
C ASN A 9 -13.19 10.26 2.57
N ALA A 10 -12.06 10.28 1.87
CA ALA A 10 -11.43 11.51 1.47
C ALA A 10 -12.11 12.14 0.26
N GLU A 11 -12.06 13.46 0.16
CA GLU A 11 -12.68 14.17 -0.95
C GLU A 11 -11.76 14.19 -2.17
N ASN A 12 -12.30 13.83 -3.31
CA ASN A 12 -11.53 13.80 -4.55
C ASN A 12 -10.32 12.89 -4.42
N GLU A 13 -10.53 11.71 -3.85
CA GLU A 13 -9.45 10.74 -3.67
C GLU A 13 -8.99 10.18 -5.01
N GLY A 14 -9.91 9.51 -5.72
CA GLY A 14 -9.57 8.93 -7.01
C GLY A 14 -8.85 9.91 -7.92
N ASP A 15 -9.51 11.03 -8.20
CA ASP A 15 -8.93 12.05 -9.07
C ASP A 15 -7.52 12.42 -8.60
N ALA A 16 -7.36 12.55 -7.28
CA ALA A 16 -6.06 12.90 -6.71
C ALA A 16 -4.98 11.94 -7.19
N LEU A 17 -5.26 10.64 -7.09
CA LEU A 17 -4.30 9.62 -7.50
C LEU A 17 -4.03 9.71 -9.00
N LEU A 18 -5.08 9.70 -9.80
CA LEU A 18 -4.96 9.77 -11.25
C LEU A 18 -3.77 10.66 -11.64
N GLN A 19 -3.77 11.89 -11.14
CA GLN A 19 -2.69 12.83 -11.44
C GLN A 19 -1.35 12.27 -10.99
N PHE A 20 -1.24 11.97 -9.70
CA PHE A 20 0.00 11.43 -9.13
C PHE A 20 0.54 10.31 -10.01
N THR A 21 -0.29 9.32 -10.29
CA THR A 21 0.11 8.18 -11.11
C THR A 21 0.88 8.64 -12.34
N ALA A 22 0.28 9.57 -13.09
CA ALA A 22 0.91 10.11 -14.29
C ALA A 22 2.31 10.64 -14.00
N GLU A 23 2.40 11.52 -13.01
CA GLU A 23 3.68 12.11 -12.63
C GLU A 23 4.68 11.02 -12.23
N PHE A 24 4.34 10.27 -11.19
CA PHE A 24 5.21 9.20 -10.70
C PHE A 24 5.96 8.55 -11.86
N SER A 25 5.21 8.03 -12.83
CA SER A 25 5.81 7.37 -13.98
C SER A 25 6.73 8.33 -14.74
N SER A 26 6.15 9.36 -15.33
CA SER A 26 6.91 10.35 -16.09
C SER A 26 8.26 10.62 -15.41
N ARG A 27 8.21 10.94 -14.13
CA ARG A 27 9.41 11.23 -13.36
C ARG A 27 10.54 10.27 -13.75
N TYR A 28 10.33 8.99 -13.49
CA TYR A 28 11.33 7.97 -13.81
C TYR A 28 11.10 7.41 -15.21
N GLY A 29 10.00 6.67 -15.37
CA GLY A 29 9.69 6.09 -16.66
C GLY A 29 8.31 5.46 -16.69
N ASP A 30 8.12 4.49 -17.57
CA ASP A 30 6.84 3.80 -17.70
C ASP A 30 6.77 2.61 -16.75
N CYS A 31 7.88 1.90 -16.62
CA CYS A 31 7.94 0.74 -15.73
C CYS A 31 7.46 1.09 -14.33
N HIS A 32 6.27 0.62 -13.97
CA HIS A 32 5.69 0.88 -12.66
C HIS A 32 4.49 -0.01 -12.41
N PRO A 33 4.22 -0.28 -11.12
CA PRO A 33 3.09 -1.14 -10.71
C PRO A 33 1.75 -0.46 -10.95
N VAL A 34 0.85 -1.15 -11.65
CA VAL A 34 -0.47 -0.62 -11.94
C VAL A 34 -1.20 -0.24 -10.66
N PHE A 35 -1.32 1.06 -10.42
CA PHE A 35 -1.99 1.57 -9.22
C PHE A 35 -3.50 1.51 -9.40
N PHE A 36 -4.21 1.10 -8.35
CA PHE A 36 -5.67 1.00 -8.39
C PHE A 36 -6.30 2.39 -8.30
N ILE A 37 -7.06 2.75 -9.33
CA ILE A 37 -7.72 4.05 -9.36
C ILE A 37 -9.02 4.01 -8.58
N GLY A 38 -9.07 4.78 -7.49
CA GLY A 38 -10.27 4.82 -6.67
C GLY A 38 -9.97 5.14 -5.22
N SER A 39 -11.01 5.21 -4.39
CA SER A 39 -10.84 5.51 -2.98
C SER A 39 -10.25 4.32 -2.23
N LEU A 40 -9.31 4.59 -1.34
CA LEU A 40 -8.66 3.54 -0.56
C LEU A 40 -9.70 2.64 0.11
N GLU A 41 -10.78 3.25 0.60
CA GLU A 41 -11.84 2.51 1.27
C GLU A 41 -12.41 1.43 0.34
N ALA A 42 -12.37 1.71 -0.96
CA ALA A 42 -12.88 0.76 -1.95
C ALA A 42 -11.91 -0.39 -2.17
N ALA A 43 -10.67 -0.04 -2.51
CA ALA A 43 -9.63 -1.05 -2.75
C ALA A 43 -9.82 -2.25 -1.83
N PHE A 44 -10.26 -1.98 -0.60
CA PHE A 44 -10.47 -3.04 0.38
C PHE A 44 -11.47 -4.07 -0.15
N GLN A 45 -12.59 -3.59 -0.65
CA GLN A 45 -13.63 -4.47 -1.18
C GLN A 45 -13.09 -5.34 -2.31
N GLU A 46 -12.32 -4.73 -3.20
CA GLU A 46 -11.73 -5.45 -4.32
C GLU A 46 -10.79 -6.54 -3.84
N ALA A 47 -10.40 -6.46 -2.58
CA ALA A 47 -9.50 -7.44 -1.99
C ALA A 47 -10.27 -8.52 -1.24
N PHE A 48 -11.19 -8.10 -0.38
CA PHE A 48 -11.99 -9.03 0.39
C PHE A 48 -13.36 -9.24 -0.25
N TYR A 49 -14.18 -8.20 -0.24
CA TYR A 49 -15.51 -8.27 -0.83
C TYR A 49 -15.48 -8.98 -2.18
N VAL A 50 -14.34 -8.89 -2.86
CA VAL A 50 -14.18 -9.53 -4.16
C VAL A 50 -14.51 -11.01 -4.10
N LYS A 51 -14.57 -11.65 -5.25
CA LYS A 51 -14.88 -13.08 -5.32
C LYS A 51 -13.85 -13.89 -4.55
N ALA A 52 -14.34 -14.89 -3.81
CA ALA A 52 -13.46 -15.75 -3.02
C ALA A 52 -12.30 -16.29 -3.87
N ARG A 53 -12.58 -16.47 -5.15
CA ARG A 53 -11.56 -16.99 -6.07
C ARG A 53 -10.25 -16.21 -5.93
N ASP A 54 -10.36 -14.89 -5.92
CA ASP A 54 -9.18 -14.03 -5.79
C ASP A 54 -8.90 -13.72 -4.31
N ARG A 55 -9.77 -12.91 -3.72
CA ARG A 55 -9.60 -12.54 -2.32
C ARG A 55 -8.22 -11.93 -2.06
N LYS A 56 -7.71 -11.22 -3.06
CA LYS A 56 -6.40 -10.59 -2.95
C LYS A 56 -6.30 -9.75 -1.68
N LEU A 57 -5.12 -9.19 -1.44
CA LEU A 57 -4.89 -8.36 -0.26
C LEU A 57 -4.65 -6.91 -0.66
N LEU A 58 -4.60 -6.03 0.33
CA LEU A 58 -4.38 -4.60 0.08
C LEU A 58 -3.00 -4.19 0.58
N ALA A 59 -2.39 -3.23 -0.10
CA ALA A 59 -1.08 -2.73 0.27
C ALA A 59 -0.95 -1.23 0.00
N ILE A 60 -0.83 -0.44 1.07
CA ILE A 60 -0.71 1.00 0.94
C ILE A 60 0.75 1.41 0.81
N TYR A 61 1.04 2.23 -0.20
CA TYR A 61 2.40 2.70 -0.44
C TYR A 61 2.49 4.22 -0.26
N LEU A 62 3.05 4.63 0.87
CA LEU A 62 3.21 6.05 1.17
C LEU A 62 4.44 6.63 0.47
N HIS A 63 4.24 7.67 -0.31
CA HIS A 63 5.34 8.32 -1.03
C HIS A 63 5.69 9.66 -0.39
N HIS A 64 6.97 9.87 -0.13
CA HIS A 64 7.45 11.10 0.48
C HIS A 64 8.64 11.66 -0.27
N ASP A 65 8.55 12.91 -0.71
CA ASP A 65 9.64 13.55 -1.44
C ASP A 65 10.82 13.84 -0.52
N GLU A 66 10.59 14.66 0.50
CA GLU A 66 11.64 15.01 1.45
C GLU A 66 12.58 13.83 1.69
N SER A 67 12.00 12.64 1.82
CA SER A 67 12.79 11.43 2.05
C SER A 67 13.73 11.17 0.88
N VAL A 68 14.98 10.82 1.20
CA VAL A 68 15.97 10.55 0.17
C VAL A 68 15.91 9.08 -0.27
N LEU A 69 15.38 8.24 0.60
CA LEU A 69 15.26 6.81 0.30
C LEU A 69 14.19 6.57 -0.76
N THR A 70 13.16 7.42 -0.77
CA THR A 70 12.08 7.29 -1.74
C THR A 70 12.60 7.43 -3.17
N ASN A 71 13.44 8.44 -3.40
CA ASN A 71 14.01 8.67 -4.71
C ASN A 71 14.53 7.38 -5.33
N VAL A 72 15.54 6.79 -4.69
CA VAL A 72 16.12 5.55 -5.18
C VAL A 72 15.16 4.38 -5.00
N PHE A 73 14.64 4.22 -3.79
CA PHE A 73 13.70 3.16 -3.48
C PHE A 73 12.75 2.91 -4.65
N CYS A 74 12.38 3.99 -5.33
CA CYS A 74 11.47 3.90 -6.47
C CYS A 74 12.08 3.05 -7.58
N SER A 75 13.13 3.56 -8.21
CA SER A 75 13.79 2.84 -9.29
C SER A 75 14.68 1.74 -8.74
N GLN A 76 14.70 1.60 -7.42
CA GLN A 76 15.51 0.58 -6.77
C GLN A 76 14.69 -0.68 -6.52
N MET A 77 13.58 -0.53 -5.81
CA MET A 77 12.71 -1.66 -5.50
C MET A 77 11.45 -1.63 -6.37
N LEU A 78 10.92 -0.43 -6.60
CA LEU A 78 9.72 -0.26 -7.40
C LEU A 78 10.06 -0.29 -8.89
N CYS A 79 11.24 -0.80 -9.21
CA CYS A 79 11.69 -0.88 -10.60
C CYS A 79 11.52 -2.29 -11.16
N ALA A 80 11.69 -3.29 -10.29
CA ALA A 80 11.56 -4.68 -10.68
C ALA A 80 10.20 -4.94 -11.32
N GLU A 81 10.18 -5.81 -12.33
CA GLU A 81 8.95 -6.14 -13.02
C GLU A 81 8.22 -7.28 -12.32
N SER A 82 8.98 -8.18 -11.71
CA SER A 82 8.40 -9.31 -11.00
C SER A 82 7.63 -8.85 -9.77
N ILE A 83 8.11 -7.78 -9.14
CA ILE A 83 7.45 -7.24 -7.96
C ILE A 83 6.28 -6.35 -8.33
N VAL A 84 6.56 -5.29 -9.08
CA VAL A 84 5.51 -4.36 -9.51
C VAL A 84 4.33 -5.11 -10.13
N SER A 85 4.61 -6.24 -10.76
CA SER A 85 3.58 -7.05 -11.39
C SER A 85 2.92 -7.97 -10.37
N TYR A 86 3.68 -8.94 -9.87
CA TYR A 86 3.16 -9.89 -8.89
C TYR A 86 2.38 -9.18 -7.80
N LEU A 87 2.86 -8.00 -7.41
CA LEU A 87 2.20 -7.21 -6.37
C LEU A 87 0.77 -6.88 -6.77
N SER A 88 0.59 -6.43 -8.01
CA SER A 88 -0.73 -6.08 -8.50
C SER A 88 -1.56 -7.33 -8.81
N GLN A 89 -0.91 -8.31 -9.44
CA GLN A 89 -1.59 -9.55 -9.78
C GLN A 89 -2.13 -10.24 -8.54
N ASN A 90 -1.27 -10.45 -7.56
CA ASN A 90 -1.67 -11.10 -6.31
C ASN A 90 -2.28 -10.09 -5.34
N PHE A 91 -1.53 -9.04 -5.03
CA PHE A 91 -1.99 -8.00 -4.11
C PHE A 91 -2.57 -6.81 -4.89
N ILE A 92 -3.08 -5.84 -4.15
CA ILE A 92 -3.65 -4.64 -4.77
C ILE A 92 -2.71 -3.45 -4.63
N THR A 93 -2.10 -3.05 -5.73
CA THR A 93 -1.19 -1.92 -5.74
C THR A 93 -1.93 -0.60 -5.52
N TRP A 94 -1.52 0.14 -4.50
CA TRP A 94 -2.15 1.42 -4.19
C TRP A 94 -1.14 2.40 -3.60
N ALA A 95 -0.99 3.56 -4.23
CA ALA A 95 -0.06 4.57 -3.76
C ALA A 95 -0.80 5.77 -3.19
N TRP A 96 -0.14 6.52 -2.32
CA TRP A 96 -0.74 7.69 -1.71
C TRP A 96 0.33 8.75 -1.41
N ASP A 97 0.08 9.97 -1.88
CA ASP A 97 1.01 11.07 -1.67
C ASP A 97 0.69 11.83 -0.39
N LEU A 98 1.55 11.68 0.62
CA LEU A 98 1.35 12.34 1.90
C LEU A 98 2.41 13.41 2.14
N THR A 99 3.15 13.74 1.08
CA THR A 99 4.20 14.75 1.17
C THR A 99 3.70 16.02 1.85
N LYS A 100 2.55 16.51 1.38
CA LYS A 100 1.96 17.71 1.95
C LYS A 100 1.56 17.50 3.40
N ASP A 101 1.81 18.50 4.24
CA ASP A 101 1.47 18.42 5.66
C ASP A 101 0.04 17.92 5.85
N SER A 102 -0.90 18.54 5.14
CA SER A 102 -2.29 18.16 5.24
C SER A 102 -2.48 16.67 4.96
N ASN A 103 -2.00 16.24 3.80
CA ASN A 103 -2.11 14.84 3.41
C ASN A 103 -1.55 13.93 4.49
N ARG A 104 -0.39 14.29 5.02
CA ARG A 104 0.25 13.50 6.07
C ARG A 104 -0.75 13.11 7.15
N ALA A 105 -1.50 14.10 7.64
CA ALA A 105 -2.50 13.86 8.67
C ALA A 105 -3.58 12.90 8.18
N ARG A 106 -4.10 13.16 6.99
CA ARG A 106 -5.14 12.33 6.42
C ARG A 106 -4.86 10.84 6.67
N PHE A 107 -3.70 10.39 6.23
CA PHE A 107 -3.31 8.99 6.41
C PHE A 107 -3.42 8.59 7.88
N LEU A 108 -3.18 9.54 8.77
CA LEU A 108 -3.24 9.28 10.21
C LEU A 108 -4.69 9.29 10.69
N THR A 109 -5.33 10.46 10.62
CA THR A 109 -6.71 10.60 11.04
C THR A 109 -7.59 9.49 10.46
N MET A 110 -7.37 9.19 9.18
CA MET A 110 -8.14 8.15 8.51
C MET A 110 -7.79 6.77 9.05
N CYS A 111 -6.51 6.57 9.35
CA CYS A 111 -6.04 5.29 9.88
C CYS A 111 -6.66 5.01 11.25
N ASN A 112 -6.70 6.04 12.09
CA ASN A 112 -7.26 5.90 13.43
C ASN A 112 -8.64 5.25 13.38
N ARG A 113 -9.37 5.53 12.31
CA ARG A 113 -10.71 4.97 12.13
C ARG A 113 -10.67 3.69 11.31
N HIS A 114 -10.13 3.79 10.10
CA HIS A 114 -10.03 2.63 9.22
C HIS A 114 -9.37 1.45 9.93
N PHE A 115 -8.14 1.66 10.37
CA PHE A 115 -7.40 0.61 11.07
C PHE A 115 -7.50 0.79 12.58
N GLY A 116 -6.88 1.86 13.09
CA GLY A 116 -6.91 2.12 14.52
C GLY A 116 -5.80 3.05 14.95
N SER A 117 -5.62 3.17 16.27
CA SER A 117 -4.58 4.04 16.82
C SER A 117 -3.23 3.34 16.83
N VAL A 118 -3.24 2.06 17.23
CA VAL A 118 -2.01 1.27 17.28
C VAL A 118 -1.22 1.41 15.98
N VAL A 119 -1.90 1.76 14.91
CA VAL A 119 -1.26 1.92 13.61
C VAL A 119 -0.75 3.35 13.42
N ALA A 120 -1.66 4.32 13.53
CA ALA A 120 -1.30 5.72 13.38
C ALA A 120 -0.14 6.10 14.29
N GLN A 121 -0.29 5.81 15.58
CA GLN A 121 0.75 6.11 16.56
C GLN A 121 2.13 5.77 16.02
N THR A 122 2.29 4.51 15.61
CA THR A 122 3.56 4.04 15.07
C THR A 122 4.13 5.02 14.05
N ILE A 123 3.26 5.52 13.17
CA ILE A 123 3.68 6.46 12.15
C ILE A 123 4.29 7.71 12.77
N ARG A 124 3.60 8.28 13.76
CA ARG A 124 4.08 9.47 14.44
C ARG A 124 5.56 9.35 14.77
N THR A 125 5.96 8.18 15.26
CA THR A 125 7.35 7.93 15.62
C THR A 125 8.22 7.81 14.38
N GLN A 126 7.68 7.19 13.34
CA GLN A 126 8.42 7.02 12.09
C GLN A 126 8.89 8.36 11.53
N LYS A 127 10.20 8.48 11.35
CA LYS A 127 10.78 9.71 10.83
C LYS A 127 10.49 9.85 9.33
N THR A 128 10.94 10.97 8.76
CA THR A 128 10.73 11.23 7.34
C THR A 128 11.58 10.30 6.48
N ASP A 129 12.90 10.44 6.58
CA ASP A 129 13.82 9.61 5.82
C ASP A 129 13.33 8.17 5.75
N GLN A 130 12.91 7.64 6.89
CA GLN A 130 12.41 6.27 6.96
C GLN A 130 11.54 5.95 5.75
N PHE A 131 10.68 6.89 5.38
CA PHE A 131 9.78 6.70 4.24
C PHE A 131 10.56 6.27 3.00
N PRO A 132 9.85 5.66 2.04
CA PRO A 132 8.41 5.41 2.16
C PRO A 132 8.09 4.35 3.21
N LEU A 133 6.81 4.04 3.36
CA LEU A 133 6.36 3.04 4.33
C LEU A 133 5.37 2.08 3.70
N PHE A 134 5.84 0.87 3.39
CA PHE A 134 5.00 -0.15 2.78
C PHE A 134 4.33 -1.01 3.86
N LEU A 135 3.02 -0.86 3.98
CA LEU A 135 2.25 -1.62 4.96
C LEU A 135 1.50 -2.77 4.31
N ILE A 136 1.06 -3.73 5.12
CA ILE A 136 0.33 -4.89 4.62
C ILE A 136 -0.86 -5.21 5.52
N ILE A 137 -2.06 -4.92 5.03
CA ILE A 137 -3.27 -5.20 5.79
C ILE A 137 -4.00 -6.43 5.25
N MET A 138 -4.47 -7.27 6.16
CA MET A 138 -5.19 -8.49 5.77
C MET A 138 -6.68 -8.19 5.56
N GLY A 139 -7.26 -7.45 6.50
CA GLY A 139 -8.67 -7.11 6.40
C GLY A 139 -9.55 -8.13 7.10
N LYS A 140 -10.58 -7.64 7.80
CA LYS A 140 -11.49 -8.51 8.52
C LYS A 140 -12.83 -7.82 8.73
N ARG A 141 -13.90 -8.47 8.28
CA ARG A 141 -15.25 -7.92 8.42
C ARG A 141 -15.37 -7.12 9.72
N SER A 142 -14.72 -7.59 10.77
CA SER A 142 -14.76 -6.92 12.06
C SER A 142 -14.04 -5.58 11.99
N SER A 143 -12.76 -5.62 11.61
CA SER A 143 -11.96 -4.40 11.52
C SER A 143 -10.69 -4.66 10.71
N ASN A 144 -9.97 -3.59 10.39
CA ASN A 144 -8.73 -3.70 9.62
C ASN A 144 -7.53 -3.32 10.48
N GLU A 145 -6.40 -3.98 10.21
CA GLU A 145 -5.18 -3.71 10.95
C GLU A 145 -3.95 -4.13 10.15
N VAL A 146 -2.85 -3.40 10.34
CA VAL A 146 -1.62 -3.70 9.63
C VAL A 146 -0.86 -4.85 10.28
N LEU A 147 -0.65 -5.92 9.52
CA LEU A 147 0.07 -7.09 10.04
C LEU A 147 1.57 -6.84 10.07
N ASN A 148 2.02 -5.87 9.27
CA ASN A 148 3.44 -5.54 9.20
C ASN A 148 3.64 -4.12 8.68
N VAL A 149 4.67 -3.45 9.18
CA VAL A 149 4.98 -2.10 8.76
C VAL A 149 6.39 -2.00 8.19
N ILE A 150 6.49 -1.95 6.86
CA ILE A 150 7.78 -1.85 6.19
C ILE A 150 8.16 -0.40 5.93
N GLN A 151 9.46 -0.12 5.91
CA GLN A 151 9.94 1.23 5.67
C GLN A 151 10.74 1.29 4.36
N GLY A 152 11.20 2.49 4.02
CA GLY A 152 11.98 2.67 2.81
C GLY A 152 13.32 1.98 2.87
N ASN A 153 13.80 1.72 4.08
CA ASN A 153 15.09 1.07 4.28
C ASN A 153 14.98 -0.44 4.06
N THR A 154 13.79 -0.88 3.69
CA THR A 154 13.55 -2.30 3.43
C THR A 154 14.28 -2.78 2.18
N THR A 155 14.71 -4.03 2.19
CA THR A 155 15.41 -4.60 1.05
C THR A 155 14.44 -5.13 0.00
N VAL A 156 14.69 -4.79 -1.26
CA VAL A 156 13.83 -5.23 -2.36
C VAL A 156 13.40 -6.68 -2.16
N ASP A 157 14.35 -7.53 -1.75
CA ASP A 157 14.06 -8.94 -1.53
C ASP A 157 12.98 -9.11 -0.47
N GLU A 158 13.09 -8.35 0.62
CA GLU A 158 12.12 -8.43 1.70
C GLU A 158 10.71 -8.20 1.18
N LEU A 159 10.54 -7.13 0.41
CA LEU A 159 9.23 -6.79 -0.15
C LEU A 159 8.55 -8.02 -0.72
N MET A 160 9.23 -8.69 -1.65
CA MET A 160 8.69 -9.89 -2.27
C MET A 160 8.32 -10.94 -1.23
N MET A 161 9.19 -11.11 -0.24
CA MET A 161 8.95 -12.08 0.83
C MET A 161 7.67 -11.76 1.58
N ARG A 162 7.63 -10.56 2.17
CA ARG A 162 6.45 -10.12 2.93
C ARG A 162 5.16 -10.62 2.26
N LEU A 163 4.91 -10.14 1.05
CA LEU A 163 3.72 -10.53 0.31
C LEU A 163 3.46 -12.02 0.43
N MET A 164 4.44 -12.82 0.01
CA MET A 164 4.33 -14.27 0.07
C MET A 164 3.85 -14.72 1.44
N ALA A 165 4.40 -14.10 2.48
CA ALA A 165 4.03 -14.44 3.85
C ALA A 165 2.53 -14.23 4.08
N ALA A 166 2.09 -12.99 3.93
CA ALA A 166 0.69 -12.64 4.13
C ALA A 166 -0.22 -13.67 3.46
N MET A 167 0.16 -14.10 2.26
CA MET A 167 -0.62 -15.08 1.52
C MET A 167 -0.72 -16.40 2.29
N GLU A 168 0.42 -16.93 2.69
CA GLU A 168 0.46 -18.18 3.44
C GLU A 168 -0.30 -18.05 4.76
N ILE A 169 0.05 -17.03 5.53
CA ILE A 169 -0.60 -16.80 6.81
C ILE A 169 -2.11 -16.65 6.65
N PHE A 170 -2.53 -15.98 5.58
CA PHE A 170 -3.95 -15.77 5.30
C PHE A 170 -4.66 -17.10 5.11
N THR A 171 -4.15 -17.92 4.18
CA THR A 171 -4.75 -19.22 3.90
C THR A 171 -4.78 -20.09 5.15
N ALA A 172 -3.63 -20.23 5.80
CA ALA A 172 -3.53 -21.03 7.01
C ALA A 172 -4.52 -20.55 8.07
N GLN A 173 -4.47 -19.26 8.36
CA GLN A 173 -5.37 -18.68 9.37
C GLN A 173 -6.82 -19.03 9.07
N GLN A 174 -7.25 -18.76 7.84
CA GLN A 174 -8.61 -19.05 7.44
C GLN A 174 -8.92 -20.54 7.54
N GLN A 175 -10.18 -20.87 7.78
CA GLN A 175 -10.59 -22.26 7.89
C GLN A 175 -10.98 -22.83 6.53
N GLU A 176 -10.37 -23.97 6.17
CA GLU A 176 -10.66 -24.61 4.90
C GLU A 176 -10.60 -26.13 5.02
N ASP A 177 -11.71 -26.78 4.70
CA ASP A 177 -11.79 -28.23 4.78
C ASP A 177 -11.11 -28.88 3.58
N ILE A 178 -11.61 -28.59 2.39
CA ILE A 178 -11.04 -29.15 1.15
C ILE A 178 -9.66 -28.56 0.88
N GLU A 8 -21.27 13.82 -8.11
CA GLU A 8 -20.22 13.71 -9.13
C GLU A 8 -19.99 12.25 -9.50
N ASN A 9 -20.09 11.95 -10.80
CA ASN A 9 -19.89 10.59 -11.29
C ASN A 9 -18.47 10.11 -10.98
N ALA A 10 -17.49 10.95 -11.27
CA ALA A 10 -16.10 10.62 -11.02
C ALA A 10 -15.79 10.62 -9.52
N GLU A 11 -14.58 10.16 -9.17
CA GLU A 11 -14.17 10.11 -7.78
C GLU A 11 -13.02 11.08 -7.51
N ASN A 12 -13.13 11.83 -6.41
CA ASN A 12 -12.12 12.80 -6.05
C ASN A 12 -10.75 12.14 -5.92
N GLU A 13 -10.67 11.13 -5.04
CA GLU A 13 -9.42 10.41 -4.82
C GLU A 13 -8.82 9.94 -6.15
N GLY A 14 -9.63 9.22 -6.93
CA GLY A 14 -9.17 8.71 -8.21
C GLY A 14 -8.45 9.78 -9.02
N ASP A 15 -9.06 10.95 -9.12
CA ASP A 15 -8.48 12.05 -9.87
C ASP A 15 -7.09 12.41 -9.34
N ALA A 16 -7.01 12.69 -8.04
CA ALA A 16 -5.74 13.04 -7.42
C ALA A 16 -4.65 12.05 -7.80
N LEU A 17 -4.99 10.77 -7.84
CA LEU A 17 -4.03 9.73 -8.19
C LEU A 17 -3.70 9.79 -9.68
N LEU A 18 -4.73 9.70 -10.52
CA LEU A 18 -4.55 9.75 -11.96
C LEU A 18 -3.41 10.68 -12.34
N GLN A 19 -3.36 11.84 -11.69
CA GLN A 19 -2.31 12.81 -11.97
C GLN A 19 -0.95 12.30 -11.49
N PHE A 20 -0.80 12.14 -10.18
CA PHE A 20 0.45 11.66 -9.61
C PHE A 20 0.98 10.46 -10.39
N THR A 21 0.12 9.45 -10.56
CA THR A 21 0.50 8.25 -11.29
C THR A 21 1.22 8.59 -12.60
N ALA A 22 0.63 9.49 -13.37
CA ALA A 22 1.21 9.91 -14.64
C ALA A 22 2.62 10.44 -14.45
N GLU A 23 2.72 11.59 -13.77
CA GLU A 23 4.01 12.22 -13.52
C GLU A 23 4.98 11.22 -12.88
N PHE A 24 4.62 10.73 -11.70
CA PHE A 24 5.45 9.78 -10.97
C PHE A 24 6.19 8.86 -11.94
N SER A 25 5.48 8.40 -12.97
CA SER A 25 6.07 7.51 -13.96
C SER A 25 6.90 8.29 -14.97
N SER A 26 6.24 9.16 -15.73
CA SER A 26 6.91 9.97 -16.74
C SER A 26 8.29 10.42 -16.24
N ARG A 27 8.36 10.81 -14.98
CA ARG A 27 9.60 11.26 -14.38
C ARG A 27 10.69 10.21 -14.56
N TYR A 28 10.45 9.02 -14.04
CA TYR A 28 11.42 7.92 -14.14
C TYR A 28 11.26 7.18 -15.46
N GLY A 29 10.12 6.54 -15.65
CA GLY A 29 9.88 5.80 -16.88
C GLY A 29 8.45 5.30 -16.98
N ASP A 30 8.24 4.31 -17.84
CA ASP A 30 6.91 3.74 -18.03
C ASP A 30 6.68 2.56 -17.07
N CYS A 31 7.69 1.70 -16.94
CA CYS A 31 7.59 0.55 -16.06
C CYS A 31 7.21 0.96 -14.65
N HIS A 32 6.03 0.54 -14.22
CA HIS A 32 5.53 0.88 -12.88
C HIS A 32 4.32 0.02 -12.52
N PRO A 33 4.08 -0.13 -11.21
CA PRO A 33 2.95 -0.93 -10.71
C PRO A 33 1.61 -0.25 -10.97
N VAL A 34 0.69 -1.00 -11.57
CA VAL A 34 -0.64 -0.47 -11.87
C VAL A 34 -1.35 0.00 -10.61
N PHE A 35 -1.59 1.30 -10.52
CA PHE A 35 -2.27 1.88 -9.36
C PHE A 35 -3.78 1.86 -9.55
N PHE A 36 -4.48 1.30 -8.56
CA PHE A 36 -5.94 1.21 -8.62
C PHE A 36 -6.56 2.61 -8.60
N ILE A 37 -7.09 3.03 -9.74
CA ILE A 37 -7.73 4.33 -9.86
C ILE A 37 -9.00 4.41 -9.02
N GLY A 38 -8.92 5.10 -7.89
CA GLY A 38 -10.07 5.23 -7.02
C GLY A 38 -9.69 5.62 -5.60
N SER A 39 -10.62 5.43 -4.67
CA SER A 39 -10.38 5.77 -3.28
C SER A 39 -10.07 4.51 -2.46
N LEU A 40 -9.32 4.69 -1.38
CA LEU A 40 -8.95 3.57 -0.51
C LEU A 40 -10.14 2.62 -0.32
N GLU A 41 -11.33 3.19 -0.16
CA GLU A 41 -12.53 2.39 0.04
C GLU A 41 -12.74 1.43 -1.12
N ALA A 42 -12.47 1.90 -2.34
CA ALA A 42 -12.63 1.07 -3.53
C ALA A 42 -11.75 -0.17 -3.45
N ALA A 43 -10.46 0.02 -3.23
CA ALA A 43 -9.53 -1.09 -3.14
C ALA A 43 -10.11 -2.24 -2.32
N PHE A 44 -10.72 -1.90 -1.19
CA PHE A 44 -11.33 -2.89 -0.32
C PHE A 44 -12.38 -3.71 -1.07
N GLN A 45 -13.10 -3.04 -1.97
CA GLN A 45 -14.13 -3.71 -2.76
C GLN A 45 -13.53 -4.73 -3.70
N GLU A 46 -12.24 -4.56 -4.00
CA GLU A 46 -11.55 -5.49 -4.89
C GLU A 46 -10.44 -6.23 -4.16
N ALA A 47 -10.38 -6.04 -2.85
CA ALA A 47 -9.37 -6.69 -2.02
C ALA A 47 -9.92 -7.97 -1.37
N PHE A 48 -10.96 -7.81 -0.57
CA PHE A 48 -11.59 -8.94 0.10
C PHE A 48 -13.02 -9.15 -0.38
N TYR A 49 -13.71 -8.04 -0.65
CA TYR A 49 -15.09 -8.10 -1.12
C TYR A 49 -15.24 -9.05 -2.30
N VAL A 50 -14.14 -9.22 -3.04
CA VAL A 50 -14.14 -10.11 -4.20
C VAL A 50 -14.42 -11.55 -3.79
N LYS A 51 -14.48 -12.43 -4.77
CA LYS A 51 -14.75 -13.84 -4.52
C LYS A 51 -13.64 -14.46 -3.67
N ALA A 52 -13.93 -15.60 -3.05
CA ALA A 52 -12.96 -16.28 -2.22
C ALA A 52 -11.70 -16.64 -3.00
N ARG A 53 -11.88 -16.93 -4.28
CA ARG A 53 -10.76 -17.29 -5.15
C ARG A 53 -10.05 -16.04 -5.66
N ASP A 54 -10.82 -14.98 -5.88
CA ASP A 54 -10.26 -13.72 -6.38
C ASP A 54 -9.76 -12.87 -5.22
N ARG A 55 -9.89 -13.38 -4.00
CA ARG A 55 -9.45 -12.66 -2.81
C ARG A 55 -7.99 -12.22 -2.94
N LYS A 56 -7.67 -11.08 -2.36
CA LYS A 56 -6.32 -10.54 -2.41
C LYS A 56 -6.01 -9.73 -1.16
N LEU A 57 -4.77 -9.23 -1.08
CA LEU A 57 -4.34 -8.42 0.06
C LEU A 57 -4.12 -6.97 -0.35
N LEU A 58 -4.10 -6.08 0.64
CA LEU A 58 -3.89 -4.66 0.37
C LEU A 58 -2.58 -4.18 1.01
N ALA A 59 -1.95 -3.21 0.37
CA ALA A 59 -0.69 -2.66 0.87
C ALA A 59 -0.57 -1.18 0.52
N ILE A 60 -0.67 -0.33 1.53
CA ILE A 60 -0.57 1.11 1.33
C ILE A 60 0.88 1.56 1.30
N TYR A 61 1.26 2.26 0.23
CA TYR A 61 2.63 2.74 0.08
C TYR A 61 2.69 4.26 0.24
N LEU A 62 3.20 4.70 1.39
CA LEU A 62 3.32 6.12 1.68
C LEU A 62 4.50 6.73 0.93
N HIS A 63 4.20 7.67 0.03
CA HIS A 63 5.24 8.34 -0.74
C HIS A 63 5.75 9.57 -0.02
N HIS A 64 7.07 9.74 0.01
CA HIS A 64 7.69 10.89 0.67
C HIS A 64 8.91 11.36 -0.11
N ASP A 65 8.91 12.64 -0.47
CA ASP A 65 10.02 13.23 -1.21
C ASP A 65 11.20 13.50 -0.29
N GLU A 66 10.96 14.30 0.74
CA GLU A 66 12.01 14.64 1.70
C GLU A 66 12.93 13.45 1.96
N SER A 67 12.34 12.27 2.08
CA SER A 67 13.10 11.05 2.33
C SER A 67 14.12 10.81 1.21
N VAL A 68 15.19 10.10 1.53
CA VAL A 68 16.23 9.79 0.57
C VAL A 68 16.04 8.41 -0.02
N LEU A 69 15.55 7.48 0.79
CA LEU A 69 15.32 6.11 0.33
C LEU A 69 14.21 6.06 -0.72
N THR A 70 13.23 6.95 -0.58
CA THR A 70 12.12 7.02 -1.52
C THR A 70 12.61 7.17 -2.96
N ASN A 71 13.63 8.00 -3.13
CA ASN A 71 14.21 8.24 -4.46
C ASN A 71 14.49 6.92 -5.17
N VAL A 72 15.41 6.13 -4.61
CA VAL A 72 15.77 4.84 -5.19
C VAL A 72 14.65 3.83 -5.03
N PHE A 73 14.22 3.62 -3.78
CA PHE A 73 13.15 2.68 -3.49
C PHE A 73 11.98 2.86 -4.45
N CYS A 74 11.91 4.03 -5.07
CA CYS A 74 10.84 4.34 -6.01
C CYS A 74 11.05 3.60 -7.33
N SER A 75 12.22 3.79 -7.92
CA SER A 75 12.54 3.15 -9.19
C SER A 75 13.36 1.87 -8.96
N GLN A 76 13.61 1.56 -7.69
CA GLN A 76 14.37 0.36 -7.34
C GLN A 76 13.46 -0.71 -6.77
N MET A 77 12.60 -0.32 -5.85
CA MET A 77 11.66 -1.26 -5.22
C MET A 77 10.30 -1.19 -5.89
N LEU A 78 9.71 0.00 -5.91
CA LEU A 78 8.40 0.21 -6.51
C LEU A 78 8.41 -0.17 -7.99
N CYS A 79 9.58 -0.03 -8.62
CA CYS A 79 9.73 -0.36 -10.03
C CYS A 79 10.14 -1.81 -10.21
N ALA A 80 10.46 -2.47 -9.10
CA ALA A 80 10.87 -3.87 -9.14
C ALA A 80 9.85 -4.72 -9.90
N GLU A 81 10.19 -5.06 -11.14
CA GLU A 81 9.32 -5.86 -11.98
C GLU A 81 8.79 -7.07 -11.21
N SER A 82 9.72 -7.88 -10.70
CA SER A 82 9.36 -9.09 -9.96
C SER A 82 8.32 -8.77 -8.89
N ILE A 83 8.20 -7.49 -8.55
CA ILE A 83 7.24 -7.05 -7.54
C ILE A 83 5.97 -6.51 -8.19
N VAL A 84 6.09 -5.36 -8.85
CA VAL A 84 4.95 -4.74 -9.52
C VAL A 84 4.04 -5.79 -10.15
N SER A 85 4.65 -6.90 -10.57
CA SER A 85 3.90 -7.98 -11.20
C SER A 85 3.02 -8.71 -10.18
N TYR A 86 3.64 -9.14 -9.09
CA TYR A 86 2.91 -9.84 -8.03
C TYR A 86 2.15 -8.87 -7.15
N LEU A 87 2.87 -7.90 -6.59
CA LEU A 87 2.27 -6.89 -5.72
C LEU A 87 0.92 -6.43 -6.29
N SER A 88 0.83 -6.36 -7.60
CA SER A 88 -0.39 -5.93 -8.27
C SER A 88 -1.30 -7.11 -8.55
N GLN A 89 -0.71 -8.20 -9.04
CA GLN A 89 -1.47 -9.40 -9.35
C GLN A 89 -2.07 -10.01 -8.09
N ASN A 90 -1.21 -10.41 -7.16
CA ASN A 90 -1.65 -11.02 -5.91
C ASN A 90 -2.17 -9.95 -4.95
N PHE A 91 -1.38 -8.90 -4.74
CA PHE A 91 -1.76 -7.82 -3.85
C PHE A 91 -2.32 -6.63 -4.63
N ILE A 92 -2.78 -5.61 -3.91
CA ILE A 92 -3.34 -4.43 -4.54
C ILE A 92 -2.45 -3.21 -4.29
N THR A 93 -1.92 -2.64 -5.37
CA THR A 93 -1.05 -1.47 -5.26
C THR A 93 -1.88 -0.20 -5.09
N TRP A 94 -1.47 0.64 -4.16
CA TRP A 94 -2.17 1.91 -3.90
C TRP A 94 -1.23 2.92 -3.26
N ALA A 95 -0.87 3.94 -4.03
CA ALA A 95 0.02 4.99 -3.54
C ALA A 95 -0.77 6.21 -3.08
N TRP A 96 -0.27 6.89 -2.05
CA TRP A 96 -0.95 8.07 -1.52
C TRP A 96 0.08 9.13 -1.13
N ASP A 97 -0.13 10.35 -1.63
CA ASP A 97 0.77 11.47 -1.33
C ASP A 97 0.42 12.11 0.00
N LEU A 98 1.26 11.88 1.01
CA LEU A 98 1.04 12.44 2.33
C LEU A 98 2.14 13.43 2.70
N THR A 99 2.99 13.74 1.73
CA THR A 99 4.09 14.68 1.94
C THR A 99 3.57 16.07 2.27
N LYS A 100 2.51 16.48 1.58
CA LYS A 100 1.91 17.78 1.80
C LYS A 100 1.31 17.89 3.19
N ASP A 101 1.73 18.90 3.94
CA ASP A 101 1.23 19.12 5.29
C ASP A 101 -0.23 18.68 5.41
N SER A 102 -1.06 19.16 4.48
CA SER A 102 -2.48 18.83 4.48
C SER A 102 -2.68 17.31 4.45
N ASN A 103 -2.29 16.70 3.34
CA ASN A 103 -2.42 15.26 3.17
C ASN A 103 -1.85 14.52 4.37
N ARG A 104 -0.60 14.81 4.71
CA ARG A 104 0.06 14.17 5.84
C ARG A 104 -0.94 13.87 6.96
N ALA A 105 -1.57 14.93 7.46
CA ALA A 105 -2.56 14.78 8.53
C ALA A 105 -3.70 13.87 8.12
N ARG A 106 -4.24 14.11 6.93
CA ARG A 106 -5.34 13.31 6.41
C ARG A 106 -5.10 11.82 6.66
N PHE A 107 -4.09 11.27 5.99
CA PHE A 107 -3.75 9.86 6.14
C PHE A 107 -3.83 9.43 7.60
N LEU A 108 -3.02 10.06 8.44
CA LEU A 108 -2.99 9.74 9.86
C LEU A 108 -4.41 9.57 10.41
N THR A 109 -5.25 10.59 10.18
CA THR A 109 -6.63 10.55 10.65
C THR A 109 -7.36 9.33 10.10
N MET A 110 -7.20 9.08 8.81
CA MET A 110 -7.85 7.95 8.16
C MET A 110 -7.43 6.64 8.82
N CYS A 111 -6.12 6.43 8.92
CA CYS A 111 -5.58 5.22 9.53
C CYS A 111 -6.06 5.07 10.97
N ASN A 112 -6.02 6.17 11.71
CA ASN A 112 -6.44 6.17 13.10
C ASN A 112 -7.73 5.36 13.28
N ARG A 113 -8.64 5.50 12.33
CA ARG A 113 -9.91 4.77 12.37
C ARG A 113 -9.82 3.45 11.61
N HIS A 114 -9.66 3.56 10.29
CA HIS A 114 -9.56 2.37 9.44
C HIS A 114 -8.84 1.25 10.17
N PHE A 115 -7.62 1.53 10.62
CA PHE A 115 -6.82 0.54 11.33
C PHE A 115 -6.95 0.71 12.84
N GLY A 116 -6.58 1.88 13.33
CA GLY A 116 -6.67 2.15 14.76
C GLY A 116 -5.60 3.11 15.23
N SER A 117 -5.76 3.63 16.45
CA SER A 117 -4.81 4.57 17.01
C SER A 117 -3.42 3.95 17.11
N VAL A 118 -3.37 2.71 17.58
CA VAL A 118 -2.10 2.00 17.73
C VAL A 118 -1.27 2.11 16.45
N VAL A 119 -1.90 1.87 15.31
CA VAL A 119 -1.23 1.95 14.02
C VAL A 119 -0.81 3.39 13.70
N ALA A 120 -1.79 4.25 13.52
CA ALA A 120 -1.54 5.65 13.20
C ALA A 120 -0.35 6.18 14.00
N GLN A 121 -0.44 6.07 15.33
CA GLN A 121 0.62 6.54 16.20
C GLN A 121 1.99 6.21 15.62
N THR A 122 2.17 4.95 15.23
CA THR A 122 3.43 4.49 14.65
C THR A 122 3.89 5.42 13.54
N ILE A 123 2.95 5.85 12.69
CA ILE A 123 3.26 6.73 11.59
C ILE A 123 3.69 8.11 12.08
N ARG A 124 3.25 8.46 13.29
CA ARG A 124 3.59 9.75 13.89
C ARG A 124 5.05 9.76 14.35
N THR A 125 5.41 8.80 15.19
CA THR A 125 6.76 8.71 15.70
C THR A 125 7.76 8.37 14.59
N GLN A 126 7.26 7.77 13.52
CA GLN A 126 8.09 7.39 12.40
C GLN A 126 8.65 8.63 11.70
N LYS A 127 9.96 8.77 11.70
CA LYS A 127 10.62 9.91 11.06
C LYS A 127 10.47 9.85 9.54
N THR A 128 10.92 10.89 8.86
CA THR A 128 10.84 10.96 7.40
C THR A 128 11.79 9.96 6.76
N ASP A 129 13.09 10.11 7.05
CA ASP A 129 14.10 9.22 6.50
C ASP A 129 13.57 7.79 6.40
N GLN A 130 12.89 7.35 7.45
CA GLN A 130 12.34 6.00 7.48
C GLN A 130 11.54 5.70 6.21
N PHE A 131 10.70 6.64 5.81
CA PHE A 131 9.89 6.48 4.60
C PHE A 131 10.75 6.10 3.41
N PRO A 132 10.13 5.45 2.41
CA PRO A 132 8.71 5.12 2.45
C PRO A 132 8.40 4.04 3.48
N LEU A 133 7.12 3.89 3.80
CA LEU A 133 6.68 2.89 4.78
C LEU A 133 5.67 1.94 4.16
N PHE A 134 6.11 0.71 3.86
CA PHE A 134 5.24 -0.28 3.26
C PHE A 134 4.59 -1.15 4.34
N LEU A 135 3.27 -1.06 4.46
CA LEU A 135 2.54 -1.83 5.45
C LEU A 135 1.56 -2.80 4.78
N ILE A 136 1.51 -4.02 5.28
CA ILE A 136 0.63 -5.04 4.73
C ILE A 136 -0.56 -5.29 5.65
N ILE A 137 -1.75 -4.94 5.18
CA ILE A 137 -2.96 -5.14 5.96
C ILE A 137 -3.80 -6.29 5.42
N MET A 138 -4.49 -6.99 6.31
CA MET A 138 -5.33 -8.12 5.92
C MET A 138 -6.45 -8.35 6.93
N GLY A 139 -7.65 -8.61 6.43
CA GLY A 139 -8.79 -8.84 7.31
C GLY A 139 -10.09 -8.97 6.55
N LYS A 140 -11.20 -8.73 7.24
CA LYS A 140 -12.52 -8.82 6.62
C LYS A 140 -13.25 -7.49 6.71
N ARG A 141 -14.22 -7.29 5.83
CA ARG A 141 -15.00 -6.05 5.80
C ARG A 141 -15.34 -5.60 7.22
N SER A 142 -15.39 -6.55 8.14
CA SER A 142 -15.70 -6.26 9.53
C SER A 142 -14.63 -5.38 10.17
N SER A 143 -13.38 -5.77 9.98
CA SER A 143 -12.25 -5.03 10.53
C SER A 143 -10.93 -5.50 9.94
N ASN A 144 -9.90 -4.67 10.05
CA ASN A 144 -8.59 -5.01 9.52
C ASN A 144 -7.49 -4.69 10.54
N GLU A 145 -6.26 -5.03 10.19
CA GLU A 145 -5.12 -4.77 11.07
C GLU A 145 -3.81 -4.88 10.30
N VAL A 146 -2.74 -4.36 10.90
CA VAL A 146 -1.42 -4.39 10.28
C VAL A 146 -0.76 -5.76 10.45
N LEU A 147 -0.57 -6.47 9.35
CA LEU A 147 0.04 -7.79 9.37
C LEU A 147 1.57 -7.67 9.42
N ASN A 148 2.13 -6.96 8.47
CA ASN A 148 3.57 -6.77 8.40
C ASN A 148 3.93 -5.29 8.30
N VAL A 149 5.14 -4.95 8.75
CA VAL A 149 5.60 -3.56 8.70
C VAL A 149 7.00 -3.47 8.12
N ILE A 150 7.09 -2.98 6.89
CA ILE A 150 8.38 -2.84 6.21
C ILE A 150 8.79 -1.37 6.13
N GLN A 151 10.09 -1.13 6.24
CA GLN A 151 10.62 0.23 6.18
C GLN A 151 11.31 0.49 4.85
N GLY A 152 11.28 1.74 4.40
CA GLY A 152 11.91 2.09 3.14
C GLY A 152 13.35 1.65 3.07
N ASN A 153 13.92 1.31 4.22
CA ASN A 153 15.31 0.85 4.27
C ASN A 153 15.42 -0.63 3.95
N THR A 154 14.31 -1.21 3.50
CA THR A 154 14.29 -2.63 3.16
C THR A 154 14.90 -2.88 1.78
N THR A 155 15.09 -4.14 1.44
CA THR A 155 15.67 -4.51 0.16
C THR A 155 14.59 -4.99 -0.82
N VAL A 156 14.81 -4.74 -2.10
CA VAL A 156 13.85 -5.15 -3.13
C VAL A 156 13.41 -6.59 -2.92
N ASP A 157 14.37 -7.49 -2.78
CA ASP A 157 14.07 -8.90 -2.57
C ASP A 157 13.23 -9.10 -1.33
N GLU A 158 13.66 -8.53 -0.21
CA GLU A 158 12.94 -8.64 1.05
C GLU A 158 11.46 -8.30 0.86
N LEU A 159 11.20 -7.16 0.24
CA LEU A 159 9.82 -6.72 0.00
C LEU A 159 8.98 -7.86 -0.55
N MET A 160 9.33 -8.32 -1.75
CA MET A 160 8.60 -9.41 -2.39
C MET A 160 8.41 -10.57 -1.42
N MET A 161 9.47 -10.94 -0.71
CA MET A 161 9.41 -12.04 0.25
C MET A 161 8.34 -11.77 1.31
N ARG A 162 8.38 -10.59 1.90
CA ARG A 162 7.40 -10.23 2.92
C ARG A 162 5.98 -10.48 2.44
N LEU A 163 5.64 -9.91 1.29
CA LEU A 163 4.31 -10.07 0.72
C LEU A 163 3.85 -11.52 0.82
N MET A 164 4.71 -12.44 0.40
CA MET A 164 4.39 -13.87 0.45
C MET A 164 4.12 -14.31 1.87
N ALA A 165 4.89 -13.77 2.82
CA ALA A 165 4.74 -14.11 4.22
C ALA A 165 3.38 -13.69 4.75
N ALA A 166 2.78 -12.70 4.09
CA ALA A 166 1.47 -12.20 4.49
C ALA A 166 0.35 -12.97 3.81
N MET A 167 0.56 -13.31 2.53
CA MET A 167 -0.43 -14.05 1.77
C MET A 167 -0.43 -15.52 2.16
N GLU A 168 0.73 -16.03 2.53
CA GLU A 168 0.87 -17.43 2.93
C GLU A 168 0.14 -17.69 4.24
N ILE A 169 0.15 -16.71 5.13
CA ILE A 169 -0.51 -16.83 6.42
C ILE A 169 -2.03 -16.74 6.27
N PHE A 170 -2.49 -15.84 5.40
CA PHE A 170 -3.91 -15.66 5.17
C PHE A 170 -4.60 -17.01 4.93
N THR A 171 -4.11 -17.74 3.94
CA THR A 171 -4.69 -19.04 3.60
C THR A 171 -4.63 -19.99 4.79
N ALA A 172 -3.46 -20.06 5.43
CA ALA A 172 -3.27 -20.92 6.58
C ALA A 172 -4.21 -20.53 7.73
N GLN A 173 -4.61 -19.27 7.74
CA GLN A 173 -5.51 -18.76 8.78
C GLN A 173 -6.93 -19.27 8.57
N GLN A 174 -7.54 -18.84 7.47
CA GLN A 174 -8.90 -19.25 7.14
C GLN A 174 -9.06 -20.75 7.25
N GLN A 175 -8.13 -21.50 6.65
CA GLN A 175 -8.17 -22.95 6.69
C GLN A 175 -7.67 -23.47 8.04
N GLU A 176 -8.53 -24.24 8.72
CA GLU A 176 -8.17 -24.80 10.01
C GLU A 176 -8.88 -26.13 10.24
N ASP A 177 -8.10 -27.17 10.54
CA ASP A 177 -8.65 -28.50 10.77
C ASP A 177 -8.43 -28.92 12.21
N ILE A 178 -7.28 -28.56 12.77
CA ILE A 178 -6.94 -28.91 14.15
C ILE A 178 -7.96 -28.32 15.11
N GLU A 8 -21.07 6.45 -5.50
CA GLU A 8 -21.35 7.59 -6.38
C GLU A 8 -20.11 7.97 -7.19
N ASN A 9 -20.29 8.90 -8.11
CA ASN A 9 -19.18 9.36 -8.95
C ASN A 9 -18.58 10.65 -8.41
N ALA A 10 -18.95 11.00 -7.19
CA ALA A 10 -18.44 12.22 -6.56
C ALA A 10 -17.12 11.95 -5.84
N GLU A 11 -16.47 10.85 -6.20
CA GLU A 11 -15.19 10.49 -5.60
C GLU A 11 -14.08 11.43 -6.06
N ASN A 12 -13.28 11.90 -5.11
CA ASN A 12 -12.18 12.81 -5.41
C ASN A 12 -10.86 12.05 -5.55
N GLU A 13 -10.55 11.23 -4.56
CA GLU A 13 -9.32 10.44 -4.57
C GLU A 13 -9.00 9.95 -5.98
N GLY A 14 -9.96 9.27 -6.59
CA GLY A 14 -9.76 8.76 -7.93
C GLY A 14 -8.98 9.72 -8.81
N ASP A 15 -9.61 10.84 -9.15
CA ASP A 15 -8.96 11.85 -9.99
C ASP A 15 -7.62 12.28 -9.39
N ALA A 16 -7.63 12.62 -8.11
CA ALA A 16 -6.42 13.06 -7.43
C ALA A 16 -5.25 12.13 -7.75
N LEU A 17 -5.48 10.82 -7.64
CA LEU A 17 -4.45 9.83 -7.92
C LEU A 17 -3.99 9.93 -9.37
N LEU A 18 -4.94 9.83 -10.30
CA LEU A 18 -4.63 9.90 -11.72
C LEU A 18 -3.47 10.86 -11.98
N GLN A 19 -3.61 12.09 -11.48
CA GLN A 19 -2.57 13.10 -11.65
C GLN A 19 -1.23 12.60 -11.16
N PHE A 20 -1.20 12.08 -9.94
CA PHE A 20 0.03 11.55 -9.35
C PHE A 20 0.58 10.40 -10.19
N THR A 21 -0.26 9.42 -10.45
CA THR A 21 0.15 8.25 -11.24
C THR A 21 0.75 8.68 -12.57
N ALA A 22 0.12 9.65 -13.22
CA ALA A 22 0.60 10.15 -14.50
C ALA A 22 1.94 10.85 -14.35
N GLU A 23 1.95 11.95 -13.59
CA GLU A 23 3.17 12.71 -13.38
C GLU A 23 4.32 11.79 -12.96
N PHE A 24 4.05 10.92 -11.99
CA PHE A 24 5.06 9.99 -11.50
C PHE A 24 5.68 9.20 -12.65
N SER A 25 4.83 8.55 -13.44
CA SER A 25 5.28 7.75 -14.58
C SER A 25 6.43 8.45 -15.30
N SER A 26 6.12 9.61 -15.90
CA SER A 26 7.11 10.38 -16.63
C SER A 26 8.25 10.80 -15.72
N ARG A 27 7.90 11.34 -14.56
CA ARG A 27 8.90 11.78 -13.59
C ARG A 27 10.07 10.82 -13.52
N TYR A 28 9.81 9.58 -13.12
CA TYR A 28 10.84 8.57 -13.01
C TYR A 28 10.90 7.72 -14.27
N GLY A 29 9.80 7.00 -14.56
CA GLY A 29 9.75 6.16 -15.74
C GLY A 29 8.44 5.43 -15.86
N ASP A 30 8.18 4.86 -17.04
CA ASP A 30 6.95 4.13 -17.29
C ASP A 30 6.85 2.91 -16.38
N CYS A 31 7.94 2.17 -16.26
CA CYS A 31 7.96 0.98 -15.42
C CYS A 31 7.48 1.29 -14.01
N HIS A 32 6.28 0.81 -13.68
CA HIS A 32 5.70 1.05 -12.37
C HIS A 32 4.48 0.16 -12.15
N PRO A 33 4.17 -0.13 -10.88
CA PRO A 33 3.03 -0.97 -10.50
C PRO A 33 1.70 -0.29 -10.77
N VAL A 34 0.88 -0.90 -11.62
CA VAL A 34 -0.43 -0.35 -11.96
C VAL A 34 -1.23 -0.04 -10.70
N PHE A 35 -1.45 1.25 -10.46
CA PHE A 35 -2.21 1.68 -9.29
C PHE A 35 -3.70 1.68 -9.57
N PHE A 36 -4.49 1.24 -8.59
CA PHE A 36 -5.93 1.18 -8.73
C PHE A 36 -6.56 2.57 -8.59
N ILE A 37 -7.10 3.08 -9.69
CA ILE A 37 -7.72 4.39 -9.68
C ILE A 37 -9.05 4.38 -8.92
N GLY A 38 -9.08 5.08 -7.79
CA GLY A 38 -10.29 5.13 -6.99
C GLY A 38 -10.03 5.63 -5.58
N SER A 39 -10.69 5.01 -4.60
CA SER A 39 -10.52 5.40 -3.21
C SER A 39 -10.06 4.21 -2.36
N LEU A 40 -9.33 4.51 -1.29
CA LEU A 40 -8.82 3.47 -0.41
C LEU A 40 -9.88 2.42 -0.12
N GLU A 41 -11.12 2.87 0.07
CA GLU A 41 -12.23 1.97 0.35
C GLU A 41 -12.39 0.95 -0.78
N ALA A 42 -12.69 1.45 -1.97
CA ALA A 42 -12.87 0.58 -3.13
C ALA A 42 -11.85 -0.55 -3.13
N ALA A 43 -10.58 -0.21 -3.00
CA ALA A 43 -9.51 -1.19 -2.99
C ALA A 43 -9.90 -2.41 -2.15
N PHE A 44 -10.33 -2.16 -0.91
CA PHE A 44 -10.73 -3.23 -0.01
C PHE A 44 -11.64 -4.22 -0.72
N GLN A 45 -12.66 -3.70 -1.40
CA GLN A 45 -13.61 -4.55 -2.12
C GLN A 45 -12.89 -5.46 -3.11
N GLU A 46 -12.24 -4.85 -4.10
CA GLU A 46 -11.51 -5.61 -5.12
C GLU A 46 -10.41 -6.44 -4.48
N ALA A 47 -10.28 -6.34 -3.15
CA ALA A 47 -9.26 -7.08 -2.43
C ALA A 47 -9.84 -8.34 -1.79
N PHE A 48 -10.98 -8.18 -1.12
CA PHE A 48 -11.64 -9.30 -0.47
C PHE A 48 -13.03 -9.54 -1.06
N TYR A 49 -13.66 -8.46 -1.53
CA TYR A 49 -14.99 -8.56 -2.12
C TYR A 49 -14.92 -9.12 -3.54
N VAL A 50 -13.79 -9.76 -3.86
CA VAL A 50 -13.61 -10.35 -5.17
C VAL A 50 -13.90 -11.85 -5.16
N LYS A 51 -13.83 -12.47 -6.32
CA LYS A 51 -14.08 -13.91 -6.45
C LYS A 51 -13.19 -14.70 -5.51
N ALA A 52 -13.78 -15.67 -4.81
CA ALA A 52 -13.04 -16.50 -3.88
C ALA A 52 -11.70 -16.92 -4.47
N ARG A 53 -11.62 -16.96 -5.80
CA ARG A 53 -10.40 -17.34 -6.49
C ARG A 53 -9.51 -16.12 -6.74
N ASP A 54 -10.14 -15.01 -7.10
CA ASP A 54 -9.40 -13.79 -7.37
C ASP A 54 -9.12 -13.02 -6.09
N ARG A 55 -9.24 -13.71 -4.95
CA ARG A 55 -9.00 -13.10 -3.66
C ARG A 55 -7.60 -12.51 -3.58
N LYS A 56 -7.51 -11.25 -3.16
CA LYS A 56 -6.23 -10.56 -3.03
C LYS A 56 -6.14 -9.80 -1.72
N LEU A 57 -4.97 -9.23 -1.45
CA LEU A 57 -4.75 -8.47 -0.23
C LEU A 57 -4.57 -6.99 -0.54
N LEU A 58 -4.61 -6.17 0.51
CA LEU A 58 -4.45 -4.72 0.36
C LEU A 58 -3.09 -4.27 0.88
N ALA A 59 -2.43 -3.39 0.14
CA ALA A 59 -1.13 -2.87 0.53
C ALA A 59 -1.05 -1.36 0.32
N ILE A 60 -0.75 -0.63 1.39
CA ILE A 60 -0.65 0.82 1.32
C ILE A 60 0.81 1.25 1.20
N TYR A 61 1.07 2.20 0.30
CA TYR A 61 2.42 2.70 0.10
C TYR A 61 2.48 4.20 0.32
N LEU A 62 3.43 4.64 1.16
CA LEU A 62 3.59 6.06 1.46
C LEU A 62 4.82 6.62 0.76
N HIS A 63 4.65 7.75 0.09
CA HIS A 63 5.75 8.40 -0.61
C HIS A 63 6.22 9.65 0.13
N HIS A 64 7.52 9.74 0.37
CA HIS A 64 8.09 10.88 1.07
C HIS A 64 9.40 11.32 0.43
N ASP A 65 9.43 12.55 -0.08
CA ASP A 65 10.62 13.08 -0.73
C ASP A 65 11.76 13.22 0.28
N GLU A 66 11.49 13.91 1.38
CA GLU A 66 12.50 14.11 2.42
C GLU A 66 13.39 12.88 2.56
N SER A 67 12.77 11.71 2.57
CA SER A 67 13.50 10.45 2.70
C SER A 67 14.55 10.31 1.60
N VAL A 68 15.54 9.46 1.84
CA VAL A 68 16.61 9.24 0.87
C VAL A 68 16.44 7.90 0.17
N LEU A 69 15.97 6.90 0.91
CA LEU A 69 15.75 5.57 0.36
C LEU A 69 14.69 5.60 -0.74
N THR A 70 13.70 6.46 -0.58
CA THR A 70 12.62 6.60 -1.56
C THR A 70 13.17 6.79 -2.96
N ASN A 71 14.09 7.76 -3.11
CA ASN A 71 14.69 8.04 -4.40
C ASN A 71 14.97 6.76 -5.18
N VAL A 72 15.87 5.94 -4.64
CA VAL A 72 16.23 4.67 -5.28
C VAL A 72 15.08 3.67 -5.17
N PHE A 73 14.63 3.41 -3.95
CA PHE A 73 13.54 2.47 -3.72
C PHE A 73 12.42 2.67 -4.75
N CYS A 74 12.38 3.85 -5.35
CA CYS A 74 11.36 4.16 -6.35
C CYS A 74 11.64 3.44 -7.65
N SER A 75 12.86 3.61 -8.17
CA SER A 75 13.26 2.98 -9.42
C SER A 75 14.02 1.68 -9.16
N GLN A 76 14.19 1.36 -7.88
CA GLN A 76 14.90 0.14 -7.50
C GLN A 76 13.94 -0.93 -7.00
N MET A 77 13.03 -0.53 -6.11
CA MET A 77 12.05 -1.45 -5.56
C MET A 77 10.72 -1.34 -6.31
N LEU A 78 10.17 -0.13 -6.35
CA LEU A 78 8.91 0.11 -7.02
C LEU A 78 9.01 -0.20 -8.52
N CYS A 79 10.24 -0.28 -9.01
CA CYS A 79 10.48 -0.58 -10.41
C CYS A 79 10.92 -2.03 -10.60
N ALA A 80 10.67 -2.85 -9.59
CA ALA A 80 11.04 -4.27 -9.63
C ALA A 80 9.95 -5.10 -10.30
N GLU A 81 10.17 -5.48 -11.55
CA GLU A 81 9.20 -6.27 -12.30
C GLU A 81 8.65 -7.39 -11.43
N SER A 82 9.55 -8.17 -10.82
CA SER A 82 9.13 -9.28 -9.97
C SER A 82 8.19 -8.80 -8.88
N ILE A 83 8.46 -7.62 -8.34
CA ILE A 83 7.63 -7.04 -7.28
C ILE A 83 6.35 -6.45 -7.85
N VAL A 84 6.48 -5.34 -8.57
CA VAL A 84 5.33 -4.68 -9.18
C VAL A 84 4.37 -5.69 -9.79
N SER A 85 4.92 -6.70 -10.44
CA SER A 85 4.12 -7.74 -11.07
C SER A 85 3.22 -8.44 -10.05
N TYR A 86 3.84 -8.99 -9.01
CA TYR A 86 3.11 -9.69 -7.96
C TYR A 86 2.30 -8.71 -7.13
N LEU A 87 2.99 -7.74 -6.52
CA LEU A 87 2.34 -6.75 -5.67
C LEU A 87 1.04 -6.27 -6.31
N SER A 88 1.04 -6.15 -7.64
CA SER A 88 -0.13 -5.71 -8.37
C SER A 88 -1.07 -6.88 -8.68
N GLN A 89 -0.50 -7.94 -9.25
CA GLN A 89 -1.27 -9.12 -9.60
C GLN A 89 -1.89 -9.75 -8.35
N ASN A 90 -1.03 -10.19 -7.43
CA ASN A 90 -1.50 -10.80 -6.20
C ASN A 90 -2.10 -9.76 -5.25
N PHE A 91 -1.31 -8.76 -4.90
CA PHE A 91 -1.76 -7.70 -4.00
C PHE A 91 -2.29 -6.51 -4.80
N ILE A 92 -2.81 -5.52 -4.08
CA ILE A 92 -3.35 -4.32 -4.72
C ILE A 92 -2.39 -3.14 -4.57
N THR A 93 -2.14 -2.45 -5.68
CA THR A 93 -1.24 -1.29 -5.68
C THR A 93 -2.01 -0.01 -5.37
N TRP A 94 -1.70 0.59 -4.24
CA TRP A 94 -2.35 1.83 -3.83
C TRP A 94 -1.35 2.81 -3.22
N ALA A 95 -1.16 3.95 -3.88
CA ALA A 95 -0.23 4.96 -3.40
C ALA A 95 -0.98 6.18 -2.87
N TRP A 96 -0.29 6.97 -2.04
CA TRP A 96 -0.90 8.17 -1.46
C TRP A 96 0.18 9.15 -1.02
N ASP A 97 0.21 10.32 -1.66
CA ASP A 97 1.18 11.35 -1.34
C ASP A 97 0.78 12.11 -0.08
N LEU A 98 1.45 11.83 1.03
CA LEU A 98 1.15 12.47 2.30
C LEU A 98 2.31 13.38 2.73
N THR A 99 3.24 13.61 1.81
CA THR A 99 4.39 14.46 2.09
C THR A 99 3.98 15.72 2.83
N LYS A 100 3.26 16.60 2.12
CA LYS A 100 2.80 17.85 2.72
C LYS A 100 1.85 17.58 3.88
N ASP A 101 2.02 18.34 4.97
CA ASP A 101 1.17 18.19 6.14
C ASP A 101 -0.28 18.03 5.74
N SER A 102 -0.77 18.92 4.89
CA SER A 102 -2.15 18.88 4.43
C SER A 102 -2.62 17.44 4.25
N ASN A 103 -1.83 16.66 3.51
CA ASN A 103 -2.16 15.26 3.26
C ASN A 103 -1.70 14.37 4.41
N ARG A 104 -0.56 14.73 5.00
CA ARG A 104 -0.02 13.96 6.12
C ARG A 104 -1.13 13.48 7.05
N ALA A 105 -2.03 14.40 7.40
CA ALA A 105 -3.14 14.07 8.28
C ALA A 105 -4.21 13.27 7.55
N ARG A 106 -4.56 13.71 6.34
CA ARG A 106 -5.56 13.03 5.54
C ARG A 106 -5.47 11.52 5.71
N PHE A 107 -4.25 10.99 5.70
CA PHE A 107 -4.03 9.56 5.85
C PHE A 107 -4.06 9.17 7.32
N LEU A 108 -3.27 9.85 8.14
CA LEU A 108 -3.21 9.57 9.57
C LEU A 108 -4.62 9.46 10.16
N THR A 109 -5.35 10.57 10.14
CA THR A 109 -6.70 10.61 10.67
C THR A 109 -7.47 9.34 10.32
N MET A 110 -7.40 8.94 9.05
CA MET A 110 -8.08 7.75 8.58
C MET A 110 -7.58 6.51 9.33
N CYS A 111 -6.29 6.22 9.20
CA CYS A 111 -5.69 5.07 9.86
C CYS A 111 -6.29 4.85 11.23
N ASN A 112 -6.24 5.89 12.06
CA ASN A 112 -6.79 5.81 13.41
C ASN A 112 -8.12 5.06 13.42
N ARG A 113 -8.96 5.34 12.45
CA ARG A 113 -10.26 4.70 12.33
C ARG A 113 -10.17 3.43 11.48
N HIS A 114 -9.93 3.62 10.19
CA HIS A 114 -9.81 2.50 9.26
C HIS A 114 -9.17 1.29 9.94
N PHE A 115 -7.91 1.43 10.31
CA PHE A 115 -7.18 0.35 10.97
C PHE A 115 -7.25 0.49 12.49
N GLY A 116 -6.70 1.59 13.00
CA GLY A 116 -6.70 1.83 14.43
C GLY A 116 -5.68 2.87 14.85
N SER A 117 -5.84 3.40 16.06
CA SER A 117 -4.93 4.41 16.57
C SER A 117 -3.54 3.82 16.80
N VAL A 118 -3.49 2.65 17.43
CA VAL A 118 -2.23 1.98 17.69
C VAL A 118 -1.38 1.86 16.43
N VAL A 119 -2.03 1.58 15.32
CA VAL A 119 -1.34 1.45 14.04
C VAL A 119 -0.89 2.81 13.51
N ALA A 120 -1.86 3.72 13.35
CA ALA A 120 -1.56 5.05 12.86
C ALA A 120 -0.44 5.70 13.65
N GLN A 121 -0.65 5.88 14.95
CA GLN A 121 0.34 6.49 15.81
C GLN A 121 1.74 6.03 15.44
N THR A 122 1.93 4.71 15.35
CA THR A 122 3.22 4.15 14.99
C THR A 122 3.86 4.91 13.84
N ILE A 123 3.08 5.18 12.81
CA ILE A 123 3.57 5.90 11.64
C ILE A 123 4.16 7.25 12.04
N ARG A 124 3.49 7.94 12.96
CA ARG A 124 3.95 9.23 13.43
C ARG A 124 5.35 9.13 14.03
N THR A 125 5.56 8.12 14.87
CA THR A 125 6.84 7.90 15.51
C THR A 125 7.91 7.54 14.49
N GLN A 126 7.54 6.71 13.52
CA GLN A 126 8.47 6.27 12.49
C GLN A 126 9.15 7.47 11.83
N LYS A 127 10.46 7.53 11.94
CA LYS A 127 11.24 8.61 11.35
C LYS A 127 10.94 8.75 9.86
N THR A 128 11.53 9.76 9.23
CA THR A 128 11.34 10.00 7.80
C THR A 128 12.17 9.03 6.97
N ASP A 129 13.48 9.02 7.21
CA ASP A 129 14.39 8.14 6.48
C ASP A 129 13.75 6.77 6.26
N GLN A 130 13.20 6.21 7.33
CA GLN A 130 12.56 4.89 7.25
C GLN A 130 11.77 4.75 5.95
N PHE A 131 11.02 5.79 5.61
CA PHE A 131 10.20 5.78 4.40
C PHE A 131 11.05 5.40 3.18
N PRO A 132 10.37 4.91 2.13
CA PRO A 132 8.92 4.75 2.12
C PRO A 132 8.46 3.63 3.06
N LEU A 133 7.29 3.81 3.66
CA LEU A 133 6.73 2.82 4.58
C LEU A 133 5.84 1.83 3.84
N PHE A 134 6.21 0.55 3.87
CA PHE A 134 5.43 -0.49 3.21
C PHE A 134 4.80 -1.43 4.23
N LEU A 135 3.50 -1.33 4.41
CA LEU A 135 2.78 -2.17 5.35
C LEU A 135 1.95 -3.22 4.62
N ILE A 136 1.59 -4.28 5.34
CA ILE A 136 0.80 -5.36 4.76
C ILE A 136 -0.47 -5.60 5.55
N ILE A 137 -1.61 -5.22 4.98
CA ILE A 137 -2.90 -5.40 5.64
C ILE A 137 -3.58 -6.67 5.18
N MET A 138 -3.55 -7.70 6.04
CA MET A 138 -4.18 -8.98 5.71
C MET A 138 -5.56 -9.08 6.34
N GLY A 139 -5.61 -9.17 7.66
CA GLY A 139 -6.89 -9.26 8.36
C GLY A 139 -7.89 -10.11 7.61
N LYS A 140 -9.17 -9.87 7.86
CA LYS A 140 -10.24 -10.62 7.20
C LYS A 140 -11.01 -9.72 6.23
N ARG A 141 -11.98 -10.32 5.54
CA ARG A 141 -12.78 -9.57 4.59
C ARG A 141 -13.27 -8.26 5.18
N SER A 142 -13.68 -8.31 6.44
CA SER A 142 -14.18 -7.12 7.14
C SER A 142 -13.07 -6.49 7.98
N SER A 143 -12.46 -7.29 8.85
CA SER A 143 -11.40 -6.82 9.72
C SER A 143 -10.21 -6.31 8.90
N ASN A 144 -9.39 -5.47 9.52
CA ASN A 144 -8.22 -4.91 8.85
C ASN A 144 -7.11 -4.60 9.85
N GLU A 145 -6.00 -5.32 9.73
CA GLU A 145 -4.87 -5.12 10.63
C GLU A 145 -3.56 -5.52 9.95
N VAL A 146 -2.55 -4.66 10.07
CA VAL A 146 -1.24 -4.93 9.47
C VAL A 146 -0.51 -6.04 10.22
N LEU A 147 -0.10 -7.07 9.48
CA LEU A 147 0.61 -8.19 10.08
C LEU A 147 2.11 -7.88 10.19
N ASN A 148 2.60 -7.03 9.30
CA ASN A 148 4.01 -6.66 9.30
C ASN A 148 4.19 -5.23 8.82
N VAL A 149 5.25 -4.57 9.30
CA VAL A 149 5.54 -3.20 8.90
C VAL A 149 7.00 -3.05 8.49
N ILE A 150 7.22 -2.81 7.19
CA ILE A 150 8.56 -2.64 6.66
C ILE A 150 8.93 -1.17 6.56
N GLN A 151 9.97 -0.77 7.29
CA GLN A 151 10.42 0.61 7.28
C GLN A 151 10.64 1.10 5.85
N GLY A 152 11.52 0.41 5.12
CA GLY A 152 11.80 0.79 3.74
C GLY A 152 13.21 0.43 3.33
N ASN A 153 14.08 0.17 4.31
CA ASN A 153 15.46 -0.20 4.03
C ASN A 153 15.56 -1.67 3.64
N THR A 154 14.41 -2.32 3.44
CA THR A 154 14.38 -3.72 3.07
C THR A 154 14.89 -3.92 1.65
N THR A 155 15.35 -5.14 1.35
CA THR A 155 15.86 -5.46 0.02
C THR A 155 14.77 -6.10 -0.84
N VAL A 156 14.71 -5.67 -2.11
CA VAL A 156 13.72 -6.19 -3.04
C VAL A 156 13.53 -7.68 -2.85
N ASP A 157 14.63 -8.42 -2.80
CA ASP A 157 14.59 -9.87 -2.64
C ASP A 157 13.75 -10.24 -1.42
N GLU A 158 13.86 -9.46 -0.36
CA GLU A 158 13.11 -9.70 0.87
C GLU A 158 11.63 -9.40 0.66
N LEU A 159 11.36 -8.29 -0.01
CA LEU A 159 9.98 -7.87 -0.27
C LEU A 159 9.13 -9.05 -0.75
N MET A 160 9.55 -9.65 -1.86
CA MET A 160 8.84 -10.79 -2.43
C MET A 160 8.48 -11.80 -1.34
N MET A 161 9.44 -12.11 -0.47
CA MET A 161 9.23 -13.06 0.61
C MET A 161 8.09 -12.59 1.52
N ARG A 162 8.22 -11.39 2.05
CA ARG A 162 7.20 -10.83 2.94
C ARG A 162 5.82 -10.94 2.31
N LEU A 163 5.69 -10.45 1.08
CA LEU A 163 4.42 -10.50 0.37
C LEU A 163 3.93 -11.94 0.20
N MET A 164 4.78 -12.77 -0.40
CA MET A 164 4.45 -14.18 -0.62
C MET A 164 3.95 -14.82 0.66
N ALA A 165 4.66 -14.57 1.77
CA ALA A 165 4.29 -15.13 3.06
C ALA A 165 2.86 -14.78 3.41
N ALA A 166 2.56 -13.49 3.43
CA ALA A 166 1.21 -13.02 3.76
C ALA A 166 0.15 -13.91 3.12
N MET A 167 0.29 -14.16 1.83
CA MET A 167 -0.65 -15.00 1.10
C MET A 167 -0.59 -16.44 1.58
N GLU A 168 0.58 -17.06 1.43
CA GLU A 168 0.79 -18.43 1.85
C GLU A 168 0.12 -18.70 3.19
N ILE A 169 0.26 -17.75 4.12
CA ILE A 169 -0.32 -17.88 5.44
C ILE A 169 -1.84 -17.76 5.39
N PHE A 170 -2.31 -16.76 4.64
CA PHE A 170 -3.75 -16.53 4.50
C PHE A 170 -4.45 -17.77 3.96
N THR A 171 -4.10 -18.15 2.73
CA THR A 171 -4.69 -19.31 2.09
C THR A 171 -4.83 -20.47 3.07
N ALA A 172 -3.69 -20.96 3.56
CA ALA A 172 -3.69 -22.07 4.51
C ALA A 172 -4.54 -21.75 5.72
N GLN A 173 -4.34 -20.56 6.29
CA GLN A 173 -5.09 -20.14 7.46
C GLN A 173 -6.58 -20.42 7.29
N GLN A 174 -7.14 -19.97 6.17
CA GLN A 174 -8.55 -20.17 5.88
C GLN A 174 -9.03 -21.54 6.39
N GLN A 175 -8.34 -22.59 5.97
CA GLN A 175 -8.67 -23.94 6.39
C GLN A 175 -8.53 -24.11 7.90
N GLU A 176 -9.49 -24.80 8.50
CA GLU A 176 -9.46 -25.02 9.95
C GLU A 176 -8.41 -26.05 10.33
N ASP A 177 -8.28 -27.08 9.49
CA ASP A 177 -7.30 -28.13 9.73
C ASP A 177 -6.00 -27.88 8.95
N ILE A 178 -6.12 -27.86 7.63
CA ILE A 178 -4.97 -27.63 6.78
C ILE A 178 -4.24 -26.34 7.17
N GLU A 8 -19.56 2.26 -0.04
CA GLU A 8 -19.60 3.66 -0.45
C GLU A 8 -18.64 3.93 -1.60
N ASN A 9 -18.77 5.09 -2.22
CA ASN A 9 -17.91 5.46 -3.34
C ASN A 9 -17.55 6.95 -3.27
N ALA A 10 -16.28 7.24 -3.51
CA ALA A 10 -15.80 8.62 -3.48
C ALA A 10 -14.80 8.88 -4.61
N GLU A 11 -15.27 9.55 -5.66
CA GLU A 11 -14.42 9.87 -6.80
C GLU A 11 -13.38 10.92 -6.43
N ASN A 12 -13.46 11.42 -5.20
CA ASN A 12 -12.53 12.44 -4.73
C ASN A 12 -11.11 11.88 -4.64
N GLU A 13 -10.99 10.71 -4.00
CA GLU A 13 -9.68 10.07 -3.85
C GLU A 13 -9.18 9.53 -5.18
N GLY A 14 -10.06 8.85 -5.91
CA GLY A 14 -9.70 8.28 -7.20
C GLY A 14 -9.04 9.30 -8.10
N ASP A 15 -9.72 10.43 -8.30
CA ASP A 15 -9.20 11.49 -9.15
C ASP A 15 -7.81 11.93 -8.71
N ALA A 16 -7.65 12.13 -7.40
CA ALA A 16 -6.37 12.54 -6.85
C ALA A 16 -5.24 11.63 -7.32
N LEU A 17 -5.49 10.33 -7.27
CA LEU A 17 -4.49 9.35 -7.71
C LEU A 17 -4.28 9.42 -9.21
N LEU A 18 -5.38 9.51 -9.96
CA LEU A 18 -5.31 9.57 -11.41
C LEU A 18 -4.25 10.56 -11.87
N GLN A 19 -3.92 11.51 -10.99
CA GLN A 19 -2.90 12.51 -11.30
C GLN A 19 -1.52 12.04 -10.87
N PHE A 20 -1.35 11.81 -9.57
CA PHE A 20 -0.08 11.36 -9.04
C PHE A 20 0.46 10.18 -9.84
N THR A 21 -0.43 9.28 -10.23
CA THR A 21 -0.05 8.10 -11.01
C THR A 21 0.67 8.49 -12.30
N ALA A 22 -0.05 9.19 -13.18
CA ALA A 22 0.51 9.62 -14.45
C ALA A 22 1.84 10.33 -14.23
N GLU A 23 1.87 11.26 -13.28
CA GLU A 23 3.08 12.02 -12.99
C GLU A 23 4.23 11.07 -12.62
N PHE A 24 4.03 10.29 -11.56
CA PHE A 24 5.04 9.35 -11.10
C PHE A 24 5.69 8.64 -12.28
N SER A 25 4.89 8.33 -13.30
CA SER A 25 5.38 7.63 -14.48
C SER A 25 6.43 8.48 -15.20
N SER A 26 6.03 9.65 -15.65
CA SER A 26 6.94 10.56 -16.35
C SER A 26 8.14 10.92 -15.48
N ARG A 27 7.87 11.25 -14.23
CA ARG A 27 8.92 11.61 -13.29
C ARG A 27 10.12 10.68 -13.41
N TYR A 28 9.88 9.39 -13.17
CA TYR A 28 10.94 8.39 -13.26
C TYR A 28 10.91 7.68 -14.61
N GLY A 29 9.83 6.96 -14.87
CA GLY A 29 9.70 6.24 -16.12
C GLY A 29 8.37 5.53 -16.25
N ASP A 30 8.09 5.01 -17.44
CA ASP A 30 6.84 4.31 -17.69
C ASP A 30 6.70 3.09 -16.78
N CYS A 31 7.79 2.34 -16.64
CA CYS A 31 7.79 1.16 -15.78
C CYS A 31 7.28 1.49 -14.39
N HIS A 32 6.08 0.99 -14.07
CA HIS A 32 5.49 1.23 -12.76
C HIS A 32 4.28 0.32 -12.54
N PRO A 33 3.99 0.02 -11.27
CA PRO A 33 2.87 -0.84 -10.90
C PRO A 33 1.51 -0.17 -11.14
N VAL A 34 0.50 -0.98 -11.41
CA VAL A 34 -0.85 -0.47 -11.65
C VAL A 34 -1.50 0.02 -10.37
N PHE A 35 -1.52 1.34 -10.17
CA PHE A 35 -2.11 1.93 -8.99
C PHE A 35 -3.64 1.93 -9.08
N PHE A 36 -4.29 1.32 -8.09
CA PHE A 36 -5.74 1.24 -8.07
C PHE A 36 -6.35 2.64 -8.03
N ILE A 37 -7.25 2.92 -8.98
CA ILE A 37 -7.90 4.21 -9.05
C ILE A 37 -9.18 4.22 -8.23
N GLY A 38 -9.22 5.08 -7.21
CA GLY A 38 -10.39 5.17 -6.35
C GLY A 38 -10.03 5.44 -4.90
N SER A 39 -10.96 5.12 -4.00
CA SER A 39 -10.74 5.33 -2.57
C SER A 39 -9.96 4.17 -1.97
N LEU A 40 -9.67 4.26 -0.69
CA LEU A 40 -8.92 3.22 0.01
C LEU A 40 -9.85 2.07 0.42
N GLU A 41 -11.04 2.42 0.90
CA GLU A 41 -12.01 1.42 1.32
C GLU A 41 -12.27 0.42 0.21
N ALA A 42 -12.38 0.91 -1.02
CA ALA A 42 -12.63 0.06 -2.17
C ALA A 42 -11.57 -1.04 -2.29
N ALA A 43 -10.30 -0.63 -2.29
CA ALA A 43 -9.19 -1.56 -2.38
C ALA A 43 -9.45 -2.81 -1.54
N PHE A 44 -9.68 -2.60 -0.25
CA PHE A 44 -9.94 -3.70 0.67
C PHE A 44 -10.96 -4.67 0.08
N GLN A 45 -11.97 -4.12 -0.59
CA GLN A 45 -13.01 -4.94 -1.21
C GLN A 45 -12.49 -5.63 -2.46
N GLU A 46 -12.09 -4.83 -3.45
CA GLU A 46 -11.57 -5.36 -4.70
C GLU A 46 -10.55 -6.48 -4.44
N ALA A 47 -10.00 -6.49 -3.24
CA ALA A 47 -9.02 -7.50 -2.86
C ALA A 47 -9.67 -8.69 -2.18
N PHE A 48 -10.49 -8.43 -1.18
CA PHE A 48 -11.19 -9.48 -0.45
C PHE A 48 -12.61 -9.65 -0.98
N TYR A 49 -13.44 -8.63 -0.79
CA TYR A 49 -14.82 -8.68 -1.24
C TYR A 49 -14.95 -9.50 -2.52
N VAL A 50 -13.94 -9.43 -3.37
CA VAL A 50 -13.94 -10.17 -4.62
C VAL A 50 -14.04 -11.68 -4.37
N LYS A 51 -14.22 -12.43 -5.44
CA LYS A 51 -14.33 -13.88 -5.34
C LYS A 51 -13.10 -14.48 -4.67
N ALA A 52 -13.21 -15.72 -4.22
CA ALA A 52 -12.10 -16.40 -3.56
C ALA A 52 -10.92 -16.58 -4.52
N ARG A 53 -11.23 -16.82 -5.80
CA ARG A 53 -10.19 -17.00 -6.81
C ARG A 53 -9.49 -15.68 -7.12
N ASP A 54 -10.17 -14.57 -6.83
CA ASP A 54 -9.62 -13.25 -7.08
C ASP A 54 -9.22 -12.57 -5.78
N ARG A 55 -9.21 -13.34 -4.69
CA ARG A 55 -8.84 -12.82 -3.38
C ARG A 55 -7.38 -12.38 -3.36
N LYS A 56 -7.12 -11.25 -2.70
CA LYS A 56 -5.76 -10.73 -2.59
C LYS A 56 -5.61 -9.84 -1.37
N LEU A 57 -4.40 -9.34 -1.15
CA LEU A 57 -4.13 -8.47 -0.01
C LEU A 57 -3.83 -7.05 -0.47
N LEU A 58 -4.08 -6.07 0.41
CA LEU A 58 -3.83 -4.68 0.10
C LEU A 58 -2.57 -4.18 0.78
N ALA A 59 -1.94 -3.16 0.20
CA ALA A 59 -0.72 -2.58 0.77
C ALA A 59 -0.64 -1.09 0.48
N ILE A 60 -0.71 -0.28 1.53
CA ILE A 60 -0.63 1.16 1.40
C ILE A 60 0.80 1.63 1.22
N TYR A 61 1.03 2.45 0.19
CA TYR A 61 2.36 2.97 -0.10
C TYR A 61 2.41 4.47 0.10
N LEU A 62 3.18 4.92 1.09
CA LEU A 62 3.31 6.34 1.39
C LEU A 62 4.43 6.95 0.55
N HIS A 63 4.07 7.86 -0.36
CA HIS A 63 5.04 8.52 -1.21
C HIS A 63 5.38 9.90 -0.66
N HIS A 64 6.67 10.14 -0.39
CA HIS A 64 7.13 11.41 0.13
C HIS A 64 8.29 11.95 -0.69
N ASP A 65 8.32 13.26 -0.87
CA ASP A 65 9.39 13.91 -1.64
C ASP A 65 10.62 14.15 -0.77
N GLU A 66 10.43 14.92 0.30
CA GLU A 66 11.52 15.23 1.21
C GLU A 66 12.41 14.02 1.43
N SER A 67 11.80 12.86 1.63
CA SER A 67 12.54 11.62 1.85
C SER A 67 13.51 11.36 0.71
N VAL A 68 14.54 10.57 0.98
CA VAL A 68 15.54 10.24 -0.03
C VAL A 68 15.41 8.79 -0.48
N LEU A 69 14.88 7.95 0.40
CA LEU A 69 14.69 6.53 0.09
C LEU A 69 13.45 6.32 -0.76
N THR A 70 12.90 7.40 -1.28
CA THR A 70 11.71 7.34 -2.12
C THR A 70 12.07 7.05 -3.57
N ASN A 71 13.13 7.70 -4.06
CA ASN A 71 13.59 7.52 -5.43
C ASN A 71 14.26 6.17 -5.60
N VAL A 72 15.13 5.82 -4.67
CA VAL A 72 15.85 4.54 -4.71
C VAL A 72 14.90 3.38 -4.47
N PHE A 73 14.14 3.47 -3.38
CA PHE A 73 13.19 2.42 -3.03
C PHE A 73 12.36 2.01 -4.23
N CYS A 74 11.80 3.00 -4.93
CA CYS A 74 10.98 2.74 -6.11
C CYS A 74 11.85 2.40 -7.32
N SER A 75 12.90 3.19 -7.53
CA SER A 75 13.81 2.98 -8.65
C SER A 75 14.57 1.66 -8.48
N GLN A 76 14.54 1.10 -7.28
CA GLN A 76 15.21 -0.15 -6.99
C GLN A 76 14.21 -1.29 -6.81
N MET A 77 13.10 -0.99 -6.17
CA MET A 77 12.06 -1.98 -5.93
C MET A 77 10.92 -1.83 -6.93
N LEU A 78 10.41 -0.61 -7.07
CA LEU A 78 9.33 -0.34 -8.00
C LEU A 78 9.84 -0.18 -9.42
N CYS A 79 11.06 -0.65 -9.66
CA CYS A 79 11.68 -0.57 -10.98
C CYS A 79 11.67 -1.93 -11.68
N ALA A 80 11.57 -2.99 -10.87
CA ALA A 80 11.55 -4.34 -11.42
C ALA A 80 10.15 -4.74 -11.85
N GLU A 81 10.00 -5.12 -13.11
CA GLU A 81 8.70 -5.52 -13.64
C GLU A 81 8.11 -6.66 -12.83
N SER A 82 8.96 -7.60 -12.45
CA SER A 82 8.53 -8.76 -11.66
C SER A 82 7.90 -8.31 -10.34
N ILE A 83 8.55 -7.34 -9.69
CA ILE A 83 8.05 -6.83 -8.42
C ILE A 83 6.74 -6.07 -8.59
N VAL A 84 6.77 -5.04 -9.43
CA VAL A 84 5.58 -4.23 -9.70
C VAL A 84 4.47 -5.08 -10.31
N SER A 85 4.87 -6.15 -11.01
CA SER A 85 3.90 -7.03 -11.65
C SER A 85 3.20 -7.92 -10.62
N TYR A 86 3.98 -8.64 -9.83
CA TYR A 86 3.44 -9.52 -8.81
C TYR A 86 2.76 -8.72 -7.70
N LEU A 87 3.38 -7.62 -7.31
CA LEU A 87 2.83 -6.76 -6.26
C LEU A 87 1.47 -6.20 -6.68
N SER A 88 1.33 -5.92 -7.97
CA SER A 88 0.09 -5.37 -8.50
C SER A 88 -0.92 -6.48 -8.79
N GLN A 89 -0.41 -7.62 -9.27
CA GLN A 89 -1.26 -8.75 -9.58
C GLN A 89 -1.69 -9.50 -8.32
N ASN A 90 -0.71 -10.00 -7.58
CA ASN A 90 -0.97 -10.74 -6.35
C ASN A 90 -1.53 -9.80 -5.28
N PHE A 91 -0.97 -8.60 -5.20
CA PHE A 91 -1.41 -7.61 -4.22
C PHE A 91 -1.98 -6.37 -4.91
N ILE A 92 -2.67 -5.54 -4.14
CA ILE A 92 -3.27 -4.33 -4.68
C ILE A 92 -2.36 -3.12 -4.47
N THR A 93 -1.90 -2.54 -5.56
CA THR A 93 -1.01 -1.38 -5.50
C THR A 93 -1.78 -0.13 -5.10
N TRP A 94 -1.21 0.65 -4.19
CA TRP A 94 -1.84 1.89 -3.73
C TRP A 94 -0.80 2.85 -3.17
N ALA A 95 -0.70 4.02 -3.81
CA ALA A 95 0.26 5.04 -3.38
C ALA A 95 -0.46 6.30 -2.92
N TRP A 96 0.16 7.03 -1.99
CA TRP A 96 -0.42 8.27 -1.48
C TRP A 96 0.66 9.29 -1.17
N ASP A 97 0.52 10.47 -1.75
CA ASP A 97 1.49 11.55 -1.53
C ASP A 97 1.14 12.36 -0.28
N LEU A 98 2.12 12.51 0.61
CA LEU A 98 1.91 13.25 1.84
C LEU A 98 2.80 14.50 1.88
N THR A 99 3.46 14.78 0.77
CA THR A 99 4.35 15.93 0.66
C THR A 99 3.75 17.14 1.38
N LYS A 100 2.61 17.61 0.88
CA LYS A 100 1.93 18.75 1.48
C LYS A 100 1.38 18.42 2.86
N ASP A 101 1.77 19.23 3.85
CA ASP A 101 1.31 19.01 5.22
C ASP A 101 -0.16 18.60 5.25
N SER A 102 -0.97 19.28 4.44
CA SER A 102 -2.39 18.98 4.39
C SER A 102 -2.64 17.47 4.28
N ASN A 103 -1.99 16.84 3.32
CA ASN A 103 -2.12 15.40 3.11
C ASN A 103 -1.57 14.63 4.30
N ARG A 104 -0.33 14.93 4.67
CA ARG A 104 0.32 14.25 5.79
C ARG A 104 -0.66 13.99 6.91
N ALA A 105 -1.45 15.02 7.26
CA ALA A 105 -2.43 14.90 8.31
C ALA A 105 -3.59 13.99 7.90
N ARG A 106 -4.11 14.22 6.70
CA ARG A 106 -5.22 13.44 6.18
C ARG A 106 -4.99 11.94 6.47
N PHE A 107 -3.94 11.39 5.86
CA PHE A 107 -3.63 9.98 6.05
C PHE A 107 -3.70 9.59 7.52
N LEU A 108 -2.91 10.26 8.35
CA LEU A 108 -2.88 9.98 9.78
C LEU A 108 -4.30 9.88 10.34
N THR A 109 -5.19 10.74 9.85
CA THR A 109 -6.57 10.75 10.30
C THR A 109 -7.33 9.56 9.74
N MET A 110 -7.51 9.55 8.42
CA MET A 110 -8.22 8.45 7.76
C MET A 110 -7.70 7.09 8.22
N CYS A 111 -6.42 7.06 8.58
CA CYS A 111 -5.79 5.82 9.05
C CYS A 111 -6.53 5.25 10.25
N ASN A 112 -6.93 6.13 11.16
CA ASN A 112 -7.65 5.71 12.36
C ASN A 112 -9.07 5.31 12.03
N ARG A 113 -9.79 6.20 11.33
CA ARG A 113 -11.17 5.93 10.95
C ARG A 113 -11.31 4.54 10.36
N HIS A 114 -10.37 4.16 9.49
CA HIS A 114 -10.40 2.86 8.85
C HIS A 114 -9.66 1.82 9.70
N PHE A 115 -8.33 1.95 9.77
CA PHE A 115 -7.51 1.03 10.54
C PHE A 115 -7.67 1.29 12.03
N GLY A 116 -7.15 2.42 12.49
CA GLY A 116 -7.24 2.76 13.90
C GLY A 116 -6.03 3.54 14.38
N SER A 117 -6.06 3.94 15.66
CA SER A 117 -4.95 4.70 16.24
C SER A 117 -3.74 3.81 16.46
N VAL A 118 -3.98 2.64 17.03
CA VAL A 118 -2.89 1.69 17.31
C VAL A 118 -1.88 1.67 16.16
N VAL A 119 -2.38 1.80 14.94
CA VAL A 119 -1.52 1.81 13.76
C VAL A 119 -1.07 3.22 13.40
N ALA A 120 -2.02 4.16 13.46
CA ALA A 120 -1.73 5.55 13.14
C ALA A 120 -0.53 6.06 13.93
N GLN A 121 -0.53 5.79 15.23
CA GLN A 121 0.56 6.22 16.11
C GLN A 121 1.91 5.86 15.50
N THR A 122 2.11 4.60 15.19
CA THR A 122 3.36 4.13 14.61
C THR A 122 3.80 5.05 13.46
N ILE A 123 2.86 5.37 12.58
CA ILE A 123 3.16 6.25 11.45
C ILE A 123 3.70 7.60 11.90
N ARG A 124 3.09 8.13 12.96
CA ARG A 124 3.52 9.42 13.51
C ARG A 124 4.98 9.37 13.95
N THR A 125 5.33 8.32 14.68
CA THR A 125 6.70 8.15 15.16
C THR A 125 7.67 7.93 14.01
N GLN A 126 7.25 7.15 13.03
CA GLN A 126 8.08 6.85 11.87
C GLN A 126 8.60 8.14 11.24
N LYS A 127 9.92 8.34 11.29
CA LYS A 127 10.53 9.52 10.72
C LYS A 127 10.20 9.66 9.24
N THR A 128 10.56 10.79 8.65
CA THR A 128 10.31 11.05 7.24
C THR A 128 11.09 10.08 6.36
N ASP A 129 12.40 10.07 6.52
CA ASP A 129 13.27 9.19 5.73
C ASP A 129 12.69 7.78 5.68
N GLN A 130 12.30 7.25 6.83
CA GLN A 130 11.74 5.91 6.91
C GLN A 130 10.85 5.62 5.69
N PHE A 131 10.19 6.65 5.19
CA PHE A 131 9.32 6.50 4.03
C PHE A 131 10.12 6.13 2.79
N PRO A 132 9.46 5.48 1.82
CA PRO A 132 8.03 5.15 1.93
C PRO A 132 7.76 4.07 2.98
N LEU A 133 6.52 3.97 3.41
CA LEU A 133 6.13 2.97 4.41
C LEU A 133 5.17 1.95 3.80
N PHE A 134 5.69 0.75 3.56
CA PHE A 134 4.88 -0.33 2.98
C PHE A 134 4.29 -1.21 4.08
N LEU A 135 2.96 -1.25 4.15
CA LEU A 135 2.27 -2.06 5.15
C LEU A 135 1.34 -3.07 4.49
N ILE A 136 1.27 -4.26 5.08
CA ILE A 136 0.40 -5.31 4.55
C ILE A 136 -0.78 -5.57 5.47
N ILE A 137 -1.98 -5.61 4.90
CA ILE A 137 -3.19 -5.86 5.67
C ILE A 137 -3.96 -7.05 5.12
N MET A 138 -4.54 -7.84 6.02
CA MET A 138 -5.31 -9.02 5.62
C MET A 138 -6.76 -8.64 5.36
N GLY A 139 -7.32 -7.80 6.22
CA GLY A 139 -8.70 -7.38 6.07
C GLY A 139 -9.67 -8.30 6.77
N LYS A 140 -10.68 -7.73 7.41
CA LYS A 140 -11.68 -8.51 8.14
C LYS A 140 -13.00 -7.75 8.22
N ARG A 141 -14.08 -8.47 8.51
CA ARG A 141 -15.39 -7.87 8.63
C ARG A 141 -15.42 -6.85 9.76
N SER A 142 -14.86 -7.22 10.90
CA SER A 142 -14.82 -6.33 12.07
C SER A 142 -13.94 -5.12 11.80
N SER A 143 -12.65 -5.36 11.61
CA SER A 143 -11.71 -4.28 11.35
C SER A 143 -10.47 -4.80 10.64
N ASN A 144 -9.67 -3.88 10.10
CA ASN A 144 -8.46 -4.26 9.38
C ASN A 144 -7.24 -4.21 10.30
N GLU A 145 -6.31 -5.13 10.11
CA GLU A 145 -5.11 -5.19 10.92
C GLU A 145 -3.89 -5.55 10.07
N VAL A 146 -2.82 -4.77 10.22
CA VAL A 146 -1.60 -5.00 9.47
C VAL A 146 -0.86 -6.23 10.00
N LEU A 147 -0.21 -6.95 9.09
CA LEU A 147 0.54 -8.15 9.47
C LEU A 147 2.05 -7.91 9.39
N ASN A 148 2.45 -7.04 8.46
CA ASN A 148 3.86 -6.71 8.28
C ASN A 148 4.05 -5.21 8.11
N VAL A 149 5.13 -4.68 8.68
CA VAL A 149 5.42 -3.26 8.58
C VAL A 149 6.84 -3.03 8.08
N ILE A 150 6.97 -2.62 6.82
CA ILE A 150 8.27 -2.37 6.21
C ILE A 150 8.61 -0.88 6.27
N GLN A 151 9.72 -0.56 6.93
CA GLN A 151 10.17 0.82 7.06
C GLN A 151 10.47 1.42 5.69
N GLY A 152 11.55 0.95 5.07
CA GLY A 152 11.92 1.46 3.76
C GLY A 152 13.31 1.00 3.35
N ASN A 153 14.15 0.67 4.32
CA ASN A 153 15.50 0.23 4.05
C ASN A 153 15.52 -1.25 3.67
N THR A 154 14.36 -1.78 3.31
CA THR A 154 14.24 -3.19 2.93
C THR A 154 14.80 -3.42 1.53
N THR A 155 15.09 -4.68 1.21
CA THR A 155 15.62 -5.03 -0.09
C THR A 155 14.53 -5.57 -1.01
N VAL A 156 14.63 -5.24 -2.29
CA VAL A 156 13.65 -5.68 -3.28
C VAL A 156 13.34 -7.17 -3.11
N ASP A 157 14.36 -7.95 -2.80
CA ASP A 157 14.20 -9.39 -2.61
C ASP A 157 13.23 -9.68 -1.47
N GLU A 158 13.37 -8.94 -0.38
CA GLU A 158 12.51 -9.12 0.79
C GLU A 158 11.04 -9.02 0.39
N LEU A 159 10.70 -7.98 -0.37
CA LEU A 159 9.33 -7.78 -0.82
C LEU A 159 8.72 -9.07 -1.34
N MET A 160 9.43 -9.73 -2.25
CA MET A 160 8.96 -10.98 -2.83
C MET A 160 8.48 -11.93 -1.74
N MET A 161 9.35 -12.24 -0.79
CA MET A 161 9.02 -13.13 0.31
C MET A 161 7.91 -12.54 1.17
N ARG A 162 7.94 -11.22 1.34
CA ARG A 162 6.95 -10.53 2.15
C ARG A 162 5.54 -10.77 1.60
N LEU A 163 5.41 -10.74 0.28
CA LEU A 163 4.13 -10.95 -0.38
C LEU A 163 3.75 -12.42 -0.35
N MET A 164 4.69 -13.28 -0.74
CA MET A 164 4.45 -14.72 -0.76
C MET A 164 4.08 -15.22 0.62
N ALA A 165 4.92 -14.95 1.60
CA ALA A 165 4.69 -15.36 2.98
C ALA A 165 3.32 -14.91 3.46
N ALA A 166 2.94 -13.68 3.12
CA ALA A 166 1.66 -13.12 3.51
C ALA A 166 0.51 -13.96 2.97
N MET A 167 0.74 -14.63 1.85
CA MET A 167 -0.28 -15.47 1.22
C MET A 167 -0.45 -16.77 2.01
N GLU A 168 0.65 -17.50 2.18
CA GLU A 168 0.61 -18.77 2.90
C GLU A 168 0.05 -18.59 4.31
N ILE A 169 0.38 -17.46 4.92
CA ILE A 169 -0.09 -17.16 6.27
C ILE A 169 -1.57 -16.81 6.26
N PHE A 170 -1.93 -15.77 5.50
CA PHE A 170 -3.32 -15.34 5.41
C PHE A 170 -4.26 -16.54 5.39
N THR A 171 -4.15 -17.36 4.34
CA THR A 171 -4.99 -18.54 4.21
C THR A 171 -5.12 -19.28 5.53
N ALA A 172 -3.99 -19.62 6.13
CA ALA A 172 -3.98 -20.33 7.41
C ALA A 172 -4.67 -19.51 8.50
N GLN A 173 -4.47 -18.19 8.45
CA GLN A 173 -5.08 -17.30 9.43
C GLN A 173 -6.59 -17.30 9.32
N GLN A 174 -7.08 -17.00 8.11
CA GLN A 174 -8.52 -16.96 7.87
C GLN A 174 -9.13 -18.34 8.02
N GLN A 175 -10.42 -18.39 8.38
CA GLN A 175 -11.11 -19.65 8.56
C GLN A 175 -12.09 -19.89 7.42
N GLU A 176 -12.48 -21.15 7.23
CA GLU A 176 -13.42 -21.52 6.17
C GLU A 176 -14.16 -22.79 6.51
N ASP A 177 -15.46 -22.65 6.81
CA ASP A 177 -16.30 -23.79 7.17
C ASP A 177 -16.63 -24.63 5.92
N ILE A 178 -17.12 -23.96 4.88
CA ILE A 178 -17.48 -24.64 3.65
C ILE A 178 -16.23 -25.16 2.93
N GLU A 8 -19.44 3.88 -9.43
CA GLU A 8 -19.05 5.14 -8.81
C GLU A 8 -19.40 6.32 -9.71
N ASN A 9 -20.03 7.34 -9.13
CA ASN A 9 -20.43 8.53 -9.87
C ASN A 9 -19.38 9.62 -9.73
N ALA A 10 -19.16 10.07 -8.50
CA ALA A 10 -18.18 11.12 -8.24
C ALA A 10 -17.10 10.64 -7.27
N GLU A 11 -15.90 10.42 -7.79
CA GLU A 11 -14.79 9.96 -6.97
C GLU A 11 -13.66 10.99 -6.95
N ASN A 12 -13.34 11.49 -5.77
CA ASN A 12 -12.27 12.48 -5.62
C ASN A 12 -10.91 11.82 -5.63
N GLU A 13 -10.66 10.97 -4.64
CA GLU A 13 -9.38 10.27 -4.54
C GLU A 13 -8.89 9.83 -5.91
N GLY A 14 -9.77 9.18 -6.67
CA GLY A 14 -9.41 8.72 -8.00
C GLY A 14 -8.71 9.79 -8.82
N ASP A 15 -9.46 10.82 -9.20
CA ASP A 15 -8.90 11.92 -9.98
C ASP A 15 -7.55 12.35 -9.43
N ALA A 16 -7.47 12.47 -8.10
CA ALA A 16 -6.24 12.88 -7.45
C ALA A 16 -5.10 11.91 -7.75
N LEU A 17 -5.42 10.62 -7.76
CA LEU A 17 -4.42 9.58 -8.04
C LEU A 17 -4.00 9.62 -9.50
N LEU A 18 -4.97 9.81 -10.39
CA LEU A 18 -4.70 9.87 -11.82
C LEU A 18 -3.56 10.84 -12.13
N GLN A 19 -3.60 12.01 -11.52
CA GLN A 19 -2.57 13.02 -11.71
C GLN A 19 -1.21 12.50 -11.25
N PHE A 20 -1.19 11.90 -10.07
CA PHE A 20 0.04 11.36 -9.50
C PHE A 20 0.62 10.27 -10.41
N THR A 21 -0.27 9.49 -11.01
CA THR A 21 0.16 8.40 -11.89
C THR A 21 0.75 8.95 -13.19
N ALA A 22 -0.02 9.81 -13.87
CA ALA A 22 0.43 10.40 -15.12
C ALA A 22 1.77 11.10 -14.95
N GLU A 23 1.96 11.73 -13.79
CA GLU A 23 3.19 12.45 -13.50
C GLU A 23 4.30 11.48 -13.10
N PHE A 24 3.95 10.49 -12.29
CA PHE A 24 4.92 9.50 -11.84
C PHE A 24 5.58 8.80 -13.01
N SER A 25 4.77 8.29 -13.93
CA SER A 25 5.28 7.59 -15.11
C SER A 25 6.37 8.40 -15.79
N SER A 26 6.00 9.57 -16.32
CA SER A 26 6.94 10.44 -17.00
C SER A 26 8.10 10.80 -16.08
N ARG A 27 7.77 11.29 -14.89
CA ARG A 27 8.79 11.68 -13.92
C ARG A 27 9.95 10.69 -13.92
N TYR A 28 9.65 9.44 -13.59
CA TYR A 28 10.67 8.40 -13.55
C TYR A 28 10.70 7.62 -14.85
N GLY A 29 9.62 6.90 -15.14
CA GLY A 29 9.55 6.12 -16.36
C GLY A 29 8.24 5.35 -16.48
N ASP A 30 8.00 4.76 -17.65
CA ASP A 30 6.79 4.01 -17.89
C ASP A 30 6.73 2.77 -16.98
N CYS A 31 7.85 2.08 -16.86
CA CYS A 31 7.92 0.89 -16.03
C CYS A 31 7.64 1.22 -14.57
N HIS A 32 6.43 0.89 -14.12
CA HIS A 32 6.03 1.16 -12.74
C HIS A 32 4.74 0.42 -12.39
N PRO A 33 4.56 0.12 -11.10
CA PRO A 33 3.38 -0.59 -10.61
C PRO A 33 2.12 0.27 -10.67
N VAL A 34 1.13 -0.18 -11.44
CA VAL A 34 -0.12 0.54 -11.58
C VAL A 34 -0.72 0.88 -10.22
N PHE A 35 -1.80 1.66 -10.23
CA PHE A 35 -2.47 2.06 -9.00
C PHE A 35 -3.98 2.07 -9.19
N PHE A 36 -4.69 1.47 -8.23
CA PHE A 36 -6.15 1.41 -8.29
C PHE A 36 -6.75 2.81 -8.18
N ILE A 37 -7.42 3.24 -9.24
CA ILE A 37 -8.05 4.56 -9.26
C ILE A 37 -9.30 4.59 -8.39
N GLY A 38 -9.16 5.18 -7.20
CA GLY A 38 -10.28 5.27 -6.28
C GLY A 38 -9.84 5.50 -4.85
N SER A 39 -10.79 5.44 -3.93
CA SER A 39 -10.50 5.65 -2.52
C SER A 39 -10.14 4.34 -1.84
N LEU A 40 -9.40 4.42 -0.74
CA LEU A 40 -8.99 3.25 0.02
C LEU A 40 -10.20 2.43 0.46
N GLU A 41 -11.20 3.12 1.00
CA GLU A 41 -12.42 2.46 1.46
C GLU A 41 -12.93 1.47 0.42
N ALA A 42 -12.86 1.86 -0.84
CA ALA A 42 -13.30 1.01 -1.93
C ALA A 42 -12.30 -0.09 -2.23
N ALA A 43 -11.06 0.32 -2.53
CA ALA A 43 -10.00 -0.64 -2.83
C ALA A 43 -10.11 -1.88 -1.96
N PHE A 44 -10.50 -1.68 -0.70
CA PHE A 44 -10.64 -2.78 0.24
C PHE A 44 -11.62 -3.83 -0.29
N GLN A 45 -12.76 -3.37 -0.80
CA GLN A 45 -13.77 -4.27 -1.34
C GLN A 45 -13.19 -5.15 -2.44
N GLU A 46 -12.53 -4.50 -3.40
CA GLU A 46 -11.94 -5.23 -4.53
C GLU A 46 -11.01 -6.33 -4.03
N ALA A 47 -10.60 -6.23 -2.76
CA ALA A 47 -9.72 -7.22 -2.17
C ALA A 47 -10.50 -8.24 -1.36
N PHE A 48 -11.42 -7.75 -0.52
CA PHE A 48 -12.23 -8.62 0.31
C PHE A 48 -13.60 -8.87 -0.32
N TYR A 49 -14.41 -7.82 -0.37
CA TYR A 49 -15.75 -7.91 -0.95
C TYR A 49 -15.76 -8.89 -2.12
N VAL A 50 -14.66 -8.94 -2.86
CA VAL A 50 -14.55 -9.83 -4.01
C VAL A 50 -14.79 -11.29 -3.60
N LYS A 51 -14.84 -12.18 -4.58
CA LYS A 51 -15.05 -13.58 -4.33
C LYS A 51 -14.05 -14.12 -3.30
N ALA A 52 -14.46 -15.12 -2.53
CA ALA A 52 -13.60 -15.72 -1.51
C ALA A 52 -12.35 -16.31 -2.14
N ARG A 53 -12.46 -16.72 -3.41
CA ARG A 53 -11.34 -17.32 -4.11
C ARG A 53 -10.47 -16.25 -4.76
N ASP A 54 -11.12 -15.26 -5.36
CA ASP A 54 -10.42 -14.16 -6.02
C ASP A 54 -9.95 -13.13 -5.00
N ARG A 55 -10.01 -13.49 -3.73
CA ARG A 55 -9.60 -12.59 -2.65
C ARG A 55 -8.17 -12.09 -2.88
N LYS A 56 -7.76 -11.10 -2.09
CA LYS A 56 -6.42 -10.54 -2.20
C LYS A 56 -6.09 -9.70 -0.97
N LEU A 57 -4.85 -9.21 -0.92
CA LEU A 57 -4.40 -8.39 0.20
C LEU A 57 -4.13 -6.96 -0.25
N LEU A 58 -4.04 -6.04 0.71
CA LEU A 58 -3.78 -4.65 0.41
C LEU A 58 -2.38 -4.24 0.83
N ALA A 59 -1.83 -3.22 0.18
CA ALA A 59 -0.50 -2.74 0.50
C ALA A 59 -0.39 -1.23 0.28
N ILE A 60 -0.33 -0.48 1.37
CA ILE A 60 -0.22 0.98 1.29
C ILE A 60 1.23 1.41 1.11
N TYR A 61 1.45 2.30 0.16
CA TYR A 61 2.79 2.80 -0.12
C TYR A 61 2.88 4.30 0.14
N LEU A 62 3.46 4.67 1.28
CA LEU A 62 3.61 6.08 1.64
C LEU A 62 4.84 6.68 0.97
N HIS A 63 4.61 7.61 0.05
CA HIS A 63 5.69 8.27 -0.65
C HIS A 63 6.17 9.50 0.11
N HIS A 64 7.46 9.80 0.01
CA HIS A 64 8.03 10.95 0.69
C HIS A 64 9.33 11.40 0.01
N ASP A 65 9.39 12.66 -0.38
CA ASP A 65 10.58 13.21 -1.04
C ASP A 65 11.72 13.38 -0.03
N GLU A 66 11.45 14.13 1.04
CA GLU A 66 12.46 14.37 2.07
C GLU A 66 13.32 13.13 2.29
N SER A 67 12.66 11.99 2.49
CA SER A 67 13.37 10.73 2.71
C SER A 67 14.41 10.48 1.62
N VAL A 68 15.39 9.64 1.93
CA VAL A 68 16.43 9.30 0.97
C VAL A 68 16.14 7.99 0.26
N LEU A 69 15.66 7.01 1.02
CA LEU A 69 15.33 5.71 0.46
C LEU A 69 14.26 5.82 -0.62
N THR A 70 13.43 6.86 -0.50
CA THR A 70 12.35 7.08 -1.46
C THR A 70 12.91 7.29 -2.87
N ASN A 71 13.94 8.11 -2.98
CA ASN A 71 14.56 8.39 -4.28
C ASN A 71 14.93 7.09 -4.98
N VAL A 72 15.75 6.28 -4.33
CA VAL A 72 16.18 5.00 -4.89
C VAL A 72 15.02 4.01 -4.96
N PHE A 73 14.57 3.55 -3.79
CA PHE A 73 13.48 2.60 -3.72
C PHE A 73 12.46 2.85 -4.83
N CYS A 74 12.32 4.11 -5.21
CA CYS A 74 11.37 4.49 -6.25
C CYS A 74 11.69 3.77 -7.56
N SER A 75 12.89 4.02 -8.09
CA SER A 75 13.32 3.41 -9.34
C SER A 75 14.18 2.18 -9.06
N GLN A 76 14.37 1.87 -7.78
CA GLN A 76 15.17 0.71 -7.39
C GLN A 76 14.28 -0.49 -7.08
N MET A 77 13.32 -0.29 -6.19
CA MET A 77 12.40 -1.36 -5.80
C MET A 77 11.17 -1.38 -6.71
N LEU A 78 10.29 -0.39 -6.54
CA LEU A 78 9.08 -0.29 -7.33
C LEU A 78 9.37 -0.63 -8.80
N CYS A 79 10.64 -0.50 -9.20
CA CYS A 79 11.04 -0.78 -10.56
C CYS A 79 11.23 -2.28 -10.77
N ALA A 80 10.68 -3.08 -9.85
CA ALA A 80 10.79 -4.53 -9.93
C ALA A 80 9.62 -5.13 -10.72
N GLU A 81 9.90 -5.51 -11.97
CA GLU A 81 8.88 -6.08 -12.84
C GLU A 81 8.15 -7.23 -12.13
N SER A 82 8.82 -7.81 -11.13
CA SER A 82 8.23 -8.92 -10.38
C SER A 82 7.31 -8.41 -9.28
N ILE A 83 7.77 -7.39 -8.56
CA ILE A 83 6.98 -6.80 -7.48
C ILE A 83 5.77 -6.06 -8.02
N VAL A 84 5.99 -5.28 -9.08
CA VAL A 84 4.91 -4.51 -9.70
C VAL A 84 3.86 -5.44 -10.32
N SER A 85 4.25 -6.69 -10.55
CA SER A 85 3.36 -7.66 -11.14
C SER A 85 2.63 -8.46 -10.06
N TYR A 86 3.38 -8.99 -9.11
CA TYR A 86 2.80 -9.77 -8.02
C TYR A 86 2.06 -8.87 -7.04
N LEU A 87 2.52 -7.63 -6.92
CA LEU A 87 1.90 -6.67 -6.02
C LEU A 87 0.45 -6.39 -6.42
N SER A 88 0.21 -6.35 -7.74
CA SER A 88 -1.13 -6.10 -8.26
C SER A 88 -1.87 -7.41 -8.50
N GLN A 89 -1.17 -8.39 -9.03
CA GLN A 89 -1.76 -9.69 -9.32
C GLN A 89 -2.28 -10.35 -8.04
N ASN A 90 -1.44 -10.37 -7.01
CA ASN A 90 -1.81 -10.96 -5.73
C ASN A 90 -2.38 -9.91 -4.79
N PHE A 91 -1.66 -8.81 -4.62
CA PHE A 91 -2.09 -7.72 -3.75
C PHE A 91 -2.72 -6.59 -4.55
N ILE A 92 -3.19 -5.57 -3.85
CA ILE A 92 -3.80 -4.42 -4.50
C ILE A 92 -2.91 -3.19 -4.41
N THR A 93 -2.54 -2.64 -5.56
CA THR A 93 -1.68 -1.46 -5.60
C THR A 93 -2.45 -0.21 -5.19
N TRP A 94 -1.86 0.57 -4.29
CA TRP A 94 -2.49 1.79 -3.82
C TRP A 94 -1.45 2.75 -3.24
N ALA A 95 -1.19 3.83 -3.97
CA ALA A 95 -0.22 4.83 -3.53
C ALA A 95 -0.91 6.08 -3.01
N TRP A 96 -0.24 6.79 -2.09
CA TRP A 96 -0.80 8.00 -1.51
C TRP A 96 0.30 8.97 -1.12
N ASP A 97 0.48 10.01 -1.91
CA ASP A 97 1.50 11.02 -1.64
C ASP A 97 1.14 11.85 -0.41
N LEU A 98 1.85 11.63 0.68
CA LEU A 98 1.62 12.37 1.91
C LEU A 98 2.79 13.27 2.25
N THR A 99 3.72 13.40 1.32
CA THR A 99 4.90 14.24 1.51
C THR A 99 4.51 15.58 2.12
N LYS A 100 3.70 16.34 1.39
CA LYS A 100 3.26 17.65 1.87
C LYS A 100 2.67 17.55 3.27
N ASP A 101 2.71 18.66 4.01
CA ASP A 101 2.19 18.70 5.36
C ASP A 101 0.69 18.41 5.37
N SER A 102 -0.03 19.02 4.43
CA SER A 102 -1.48 18.83 4.33
C SER A 102 -1.82 17.35 4.26
N ASN A 103 -1.32 16.67 3.23
CA ASN A 103 -1.58 15.25 3.04
C ASN A 103 -0.98 14.44 4.17
N ARG A 104 0.26 14.77 4.54
CA ARG A 104 0.95 14.06 5.62
C ARG A 104 -0.03 13.63 6.70
N ALA A 105 -0.76 14.60 7.26
CA ALA A 105 -1.74 14.31 8.30
C ALA A 105 -2.99 13.67 7.72
N ARG A 106 -3.37 14.10 6.52
CA ARG A 106 -4.55 13.56 5.86
C ARG A 106 -4.54 12.04 5.86
N PHE A 107 -3.37 11.47 5.57
CA PHE A 107 -3.22 10.02 5.54
C PHE A 107 -3.54 9.40 6.90
N LEU A 108 -2.98 10.00 7.95
CA LEU A 108 -3.20 9.52 9.31
C LEU A 108 -4.69 9.40 9.61
N THR A 109 -5.48 10.32 9.08
CA THR A 109 -6.92 10.31 9.28
C THR A 109 -7.54 9.02 8.79
N MET A 110 -6.89 8.39 7.81
CA MET A 110 -7.38 7.14 7.24
C MET A 110 -6.88 5.94 8.05
N CYS A 111 -5.57 5.90 8.28
CA CYS A 111 -4.96 4.82 9.04
C CYS A 111 -5.69 4.60 10.37
N ASN A 112 -6.34 5.66 10.86
CA ASN A 112 -7.07 5.59 12.12
C ASN A 112 -8.48 5.07 11.89
N ARG A 113 -9.25 5.78 11.08
CA ARG A 113 -10.62 5.38 10.79
C ARG A 113 -10.69 3.94 10.32
N HIS A 114 -9.68 3.51 9.56
CA HIS A 114 -9.62 2.15 9.06
C HIS A 114 -9.10 1.19 10.12
N PHE A 115 -7.83 1.34 10.47
CA PHE A 115 -7.20 0.49 11.48
C PHE A 115 -7.51 0.99 12.88
N GLY A 116 -7.00 2.17 13.21
CA GLY A 116 -7.24 2.74 14.53
C GLY A 116 -6.10 3.62 14.99
N SER A 117 -6.26 4.21 16.17
CA SER A 117 -5.23 5.09 16.73
C SER A 117 -4.03 4.28 17.21
N VAL A 118 -4.30 3.29 18.06
CA VAL A 118 -3.24 2.45 18.60
C VAL A 118 -2.15 2.19 17.55
N VAL A 119 -2.57 1.71 16.38
CA VAL A 119 -1.63 1.43 15.30
C VAL A 119 -1.17 2.71 14.62
N ALA A 120 -2.13 3.53 14.20
CA ALA A 120 -1.82 4.79 13.54
C ALA A 120 -0.63 5.48 14.19
N GLN A 121 -0.44 5.22 15.48
CA GLN A 121 0.68 5.82 16.22
C GLN A 121 2.01 5.26 15.75
N THR A 122 2.10 3.94 15.68
CA THR A 122 3.32 3.27 15.23
C THR A 122 3.99 4.05 14.11
N ILE A 123 3.19 4.64 13.23
CA ILE A 123 3.70 5.41 12.11
C ILE A 123 4.17 6.79 12.57
N ARG A 124 3.32 7.49 13.31
CA ARG A 124 3.65 8.82 13.81
C ARG A 124 5.08 8.87 14.32
N THR A 125 5.53 7.77 14.91
CA THR A 125 6.88 7.68 15.46
C THR A 125 7.91 7.48 14.34
N GLN A 126 7.53 6.69 13.34
CA GLN A 126 8.41 6.41 12.22
C GLN A 126 8.88 7.71 11.56
N LYS A 127 10.19 7.94 11.58
CA LYS A 127 10.77 9.14 10.99
C LYS A 127 10.55 9.16 9.48
N THR A 128 11.00 10.24 8.83
CA THR A 128 10.85 10.38 7.40
C THR A 128 11.86 9.52 6.65
N ASP A 129 13.11 9.56 7.09
CA ASP A 129 14.17 8.77 6.46
C ASP A 129 13.71 7.34 6.24
N GLN A 130 12.94 6.81 7.18
CA GLN A 130 12.44 5.44 7.09
C GLN A 130 11.57 5.26 5.84
N PHE A 131 10.73 6.24 5.57
CA PHE A 131 9.85 6.20 4.41
C PHE A 131 10.63 5.90 3.14
N PRO A 132 9.94 5.36 2.13
CA PRO A 132 8.50 5.06 2.22
C PRO A 132 8.20 3.91 3.16
N LEU A 133 7.04 3.96 3.81
CA LEU A 133 6.64 2.91 4.75
C LEU A 133 5.70 1.91 4.08
N PHE A 134 6.22 0.72 3.79
CA PHE A 134 5.42 -0.32 3.16
C PHE A 134 4.83 -1.27 4.20
N LEU A 135 3.53 -1.17 4.41
CA LEU A 135 2.84 -2.01 5.39
C LEU A 135 2.03 -3.10 4.68
N ILE A 136 1.58 -4.08 5.45
CA ILE A 136 0.79 -5.18 4.90
C ILE A 136 -0.43 -5.45 5.76
N ILE A 137 -1.62 -5.31 5.18
CA ILE A 137 -2.86 -5.54 5.89
C ILE A 137 -3.60 -6.76 5.32
N MET A 138 -4.32 -7.46 6.20
CA MET A 138 -5.07 -8.64 5.79
C MET A 138 -6.49 -8.27 5.38
N GLY A 139 -7.27 -7.80 6.35
CA GLY A 139 -8.65 -7.42 6.08
C GLY A 139 -9.64 -8.29 6.81
N LYS A 140 -10.64 -7.66 7.42
CA LYS A 140 -11.67 -8.39 8.15
C LYS A 140 -12.99 -7.64 8.11
N ARG A 141 -14.04 -8.32 7.65
CA ARG A 141 -15.37 -7.72 7.56
C ARG A 141 -15.64 -6.84 8.77
N SER A 142 -15.00 -7.14 9.89
CA SER A 142 -15.18 -6.38 11.11
C SER A 142 -14.25 -5.17 11.15
N SER A 143 -12.94 -5.43 11.22
CA SER A 143 -11.95 -4.37 11.27
C SER A 143 -10.59 -4.88 10.79
N ASN A 144 -10.05 -4.22 9.76
CA ASN A 144 -8.76 -4.60 9.21
C ASN A 144 -7.63 -4.32 10.20
N GLU A 145 -6.49 -4.96 9.98
CA GLU A 145 -5.34 -4.78 10.86
C GLU A 145 -4.03 -4.98 10.09
N VAL A 146 -2.95 -4.44 10.63
CA VAL A 146 -1.64 -4.56 10.00
C VAL A 146 -0.87 -5.74 10.55
N LEU A 147 -0.41 -6.62 9.66
CA LEU A 147 0.34 -7.80 10.07
C LEU A 147 1.83 -7.48 10.19
N ASN A 148 2.47 -7.19 9.06
CA ASN A 148 3.89 -6.86 9.04
C ASN A 148 4.10 -5.39 8.74
N VAL A 149 5.23 -4.85 9.18
CA VAL A 149 5.56 -3.45 8.96
C VAL A 149 6.98 -3.29 8.43
N ILE A 150 7.09 -2.79 7.19
CA ILE A 150 8.39 -2.60 6.57
C ILE A 150 8.78 -1.12 6.55
N GLN A 151 9.95 -0.81 7.09
CA GLN A 151 10.43 0.57 7.13
C GLN A 151 10.54 1.15 5.72
N GLY A 152 11.31 0.48 4.88
CA GLY A 152 11.50 0.95 3.51
C GLY A 152 12.85 0.59 2.95
N ASN A 153 13.83 0.40 3.82
CA ASN A 153 15.17 0.04 3.41
C ASN A 153 15.23 -1.39 2.91
N THR A 154 14.09 -2.08 2.96
CA THR A 154 14.01 -3.47 2.51
C THR A 154 14.39 -3.59 1.04
N THR A 155 14.75 -4.79 0.62
CA THR A 155 15.13 -5.05 -0.77
C THR A 155 14.06 -5.84 -1.50
N VAL A 156 13.99 -5.67 -2.81
CA VAL A 156 13.01 -6.37 -3.63
C VAL A 156 12.87 -7.82 -3.20
N ASP A 157 14.00 -8.51 -3.11
CA ASP A 157 14.02 -9.91 -2.71
C ASP A 157 13.18 -10.13 -1.45
N GLU A 158 13.45 -9.33 -0.42
CA GLU A 158 12.73 -9.43 0.84
C GLU A 158 11.24 -9.24 0.62
N LEU A 159 10.89 -8.22 -0.17
CA LEU A 159 9.49 -7.93 -0.45
C LEU A 159 8.75 -9.17 -0.94
N MET A 160 9.38 -9.91 -1.86
CA MET A 160 8.78 -11.12 -2.40
C MET A 160 8.32 -12.04 -1.27
N MET A 161 9.21 -12.29 -0.32
CA MET A 161 8.89 -13.16 0.81
C MET A 161 7.73 -12.61 1.61
N ARG A 162 7.88 -11.39 2.12
CA ARG A 162 6.84 -10.74 2.91
C ARG A 162 5.47 -10.94 2.26
N LEU A 163 5.33 -10.42 1.04
CA LEU A 163 4.07 -10.54 0.31
C LEU A 163 3.70 -12.01 0.10
N MET A 164 4.61 -12.77 -0.50
CA MET A 164 4.38 -14.18 -0.76
C MET A 164 3.73 -14.85 0.45
N ALA A 165 4.41 -14.82 1.59
CA ALA A 165 3.89 -15.42 2.81
C ALA A 165 2.50 -14.91 3.13
N ALA A 166 2.40 -13.62 3.41
CA ALA A 166 1.11 -13.00 3.72
C ALA A 166 -0.01 -13.64 2.93
N MET A 167 0.29 -14.07 1.71
CA MET A 167 -0.70 -14.70 0.85
C MET A 167 -1.08 -16.08 1.37
N GLU A 168 -0.13 -17.01 1.34
CA GLU A 168 -0.37 -18.37 1.82
C GLU A 168 -0.97 -18.36 3.22
N ILE A 169 -0.54 -17.40 4.03
CA ILE A 169 -1.04 -17.28 5.40
C ILE A 169 -2.57 -17.22 5.43
N PHE A 170 -3.14 -16.51 4.46
CA PHE A 170 -4.59 -16.38 4.38
C PHE A 170 -5.21 -17.64 3.79
N THR A 171 -4.80 -18.00 2.58
CA THR A 171 -5.32 -19.18 1.91
C THR A 171 -5.40 -20.36 2.87
N ALA A 172 -4.59 -20.33 3.92
CA ALA A 172 -4.57 -21.39 4.90
C ALA A 172 -5.61 -21.15 5.99
N GLN A 173 -5.60 -19.95 6.57
CA GLN A 173 -6.55 -19.60 7.62
C GLN A 173 -7.99 -19.84 7.16
N GLN A 174 -8.28 -19.43 5.93
CA GLN A 174 -9.62 -19.59 5.38
C GLN A 174 -9.95 -21.07 5.17
N GLN A 175 -11.23 -21.38 5.09
CA GLN A 175 -11.67 -22.76 4.90
C GLN A 175 -12.39 -22.92 3.56
N GLU A 176 -12.50 -24.16 3.09
CA GLU A 176 -13.17 -24.45 1.84
C GLU A 176 -14.65 -24.73 2.04
N ASP A 177 -14.96 -25.53 3.05
CA ASP A 177 -16.34 -25.88 3.36
C ASP A 177 -17.02 -24.77 4.15
N ILE A 178 -16.42 -24.40 5.28
CA ILE A 178 -16.96 -23.34 6.12
C ILE A 178 -16.57 -21.97 5.60
N GLU A 8 -24.66 8.90 -11.38
CA GLU A 8 -23.20 8.92 -11.34
C GLU A 8 -22.72 9.91 -10.28
N ASN A 9 -21.77 9.46 -9.46
CA ASN A 9 -21.20 10.30 -8.40
C ASN A 9 -19.85 10.86 -8.82
N ALA A 10 -19.38 11.86 -8.08
CA ALA A 10 -18.10 12.49 -8.37
C ALA A 10 -16.97 11.78 -7.62
N GLU A 11 -15.87 11.54 -8.33
CA GLU A 11 -14.71 10.87 -7.73
C GLU A 11 -13.62 11.89 -7.38
N ASN A 12 -13.29 11.96 -6.10
CA ASN A 12 -12.25 12.89 -5.63
C ASN A 12 -10.89 12.20 -5.61
N GLU A 13 -10.81 11.06 -4.95
CA GLU A 13 -9.58 10.31 -4.85
C GLU A 13 -9.16 9.75 -6.21
N GLY A 14 -10.10 9.08 -6.87
CA GLY A 14 -9.82 8.50 -8.17
C GLY A 14 -9.12 9.48 -9.10
N ASP A 15 -9.76 10.60 -9.35
CA ASP A 15 -9.19 11.63 -10.23
C ASP A 15 -7.87 12.16 -9.66
N ALA A 16 -7.89 12.53 -8.39
CA ALA A 16 -6.70 13.06 -7.73
C ALA A 16 -5.50 12.14 -7.96
N LEU A 17 -5.73 10.84 -7.85
CA LEU A 17 -4.67 9.86 -8.05
C LEU A 17 -4.17 9.88 -9.50
N LEU A 18 -5.09 9.72 -10.44
CA LEU A 18 -4.74 9.72 -11.85
C LEU A 18 -3.63 10.72 -12.14
N GLN A 19 -3.84 11.97 -11.75
CA GLN A 19 -2.85 13.02 -11.96
C GLN A 19 -1.51 12.64 -11.35
N PHE A 20 -1.55 12.11 -10.13
CA PHE A 20 -0.32 11.69 -9.44
C PHE A 20 0.37 10.57 -10.20
N THR A 21 -0.38 9.53 -10.53
CA THR A 21 0.16 8.38 -11.25
C THR A 21 0.69 8.79 -12.62
N ALA A 22 -0.21 9.24 -13.48
CA ALA A 22 0.15 9.68 -14.82
C ALA A 22 1.48 10.44 -14.81
N GLU A 23 1.65 11.30 -13.81
CA GLU A 23 2.87 12.09 -13.69
C GLU A 23 3.99 11.26 -13.07
N PHE A 24 3.64 10.41 -12.11
CA PHE A 24 4.62 9.57 -11.44
C PHE A 24 5.33 8.66 -12.44
N SER A 25 4.56 8.12 -13.38
CA SER A 25 5.11 7.23 -14.40
C SER A 25 6.30 7.88 -15.11
N SER A 26 6.07 9.07 -15.65
CA SER A 26 7.12 9.80 -16.36
C SER A 26 8.14 10.36 -15.38
N ARG A 27 7.66 10.78 -14.21
CA ARG A 27 8.54 11.34 -13.19
C ARG A 27 9.84 10.54 -13.08
N TYR A 28 9.73 9.28 -12.70
CA TYR A 28 10.89 8.41 -12.55
C TYR A 28 11.07 7.54 -13.79
N GLY A 29 9.97 7.00 -14.30
CA GLY A 29 10.03 6.15 -15.47
C GLY A 29 8.82 5.24 -15.58
N ASP A 30 8.41 4.97 -16.82
CA ASP A 30 7.25 4.11 -17.06
C ASP A 30 7.26 2.91 -16.12
N CYS A 31 8.41 2.25 -16.00
CA CYS A 31 8.54 1.09 -15.14
C CYS A 31 8.04 1.41 -13.72
N HIS A 32 6.84 0.93 -13.41
CA HIS A 32 6.25 1.17 -12.09
C HIS A 32 5.02 0.29 -11.89
N PRO A 33 4.72 -0.02 -10.62
CA PRO A 33 3.57 -0.86 -10.26
C PRO A 33 2.24 -0.15 -10.50
N VAL A 34 1.40 -0.77 -11.33
CA VAL A 34 0.09 -0.20 -11.65
C VAL A 34 -0.72 0.05 -10.38
N PHE A 35 -1.00 1.31 -10.09
CA PHE A 35 -1.77 1.68 -8.92
C PHE A 35 -3.27 1.69 -9.23
N PHE A 36 -4.06 1.12 -8.33
CA PHE A 36 -5.50 1.06 -8.51
C PHE A 36 -6.10 2.46 -8.49
N ILE A 37 -6.74 2.84 -9.60
CA ILE A 37 -7.35 4.15 -9.72
C ILE A 37 -8.73 4.17 -9.08
N GLY A 38 -8.85 4.86 -7.95
CA GLY A 38 -10.12 4.94 -7.26
C GLY A 38 -9.96 5.31 -5.79
N SER A 39 -10.94 4.94 -4.98
CA SER A 39 -10.91 5.24 -3.55
C SER A 39 -10.31 4.08 -2.76
N LEU A 40 -9.56 4.42 -1.72
CA LEU A 40 -8.92 3.41 -0.88
C LEU A 40 -9.93 2.36 -0.43
N GLU A 41 -11.06 2.82 0.11
CA GLU A 41 -12.10 1.92 0.58
C GLU A 41 -12.32 0.78 -0.41
N ALA A 42 -12.44 1.13 -1.69
CA ALA A 42 -12.65 0.13 -2.73
C ALA A 42 -11.57 -0.94 -2.70
N ALA A 43 -10.31 -0.52 -2.75
CA ALA A 43 -9.19 -1.44 -2.73
C ALA A 43 -9.49 -2.64 -1.84
N PHE A 44 -10.21 -2.40 -0.75
CA PHE A 44 -10.56 -3.47 0.18
C PHE A 44 -11.54 -4.45 -0.47
N GLN A 45 -12.69 -3.93 -0.91
CA GLN A 45 -13.70 -4.75 -1.54
C GLN A 45 -13.15 -5.41 -2.81
N GLU A 46 -12.37 -4.67 -3.58
CA GLU A 46 -11.79 -5.19 -4.81
C GLU A 46 -10.86 -6.36 -4.52
N ALA A 47 -10.60 -6.61 -3.23
CA ALA A 47 -9.73 -7.70 -2.83
C ALA A 47 -10.51 -8.76 -2.05
N PHE A 48 -11.42 -8.30 -1.19
CA PHE A 48 -12.22 -9.21 -0.38
C PHE A 48 -13.59 -9.42 -1.01
N TYR A 49 -14.43 -8.39 -0.97
CA TYR A 49 -15.77 -8.46 -1.54
C TYR A 49 -15.79 -9.37 -2.77
N VAL A 50 -14.76 -9.25 -3.60
CA VAL A 50 -14.66 -10.05 -4.82
C VAL A 50 -14.82 -11.54 -4.50
N LYS A 51 -15.11 -12.32 -5.54
CA LYS A 51 -15.29 -13.76 -5.37
C LYS A 51 -14.07 -14.40 -4.73
N ALA A 52 -14.18 -15.69 -4.41
CA ALA A 52 -13.08 -16.41 -3.80
C ALA A 52 -11.92 -16.62 -4.77
N ARG A 53 -12.26 -16.76 -6.04
CA ARG A 53 -11.25 -16.97 -7.08
C ARG A 53 -10.47 -15.69 -7.34
N ASP A 54 -11.05 -14.56 -6.94
CA ASP A 54 -10.41 -13.26 -7.12
C ASP A 54 -9.97 -12.67 -5.79
N ARG A 55 -9.88 -13.53 -4.78
CA ARG A 55 -9.47 -13.11 -3.44
C ARG A 55 -8.02 -12.59 -3.46
N LYS A 56 -7.79 -11.46 -2.81
CA LYS A 56 -6.46 -10.87 -2.76
C LYS A 56 -6.31 -10.00 -1.50
N LEU A 57 -5.12 -9.44 -1.32
CA LEU A 57 -4.85 -8.59 -0.17
C LEU A 57 -4.62 -7.15 -0.60
N LEU A 58 -4.60 -6.23 0.36
CA LEU A 58 -4.38 -4.82 0.09
C LEU A 58 -2.99 -4.38 0.53
N ALA A 59 -2.36 -3.54 -0.28
CA ALA A 59 -1.03 -3.04 0.03
C ALA A 59 -0.95 -1.53 -0.17
N ILE A 60 -0.83 -0.80 0.93
CA ILE A 60 -0.74 0.66 0.87
C ILE A 60 0.70 1.12 0.72
N TYR A 61 0.94 2.06 -0.18
CA TYR A 61 2.28 2.58 -0.42
C TYR A 61 2.32 4.09 -0.19
N LEU A 62 2.92 4.50 0.92
CA LEU A 62 3.04 5.92 1.25
C LEU A 62 4.23 6.55 0.56
N HIS A 63 3.97 7.54 -0.29
CA HIS A 63 5.04 8.23 -1.02
C HIS A 63 5.34 9.58 -0.37
N HIS A 64 6.63 9.89 -0.24
CA HIS A 64 7.06 11.14 0.35
C HIS A 64 8.30 11.69 -0.35
N ASP A 65 8.11 12.73 -1.14
CA ASP A 65 9.21 13.35 -1.88
C ASP A 65 10.34 13.74 -0.93
N GLU A 66 10.03 14.64 0.00
CA GLU A 66 11.02 15.09 0.97
C GLU A 66 12.00 13.98 1.33
N SER A 67 11.46 12.78 1.57
CA SER A 67 12.28 11.63 1.92
C SER A 67 13.35 11.38 0.87
N VAL A 68 14.43 10.72 1.27
CA VAL A 68 15.53 10.42 0.37
C VAL A 68 15.42 8.99 -0.16
N LEU A 69 14.83 8.11 0.64
CA LEU A 69 14.67 6.71 0.26
C LEU A 69 13.68 6.58 -0.90
N THR A 70 12.59 7.33 -0.83
CA THR A 70 11.57 7.30 -1.87
C THR A 70 12.19 7.43 -3.26
N ASN A 71 13.29 8.18 -3.34
CA ASN A 71 13.98 8.39 -4.60
C ASN A 71 14.61 7.09 -5.10
N VAL A 72 15.59 6.59 -4.34
CA VAL A 72 16.27 5.35 -4.70
C VAL A 72 15.31 4.17 -4.71
N PHE A 73 14.62 3.96 -3.60
CA PHE A 73 13.67 2.87 -3.48
C PHE A 73 12.81 2.76 -4.73
N CYS A 74 12.64 3.87 -5.43
CA CYS A 74 11.84 3.90 -6.64
C CYS A 74 12.43 2.98 -7.71
N SER A 75 13.67 3.27 -8.10
CA SER A 75 14.36 2.47 -9.12
C SER A 75 15.22 1.39 -8.47
N GLN A 76 15.23 1.36 -7.14
CA GLN A 76 16.01 0.38 -6.40
C GLN A 76 15.21 -0.88 -6.16
N MET A 77 14.04 -0.73 -5.54
CA MET A 77 13.18 -1.87 -5.25
C MET A 77 11.90 -1.81 -6.09
N LEU A 78 11.42 -0.60 -6.34
CA LEU A 78 10.21 -0.41 -7.13
C LEU A 78 10.51 -0.53 -8.63
N CYS A 79 11.66 -1.09 -8.95
CA CYS A 79 12.08 -1.28 -10.34
C CYS A 79 11.80 -2.70 -10.80
N ALA A 80 11.93 -3.66 -9.88
CA ALA A 80 11.71 -5.05 -10.20
C ALA A 80 10.33 -5.26 -10.83
N GLU A 81 10.31 -5.72 -12.08
CA GLU A 81 9.07 -5.95 -12.79
C GLU A 81 8.27 -7.08 -12.13
N SER A 82 8.97 -8.14 -11.73
CA SER A 82 8.32 -9.28 -11.09
C SER A 82 7.54 -8.84 -9.85
N ILE A 83 8.06 -7.84 -9.15
CA ILE A 83 7.42 -7.33 -7.96
C ILE A 83 6.29 -6.36 -8.31
N VAL A 84 6.65 -5.20 -8.84
CA VAL A 84 5.68 -4.19 -9.22
C VAL A 84 4.48 -4.83 -9.94
N SER A 85 4.71 -6.00 -10.53
CA SER A 85 3.67 -6.70 -11.25
C SER A 85 2.91 -7.65 -10.33
N TYR A 86 3.65 -8.47 -9.60
CA TYR A 86 3.05 -9.43 -8.67
C TYR A 86 2.20 -8.72 -7.63
N LEU A 87 2.71 -7.60 -7.12
CA LEU A 87 2.00 -6.82 -6.11
C LEU A 87 0.65 -6.35 -6.64
N SER A 88 0.61 -6.02 -7.93
CA SER A 88 -0.63 -5.55 -8.56
C SER A 88 -1.50 -6.74 -8.97
N GLN A 89 -0.86 -7.81 -9.41
CA GLN A 89 -1.58 -9.00 -9.83
C GLN A 89 -2.18 -9.74 -8.63
N ASN A 90 -1.33 -10.18 -7.72
CA ASN A 90 -1.78 -10.90 -6.54
C ASN A 90 -2.39 -9.93 -5.53
N PHE A 91 -1.66 -8.87 -5.21
CA PHE A 91 -2.15 -7.87 -4.25
C PHE A 91 -2.70 -6.65 -4.97
N ILE A 92 -3.19 -5.69 -4.21
CA ILE A 92 -3.76 -4.47 -4.77
C ILE A 92 -2.86 -3.27 -4.49
N THR A 93 -2.22 -2.76 -5.55
CA THR A 93 -1.33 -1.61 -5.41
C THR A 93 -2.13 -0.32 -5.25
N TRP A 94 -1.74 0.48 -4.25
CA TRP A 94 -2.42 1.73 -3.98
C TRP A 94 -1.45 2.77 -3.44
N ALA A 95 -1.39 3.93 -4.09
CA ALA A 95 -0.51 5.01 -3.66
C ALA A 95 -1.30 6.23 -3.20
N TRP A 96 -0.69 7.02 -2.33
CA TRP A 96 -1.34 8.22 -1.81
C TRP A 96 -0.32 9.29 -1.47
N ASP A 97 -0.19 10.28 -2.34
CA ASP A 97 0.76 11.37 -2.14
C ASP A 97 0.33 12.24 -0.96
N LEU A 98 1.03 12.09 0.16
CA LEU A 98 0.72 12.87 1.36
C LEU A 98 1.83 13.88 1.65
N THR A 99 2.66 14.15 0.65
CA THR A 99 3.76 15.09 0.79
C THR A 99 3.27 16.41 1.41
N LYS A 100 2.18 16.94 0.89
CA LYS A 100 1.62 18.18 1.38
C LYS A 100 1.07 18.01 2.80
N ASP A 101 1.50 18.88 3.70
CA ASP A 101 1.06 18.83 5.09
C ASP A 101 -0.42 18.47 5.18
N SER A 102 -1.23 19.14 4.37
CA SER A 102 -2.67 18.91 4.35
C SER A 102 -2.98 17.41 4.24
N ASN A 103 -2.46 16.79 3.18
CA ASN A 103 -2.68 15.36 2.95
C ASN A 103 -2.10 14.54 4.10
N ARG A 104 -0.84 14.80 4.44
CA ARG A 104 -0.18 14.08 5.52
C ARG A 104 -1.11 13.93 6.73
N ALA A 105 -1.77 15.02 7.09
CA ALA A 105 -2.69 15.02 8.23
C ALA A 105 -3.86 14.07 7.98
N ARG A 106 -4.47 14.19 6.80
CA ARG A 106 -5.60 13.35 6.44
C ARG A 106 -5.29 11.88 6.70
N PHE A 107 -4.22 11.38 6.07
CA PHE A 107 -3.81 9.99 6.23
C PHE A 107 -3.75 9.61 7.71
N LEU A 108 -3.15 10.48 8.51
CA LEU A 108 -3.03 10.23 9.95
C LEU A 108 -4.38 10.35 10.64
N THR A 109 -5.29 11.10 10.03
CA THR A 109 -6.62 11.29 10.58
C THR A 109 -7.52 10.09 10.29
N MET A 110 -7.34 9.50 9.12
CA MET A 110 -8.13 8.33 8.72
C MET A 110 -7.58 7.06 9.35
N CYS A 111 -6.28 6.85 9.21
CA CYS A 111 -5.63 5.66 9.78
C CYS A 111 -6.22 5.32 11.14
N ASN A 112 -6.70 6.33 11.85
CA ASN A 112 -7.28 6.14 13.17
C ASN A 112 -8.68 5.54 13.06
N ARG A 113 -9.46 6.02 12.10
CA ARG A 113 -10.81 5.52 11.89
C ARG A 113 -10.79 4.17 11.20
N HIS A 114 -9.87 4.00 10.26
CA HIS A 114 -9.75 2.75 9.52
C HIS A 114 -9.04 1.69 10.36
N PHE A 115 -7.75 1.90 10.60
CA PHE A 115 -6.96 0.96 11.38
C PHE A 115 -7.21 1.15 12.87
N GLY A 116 -6.77 2.27 13.41
CA GLY A 116 -6.97 2.55 14.82
C GLY A 116 -5.80 3.31 15.44
N SER A 117 -5.84 3.49 16.75
CA SER A 117 -4.78 4.21 17.45
C SER A 117 -3.54 3.33 17.59
N VAL A 118 -3.71 2.15 18.17
CA VAL A 118 -2.60 1.23 18.36
C VAL A 118 -1.67 1.21 17.15
N VAL A 119 -2.27 1.24 15.96
CA VAL A 119 -1.51 1.24 14.72
C VAL A 119 -1.02 2.65 14.36
N ALA A 120 -1.97 3.56 14.19
CA ALA A 120 -1.65 4.94 13.86
C ALA A 120 -0.35 5.37 14.51
N GLN A 121 -0.12 4.92 15.74
CA GLN A 121 1.09 5.26 16.48
C GLN A 121 2.33 4.83 15.71
N THR A 122 2.36 3.59 15.27
CA THR A 122 3.48 3.05 14.52
C THR A 122 3.93 4.02 13.44
N ILE A 123 2.99 4.82 12.95
CA ILE A 123 3.29 5.80 11.90
C ILE A 123 3.70 7.14 12.50
N ARG A 124 2.93 7.60 13.48
CA ARG A 124 3.22 8.88 14.14
C ARG A 124 4.70 9.01 14.42
N THR A 125 5.33 7.91 14.84
CA THR A 125 6.76 7.91 15.15
C THR A 125 7.59 8.03 13.88
N GLN A 126 7.17 7.33 12.83
CA GLN A 126 7.88 7.36 11.56
C GLN A 126 8.13 8.79 11.10
N LYS A 127 9.38 9.10 10.77
CA LYS A 127 9.74 10.44 10.31
C LYS A 127 9.64 10.54 8.79
N THR A 128 9.90 11.72 8.26
CA THR A 128 9.85 11.95 6.82
C THR A 128 10.79 11.01 6.08
N ASP A 129 12.03 10.94 6.56
CA ASP A 129 13.03 10.07 5.93
C ASP A 129 12.54 8.63 5.87
N GLN A 130 12.09 8.12 7.01
CA GLN A 130 11.59 6.75 7.09
C GLN A 130 10.85 6.37 5.80
N PHE A 131 9.98 7.26 5.34
CA PHE A 131 9.21 7.02 4.12
C PHE A 131 10.13 6.63 2.96
N PRO A 132 9.57 5.88 1.99
CA PRO A 132 8.16 5.48 2.02
C PRO A 132 7.88 4.44 3.10
N LEU A 133 6.65 3.97 3.15
CA LEU A 133 6.24 2.98 4.15
C LEU A 133 5.42 1.86 3.50
N PHE A 134 6.02 0.68 3.38
CA PHE A 134 5.33 -0.46 2.78
C PHE A 134 4.67 -1.33 3.85
N LEU A 135 3.34 -1.29 3.88
CA LEU A 135 2.59 -2.06 4.86
C LEU A 135 1.75 -3.14 4.17
N ILE A 136 1.46 -4.21 4.90
CA ILE A 136 0.67 -5.31 4.36
C ILE A 136 -0.66 -5.44 5.09
N ILE A 137 -1.75 -5.13 4.39
CA ILE A 137 -3.09 -5.21 4.97
C ILE A 137 -3.71 -6.57 4.71
N MET A 138 -4.29 -7.16 5.75
CA MET A 138 -4.94 -8.47 5.63
C MET A 138 -5.96 -8.67 6.75
N GLY A 139 -7.21 -8.94 6.36
CA GLY A 139 -8.26 -9.14 7.34
C GLY A 139 -9.63 -8.83 6.79
N LYS A 140 -10.53 -8.39 7.67
CA LYS A 140 -11.89 -8.05 7.26
C LYS A 140 -12.05 -6.54 7.08
N ARG A 141 -13.23 -6.12 6.66
CA ARG A 141 -13.51 -4.70 6.46
C ARG A 141 -13.30 -3.91 7.74
N SER A 142 -13.52 -4.57 8.88
CA SER A 142 -13.36 -3.93 10.18
C SER A 142 -12.14 -4.48 10.91
N SER A 143 -11.88 -5.78 10.74
CA SER A 143 -10.74 -6.42 11.38
C SER A 143 -9.45 -6.13 10.62
N ASN A 144 -9.52 -5.18 9.69
CA ASN A 144 -8.36 -4.80 8.91
C ASN A 144 -7.17 -4.47 9.81
N GLU A 145 -6.13 -5.29 9.73
CA GLU A 145 -4.93 -5.08 10.55
C GLU A 145 -3.68 -5.47 9.77
N VAL A 146 -2.65 -4.62 9.86
CA VAL A 146 -1.40 -4.87 9.16
C VAL A 146 -0.62 -6.00 9.82
N LEU A 147 -0.35 -7.06 9.06
CA LEU A 147 0.39 -8.21 9.58
C LEU A 147 1.86 -7.87 9.75
N ASN A 148 2.39 -7.03 8.86
CA ASN A 148 3.78 -6.63 8.91
C ASN A 148 3.95 -5.17 8.51
N VAL A 149 5.00 -4.53 9.04
CA VAL A 149 5.26 -3.13 8.73
C VAL A 149 6.72 -2.92 8.33
N ILE A 150 6.93 -2.54 7.07
CA ILE A 150 8.27 -2.32 6.56
C ILE A 150 8.60 -0.83 6.54
N GLN A 151 9.69 -0.47 7.22
CA GLN A 151 10.11 0.93 7.28
C GLN A 151 10.47 1.46 5.90
N GLY A 152 11.49 0.86 5.28
CA GLY A 152 11.91 1.29 3.96
C GLY A 152 13.31 0.83 3.61
N ASN A 153 14.12 0.57 4.64
CA ASN A 153 15.49 0.12 4.45
C ASN A 153 15.53 -1.38 4.18
N THR A 154 14.38 -1.96 3.84
CA THR A 154 14.29 -3.37 3.56
C THR A 154 15.07 -3.74 2.30
N THR A 155 15.19 -5.04 2.04
CA THR A 155 15.91 -5.52 0.87
C THR A 155 14.96 -6.00 -0.21
N VAL A 156 15.30 -5.75 -1.47
CA VAL A 156 14.48 -6.15 -2.60
C VAL A 156 14.02 -7.60 -2.44
N ASP A 157 14.96 -8.50 -2.20
CA ASP A 157 14.66 -9.92 -2.03
C ASP A 157 13.59 -10.11 -0.95
N GLU A 158 13.74 -9.41 0.17
CA GLU A 158 12.80 -9.52 1.27
C GLU A 158 11.38 -9.19 0.80
N LEU A 159 11.25 -8.11 0.05
CA LEU A 159 9.94 -7.68 -0.46
C LEU A 159 9.18 -8.88 -1.04
N MET A 160 9.80 -9.56 -1.99
CA MET A 160 9.19 -10.72 -2.62
C MET A 160 8.66 -11.70 -1.57
N MET A 161 9.51 -12.03 -0.60
CA MET A 161 9.13 -12.95 0.47
C MET A 161 7.94 -12.41 1.25
N ARG A 162 8.00 -11.14 1.63
CA ARG A 162 6.93 -10.51 2.38
C ARG A 162 5.58 -10.76 1.73
N LEU A 163 5.46 -10.42 0.45
CA LEU A 163 4.23 -10.62 -0.28
C LEU A 163 3.85 -12.10 -0.34
N MET A 164 4.72 -12.90 -0.93
CA MET A 164 4.48 -14.34 -1.04
C MET A 164 3.95 -14.91 0.28
N ALA A 165 4.67 -14.65 1.36
CA ALA A 165 4.27 -15.12 2.67
C ALA A 165 2.86 -14.67 3.03
N ALA A 166 2.66 -13.35 3.07
CA ALA A 166 1.36 -12.77 3.40
C ALA A 166 0.23 -13.63 2.83
N MET A 167 0.46 -14.20 1.65
CA MET A 167 -0.54 -15.04 1.01
C MET A 167 -0.74 -16.33 1.77
N GLU A 168 0.28 -17.18 1.78
CA GLU A 168 0.23 -18.46 2.47
C GLU A 168 -0.28 -18.27 3.90
N ILE A 169 0.18 -17.21 4.56
CA ILE A 169 -0.24 -16.92 5.92
C ILE A 169 -1.74 -16.70 6.01
N PHE A 170 -2.25 -15.81 5.17
CA PHE A 170 -3.68 -15.52 5.15
C PHE A 170 -4.50 -16.78 5.32
N THR A 171 -4.37 -17.71 4.37
CA THR A 171 -5.10 -18.97 4.42
C THR A 171 -5.13 -19.53 5.83
N ALA A 172 -3.95 -19.64 6.45
CA ALA A 172 -3.85 -20.16 7.81
C ALA A 172 -4.60 -19.27 8.80
N GLN A 173 -4.35 -17.97 8.72
CA GLN A 173 -5.00 -17.01 9.61
C GLN A 173 -6.51 -17.17 9.58
N GLN A 174 -7.07 -17.25 8.37
CA GLN A 174 -8.50 -17.41 8.20
C GLN A 174 -8.99 -18.72 8.80
N GLN A 175 -10.21 -18.72 9.32
CA GLN A 175 -10.79 -19.91 9.93
C GLN A 175 -10.70 -21.10 8.97
N GLU A 176 -10.64 -22.30 9.55
CA GLU A 176 -10.54 -23.52 8.75
C GLU A 176 -11.69 -24.47 9.08
N ASP A 177 -12.61 -24.63 8.13
CA ASP A 177 -13.76 -25.51 8.31
C ASP A 177 -13.31 -26.91 8.70
N ILE A 178 -12.43 -27.49 7.88
CA ILE A 178 -11.93 -28.84 8.14
C ILE A 178 -10.96 -28.85 9.32
N GLU A 8 -20.70 4.64 -11.16
CA GLU A 8 -20.67 5.86 -11.97
C GLU A 8 -20.60 7.09 -11.08
N ASN A 9 -19.69 7.05 -10.11
CA ASN A 9 -19.51 8.17 -9.19
C ASN A 9 -18.13 8.82 -9.37
N ALA A 10 -17.95 9.98 -8.74
CA ALA A 10 -16.68 10.69 -8.83
C ALA A 10 -15.80 10.38 -7.63
N GLU A 11 -14.75 9.60 -7.86
CA GLU A 11 -13.83 9.22 -6.80
C GLU A 11 -13.00 10.43 -6.35
N ASN A 12 -13.32 10.96 -5.18
CA ASN A 12 -12.61 12.12 -4.64
C ASN A 12 -11.11 11.86 -4.61
N GLU A 13 -10.72 10.73 -4.04
CA GLU A 13 -9.30 10.36 -3.94
C GLU A 13 -8.74 10.03 -5.32
N GLY A 14 -9.49 9.28 -6.11
CA GLY A 14 -9.05 8.91 -7.43
C GLY A 14 -8.34 10.04 -8.14
N ASP A 15 -9.11 11.06 -8.54
CA ASP A 15 -8.55 12.21 -9.23
C ASP A 15 -7.15 12.54 -8.71
N ALA A 16 -7.04 12.69 -7.39
CA ALA A 16 -5.77 13.01 -6.76
C ALA A 16 -4.69 12.00 -7.17
N LEU A 17 -4.95 10.72 -6.91
CA LEU A 17 -4.01 9.67 -7.25
C LEU A 17 -3.64 9.73 -8.73
N LEU A 18 -4.64 9.93 -9.58
CA LEU A 18 -4.43 10.01 -11.03
C LEU A 18 -3.29 10.97 -11.36
N GLN A 19 -3.30 12.13 -10.70
CA GLN A 19 -2.27 13.13 -10.92
C GLN A 19 -0.89 12.60 -10.55
N PHE A 20 -0.79 11.99 -9.38
CA PHE A 20 0.47 11.43 -8.89
C PHE A 20 0.96 10.33 -9.82
N THR A 21 0.05 9.45 -10.23
CA THR A 21 0.40 8.35 -11.11
C THR A 21 0.86 8.87 -12.47
N ALA A 22 0.16 9.87 -12.99
CA ALA A 22 0.50 10.46 -14.28
C ALA A 22 1.86 11.14 -14.23
N GLU A 23 2.05 12.02 -13.25
CA GLU A 23 3.31 12.74 -13.10
C GLU A 23 4.45 11.76 -12.79
N PHE A 24 4.21 10.87 -11.84
CA PHE A 24 5.22 9.89 -11.44
C PHE A 24 5.66 9.05 -12.64
N SER A 25 4.69 8.58 -13.41
CA SER A 25 4.98 7.76 -14.58
C SER A 25 6.15 8.34 -15.38
N SER A 26 6.01 9.60 -15.79
CA SER A 26 7.05 10.27 -16.57
C SER A 26 8.25 10.59 -15.69
N ARG A 27 7.99 11.20 -14.54
CA ARG A 27 9.04 11.57 -13.61
C ARG A 27 10.07 10.45 -13.49
N TYR A 28 9.61 9.27 -13.08
CA TYR A 28 10.48 8.11 -12.92
C TYR A 28 10.53 7.28 -14.21
N GLY A 29 9.41 6.69 -14.57
CA GLY A 29 9.34 5.87 -15.76
C GLY A 29 8.00 5.18 -15.93
N ASP A 30 7.74 4.66 -17.12
CA ASP A 30 6.49 3.97 -17.39
C ASP A 30 6.37 2.70 -16.56
N CYS A 31 7.50 2.02 -16.35
CA CYS A 31 7.52 0.79 -15.57
C CYS A 31 7.11 1.05 -14.13
N HIS A 32 5.90 0.61 -13.78
CA HIS A 32 5.39 0.81 -12.43
C HIS A 32 4.14 -0.04 -12.20
N PRO A 33 3.88 -0.37 -10.93
CA PRO A 33 2.72 -1.17 -10.55
C PRO A 33 1.40 -0.43 -10.74
N VAL A 34 0.43 -1.08 -11.36
CA VAL A 34 -0.87 -0.49 -11.61
C VAL A 34 -1.53 -0.06 -10.30
N PHE A 35 -1.49 1.24 -10.01
CA PHE A 35 -2.08 1.77 -8.79
C PHE A 35 -3.60 1.89 -8.93
N PHE A 36 -4.32 1.25 -8.02
CA PHE A 36 -5.78 1.28 -8.03
C PHE A 36 -6.29 2.70 -7.84
N ILE A 37 -6.87 3.26 -8.89
CA ILE A 37 -7.40 4.62 -8.84
C ILE A 37 -8.68 4.67 -8.00
N GLY A 38 -8.55 5.15 -6.77
CA GLY A 38 -9.71 5.25 -5.89
C GLY A 38 -9.32 5.60 -4.46
N SER A 39 -10.25 5.39 -3.53
CA SER A 39 -10.00 5.69 -2.13
C SER A 39 -9.49 4.45 -1.39
N LEU A 40 -8.90 4.68 -0.23
CA LEU A 40 -8.37 3.58 0.59
C LEU A 40 -9.42 2.50 0.77
N GLU A 41 -10.66 2.90 1.01
CA GLU A 41 -11.75 1.95 1.22
C GLU A 41 -12.13 1.28 -0.10
N ALA A 42 -12.33 2.09 -1.14
CA ALA A 42 -12.68 1.57 -2.46
C ALA A 42 -11.79 0.40 -2.85
N ALA A 43 -10.48 0.58 -2.71
CA ALA A 43 -9.52 -0.46 -3.06
C ALA A 43 -9.80 -1.74 -2.27
N PHE A 44 -9.98 -1.60 -0.96
CA PHE A 44 -10.24 -2.75 -0.10
C PHE A 44 -11.33 -3.64 -0.70
N GLN A 45 -12.29 -3.00 -1.39
CA GLN A 45 -13.39 -3.74 -2.01
C GLN A 45 -12.87 -4.65 -3.12
N GLU A 46 -12.22 -4.06 -4.11
CA GLU A 46 -11.68 -4.82 -5.23
C GLU A 46 -10.87 -6.02 -4.74
N ALA A 47 -10.49 -5.99 -3.46
CA ALA A 47 -9.72 -7.07 -2.86
C ALA A 47 -10.63 -8.04 -2.12
N PHE A 48 -11.49 -7.51 -1.26
CA PHE A 48 -12.40 -8.34 -0.48
C PHE A 48 -13.77 -8.38 -1.13
N TYR A 49 -14.44 -7.23 -1.18
CA TYR A 49 -15.77 -7.13 -1.77
C TYR A 49 -15.92 -8.10 -2.94
N VAL A 50 -14.85 -8.25 -3.72
CA VAL A 50 -14.86 -9.15 -4.86
C VAL A 50 -15.32 -10.54 -4.47
N LYS A 51 -15.38 -11.43 -5.45
CA LYS A 51 -15.82 -12.80 -5.21
C LYS A 51 -14.70 -13.63 -4.57
N ALA A 52 -15.08 -14.60 -3.75
CA ALA A 52 -14.10 -15.45 -3.08
C ALA A 52 -12.96 -15.81 -4.02
N ARG A 53 -13.29 -16.12 -5.26
CA ARG A 53 -12.28 -16.49 -6.25
C ARG A 53 -11.43 -15.27 -6.63
N ASP A 54 -12.05 -14.10 -6.63
CA ASP A 54 -11.35 -12.87 -6.97
C ASP A 54 -10.87 -12.15 -5.71
N ARG A 55 -10.81 -12.89 -4.61
CA ARG A 55 -10.37 -12.32 -3.33
C ARG A 55 -8.88 -11.95 -3.39
N LYS A 56 -8.51 -10.93 -2.63
CA LYS A 56 -7.12 -10.48 -2.60
C LYS A 56 -6.86 -9.61 -1.37
N LEU A 57 -5.61 -9.21 -1.18
CA LEU A 57 -5.23 -8.39 -0.04
C LEU A 57 -4.77 -7.00 -0.50
N LEU A 58 -4.91 -6.02 0.37
CA LEU A 58 -4.50 -4.65 0.06
C LEU A 58 -3.22 -4.28 0.79
N ALA A 59 -2.46 -3.36 0.21
CA ALA A 59 -1.21 -2.91 0.82
C ALA A 59 -0.94 -1.44 0.50
N ILE A 60 -0.99 -0.60 1.52
CA ILE A 60 -0.74 0.83 1.35
C ILE A 60 0.75 1.14 1.38
N TYR A 61 1.24 1.79 0.32
CA TYR A 61 2.64 2.15 0.22
C TYR A 61 2.84 3.64 0.42
N LEU A 62 3.28 4.03 1.62
CA LEU A 62 3.52 5.43 1.93
C LEU A 62 4.68 5.99 1.13
N HIS A 63 4.49 7.18 0.58
CA HIS A 63 5.53 7.84 -0.23
C HIS A 63 5.84 9.23 0.32
N HIS A 64 7.05 9.41 0.79
CA HIS A 64 7.48 10.69 1.34
C HIS A 64 8.64 11.28 0.54
N ASP A 65 8.33 12.25 -0.31
CA ASP A 65 9.35 12.88 -1.14
C ASP A 65 10.53 13.34 -0.30
N GLU A 66 10.26 14.15 0.71
CA GLU A 66 11.30 14.66 1.60
C GLU A 66 12.35 13.58 1.86
N SER A 67 11.90 12.34 1.99
CA SER A 67 12.79 11.22 2.27
C SER A 67 13.74 10.99 1.09
N VAL A 68 14.86 10.34 1.36
CA VAL A 68 15.85 10.04 0.32
C VAL A 68 15.69 8.62 -0.20
N LEU A 69 15.08 7.76 0.61
CA LEU A 69 14.87 6.38 0.22
C LEU A 69 13.69 6.25 -0.75
N THR A 70 12.94 7.34 -0.91
CA THR A 70 11.79 7.36 -1.81
C THR A 70 12.24 7.41 -3.27
N ASN A 71 12.92 8.49 -3.64
CA ASN A 71 13.39 8.66 -5.01
C ASN A 71 14.03 7.38 -5.53
N VAL A 72 14.91 6.80 -4.71
CA VAL A 72 15.59 5.57 -5.09
C VAL A 72 14.63 4.38 -5.08
N PHE A 73 13.99 4.14 -3.94
CA PHE A 73 13.05 3.05 -3.81
C PHE A 73 11.98 3.11 -4.91
N CYS A 74 11.89 4.26 -5.57
CA CYS A 74 10.92 4.45 -6.64
C CYS A 74 11.38 3.78 -7.92
N SER A 75 12.59 4.12 -8.36
CA SER A 75 13.15 3.55 -9.57
C SER A 75 14.05 2.36 -9.26
N GLN A 76 14.24 2.09 -7.97
CA GLN A 76 15.07 0.98 -7.53
C GLN A 76 14.21 -0.22 -7.14
N MET A 77 13.20 0.02 -6.31
CA MET A 77 12.32 -1.03 -5.85
C MET A 77 11.04 -1.06 -6.68
N LEU A 78 10.21 -0.04 -6.53
CA LEU A 78 8.95 0.05 -7.27
C LEU A 78 9.14 -0.38 -8.71
N CYS A 79 10.37 -0.29 -9.19
CA CYS A 79 10.69 -0.68 -10.57
C CYS A 79 10.88 -2.19 -10.68
N ALA A 80 10.39 -2.92 -9.68
CA ALA A 80 10.50 -4.37 -9.68
C ALA A 80 9.41 -5.01 -10.54
N GLU A 81 9.79 -5.43 -11.74
CA GLU A 81 8.85 -6.07 -12.65
C GLU A 81 8.27 -7.35 -12.05
N SER A 82 9.11 -8.08 -11.33
CA SER A 82 8.69 -9.33 -10.70
C SER A 82 7.70 -9.05 -9.57
N ILE A 83 7.86 -7.91 -8.91
CA ILE A 83 6.96 -7.53 -7.82
C ILE A 83 5.67 -6.92 -8.34
N VAL A 84 5.78 -5.74 -8.93
CA VAL A 84 4.62 -5.04 -9.47
C VAL A 84 3.64 -6.02 -10.11
N SER A 85 4.18 -7.00 -10.84
CA SER A 85 3.35 -8.00 -11.50
C SER A 85 2.53 -8.79 -10.49
N TYR A 86 3.21 -9.37 -9.51
CA TYR A 86 2.54 -10.15 -8.47
C TYR A 86 1.78 -9.24 -7.52
N LEU A 87 2.49 -8.34 -6.87
CA LEU A 87 1.89 -7.41 -5.92
C LEU A 87 0.57 -6.88 -6.46
N SER A 88 0.49 -6.73 -7.78
CA SER A 88 -0.72 -6.23 -8.43
C SER A 88 -1.67 -7.37 -8.78
N GLN A 89 -1.10 -8.50 -9.16
CA GLN A 89 -1.88 -9.68 -9.53
C GLN A 89 -2.57 -10.28 -8.31
N ASN A 90 -1.77 -10.65 -7.31
CA ASN A 90 -2.30 -11.24 -6.08
C ASN A 90 -2.79 -10.15 -5.13
N PHE A 91 -1.98 -9.11 -4.96
CA PHE A 91 -2.33 -8.02 -4.07
C PHE A 91 -2.75 -6.79 -4.87
N ILE A 92 -3.19 -5.74 -4.16
CA ILE A 92 -3.62 -4.51 -4.81
C ILE A 92 -2.63 -3.38 -4.56
N THR A 93 -2.13 -2.80 -5.65
CA THR A 93 -1.17 -1.70 -5.56
C THR A 93 -1.87 -0.39 -5.23
N TRP A 94 -1.52 0.19 -4.08
CA TRP A 94 -2.11 1.45 -3.65
C TRP A 94 -1.07 2.31 -2.95
N ALA A 95 -0.78 3.47 -3.54
CA ALA A 95 0.19 4.39 -2.97
C ALA A 95 -0.47 5.71 -2.57
N TRP A 96 0.15 6.41 -1.63
CA TRP A 96 -0.37 7.69 -1.15
C TRP A 96 0.75 8.66 -0.84
N ASP A 97 0.55 9.93 -1.21
CA ASP A 97 1.56 10.96 -0.96
C ASP A 97 1.26 11.71 0.34
N LEU A 98 2.22 11.70 1.25
CA LEU A 98 2.06 12.38 2.54
C LEU A 98 2.79 13.72 2.53
N THR A 99 3.76 13.86 1.64
CA THR A 99 4.53 15.09 1.54
C THR A 99 3.67 16.31 1.87
N LYS A 100 2.45 16.33 1.34
CA LYS A 100 1.53 17.44 1.57
C LYS A 100 1.03 17.42 3.02
N ASP A 101 1.32 18.50 3.74
CA ASP A 101 0.90 18.61 5.14
C ASP A 101 -0.59 18.32 5.28
N SER A 102 -1.40 19.10 4.58
CA SER A 102 -2.86 18.94 4.63
C SER A 102 -3.23 17.46 4.49
N ASN A 103 -2.46 16.73 3.71
CA ASN A 103 -2.72 15.31 3.49
C ASN A 103 -2.25 14.48 4.68
N ARG A 104 -1.00 14.71 5.10
CA ARG A 104 -0.42 13.98 6.22
C ARG A 104 -1.49 13.68 7.27
N ALA A 105 -2.20 14.72 7.70
CA ALA A 105 -3.25 14.56 8.71
C ALA A 105 -4.32 13.59 8.22
N ARG A 106 -4.75 13.76 6.97
CA ARG A 106 -5.78 12.90 6.40
C ARG A 106 -5.48 11.44 6.67
N PHE A 107 -4.42 10.92 6.05
CA PHE A 107 -4.03 9.53 6.22
C PHE A 107 -4.18 9.11 7.68
N LEU A 108 -3.55 9.86 8.58
CA LEU A 108 -3.60 9.56 10.00
C LEU A 108 -5.05 9.49 10.48
N THR A 109 -5.88 10.41 10.01
CA THR A 109 -7.28 10.45 10.39
C THR A 109 -8.06 9.29 9.77
N MET A 110 -8.15 9.29 8.44
CA MET A 110 -8.86 8.23 7.72
C MET A 110 -8.41 6.85 8.21
N CYS A 111 -7.11 6.69 8.38
CA CYS A 111 -6.55 5.42 8.84
C CYS A 111 -7.24 4.95 10.11
N ASN A 112 -7.15 5.75 11.16
CA ASN A 112 -7.77 5.42 12.44
C ASN A 112 -9.13 4.76 12.23
N ARG A 113 -9.89 5.27 11.26
CA ARG A 113 -11.21 4.72 10.97
C ARG A 113 -11.14 3.22 10.73
N HIS A 114 -10.13 2.79 9.97
CA HIS A 114 -9.95 1.37 9.68
C HIS A 114 -8.96 0.73 10.64
N PHE A 115 -7.69 1.13 10.54
CA PHE A 115 -6.65 0.61 11.41
C PHE A 115 -6.88 1.02 12.85
N GLY A 116 -6.73 2.31 13.13
CA GLY A 116 -6.93 2.81 14.48
C GLY A 116 -5.95 3.92 14.83
N SER A 117 -6.01 4.38 16.08
CA SER A 117 -5.14 5.45 16.53
C SER A 117 -3.75 4.91 16.87
N VAL A 118 -3.72 3.83 17.65
CA VAL A 118 -2.46 3.21 18.05
C VAL A 118 -1.55 3.00 16.84
N VAL A 119 -2.08 2.31 15.83
CA VAL A 119 -1.31 2.03 14.62
C VAL A 119 -0.88 3.33 13.94
N ALA A 120 -1.82 4.26 13.78
CA ALA A 120 -1.53 5.53 13.14
C ALA A 120 -0.37 6.24 13.82
N GLN A 121 -0.51 6.47 15.13
CA GLN A 121 0.53 7.13 15.90
C GLN A 121 1.92 6.69 15.44
N THR A 122 2.16 5.38 15.52
CA THR A 122 3.45 4.82 15.11
C THR A 122 3.90 5.39 13.78
N ILE A 123 2.97 5.52 12.85
CA ILE A 123 3.28 6.06 11.53
C ILE A 123 3.74 7.51 11.61
N ARG A 124 3.08 8.28 12.47
CA ARG A 124 3.42 9.69 12.66
C ARG A 124 4.81 9.83 13.26
N THR A 125 5.21 8.84 14.06
CA THR A 125 6.51 8.86 14.71
C THR A 125 7.61 8.39 13.77
N GLN A 126 7.23 8.15 12.51
CA GLN A 126 8.19 7.70 11.51
C GLN A 126 8.92 8.87 10.88
N LYS A 127 10.20 9.00 11.19
CA LYS A 127 11.02 10.09 10.65
C LYS A 127 10.93 10.13 9.13
N THR A 128 11.46 11.20 8.55
CA THR A 128 11.45 11.36 7.10
C THR A 128 12.20 10.23 6.41
N ASP A 129 13.52 10.19 6.62
CA ASP A 129 14.35 9.16 6.02
C ASP A 129 13.62 7.81 5.99
N GLN A 130 13.08 7.42 7.14
CA GLN A 130 12.36 6.15 7.24
C GLN A 130 11.56 5.87 5.97
N PHE A 131 10.72 6.83 5.58
CA PHE A 131 9.90 6.68 4.39
C PHE A 131 10.76 6.32 3.18
N PRO A 132 10.14 5.67 2.19
CA PRO A 132 8.71 5.31 2.24
C PRO A 132 8.42 4.22 3.27
N LEU A 133 7.16 3.81 3.35
CA LEU A 133 6.75 2.77 4.29
C LEU A 133 5.70 1.86 3.68
N PHE A 134 6.11 0.66 3.30
CA PHE A 134 5.20 -0.31 2.70
C PHE A 134 4.56 -1.20 3.77
N LEU A 135 3.24 -1.14 3.86
CA LEU A 135 2.51 -1.94 4.85
C LEU A 135 1.63 -2.98 4.16
N ILE A 136 1.48 -4.13 4.80
CA ILE A 136 0.66 -5.21 4.25
C ILE A 136 -0.55 -5.48 5.13
N ILE A 137 -1.73 -5.47 4.52
CA ILE A 137 -2.97 -5.73 5.24
C ILE A 137 -3.72 -6.92 4.66
N MET A 138 -4.21 -7.80 5.53
CA MET A 138 -4.94 -8.98 5.11
C MET A 138 -6.38 -8.93 5.62
N GLY A 139 -6.58 -8.34 6.79
CA GLY A 139 -7.90 -8.24 7.37
C GLY A 139 -8.94 -7.78 6.36
N LYS A 140 -10.20 -7.76 6.77
CA LYS A 140 -11.29 -7.35 5.90
C LYS A 140 -11.80 -5.96 6.29
N ARG A 141 -12.77 -5.46 5.54
CA ARG A 141 -13.34 -4.14 5.81
C ARG A 141 -13.60 -3.96 7.31
N SER A 142 -14.21 -4.96 7.92
CA SER A 142 -14.52 -4.91 9.34
C SER A 142 -13.24 -4.86 10.18
N SER A 143 -12.46 -5.93 10.13
CA SER A 143 -11.22 -6.01 10.88
C SER A 143 -10.01 -5.84 9.95
N ASN A 144 -9.19 -4.85 10.25
CA ASN A 144 -8.00 -4.58 9.46
C ASN A 144 -6.76 -4.44 10.34
N GLU A 145 -5.66 -5.06 9.91
CA GLU A 145 -4.42 -5.00 10.67
C GLU A 145 -3.22 -5.26 9.76
N VAL A 146 -2.11 -4.57 10.03
CA VAL A 146 -0.90 -4.72 9.24
C VAL A 146 -0.13 -5.98 9.64
N LEU A 147 0.05 -6.89 8.69
CA LEU A 147 0.77 -8.12 8.95
C LEU A 147 2.27 -7.87 9.10
N ASN A 148 2.79 -6.92 8.33
CA ASN A 148 4.20 -6.58 8.38
C ASN A 148 4.41 -5.09 8.12
N VAL A 149 5.49 -4.54 8.66
CA VAL A 149 5.80 -3.12 8.48
C VAL A 149 7.26 -2.93 8.08
N ILE A 150 7.47 -2.61 6.80
CA ILE A 150 8.81 -2.40 6.28
C ILE A 150 9.21 -0.92 6.38
N GLN A 151 10.48 -0.69 6.75
CA GLN A 151 10.98 0.67 6.88
C GLN A 151 11.29 1.28 5.51
N GLY A 152 12.07 0.55 4.71
CA GLY A 152 12.43 1.03 3.39
C GLY A 152 13.87 0.74 3.05
N ASN A 153 14.71 0.61 4.07
CA ASN A 153 16.13 0.35 3.88
C ASN A 153 16.36 -1.10 3.48
N THR A 154 15.27 -1.86 3.38
CA THR A 154 15.35 -3.27 3.00
C THR A 154 15.68 -3.43 1.52
N THR A 155 15.95 -4.67 1.11
CA THR A 155 16.28 -4.95 -0.29
C THR A 155 15.01 -5.22 -1.09
N VAL A 156 14.96 -4.66 -2.30
CA VAL A 156 13.80 -4.84 -3.17
C VAL A 156 13.33 -6.29 -3.16
N ASP A 157 14.27 -7.22 -3.01
CA ASP A 157 13.94 -8.63 -2.98
C ASP A 157 13.17 -8.98 -1.71
N GLU A 158 13.61 -8.44 -0.58
CA GLU A 158 12.95 -8.70 0.69
C GLU A 158 11.45 -8.37 0.61
N LEU A 159 11.14 -7.23 0.02
CA LEU A 159 9.75 -6.80 -0.12
C LEU A 159 8.88 -7.92 -0.64
N MET A 160 9.36 -8.60 -1.69
CA MET A 160 8.62 -9.71 -2.29
C MET A 160 8.15 -10.68 -1.22
N MET A 161 9.10 -11.22 -0.45
CA MET A 161 8.77 -12.17 0.61
C MET A 161 7.67 -11.62 1.52
N ARG A 162 7.92 -10.44 2.08
CA ARG A 162 6.96 -9.81 2.98
C ARG A 162 5.54 -10.05 2.50
N LEU A 163 5.28 -9.75 1.23
CA LEU A 163 3.96 -9.94 0.65
C LEU A 163 3.50 -11.39 0.78
N MET A 164 4.32 -12.30 0.28
CA MET A 164 4.00 -13.72 0.34
C MET A 164 3.64 -14.14 1.76
N ALA A 165 4.50 -13.78 2.71
CA ALA A 165 4.27 -14.11 4.11
C ALA A 165 2.82 -13.88 4.50
N ALA A 166 2.29 -12.71 4.16
CA ALA A 166 0.90 -12.38 4.47
C ALA A 166 -0.05 -13.42 3.90
N MET A 167 0.28 -13.94 2.73
CA MET A 167 -0.56 -14.95 2.08
C MET A 167 -0.46 -16.28 2.80
N GLU A 168 0.75 -16.79 2.94
CA GLU A 168 0.98 -18.07 3.62
C GLU A 168 0.22 -18.12 4.94
N ILE A 169 0.23 -17.00 5.67
CA ILE A 169 -0.46 -16.93 6.95
C ILE A 169 -1.96 -16.76 6.76
N PHE A 170 -2.34 -15.79 5.94
CA PHE A 170 -3.75 -15.53 5.67
C PHE A 170 -4.52 -16.84 5.43
N THR A 171 -4.00 -17.65 4.51
CA THR A 171 -4.63 -18.92 4.19
C THR A 171 -4.88 -19.74 5.45
N ALA A 172 -4.06 -19.53 6.46
CA ALA A 172 -4.19 -20.25 7.72
C ALA A 172 -5.10 -19.50 8.68
N GLN A 173 -5.01 -18.18 8.67
CA GLN A 173 -5.83 -17.35 9.55
C GLN A 173 -7.31 -17.54 9.25
N GLN A 174 -7.66 -17.61 7.98
CA GLN A 174 -9.05 -17.79 7.57
C GLN A 174 -9.61 -19.09 8.14
N GLN A 175 -10.94 -19.19 8.18
CA GLN A 175 -11.60 -20.38 8.70
C GLN A 175 -12.08 -21.28 7.56
N GLU A 176 -11.75 -22.56 7.65
CA GLU A 176 -12.14 -23.53 6.64
C GLU A 176 -13.65 -23.78 6.68
N ASP A 177 -14.13 -24.20 7.84
CA ASP A 177 -15.56 -24.48 8.02
C ASP A 177 -16.41 -23.29 7.59
N ILE A 178 -16.21 -22.16 8.26
CA ILE A 178 -16.96 -20.95 7.94
C ILE A 178 -16.60 -20.42 6.56
N GLU A 8 -19.07 5.12 4.04
CA GLU A 8 -18.69 5.15 2.64
C GLU A 8 -18.11 6.52 2.27
N ASN A 9 -17.13 6.51 1.37
CA ASN A 9 -16.48 7.75 0.93
C ASN A 9 -16.75 8.00 -0.55
N ALA A 10 -16.34 9.17 -1.03
CA ALA A 10 -16.53 9.54 -2.43
C ALA A 10 -15.37 9.08 -3.28
N GLU A 11 -15.56 9.05 -4.60
CA GLU A 11 -14.52 8.63 -5.53
C GLU A 11 -13.53 9.77 -5.79
N ASN A 12 -13.58 10.79 -4.94
CA ASN A 12 -12.69 11.94 -5.09
C ASN A 12 -11.23 11.50 -5.08
N GLU A 13 -10.82 10.83 -4.02
CA GLU A 13 -9.45 10.36 -3.88
C GLU A 13 -8.88 9.94 -5.24
N GLY A 14 -9.65 9.13 -5.97
CA GLY A 14 -9.20 8.67 -7.28
C GLY A 14 -8.54 9.78 -8.07
N ASP A 15 -9.29 10.81 -8.41
CA ASP A 15 -8.77 11.93 -9.18
C ASP A 15 -7.36 12.29 -8.73
N ALA A 16 -7.21 12.62 -7.44
CA ALA A 16 -5.91 12.98 -6.88
C ALA A 16 -4.84 11.97 -7.30
N LEU A 17 -5.15 10.69 -7.15
CA LEU A 17 -4.21 9.63 -7.52
C LEU A 17 -3.91 9.65 -9.01
N LEU A 18 -4.96 9.61 -9.82
CA LEU A 18 -4.82 9.64 -11.27
C LEU A 18 -3.73 10.61 -11.69
N GLN A 19 -3.68 11.77 -11.04
CA GLN A 19 -2.69 12.79 -11.34
C GLN A 19 -1.29 12.31 -10.98
N PHE A 20 -1.17 11.70 -9.80
CA PHE A 20 0.12 11.20 -9.33
C PHE A 20 0.59 10.04 -10.20
N THR A 21 -0.33 9.14 -10.54
CA THR A 21 0.00 7.98 -11.35
C THR A 21 0.59 8.40 -12.70
N ALA A 22 -0.13 9.27 -13.41
CA ALA A 22 0.34 9.75 -14.70
C ALA A 22 1.70 10.43 -14.58
N GLU A 23 1.76 11.50 -13.78
CA GLU A 23 3.00 12.23 -13.59
C GLU A 23 4.13 11.29 -13.18
N PHE A 24 3.82 10.35 -12.29
CA PHE A 24 4.81 9.39 -11.81
C PHE A 24 5.31 8.51 -12.96
N SER A 25 4.39 8.03 -13.78
CA SER A 25 4.74 7.17 -14.91
C SER A 25 5.90 7.77 -15.70
N SER A 26 5.75 9.04 -16.07
CA SER A 26 6.78 9.74 -16.83
C SER A 26 7.96 10.12 -15.93
N ARG A 27 7.65 10.70 -14.78
CA ARG A 27 8.67 11.13 -13.83
C ARG A 27 9.69 10.02 -13.62
N TYR A 28 9.25 8.88 -13.09
CA TYR A 28 10.12 7.75 -12.83
C TYR A 28 10.19 6.82 -14.04
N GLY A 29 9.07 6.17 -14.32
CA GLY A 29 9.01 5.26 -15.45
C GLY A 29 7.73 4.44 -15.48
N ASP A 30 7.71 3.41 -16.31
CA ASP A 30 6.53 2.55 -16.42
C ASP A 30 6.74 1.25 -15.66
N CYS A 31 7.90 1.12 -15.03
CA CYS A 31 8.23 -0.07 -14.26
C CYS A 31 7.60 -0.03 -12.88
N HIS A 32 6.61 0.85 -12.71
CA HIS A 32 5.93 1.00 -11.43
C HIS A 32 4.67 0.14 -11.38
N PRO A 33 4.27 -0.25 -10.16
CA PRO A 33 3.09 -1.09 -9.94
C PRO A 33 1.79 -0.34 -10.23
N VAL A 34 0.84 -1.02 -10.87
CA VAL A 34 -0.44 -0.42 -11.20
C VAL A 34 -1.22 -0.04 -9.95
N PHE A 35 -1.43 1.26 -9.77
CA PHE A 35 -2.16 1.75 -8.60
C PHE A 35 -3.66 1.73 -8.85
N PHE A 36 -4.41 1.35 -7.82
CA PHE A 36 -5.87 1.29 -7.93
C PHE A 36 -6.48 2.68 -7.93
N ILE A 37 -7.20 3.00 -9.00
CA ILE A 37 -7.84 4.31 -9.13
C ILE A 37 -9.16 4.35 -8.36
N GLY A 38 -9.21 5.19 -7.33
CA GLY A 38 -10.42 5.31 -6.54
C GLY A 38 -10.13 5.63 -5.08
N SER A 39 -11.08 5.31 -4.21
CA SER A 39 -10.93 5.56 -2.78
C SER A 39 -10.45 4.31 -2.05
N LEU A 40 -9.75 4.50 -0.94
CA LEU A 40 -9.24 3.39 -0.15
C LEU A 40 -10.35 2.39 0.16
N GLU A 41 -11.49 2.92 0.58
CA GLU A 41 -12.64 2.07 0.92
C GLU A 41 -12.81 0.96 -0.09
N ALA A 42 -12.79 1.32 -1.37
CA ALA A 42 -12.95 0.34 -2.45
C ALA A 42 -11.78 -0.64 -2.47
N ALA A 43 -10.56 -0.09 -2.56
CA ALA A 43 -9.37 -0.92 -2.59
C ALA A 43 -9.52 -2.15 -1.71
N PHE A 44 -10.31 -2.01 -0.64
CA PHE A 44 -10.53 -3.10 0.29
C PHE A 44 -11.41 -4.19 -0.34
N GLN A 45 -12.60 -3.78 -0.78
CA GLN A 45 -13.53 -4.72 -1.41
C GLN A 45 -12.87 -5.44 -2.58
N GLU A 46 -12.05 -4.71 -3.34
CA GLU A 46 -11.36 -5.29 -4.49
C GLU A 46 -10.40 -6.40 -4.05
N ALA A 47 -10.16 -6.48 -2.75
CA ALA A 47 -9.27 -7.49 -2.21
C ALA A 47 -10.05 -8.70 -1.69
N PHE A 48 -10.97 -8.45 -0.76
CA PHE A 48 -11.79 -9.50 -0.19
C PHE A 48 -13.11 -9.63 -0.92
N TYR A 49 -13.97 -8.64 -0.74
CA TYR A 49 -15.28 -8.64 -1.38
C TYR A 49 -15.21 -9.27 -2.77
N VAL A 50 -14.07 -9.10 -3.43
CA VAL A 50 -13.87 -9.65 -4.77
C VAL A 50 -14.19 -11.14 -4.80
N LYS A 51 -14.22 -11.71 -5.99
CA LYS A 51 -14.50 -13.13 -6.16
C LYS A 51 -13.60 -13.98 -5.28
N ALA A 52 -14.11 -15.13 -4.84
CA ALA A 52 -13.33 -16.03 -3.99
C ALA A 52 -12.02 -16.41 -4.65
N ARG A 53 -12.06 -16.69 -5.94
CA ARG A 53 -10.87 -17.06 -6.69
C ARG A 53 -10.01 -15.84 -6.99
N ASP A 54 -10.67 -14.72 -7.31
CA ASP A 54 -9.97 -13.49 -7.62
C ASP A 54 -9.59 -12.74 -6.35
N ARG A 55 -9.61 -13.45 -5.23
CA ARG A 55 -9.27 -12.85 -3.94
C ARG A 55 -7.86 -12.27 -3.96
N LYS A 56 -7.67 -11.15 -3.29
CA LYS A 56 -6.38 -10.49 -3.22
C LYS A 56 -6.18 -9.79 -1.90
N LEU A 57 -4.99 -9.24 -1.68
CA LEU A 57 -4.67 -8.54 -0.45
C LEU A 57 -4.45 -7.05 -0.71
N LEU A 58 -4.36 -6.27 0.36
CA LEU A 58 -4.14 -4.83 0.26
C LEU A 58 -2.84 -4.42 0.93
N ALA A 59 -2.11 -3.52 0.28
CA ALA A 59 -0.84 -3.04 0.83
C ALA A 59 -0.74 -1.53 0.71
N ILE A 60 -0.71 -0.85 1.86
CA ILE A 60 -0.61 0.61 1.89
C ILE A 60 0.83 1.07 1.66
N TYR A 61 0.99 2.12 0.86
CA TYR A 61 2.31 2.66 0.56
C TYR A 61 2.32 4.17 0.72
N LEU A 62 3.25 4.67 1.55
CA LEU A 62 3.38 6.10 1.80
C LEU A 62 4.55 6.68 1.02
N HIS A 63 4.26 7.59 0.10
CA HIS A 63 5.30 8.23 -0.70
C HIS A 63 5.67 9.59 -0.12
N HIS A 64 6.97 9.86 -0.06
CA HIS A 64 7.47 11.13 0.47
C HIS A 64 8.69 11.60 -0.30
N ASP A 65 8.57 12.77 -0.93
CA ASP A 65 9.67 13.33 -1.71
C ASP A 65 10.86 13.64 -0.81
N GLU A 66 10.63 14.40 0.25
CA GLU A 66 11.69 14.76 1.18
C GLU A 66 12.57 13.55 1.51
N SER A 67 11.92 12.43 1.83
CA SER A 67 12.64 11.20 2.17
C SER A 67 13.54 10.77 1.02
N VAL A 68 14.84 10.74 1.28
CA VAL A 68 15.82 10.35 0.27
C VAL A 68 15.60 8.90 -0.17
N LEU A 69 15.09 8.08 0.74
CA LEU A 69 14.84 6.68 0.45
C LEU A 69 13.86 6.54 -0.72
N THR A 70 12.82 7.35 -0.72
CA THR A 70 11.83 7.31 -1.78
C THR A 70 12.47 7.53 -3.15
N ASN A 71 13.39 8.50 -3.22
CA ASN A 71 14.08 8.79 -4.47
C ASN A 71 14.56 7.52 -5.15
N VAL A 72 15.37 6.74 -4.44
CA VAL A 72 15.90 5.50 -4.97
C VAL A 72 14.84 4.40 -4.97
N PHE A 73 14.25 4.16 -3.80
CA PHE A 73 13.22 3.15 -3.66
C PHE A 73 12.30 3.12 -4.87
N CYS A 74 12.14 4.30 -5.50
CA CYS A 74 11.28 4.42 -6.67
C CYS A 74 11.87 3.66 -7.86
N SER A 75 13.14 3.91 -8.15
CA SER A 75 13.82 3.26 -9.26
C SER A 75 14.59 2.04 -8.79
N GLN A 76 14.55 1.79 -7.48
CA GLN A 76 15.24 0.65 -6.89
C GLN A 76 14.25 -0.45 -6.51
N MET A 77 13.18 -0.07 -5.83
CA MET A 77 12.17 -1.02 -5.42
C MET A 77 11.00 -1.04 -6.39
N LEU A 78 10.45 0.15 -6.67
CA LEU A 78 9.33 0.27 -7.59
C LEU A 78 9.78 0.15 -9.04
N CYS A 79 10.99 -0.39 -9.24
CA CYS A 79 11.54 -0.56 -10.57
C CYS A 79 11.44 -2.02 -11.03
N ALA A 80 11.57 -2.93 -10.07
CA ALA A 80 11.48 -4.36 -10.38
C ALA A 80 10.16 -4.70 -11.06
N GLU A 81 10.21 -4.89 -12.37
CA GLU A 81 9.01 -5.22 -13.14
C GLU A 81 8.34 -6.47 -12.60
N SER A 82 9.17 -7.46 -12.22
CA SER A 82 8.65 -8.71 -11.68
C SER A 82 7.90 -8.49 -10.38
N ILE A 83 8.47 -7.66 -9.51
CA ILE A 83 7.87 -7.36 -8.23
C ILE A 83 6.60 -6.53 -8.40
N VAL A 84 6.77 -5.31 -8.92
CA VAL A 84 5.64 -4.42 -9.14
C VAL A 84 4.47 -5.16 -9.78
N SER A 85 4.77 -6.14 -10.62
CA SER A 85 3.75 -6.93 -11.29
C SER A 85 3.16 -7.97 -10.35
N TYR A 86 4.03 -8.65 -9.61
CA TYR A 86 3.59 -9.67 -8.67
C TYR A 86 2.71 -9.08 -7.58
N LEU A 87 3.11 -7.93 -7.06
CA LEU A 87 2.35 -7.25 -6.01
C LEU A 87 0.99 -6.81 -6.54
N SER A 88 1.00 -6.09 -7.65
CA SER A 88 -0.24 -5.60 -8.25
C SER A 88 -1.14 -6.75 -8.66
N GLN A 89 -0.56 -7.78 -9.27
CA GLN A 89 -1.31 -8.95 -9.70
C GLN A 89 -1.97 -9.64 -8.51
N ASN A 90 -1.15 -10.11 -7.58
CA ASN A 90 -1.65 -10.80 -6.40
C ASN A 90 -2.25 -9.80 -5.41
N PHE A 91 -1.40 -8.90 -4.91
CA PHE A 91 -1.84 -7.90 -3.94
C PHE A 91 -2.40 -6.67 -4.66
N ILE A 92 -2.90 -5.72 -3.87
CA ILE A 92 -3.47 -4.50 -4.43
C ILE A 92 -2.58 -3.29 -4.13
N THR A 93 -1.86 -2.82 -5.14
CA THR A 93 -0.99 -1.67 -4.97
C THR A 93 -1.79 -0.38 -4.76
N TRP A 94 -1.50 0.32 -3.66
CA TRP A 94 -2.20 1.56 -3.35
C TRP A 94 -1.24 2.57 -2.73
N ALA A 95 -0.92 3.61 -3.48
CA ALA A 95 -0.01 4.65 -3.00
C ALA A 95 -0.78 5.88 -2.55
N TRP A 96 -0.17 6.67 -1.68
CA TRP A 96 -0.80 7.88 -1.17
C TRP A 96 0.25 8.90 -0.74
N ASP A 97 0.31 10.02 -1.46
CA ASP A 97 1.26 11.07 -1.15
C ASP A 97 0.78 11.92 0.03
N LEU A 98 1.43 11.77 1.17
CA LEU A 98 1.07 12.53 2.36
C LEU A 98 2.13 13.58 2.69
N THR A 99 2.97 13.89 1.71
CA THR A 99 4.02 14.88 1.88
C THR A 99 3.47 16.17 2.50
N LYS A 100 2.60 16.86 1.75
CA LYS A 100 2.00 18.09 2.23
C LYS A 100 1.26 17.87 3.54
N ASP A 101 1.26 18.89 4.39
CA ASP A 101 0.59 18.81 5.69
C ASP A 101 -0.85 18.37 5.52
N SER A 102 -1.59 19.09 4.67
CA SER A 102 -3.00 18.78 4.44
C SER A 102 -3.24 17.27 4.46
N ASN A 103 -2.59 16.56 3.52
CA ASN A 103 -2.73 15.11 3.43
C ASN A 103 -2.08 14.43 4.64
N ARG A 104 -0.89 14.89 5.00
CA ARG A 104 -0.17 14.32 6.14
C ARG A 104 -1.12 13.92 7.25
N ALA A 105 -1.87 14.89 7.76
CA ALA A 105 -2.83 14.64 8.83
C ALA A 105 -3.99 13.79 8.33
N ARG A 106 -4.61 14.21 7.24
CA ARG A 106 -5.73 13.49 6.65
C ARG A 106 -5.52 11.98 6.76
N PHE A 107 -4.42 11.50 6.17
CA PHE A 107 -4.10 10.08 6.19
C PHE A 107 -4.21 9.52 7.61
N LEU A 108 -3.52 10.18 8.55
CA LEU A 108 -3.54 9.74 9.95
C LEU A 108 -4.96 9.70 10.48
N THR A 109 -5.73 10.74 10.19
CA THR A 109 -7.11 10.83 10.66
C THR A 109 -7.93 9.64 10.17
N MET A 110 -7.91 9.41 8.86
CA MET A 110 -8.64 8.29 8.27
C MET A 110 -8.10 6.95 8.76
N CYS A 111 -6.78 6.89 8.95
CA CYS A 111 -6.13 5.67 9.42
C CYS A 111 -6.79 5.16 10.70
N ASN A 112 -7.13 6.09 11.59
CA ASN A 112 -7.76 5.75 12.86
C ASN A 112 -9.12 5.08 12.62
N ARG A 113 -9.80 5.50 11.57
CA ARG A 113 -11.12 4.95 11.23
C ARG A 113 -10.96 3.63 10.47
N HIS A 114 -10.25 3.68 9.35
CA HIS A 114 -10.04 2.50 8.53
C HIS A 114 -9.44 1.36 9.35
N PHE A 115 -8.20 1.53 9.79
CA PHE A 115 -7.52 0.52 10.58
C PHE A 115 -7.67 0.81 12.07
N GLY A 116 -7.04 1.89 12.53
CA GLY A 116 -7.12 2.26 13.94
C GLY A 116 -6.02 3.21 14.34
N SER A 117 -6.23 3.91 15.46
CA SER A 117 -5.25 4.86 15.96
C SER A 117 -3.89 4.20 16.12
N VAL A 118 -3.87 3.02 16.73
CA VAL A 118 -2.63 2.29 16.96
C VAL A 118 -1.74 2.34 15.72
N VAL A 119 -2.28 1.91 14.59
CA VAL A 119 -1.54 1.90 13.34
C VAL A 119 -0.98 3.28 13.03
N ALA A 120 -1.86 4.27 12.95
CA ALA A 120 -1.45 5.64 12.66
C ALA A 120 -0.21 6.02 13.47
N GLN A 121 -0.30 5.87 14.79
CA GLN A 121 0.81 6.20 15.67
C GLN A 121 2.11 5.57 15.18
N THR A 122 2.02 4.32 14.73
CA THR A 122 3.18 3.61 14.22
C THR A 122 3.92 4.43 13.17
N ILE A 123 3.16 5.08 12.30
CA ILE A 123 3.75 5.90 11.24
C ILE A 123 4.14 7.28 11.77
N ARG A 124 3.28 7.86 12.59
CA ARG A 124 3.54 9.18 13.16
C ARG A 124 4.85 9.18 13.95
N THR A 125 5.09 8.10 14.69
CA THR A 125 6.30 7.98 15.49
C THR A 125 7.53 7.79 14.61
N GLN A 126 7.32 7.20 13.43
CA GLN A 126 8.41 6.97 12.49
C GLN A 126 9.02 8.29 12.03
N LYS A 127 10.31 8.27 11.69
CA LYS A 127 10.99 9.47 11.22
C LYS A 127 10.71 9.71 9.74
N THR A 128 11.01 10.93 9.29
CA THR A 128 10.78 11.30 7.89
C THR A 128 11.56 10.40 6.95
N ASP A 129 12.88 10.32 7.17
CA ASP A 129 13.75 9.49 6.35
C ASP A 129 13.18 8.08 6.21
N GLN A 130 12.84 7.48 7.34
CA GLN A 130 12.29 6.13 7.34
C GLN A 130 11.43 5.88 6.11
N PHE A 131 10.61 6.86 5.76
CA PHE A 131 9.73 6.75 4.60
C PHE A 131 10.53 6.36 3.35
N PRO A 132 9.85 5.76 2.37
CA PRO A 132 8.41 5.48 2.46
C PRO A 132 8.09 4.40 3.48
N LEU A 133 6.82 4.05 3.59
CA LEU A 133 6.39 3.01 4.53
C LEU A 133 5.43 2.04 3.87
N PHE A 134 5.91 0.82 3.63
CA PHE A 134 5.10 -0.21 3.00
C PHE A 134 4.46 -1.12 4.05
N LEU A 135 3.14 -1.02 4.18
CA LEU A 135 2.40 -1.82 5.15
C LEU A 135 1.49 -2.82 4.44
N ILE A 136 1.20 -3.93 5.11
CA ILE A 136 0.34 -4.96 4.55
C ILE A 136 -0.83 -5.26 5.47
N ILE A 137 -2.05 -5.11 4.96
CA ILE A 137 -3.25 -5.36 5.74
C ILE A 137 -3.94 -6.64 5.27
N MET A 138 -4.39 -7.44 6.22
CA MET A 138 -5.08 -8.69 5.91
C MET A 138 -6.23 -8.94 6.90
N GLY A 139 -7.37 -9.35 6.36
CA GLY A 139 -8.52 -9.62 7.21
C GLY A 139 -9.83 -9.17 6.57
N LYS A 140 -10.86 -9.02 7.39
CA LYS A 140 -12.16 -8.59 6.91
C LYS A 140 -12.42 -7.14 7.27
N ARG A 141 -13.25 -6.48 6.47
CA ARG A 141 -13.59 -5.07 6.70
C ARG A 141 -13.80 -4.81 8.19
N SER A 142 -14.54 -5.69 8.84
CA SER A 142 -14.82 -5.54 10.27
C SER A 142 -13.55 -5.65 11.08
N SER A 143 -12.87 -6.79 10.96
CA SER A 143 -11.63 -7.03 11.69
C SER A 143 -10.42 -6.99 10.75
N ASN A 144 -9.64 -5.92 10.86
CA ASN A 144 -8.46 -5.75 10.01
C ASN A 144 -7.32 -5.11 10.80
N GLU A 145 -6.10 -5.40 10.38
CA GLU A 145 -4.92 -4.86 11.05
C GLU A 145 -3.66 -5.09 10.21
N VAL A 146 -2.62 -4.31 10.49
CA VAL A 146 -1.36 -4.43 9.76
C VAL A 146 -0.55 -5.63 10.26
N LEU A 147 -0.37 -6.61 9.38
CA LEU A 147 0.38 -7.81 9.73
C LEU A 147 1.89 -7.56 9.66
N ASN A 148 2.35 -7.22 8.46
CA ASN A 148 3.77 -6.95 8.25
C ASN A 148 4.01 -5.46 8.05
N VAL A 149 5.14 -4.97 8.58
CA VAL A 149 5.49 -3.56 8.47
C VAL A 149 6.90 -3.39 7.91
N ILE A 150 6.98 -2.99 6.64
CA ILE A 150 8.27 -2.79 5.98
C ILE A 150 8.64 -1.31 5.94
N GLN A 151 9.88 -1.01 6.29
CA GLN A 151 10.36 0.36 6.29
C GLN A 151 11.06 0.70 4.97
N GLY A 152 11.15 1.99 4.67
CA GLY A 152 11.79 2.42 3.44
C GLY A 152 13.24 1.98 3.37
N ASN A 153 13.85 1.70 4.53
CA ASN A 153 15.24 1.27 4.59
C ASN A 153 15.36 -0.22 4.30
N THR A 154 14.31 -0.79 3.69
CA THR A 154 14.29 -2.21 3.36
C THR A 154 14.94 -2.46 2.01
N THR A 155 15.18 -3.73 1.70
CA THR A 155 15.80 -4.11 0.43
C THR A 155 14.76 -4.55 -0.58
N VAL A 156 14.96 -4.19 -1.85
CA VAL A 156 14.03 -4.56 -2.91
C VAL A 156 13.75 -6.06 -2.89
N ASP A 157 14.72 -6.84 -2.44
CA ASP A 157 14.56 -8.29 -2.36
C ASP A 157 13.56 -8.67 -1.28
N GLU A 158 13.78 -8.18 -0.07
CA GLU A 158 12.88 -8.47 1.04
C GLU A 158 11.42 -8.36 0.63
N LEU A 159 11.09 -7.29 -0.09
CA LEU A 159 9.73 -7.07 -0.56
C LEU A 159 9.11 -8.37 -1.08
N MET A 160 9.67 -8.88 -2.18
CA MET A 160 9.18 -10.12 -2.77
C MET A 160 8.93 -11.18 -1.71
N MET A 161 9.98 -11.50 -0.95
CA MET A 161 9.88 -12.50 0.12
C MET A 161 8.68 -12.20 1.02
N ARG A 162 8.71 -11.04 1.67
CA ARG A 162 7.63 -10.65 2.57
C ARG A 162 6.27 -10.95 1.96
N LEU A 163 6.08 -10.51 0.73
CA LEU A 163 4.81 -10.72 0.02
C LEU A 163 4.38 -12.19 0.12
N MET A 164 5.24 -13.08 -0.38
CA MET A 164 4.95 -14.52 -0.34
C MET A 164 4.47 -14.94 1.04
N ALA A 165 5.29 -14.66 2.06
CA ALA A 165 4.94 -15.01 3.43
C ALA A 165 3.50 -14.65 3.75
N ALA A 166 3.18 -13.36 3.64
CA ALA A 166 1.84 -12.88 3.91
C ALA A 166 0.78 -13.80 3.31
N MET A 167 1.03 -14.23 2.06
CA MET A 167 0.11 -15.12 1.38
C MET A 167 -0.09 -16.41 2.16
N GLU A 168 0.99 -16.95 2.71
CA GLU A 168 0.93 -18.18 3.49
C GLU A 168 -0.02 -18.02 4.67
N ILE A 169 0.32 -17.12 5.58
CA ILE A 169 -0.50 -16.88 6.76
C ILE A 169 -1.99 -16.92 6.42
N PHE A 170 -2.38 -16.15 5.41
CA PHE A 170 -3.76 -16.11 4.98
C PHE A 170 -4.40 -17.49 5.02
N THR A 171 -3.82 -18.42 4.27
CA THR A 171 -4.33 -19.79 4.23
C THR A 171 -4.40 -20.40 5.61
N ALA A 172 -3.53 -19.93 6.50
CA ALA A 172 -3.48 -20.44 7.87
C ALA A 172 -4.61 -19.85 8.70
N GLN A 173 -4.82 -18.54 8.57
CA GLN A 173 -5.88 -17.86 9.31
C GLN A 173 -7.23 -18.53 9.08
N GLN A 174 -7.49 -18.92 7.83
CA GLN A 174 -8.74 -19.56 7.48
C GLN A 174 -9.00 -20.77 8.39
N GLN A 175 -10.28 -21.03 8.67
CA GLN A 175 -10.65 -22.15 9.52
C GLN A 175 -10.95 -23.40 8.68
N GLU A 176 -11.00 -23.21 7.36
CA GLU A 176 -11.27 -24.32 6.45
C GLU A 176 -10.34 -25.49 6.71
N ASP A 177 -10.86 -26.51 7.39
CA ASP A 177 -10.08 -27.69 7.72
C ASP A 177 -9.20 -28.11 6.54
N ILE A 178 -9.81 -28.26 5.38
CA ILE A 178 -9.09 -28.66 4.17
C ILE A 178 -8.40 -27.45 3.54
N GLU A 8 -9.14 24.07 1.89
CA GLU A 8 -9.95 23.51 0.81
C GLU A 8 -9.96 21.99 0.87
N ASN A 9 -11.15 21.41 0.77
CA ASN A 9 -11.31 19.96 0.81
C ASN A 9 -11.77 19.42 -0.54
N ALA A 10 -10.99 18.48 -1.08
CA ALA A 10 -11.32 17.88 -2.37
C ALA A 10 -12.50 16.93 -2.26
N GLU A 11 -13.33 16.90 -3.29
CA GLU A 11 -14.51 16.04 -3.31
C GLU A 11 -14.32 14.88 -4.28
N ASN A 12 -13.09 14.67 -4.73
CA ASN A 12 -12.78 13.60 -5.65
C ASN A 12 -11.40 13.01 -5.37
N GLU A 13 -11.37 11.84 -4.75
CA GLU A 13 -10.12 11.18 -4.42
C GLU A 13 -9.47 10.58 -5.68
N GLY A 14 -10.24 9.77 -6.40
CA GLY A 14 -9.72 9.15 -7.60
C GLY A 14 -8.82 10.09 -8.39
N ASP A 15 -9.38 11.20 -8.85
CA ASP A 15 -8.62 12.18 -9.62
C ASP A 15 -7.29 12.49 -8.95
N ALA A 16 -7.34 12.76 -7.65
CA ALA A 16 -6.14 13.08 -6.88
C ALA A 16 -5.01 12.11 -7.22
N LEU A 17 -5.34 10.82 -7.29
CA LEU A 17 -4.35 9.80 -7.60
C LEU A 17 -3.95 9.85 -9.06
N LEU A 18 -4.94 10.01 -9.94
CA LEU A 18 -4.70 10.07 -11.37
C LEU A 18 -3.55 11.01 -11.68
N GLN A 19 -3.55 12.19 -11.05
CA GLN A 19 -2.50 13.17 -11.27
C GLN A 19 -1.13 12.60 -10.91
N PHE A 20 -0.97 12.20 -9.65
CA PHE A 20 0.28 11.62 -9.17
C PHE A 20 0.75 10.51 -10.10
N THR A 21 -0.07 9.47 -10.22
CA THR A 21 0.26 8.34 -11.07
C THR A 21 0.93 8.78 -12.36
N ALA A 22 0.27 9.66 -13.11
CA ALA A 22 0.82 10.16 -14.36
C ALA A 22 2.18 10.81 -14.14
N GLU A 23 2.27 11.67 -13.13
CA GLU A 23 3.52 12.36 -12.82
C GLU A 23 4.63 11.36 -12.55
N PHE A 24 4.46 10.55 -11.51
CA PHE A 24 5.46 9.55 -11.16
C PHE A 24 5.93 8.78 -12.38
N SER A 25 4.98 8.20 -13.11
CA SER A 25 5.29 7.43 -14.30
C SER A 25 6.44 8.07 -15.08
N SER A 26 6.21 9.28 -15.57
CA SER A 26 7.23 10.00 -16.34
C SER A 26 8.43 10.31 -15.46
N ARG A 27 8.18 10.83 -14.26
CA ARG A 27 9.24 11.17 -13.33
C ARG A 27 10.35 10.12 -13.36
N TYR A 28 9.99 8.89 -12.97
CA TYR A 28 10.95 7.79 -12.95
C TYR A 28 10.93 7.02 -14.26
N GLY A 29 9.79 6.41 -14.57
CA GLY A 29 9.66 5.64 -15.80
C GLY A 29 8.29 5.05 -15.97
N ASP A 30 7.99 4.60 -17.18
CA ASP A 30 6.69 4.00 -17.47
C ASP A 30 6.46 2.76 -16.60
N CYS A 31 7.47 1.93 -16.48
CA CYS A 31 7.37 0.70 -15.68
C CYS A 31 6.88 1.03 -14.27
N HIS A 32 5.71 0.53 -13.94
CA HIS A 32 5.12 0.77 -12.61
C HIS A 32 3.91 -0.14 -12.38
N PRO A 33 3.66 -0.46 -11.10
CA PRO A 33 2.53 -1.32 -10.71
C PRO A 33 1.18 -0.64 -10.94
N VAL A 34 0.24 -1.39 -11.53
CA VAL A 34 -1.09 -0.87 -11.80
C VAL A 34 -1.74 -0.34 -10.53
N PHE A 35 -1.87 0.98 -10.44
CA PHE A 35 -2.47 1.62 -9.28
C PHE A 35 -3.98 1.73 -9.45
N PHE A 36 -4.72 1.21 -8.47
CA PHE A 36 -6.18 1.25 -8.51
C PHE A 36 -6.69 2.67 -8.32
N ILE A 37 -7.42 3.17 -9.31
CA ILE A 37 -7.98 4.51 -9.26
C ILE A 37 -9.27 4.54 -8.45
N GLY A 38 -9.19 5.10 -7.25
CA GLY A 38 -10.37 5.19 -6.40
C GLY A 38 -10.02 5.56 -4.97
N SER A 39 -10.88 5.17 -4.03
CA SER A 39 -10.66 5.49 -2.63
C SER A 39 -10.17 4.25 -1.87
N LEU A 40 -9.36 4.47 -0.85
CA LEU A 40 -8.81 3.39 -0.05
C LEU A 40 -9.90 2.39 0.33
N GLU A 41 -11.07 2.91 0.68
CA GLU A 41 -12.20 2.06 1.06
C GLU A 41 -12.65 1.19 -0.11
N ALA A 42 -12.65 1.77 -1.31
CA ALA A 42 -13.05 1.04 -2.51
C ALA A 42 -12.08 -0.10 -2.80
N ALA A 43 -10.80 0.23 -2.90
CA ALA A 43 -9.78 -0.77 -3.17
C ALA A 43 -10.07 -2.08 -2.44
N PHE A 44 -10.33 -1.97 -1.14
CA PHE A 44 -10.63 -3.14 -0.32
C PHE A 44 -11.53 -4.12 -1.06
N GLN A 45 -12.53 -3.58 -1.75
CA GLN A 45 -13.47 -4.40 -2.51
C GLN A 45 -12.74 -5.21 -3.58
N GLU A 46 -12.15 -4.52 -4.54
CA GLU A 46 -11.42 -5.17 -5.61
C GLU A 46 -10.30 -6.05 -5.06
N ALA A 47 -10.13 -6.03 -3.74
CA ALA A 47 -9.09 -6.81 -3.08
C ALA A 47 -9.63 -8.16 -2.63
N PHE A 48 -10.76 -8.14 -1.92
CA PHE A 48 -11.37 -9.37 -1.42
C PHE A 48 -12.76 -9.55 -2.01
N TYR A 49 -13.45 -8.44 -2.24
CA TYR A 49 -14.79 -8.49 -2.80
C TYR A 49 -14.77 -8.95 -4.26
N VAL A 50 -13.57 -9.22 -4.75
CA VAL A 50 -13.41 -9.67 -6.13
C VAL A 50 -14.06 -11.03 -6.35
N LYS A 51 -13.44 -12.07 -5.80
CA LYS A 51 -13.96 -13.43 -5.93
C LYS A 51 -13.52 -14.30 -4.76
N ALA A 52 -14.40 -15.19 -4.32
CA ALA A 52 -14.09 -16.08 -3.21
C ALA A 52 -12.76 -16.78 -3.42
N ARG A 53 -12.36 -16.93 -4.68
CA ARG A 53 -11.10 -17.58 -5.02
C ARG A 53 -10.04 -16.55 -5.39
N ASP A 54 -10.46 -15.50 -6.07
CA ASP A 54 -9.54 -14.44 -6.50
C ASP A 54 -9.28 -13.47 -5.35
N ARG A 55 -9.67 -13.86 -4.15
CA ARG A 55 -9.48 -13.03 -2.97
C ARG A 55 -8.00 -12.69 -2.78
N LYS A 56 -7.65 -11.43 -3.04
CA LYS A 56 -6.27 -10.98 -2.90
C LYS A 56 -6.13 -10.05 -1.69
N LEU A 57 -4.89 -9.63 -1.42
CA LEU A 57 -4.62 -8.73 -0.30
C LEU A 57 -4.18 -7.35 -0.81
N LEU A 58 -4.22 -6.37 0.08
CA LEU A 58 -3.83 -5.01 -0.27
C LEU A 58 -2.51 -4.65 0.39
N ALA A 59 -1.79 -3.71 -0.22
CA ALA A 59 -0.50 -3.27 0.30
C ALA A 59 -0.38 -1.74 0.24
N ILE A 60 -0.49 -1.10 1.40
CA ILE A 60 -0.39 0.34 1.49
C ILE A 60 1.03 0.82 1.19
N TYR A 61 1.14 1.87 0.40
CA TYR A 61 2.45 2.43 0.05
C TYR A 61 2.47 3.95 0.21
N LEU A 62 3.06 4.42 1.30
CA LEU A 62 3.14 5.85 1.56
C LEU A 62 4.32 6.48 0.84
N HIS A 63 4.04 7.39 -0.08
CA HIS A 63 5.07 8.07 -0.85
C HIS A 63 5.49 9.37 -0.17
N HIS A 64 6.79 9.60 -0.09
CA HIS A 64 7.32 10.81 0.54
C HIS A 64 8.51 11.35 -0.25
N ASP A 65 8.31 12.49 -0.89
CA ASP A 65 9.36 13.12 -1.68
C ASP A 65 10.53 13.52 -0.80
N GLU A 66 10.27 14.39 0.16
CA GLU A 66 11.30 14.86 1.08
C GLU A 66 12.32 13.76 1.36
N SER A 67 11.82 12.55 1.64
CA SER A 67 12.68 11.42 1.92
C SER A 67 13.73 11.23 0.83
N VAL A 68 14.95 10.89 1.23
CA VAL A 68 16.03 10.69 0.28
C VAL A 68 16.02 9.27 -0.27
N LEU A 69 15.63 8.32 0.57
CA LEU A 69 15.58 6.92 0.17
C LEU A 69 14.52 6.71 -0.91
N THR A 70 13.33 7.23 -0.68
CA THR A 70 12.23 7.10 -1.63
C THR A 70 12.75 7.06 -3.07
N ASN A 71 13.74 7.90 -3.36
CA ASN A 71 14.33 7.96 -4.69
C ASN A 71 14.72 6.57 -5.17
N VAL A 72 15.69 5.96 -4.49
CA VAL A 72 16.16 4.63 -4.85
C VAL A 72 15.13 3.57 -4.48
N PHE A 73 14.49 3.74 -3.33
CA PHE A 73 13.47 2.81 -2.87
C PHE A 73 12.55 2.39 -4.02
N CYS A 74 11.93 3.37 -4.66
CA CYS A 74 11.02 3.11 -5.77
C CYS A 74 11.80 2.81 -7.04
N SER A 75 12.85 3.59 -7.29
CA SER A 75 13.66 3.40 -8.48
C SER A 75 14.33 2.03 -8.47
N GLN A 76 14.39 1.41 -7.30
CA GLN A 76 15.00 0.09 -7.15
C GLN A 76 13.94 -0.98 -6.89
N MET A 77 12.93 -0.62 -6.11
CA MET A 77 11.85 -1.55 -5.79
C MET A 77 10.69 -1.39 -6.75
N LEU A 78 9.97 -0.27 -6.63
CA LEU A 78 8.83 0.01 -7.48
C LEU A 78 9.19 -0.18 -8.95
N CYS A 79 10.47 -0.04 -9.27
CA CYS A 79 10.96 -0.19 -10.63
C CYS A 79 11.06 -1.66 -11.01
N ALA A 80 11.33 -2.50 -10.02
CA ALA A 80 11.45 -3.94 -10.24
C ALA A 80 10.16 -4.52 -10.83
N GLU A 81 10.30 -5.20 -11.97
CA GLU A 81 9.14 -5.79 -12.62
C GLU A 81 8.60 -6.97 -11.82
N SER A 82 9.46 -7.96 -11.59
CA SER A 82 9.08 -9.15 -10.83
C SER A 82 8.30 -8.77 -9.58
N ILE A 83 8.51 -7.54 -9.11
CA ILE A 83 7.83 -7.06 -7.92
C ILE A 83 6.46 -6.49 -8.27
N VAL A 84 6.46 -5.40 -9.02
CA VAL A 84 5.21 -4.75 -9.43
C VAL A 84 4.26 -5.75 -10.08
N SER A 85 4.83 -6.81 -10.64
CA SER A 85 4.04 -7.84 -11.31
C SER A 85 3.25 -8.67 -10.29
N TYR A 86 3.97 -9.25 -9.33
CA TYR A 86 3.33 -10.06 -8.30
C TYR A 86 2.49 -9.20 -7.37
N LEU A 87 3.06 -8.09 -6.91
CA LEU A 87 2.36 -7.18 -6.01
C LEU A 87 1.09 -6.64 -6.66
N SER A 88 1.13 -6.46 -7.98
CA SER A 88 -0.01 -5.95 -8.71
C SER A 88 -0.97 -7.08 -9.07
N GLN A 89 -0.41 -8.24 -9.42
CA GLN A 89 -1.21 -9.40 -9.80
C GLN A 89 -1.80 -10.07 -8.56
N ASN A 90 -0.93 -10.55 -7.68
CA ASN A 90 -1.38 -11.21 -6.46
C ASN A 90 -2.02 -10.22 -5.49
N PHE A 91 -1.35 -9.08 -5.29
CA PHE A 91 -1.86 -8.04 -4.41
C PHE A 91 -2.38 -6.85 -5.19
N ILE A 92 -2.96 -5.88 -4.50
CA ILE A 92 -3.50 -4.69 -5.13
C ILE A 92 -2.64 -3.46 -4.82
N THR A 93 -2.02 -2.91 -5.86
CA THR A 93 -1.17 -1.74 -5.70
C THR A 93 -2.00 -0.49 -5.41
N TRP A 94 -1.67 0.21 -4.34
CA TRP A 94 -2.38 1.41 -3.95
C TRP A 94 -1.45 2.42 -3.30
N ALA A 95 -1.21 3.53 -3.99
CA ALA A 95 -0.34 4.57 -3.46
C ALA A 95 -1.13 5.80 -3.02
N TRP A 96 -0.54 6.60 -2.13
CA TRP A 96 -1.21 7.79 -1.63
C TRP A 96 -0.19 8.89 -1.33
N ASP A 97 -0.39 10.06 -1.93
CA ASP A 97 0.51 11.19 -1.73
C ASP A 97 0.14 11.95 -0.46
N LEU A 98 0.96 11.77 0.58
CA LEU A 98 0.73 12.44 1.85
C LEU A 98 1.83 13.46 2.14
N THR A 99 2.67 13.72 1.14
CA THR A 99 3.76 14.68 1.28
C THR A 99 3.24 16.03 1.76
N LYS A 100 2.23 16.55 1.06
CA LYS A 100 1.65 17.84 1.41
C LYS A 100 0.96 17.78 2.77
N ASP A 101 1.31 18.70 3.65
CA ASP A 101 0.73 18.76 4.99
C ASP A 101 -0.74 18.37 4.96
N SER A 102 -1.54 19.14 4.22
CA SER A 102 -2.97 18.87 4.10
C SER A 102 -3.24 17.37 3.97
N ASN A 103 -2.61 16.75 2.99
CA ASN A 103 -2.78 15.32 2.75
C ASN A 103 -2.30 14.51 3.96
N ARG A 104 -1.09 14.82 4.42
CA ARG A 104 -0.51 14.12 5.57
C ARG A 104 -1.54 13.95 6.67
N ALA A 105 -2.20 15.05 7.04
CA ALA A 105 -3.21 15.01 8.08
C ALA A 105 -4.31 14.00 7.76
N ARG A 106 -4.77 14.01 6.52
CA ARG A 106 -5.82 13.10 6.08
C ARG A 106 -5.48 11.66 6.45
N PHE A 107 -4.38 11.15 5.88
CA PHE A 107 -3.94 9.79 6.15
C PHE A 107 -3.83 9.53 7.65
N LEU A 108 -3.30 10.51 8.37
CA LEU A 108 -3.14 10.40 9.82
C LEU A 108 -4.49 10.49 10.53
N THR A 109 -5.49 11.02 9.82
CA THR A 109 -6.83 11.16 10.37
C THR A 109 -7.66 9.91 10.11
N MET A 110 -7.53 9.36 8.91
CA MET A 110 -8.27 8.15 8.54
C MET A 110 -7.65 6.91 9.16
N CYS A 111 -6.34 6.95 9.36
CA CYS A 111 -5.62 5.82 9.95
C CYS A 111 -6.15 5.51 11.34
N ASN A 112 -6.63 6.54 12.04
CA ASN A 112 -7.17 6.37 13.38
C ASN A 112 -8.36 5.42 13.37
N ARG A 113 -9.20 5.54 12.34
CA ARG A 113 -10.38 4.69 12.22
C ARG A 113 -10.09 3.48 11.35
N HIS A 114 -9.83 3.73 10.07
CA HIS A 114 -9.53 2.65 9.13
C HIS A 114 -8.80 1.51 9.82
N PHE A 115 -7.58 1.79 10.27
CA PHE A 115 -6.76 0.80 10.95
C PHE A 115 -6.95 0.87 12.46
N GLY A 116 -6.58 2.00 13.04
CA GLY A 116 -6.72 2.18 14.48
C GLY A 116 -5.78 3.23 15.03
N SER A 117 -5.70 3.31 16.35
CA SER A 117 -4.82 4.27 17.01
C SER A 117 -3.41 3.74 17.14
N VAL A 118 -3.29 2.51 17.64
CA VAL A 118 -1.99 1.87 17.82
C VAL A 118 -1.09 2.14 16.63
N VAL A 119 -1.47 1.60 15.47
CA VAL A 119 -0.69 1.78 14.25
C VAL A 119 -0.49 3.26 13.93
N ALA A 120 -1.54 4.04 14.13
CA ALA A 120 -1.49 5.48 13.88
C ALA A 120 -0.32 6.12 14.61
N GLN A 121 -0.36 6.09 15.93
CA GLN A 121 0.70 6.67 16.75
C GLN A 121 2.06 6.51 16.08
N THR A 122 2.40 5.26 15.75
CA THR A 122 3.68 4.97 15.11
C THR A 122 3.87 5.80 13.85
N ILE A 123 2.79 5.96 13.08
CA ILE A 123 2.83 6.72 11.85
C ILE A 123 3.17 8.19 12.13
N ARG A 124 2.87 8.64 13.35
CA ARG A 124 3.15 10.00 13.74
C ARG A 124 4.60 10.17 14.17
N THR A 125 5.19 9.10 14.70
CA THR A 125 6.57 9.13 15.14
C THR A 125 7.52 8.67 14.04
N GLN A 126 7.01 8.66 12.81
CA GLN A 126 7.81 8.25 11.67
C GLN A 126 8.59 9.43 11.09
N LYS A 127 9.90 9.24 10.91
CA LYS A 127 10.76 10.29 10.38
C LYS A 127 10.66 10.34 8.85
N THR A 128 11.10 11.45 8.28
CA THR A 128 11.07 11.62 6.82
C THR A 128 11.90 10.55 6.13
N ASP A 129 13.17 10.45 6.51
CA ASP A 129 14.07 9.46 5.91
C ASP A 129 13.43 8.08 5.91
N GLN A 130 12.89 7.68 7.06
CA GLN A 130 12.25 6.37 7.18
C GLN A 130 11.40 6.07 5.95
N PHE A 131 10.57 7.02 5.54
CA PHE A 131 9.72 6.85 4.38
C PHE A 131 10.52 6.40 3.16
N PRO A 132 9.84 5.78 2.19
CA PRO A 132 8.39 5.53 2.28
C PRO A 132 8.05 4.48 3.34
N LEU A 133 6.76 4.17 3.45
CA LEU A 133 6.30 3.18 4.42
C LEU A 133 5.37 2.16 3.77
N PHE A 134 5.90 0.96 3.53
CA PHE A 134 5.12 -0.11 2.92
C PHE A 134 4.51 -1.02 3.97
N LEU A 135 3.18 -1.07 3.99
CA LEU A 135 2.47 -1.90 4.96
C LEU A 135 1.64 -2.98 4.25
N ILE A 136 1.53 -4.14 4.87
CA ILE A 136 0.76 -5.24 4.30
C ILE A 136 -0.61 -5.35 4.95
N ILE A 137 -1.65 -5.06 4.17
CA ILE A 137 -3.02 -5.13 4.66
C ILE A 137 -3.63 -6.50 4.41
N MET A 138 -4.31 -7.05 5.42
CA MET A 138 -4.94 -8.35 5.30
C MET A 138 -6.42 -8.21 4.95
N GLY A 139 -7.08 -7.24 5.57
CA GLY A 139 -8.49 -7.01 5.30
C GLY A 139 -9.38 -7.79 6.25
N LYS A 140 -10.19 -7.07 7.02
CA LYS A 140 -11.11 -7.71 7.97
C LYS A 140 -12.48 -7.05 7.91
N ARG A 141 -13.51 -7.88 7.73
CA ARG A 141 -14.88 -7.40 7.66
C ARG A 141 -15.09 -6.22 8.61
N SER A 142 -14.53 -6.32 9.81
CA SER A 142 -14.65 -5.27 10.80
C SER A 142 -13.81 -4.06 10.43
N SER A 143 -12.48 -4.23 10.48
CA SER A 143 -11.56 -3.15 10.15
C SER A 143 -10.25 -3.72 9.61
N ASN A 144 -9.63 -2.99 8.69
CA ASN A 144 -8.36 -3.41 8.11
C ASN A 144 -7.24 -3.36 9.14
N GLU A 145 -6.23 -4.20 8.95
CA GLU A 145 -5.09 -4.26 9.86
C GLU A 145 -3.83 -4.70 9.13
N VAL A 146 -2.69 -4.17 9.56
CA VAL A 146 -1.41 -4.52 8.96
C VAL A 146 -0.78 -5.72 9.65
N LEU A 147 -0.42 -6.72 8.85
CA LEU A 147 0.20 -7.93 9.38
C LEU A 147 1.70 -7.73 9.61
N ASN A 148 2.31 -6.90 8.77
CA ASN A 148 3.74 -6.62 8.88
C ASN A 148 4.05 -5.22 8.37
N VAL A 149 5.11 -4.63 8.91
CA VAL A 149 5.54 -3.29 8.51
C VAL A 149 6.96 -3.30 7.98
N ILE A 150 7.12 -2.83 6.73
CA ILE A 150 8.44 -2.78 6.11
C ILE A 150 8.90 -1.35 5.92
N GLN A 151 10.18 -1.11 6.18
CA GLN A 151 10.75 0.23 6.04
C GLN A 151 11.25 0.46 4.62
N GLY A 152 11.75 1.67 4.36
CA GLY A 152 12.26 1.99 3.04
C GLY A 152 13.63 1.42 2.78
N ASN A 153 14.36 1.12 3.87
CA ASN A 153 15.70 0.56 3.75
C ASN A 153 15.64 -0.95 3.54
N THR A 154 14.47 -1.44 3.14
CA THR A 154 14.29 -2.87 2.90
C THR A 154 14.81 -3.26 1.53
N THR A 155 15.06 -4.55 1.34
CA THR A 155 15.56 -5.06 0.06
C THR A 155 14.42 -5.47 -0.85
N VAL A 156 14.49 -5.06 -2.11
CA VAL A 156 13.46 -5.40 -3.09
C VAL A 156 13.01 -6.84 -2.94
N ASP A 157 13.97 -7.75 -2.84
CA ASP A 157 13.67 -9.17 -2.69
C ASP A 157 12.76 -9.41 -1.48
N GLU A 158 13.18 -8.92 -0.33
CA GLU A 158 12.41 -9.08 0.90
C GLU A 158 10.92 -8.85 0.64
N LEU A 159 10.61 -7.80 -0.12
CA LEU A 159 9.24 -7.46 -0.44
C LEU A 159 8.52 -8.67 -1.04
N MET A 160 9.01 -9.13 -2.19
CA MET A 160 8.41 -10.28 -2.87
C MET A 160 8.05 -11.37 -1.87
N MET A 161 8.95 -11.62 -0.93
CA MET A 161 8.72 -12.65 0.09
C MET A 161 7.62 -12.22 1.06
N ARG A 162 7.85 -11.11 1.75
CA ARG A 162 6.88 -10.60 2.72
C ARG A 162 5.48 -10.60 2.12
N LEU A 163 5.38 -10.28 0.84
CA LEU A 163 4.10 -10.24 0.15
C LEU A 163 3.54 -11.65 -0.05
N MET A 164 4.21 -12.42 -0.90
CA MET A 164 3.79 -13.79 -1.18
C MET A 164 3.41 -14.52 0.11
N ALA A 165 4.13 -14.20 1.19
CA ALA A 165 3.87 -14.81 2.48
C ALA A 165 2.44 -14.57 2.94
N ALA A 166 2.10 -13.30 3.15
CA ALA A 166 0.76 -12.93 3.58
C ALA A 166 -0.29 -13.84 2.98
N MET A 167 -0.11 -14.19 1.71
CA MET A 167 -1.04 -15.07 1.01
C MET A 167 -0.94 -16.50 1.53
N GLU A 168 0.28 -17.01 1.61
CA GLU A 168 0.51 -18.37 2.09
C GLU A 168 -0.05 -18.55 3.51
N ILE A 169 0.21 -17.56 4.36
CA ILE A 169 -0.28 -17.60 5.74
C ILE A 169 -1.78 -17.37 5.80
N PHE A 170 -2.25 -16.33 5.13
CA PHE A 170 -3.66 -16.00 5.10
C PHE A 170 -4.52 -17.27 5.04
N THR A 171 -4.38 -18.01 3.94
CA THR A 171 -5.12 -19.24 3.75
C THR A 171 -5.24 -20.03 5.05
N ALA A 172 -4.09 -20.32 5.66
CA ALA A 172 -4.07 -21.07 6.92
C ALA A 172 -4.81 -20.32 8.02
N GLN A 173 -4.57 -19.01 8.09
CA GLN A 173 -5.22 -18.18 9.11
C GLN A 173 -6.72 -18.21 8.95
N GLN A 174 -7.21 -17.69 7.83
CA GLN A 174 -8.65 -17.65 7.56
C GLN A 174 -9.25 -19.05 7.67
N GLN A 175 -10.55 -19.11 7.95
CA GLN A 175 -11.25 -20.37 8.08
C GLN A 175 -12.01 -20.71 6.80
N GLU A 176 -11.66 -20.04 5.71
CA GLU A 176 -12.30 -20.27 4.42
C GLU A 176 -13.82 -20.19 4.57
N ASP A 177 -14.28 -19.35 5.49
CA ASP A 177 -15.71 -19.17 5.72
C ASP A 177 -16.44 -18.87 4.42
N ILE A 178 -15.95 -17.87 3.68
CA ILE A 178 -16.55 -17.49 2.42
C ILE A 178 -16.29 -18.54 1.34
N GLU A 8 -20.50 14.50 -4.74
CA GLU A 8 -20.97 15.80 -5.17
C GLU A 8 -20.33 16.91 -4.33
N ASN A 9 -20.44 16.78 -3.01
CA ASN A 9 -19.87 17.77 -2.10
C ASN A 9 -18.37 17.57 -1.94
N ALA A 10 -17.96 16.36 -1.58
CA ALA A 10 -16.56 16.03 -1.41
C ALA A 10 -16.00 15.33 -2.65
N GLU A 11 -14.78 15.71 -3.05
CA GLU A 11 -14.15 15.12 -4.21
C GLU A 11 -13.79 13.66 -3.95
N ASN A 12 -13.28 12.99 -4.98
CA ASN A 12 -12.91 11.58 -4.86
C ASN A 12 -11.38 11.42 -4.96
N GLU A 13 -10.82 10.69 -4.00
CA GLU A 13 -9.37 10.46 -3.98
C GLU A 13 -8.83 10.29 -5.39
N GLY A 14 -9.52 9.50 -6.20
CA GLY A 14 -9.09 9.28 -7.57
C GLY A 14 -8.48 10.51 -8.20
N ASP A 15 -9.31 11.53 -8.41
CA ASP A 15 -8.85 12.78 -9.00
C ASP A 15 -7.48 13.17 -8.46
N ALA A 16 -7.31 13.05 -7.14
CA ALA A 16 -6.05 13.40 -6.51
C ALA A 16 -4.92 12.49 -7.01
N LEU A 17 -5.13 11.18 -6.93
CA LEU A 17 -4.14 10.22 -7.38
C LEU A 17 -3.77 10.44 -8.84
N LEU A 18 -4.78 10.43 -9.71
CA LEU A 18 -4.56 10.62 -11.13
C LEU A 18 -3.42 11.62 -11.37
N GLN A 19 -3.43 12.71 -10.61
CA GLN A 19 -2.40 13.74 -10.74
C GLN A 19 -1.03 13.18 -10.36
N PHE A 20 -0.96 12.54 -9.21
CA PHE A 20 0.29 11.96 -8.72
C PHE A 20 0.72 10.79 -9.60
N THR A 21 -0.14 9.78 -9.69
CA THR A 21 0.15 8.60 -10.50
C THR A 21 0.65 8.99 -11.88
N ALA A 22 -0.11 9.86 -12.56
CA ALA A 22 0.25 10.31 -13.89
C ALA A 22 1.72 10.73 -13.95
N GLU A 23 2.11 11.63 -13.06
CA GLU A 23 3.49 12.10 -13.01
C GLU A 23 4.44 10.99 -12.58
N PHE A 24 4.24 10.50 -11.36
CA PHE A 24 5.08 9.44 -10.82
C PHE A 24 5.45 8.44 -11.91
N SER A 25 4.48 8.11 -12.75
CA SER A 25 4.70 7.16 -13.84
C SER A 25 5.76 7.67 -14.81
N SER A 26 5.56 8.89 -15.29
CA SER A 26 6.49 9.50 -16.23
C SER A 26 7.78 9.91 -15.54
N ARG A 27 7.66 10.78 -14.53
CA ARG A 27 8.80 11.25 -13.78
C ARG A 27 9.81 10.13 -13.55
N TYR A 28 9.29 8.93 -13.30
CA TYR A 28 10.13 7.77 -13.06
C TYR A 28 10.37 6.99 -14.34
N GLY A 29 9.29 6.41 -14.89
CA GLY A 29 9.40 5.65 -16.11
C GLY A 29 8.18 4.79 -16.37
N ASP A 30 7.93 4.49 -17.64
CA ASP A 30 6.78 3.68 -18.01
C ASP A 30 6.68 2.43 -17.13
N CYS A 31 7.83 1.84 -16.83
CA CYS A 31 7.88 0.65 -15.99
C CYS A 31 7.37 0.95 -14.59
N HIS A 32 6.15 0.50 -14.29
CA HIS A 32 5.54 0.72 -12.98
C HIS A 32 4.30 -0.15 -12.80
N PRO A 33 4.00 -0.49 -11.54
CA PRO A 33 2.83 -1.32 -11.21
C PRO A 33 1.51 -0.59 -11.44
N VAL A 34 0.52 -1.30 -11.95
CA VAL A 34 -0.79 -0.72 -12.21
C VAL A 34 -1.41 -0.17 -10.93
N PHE A 35 -1.65 1.14 -10.90
CA PHE A 35 -2.24 1.78 -9.74
C PHE A 35 -3.76 1.86 -9.87
N PHE A 36 -4.46 1.50 -8.80
CA PHE A 36 -5.92 1.53 -8.81
C PHE A 36 -6.44 2.96 -8.62
N ILE A 37 -7.20 3.44 -9.59
CA ILE A 37 -7.75 4.78 -9.54
C ILE A 37 -9.03 4.82 -8.70
N GLY A 38 -8.97 5.53 -7.59
CA GLY A 38 -10.13 5.63 -6.71
C GLY A 38 -9.75 5.87 -5.27
N SER A 39 -10.63 5.46 -4.35
CA SER A 39 -10.38 5.65 -2.93
C SER A 39 -9.89 4.34 -2.28
N LEU A 40 -9.27 4.47 -1.12
CA LEU A 40 -8.74 3.30 -0.41
C LEU A 40 -9.85 2.26 -0.20
N GLU A 41 -11.01 2.72 0.22
CA GLU A 41 -12.15 1.83 0.45
C GLU A 41 -12.43 0.98 -0.77
N ALA A 42 -12.48 1.61 -1.93
CA ALA A 42 -12.74 0.90 -3.19
C ALA A 42 -11.90 -0.36 -3.28
N ALA A 43 -10.59 -0.23 -3.08
CA ALA A 43 -9.69 -1.36 -3.14
C ALA A 43 -10.29 -2.58 -2.48
N PHE A 44 -10.89 -2.38 -1.31
CA PHE A 44 -11.52 -3.47 -0.56
C PHE A 44 -12.41 -4.31 -1.47
N GLN A 45 -13.14 -3.65 -2.35
CA GLN A 45 -14.03 -4.34 -3.28
C GLN A 45 -13.24 -5.23 -4.24
N GLU A 46 -12.02 -4.80 -4.55
CA GLU A 46 -11.16 -5.56 -5.47
C GLU A 46 -10.02 -6.21 -4.71
N ALA A 47 -10.09 -6.18 -3.38
CA ALA A 47 -9.07 -6.77 -2.54
C ALA A 47 -9.48 -8.16 -2.07
N PHE A 48 -10.52 -8.20 -1.23
CA PHE A 48 -11.03 -9.46 -0.70
C PHE A 48 -12.38 -9.80 -1.29
N TYR A 49 -13.21 -8.77 -1.48
CA TYR A 49 -14.55 -8.97 -2.04
C TYR A 49 -14.49 -9.77 -3.33
N VAL A 50 -13.38 -9.64 -4.05
CA VAL A 50 -13.20 -10.36 -5.31
C VAL A 50 -13.37 -11.87 -5.11
N LYS A 51 -13.34 -12.61 -6.20
CA LYS A 51 -13.49 -14.06 -6.15
C LYS A 51 -12.41 -14.69 -5.28
N ALA A 52 -12.54 -15.99 -5.02
CA ALA A 52 -11.57 -16.70 -4.20
C ALA A 52 -10.26 -16.89 -4.95
N ARG A 53 -10.36 -17.14 -6.25
CA ARG A 53 -9.17 -17.35 -7.07
C ARG A 53 -8.49 -16.02 -7.38
N ASP A 54 -9.27 -14.96 -7.47
CA ASP A 54 -8.74 -13.64 -7.75
C ASP A 54 -8.41 -12.89 -6.46
N ARG A 55 -8.48 -13.61 -5.34
CA ARG A 55 -8.19 -13.02 -4.03
C ARG A 55 -6.84 -12.31 -4.04
N LYS A 56 -6.75 -11.22 -3.28
CA LYS A 56 -5.51 -10.46 -3.20
C LYS A 56 -5.40 -9.75 -1.85
N LEU A 57 -4.25 -9.14 -1.61
CA LEU A 57 -4.01 -8.42 -0.35
C LEU A 57 -3.90 -6.92 -0.59
N LEU A 58 -4.07 -6.14 0.47
CA LEU A 58 -3.98 -4.69 0.38
C LEU A 58 -2.69 -4.18 1.00
N ALA A 59 -1.96 -3.35 0.25
CA ALA A 59 -0.71 -2.78 0.73
C ALA A 59 -0.64 -1.28 0.45
N ILE A 60 -0.69 -0.49 1.51
CA ILE A 60 -0.62 0.96 1.37
C ILE A 60 0.81 1.43 1.11
N TYR A 61 0.96 2.32 0.14
CA TYR A 61 2.27 2.84 -0.21
C TYR A 61 2.32 4.36 -0.01
N LEU A 62 3.01 4.79 1.04
CA LEU A 62 3.14 6.20 1.35
C LEU A 62 4.27 6.84 0.55
N HIS A 63 3.94 7.86 -0.22
CA HIS A 63 4.92 8.55 -1.05
C HIS A 63 5.33 9.87 -0.40
N HIS A 64 6.64 10.07 -0.22
CA HIS A 64 7.14 11.29 0.38
C HIS A 64 8.28 11.87 -0.45
N ASP A 65 8.05 13.06 -1.02
CA ASP A 65 9.05 13.72 -1.84
C ASP A 65 10.30 14.03 -1.02
N GLU A 66 10.14 14.85 0.01
CA GLU A 66 11.26 15.23 0.86
C GLU A 66 12.24 14.07 1.03
N SER A 67 11.71 12.88 1.31
CA SER A 67 12.53 11.69 1.49
C SER A 67 13.32 11.39 0.22
N VAL A 68 14.55 10.90 0.40
CA VAL A 68 15.40 10.56 -0.73
C VAL A 68 15.19 9.12 -1.18
N LEU A 69 14.99 8.23 -0.21
CA LEU A 69 14.76 6.82 -0.51
C LEU A 69 13.68 6.65 -1.57
N THR A 70 12.57 7.36 -1.40
CA THR A 70 11.46 7.30 -2.33
C THR A 70 11.96 7.07 -3.76
N ASN A 71 13.13 7.62 -4.06
CA ASN A 71 13.70 7.49 -5.40
C ASN A 71 14.23 6.07 -5.61
N VAL A 72 15.25 5.69 -4.85
CA VAL A 72 15.84 4.36 -4.95
C VAL A 72 14.81 3.28 -4.62
N PHE A 73 14.11 3.46 -3.51
CA PHE A 73 13.09 2.51 -3.07
C PHE A 73 12.29 1.99 -4.27
N CYS A 74 11.74 2.91 -5.04
CA CYS A 74 10.95 2.55 -6.21
C CYS A 74 11.85 2.16 -7.38
N SER A 75 12.84 2.99 -7.67
CA SER A 75 13.77 2.74 -8.76
C SER A 75 14.51 1.44 -8.54
N GLN A 76 14.44 0.91 -7.32
CA GLN A 76 15.12 -0.34 -6.98
C GLN A 76 14.11 -1.46 -6.75
N MET A 77 12.99 -1.13 -6.11
CA MET A 77 11.94 -2.10 -5.83
C MET A 77 10.84 -2.03 -6.88
N LEU A 78 10.22 -0.85 -6.99
CA LEU A 78 9.15 -0.64 -7.95
C LEU A 78 9.69 -0.56 -9.38
N CYS A 79 10.95 -0.92 -9.54
CA CYS A 79 11.60 -0.88 -10.85
C CYS A 79 11.58 -2.26 -11.51
N ALA A 80 11.54 -3.30 -10.68
CA ALA A 80 11.53 -4.67 -11.18
C ALA A 80 10.14 -5.05 -11.69
N GLU A 81 10.10 -5.62 -12.88
CA GLU A 81 8.82 -6.03 -13.48
C GLU A 81 8.20 -7.18 -12.70
N SER A 82 9.05 -7.99 -12.08
CA SER A 82 8.58 -9.14 -11.30
C SER A 82 7.87 -8.67 -10.03
N ILE A 83 8.52 -7.77 -9.29
CA ILE A 83 7.96 -7.25 -8.05
C ILE A 83 6.67 -6.48 -8.33
N VAL A 84 6.72 -5.58 -9.31
CA VAL A 84 5.55 -4.78 -9.66
C VAL A 84 4.41 -5.66 -10.16
N SER A 85 4.75 -6.68 -10.95
CA SER A 85 3.76 -7.59 -11.49
C SER A 85 3.16 -8.47 -10.40
N TYR A 86 4.03 -9.06 -9.58
CA TYR A 86 3.60 -9.93 -8.50
C TYR A 86 2.81 -9.13 -7.45
N LEU A 87 3.32 -7.96 -7.10
CA LEU A 87 2.68 -7.11 -6.12
C LEU A 87 1.31 -6.64 -6.61
N SER A 88 1.25 -6.28 -7.89
CA SER A 88 0.00 -5.81 -8.49
C SER A 88 -0.97 -6.97 -8.70
N GLN A 89 -0.43 -8.13 -9.09
CA GLN A 89 -1.24 -9.31 -9.33
C GLN A 89 -1.69 -9.94 -8.01
N ASN A 90 -0.72 -10.38 -7.22
CA ASN A 90 -1.01 -11.00 -5.93
C ASN A 90 -1.63 -9.99 -4.97
N PHE A 91 -1.00 -8.82 -4.86
CA PHE A 91 -1.49 -7.77 -3.97
C PHE A 91 -2.09 -6.62 -4.78
N ILE A 92 -2.66 -5.64 -4.07
CA ILE A 92 -3.26 -4.49 -4.71
C ILE A 92 -2.37 -3.25 -4.58
N THR A 93 -1.89 -2.75 -5.72
CA THR A 93 -1.02 -1.58 -5.72
C THR A 93 -1.83 -0.30 -5.51
N TRP A 94 -1.66 0.31 -4.34
CA TRP A 94 -2.38 1.54 -4.01
C TRP A 94 -1.48 2.51 -3.25
N ALA A 95 -1.12 3.62 -3.89
CA ALA A 95 -0.27 4.62 -3.26
C ALA A 95 -1.09 5.81 -2.79
N TRP A 96 -0.47 6.66 -1.98
CA TRP A 96 -1.14 7.85 -1.45
C TRP A 96 -0.13 8.96 -1.17
N ASP A 97 -0.10 9.97 -2.04
CA ASP A 97 0.81 11.09 -1.87
C ASP A 97 0.43 11.93 -0.66
N LEU A 98 1.20 11.78 0.42
CA LEU A 98 0.93 12.52 1.65
C LEU A 98 2.02 13.56 1.90
N THR A 99 2.78 13.89 0.85
CA THR A 99 3.85 14.86 0.95
C THR A 99 3.38 16.11 1.68
N LYS A 100 2.23 16.63 1.27
CA LYS A 100 1.67 17.83 1.89
C LYS A 100 1.09 17.51 3.27
N ASP A 101 1.08 18.51 4.14
CA ASP A 101 0.55 18.34 5.49
C ASP A 101 -0.90 17.91 5.45
N SER A 102 -1.75 18.72 4.81
CA SER A 102 -3.16 18.43 4.71
C SER A 102 -3.40 16.92 4.54
N ASN A 103 -2.73 16.34 3.55
CA ASN A 103 -2.87 14.91 3.28
C ASN A 103 -2.19 14.08 4.37
N ARG A 104 -1.00 14.53 4.80
CA ARG A 104 -0.26 13.83 5.83
C ARG A 104 -1.16 13.45 7.00
N ALA A 105 -1.85 14.45 7.56
CA ALA A 105 -2.75 14.22 8.68
C ALA A 105 -3.99 13.45 8.24
N ARG A 106 -4.48 13.76 7.04
CA ARG A 106 -5.66 13.11 6.51
C ARG A 106 -5.53 11.59 6.59
N PHE A 107 -4.33 11.09 6.28
CA PHE A 107 -4.07 9.65 6.33
C PHE A 107 -4.08 9.14 7.76
N LEU A 108 -3.42 9.88 8.65
CA LEU A 108 -3.36 9.50 10.06
C LEU A 108 -4.75 9.44 10.67
N THR A 109 -5.52 10.52 10.49
CA THR A 109 -6.87 10.59 11.03
C THR A 109 -7.75 9.48 10.46
N MET A 110 -8.00 9.54 9.16
CA MET A 110 -8.82 8.54 8.48
C MET A 110 -8.41 7.13 8.90
N CYS A 111 -7.11 6.92 9.08
CA CYS A 111 -6.60 5.61 9.48
C CYS A 111 -7.08 5.25 10.88
N ASN A 112 -6.71 6.08 11.86
CA ASN A 112 -7.10 5.84 13.25
C ASN A 112 -8.56 5.39 13.33
N ARG A 113 -9.36 5.84 12.38
CA ARG A 113 -10.78 5.49 12.36
C ARG A 113 -10.96 4.05 11.90
N HIS A 114 -10.34 3.70 10.78
CA HIS A 114 -10.43 2.35 10.23
C HIS A 114 -9.54 1.38 11.02
N PHE A 115 -8.23 1.60 10.93
CA PHE A 115 -7.27 0.74 11.62
C PHE A 115 -7.25 1.06 13.12
N GLY A 116 -6.74 2.24 13.46
CA GLY A 116 -6.66 2.64 14.85
C GLY A 116 -5.48 3.55 15.13
N SER A 117 -5.54 4.27 16.25
CA SER A 117 -4.46 5.18 16.62
C SER A 117 -3.14 4.43 16.77
N VAL A 118 -3.19 3.28 17.42
CA VAL A 118 -2.00 2.46 17.63
C VAL A 118 -1.18 2.35 16.34
N VAL A 119 -1.87 2.35 15.20
CA VAL A 119 -1.21 2.25 13.91
C VAL A 119 -0.66 3.61 13.46
N ALA A 120 -1.49 4.65 13.60
CA ALA A 120 -1.09 5.99 13.23
C ALA A 120 0.13 6.45 14.02
N GLN A 121 0.03 6.36 15.34
CA GLN A 121 1.13 6.77 16.22
C GLN A 121 2.45 6.18 15.73
N THR A 122 2.46 4.87 15.51
CA THR A 122 3.67 4.19 15.06
C THR A 122 4.34 4.95 13.92
N ILE A 123 3.57 5.25 12.88
CA ILE A 123 4.10 5.99 11.74
C ILE A 123 4.55 7.39 12.13
N ARG A 124 3.72 8.06 12.94
CA ARG A 124 4.03 9.41 13.39
C ARG A 124 5.38 9.44 14.13
N THR A 125 5.70 8.34 14.82
CA THR A 125 6.94 8.25 15.57
C THR A 125 8.10 7.86 14.65
N GLN A 126 7.88 7.99 13.34
CA GLN A 126 8.91 7.66 12.37
C GLN A 126 9.50 8.92 11.74
N LYS A 127 10.70 8.79 11.18
CA LYS A 127 11.37 9.92 10.54
C LYS A 127 10.91 10.08 9.10
N THR A 128 11.29 11.20 8.48
CA THR A 128 10.93 11.48 7.10
C THR A 128 11.64 10.52 6.15
N ASP A 129 12.96 10.48 6.23
CA ASP A 129 13.75 9.61 5.37
C ASP A 129 13.19 8.19 5.35
N GLN A 130 12.89 7.67 6.55
CA GLN A 130 12.35 6.33 6.67
C GLN A 130 11.44 5.99 5.49
N PHE A 131 10.58 6.95 5.13
CA PHE A 131 9.65 6.76 4.02
C PHE A 131 10.39 6.37 2.75
N PRO A 132 9.68 5.72 1.81
CA PRO A 132 8.27 5.40 1.99
C PRO A 132 8.04 4.33 3.06
N LEU A 133 6.77 4.01 3.31
CA LEU A 133 6.43 3.00 4.30
C LEU A 133 5.48 1.96 3.70
N PHE A 134 6.00 0.73 3.53
CA PHE A 134 5.20 -0.35 2.96
C PHE A 134 4.60 -1.21 4.08
N LEU A 135 3.27 -1.28 4.11
CA LEU A 135 2.58 -2.06 5.12
C LEU A 135 1.61 -3.04 4.47
N ILE A 136 1.65 -4.29 4.93
CA ILE A 136 0.78 -5.34 4.40
C ILE A 136 -0.51 -5.45 5.21
N ILE A 137 -1.60 -4.99 4.64
CA ILE A 137 -2.90 -5.05 5.32
C ILE A 137 -3.76 -6.18 4.77
N MET A 138 -3.82 -7.28 5.51
CA MET A 138 -4.61 -8.43 5.09
C MET A 138 -5.97 -8.44 5.79
N GLY A 139 -5.97 -8.17 7.09
CA GLY A 139 -7.20 -8.14 7.85
C GLY A 139 -8.16 -9.24 7.42
N LYS A 140 -9.43 -9.08 7.76
CA LYS A 140 -10.45 -10.07 7.42
C LYS A 140 -11.81 -9.40 7.25
N ARG A 141 -12.70 -10.06 6.51
CA ARG A 141 -14.04 -9.53 6.28
C ARG A 141 -14.61 -8.91 7.55
N SER A 142 -14.31 -9.54 8.69
CA SER A 142 -14.79 -9.04 9.98
C SER A 142 -14.05 -7.78 10.39
N SER A 143 -12.79 -7.94 10.80
CA SER A 143 -11.97 -6.81 11.22
C SER A 143 -10.62 -6.82 10.50
N ASN A 144 -10.03 -5.65 10.36
CA ASN A 144 -8.74 -5.51 9.69
C ASN A 144 -7.62 -5.32 10.72
N GLU A 145 -6.40 -5.61 10.30
CA GLU A 145 -5.23 -5.46 11.18
C GLU A 145 -3.94 -5.45 10.38
N VAL A 146 -2.84 -5.15 11.05
CA VAL A 146 -1.53 -5.11 10.40
C VAL A 146 -0.68 -6.32 10.77
N LEU A 147 -0.07 -6.94 9.78
CA LEU A 147 0.77 -8.11 10.01
C LEU A 147 2.24 -7.72 10.08
N ASN A 148 2.79 -7.30 8.93
CA ASN A 148 4.18 -6.89 8.87
C ASN A 148 4.31 -5.42 8.47
N VAL A 149 5.36 -4.77 8.93
CA VAL A 149 5.60 -3.37 8.63
C VAL A 149 7.04 -3.13 8.18
N ILE A 150 7.22 -2.83 6.90
CA ILE A 150 8.54 -2.58 6.36
C ILE A 150 8.85 -1.09 6.31
N GLN A 151 9.87 -0.68 7.05
CA GLN A 151 10.27 0.72 7.09
C GLN A 151 10.41 1.30 5.68
N GLY A 152 11.41 0.84 4.96
CA GLY A 152 11.63 1.31 3.60
C GLY A 152 13.03 1.00 3.09
N ASN A 153 13.95 0.77 4.02
CA ASN A 153 15.34 0.46 3.65
C ASN A 153 15.48 -1.01 3.29
N THR A 154 14.35 -1.68 3.07
CA THR A 154 14.35 -3.09 2.72
C THR A 154 14.96 -3.31 1.34
N THR A 155 15.06 -4.58 0.94
CA THR A 155 15.63 -4.92 -0.36
C THR A 155 14.65 -5.74 -1.18
N VAL A 156 14.71 -5.60 -2.50
CA VAL A 156 13.83 -6.34 -3.40
C VAL A 156 13.65 -7.78 -2.92
N ASP A 157 14.76 -8.45 -2.67
CA ASP A 157 14.72 -9.84 -2.21
C ASP A 157 13.79 -9.99 -1.02
N GLU A 158 13.85 -9.04 -0.09
CA GLU A 158 13.01 -9.08 1.10
C GLU A 158 11.53 -9.01 0.72
N LEU A 159 11.22 -8.19 -0.27
CA LEU A 159 9.84 -8.03 -0.74
C LEU A 159 9.28 -9.35 -1.23
N MET A 160 10.05 -10.04 -2.07
CA MET A 160 9.64 -11.33 -2.62
C MET A 160 9.10 -12.24 -1.52
N MET A 161 9.96 -12.57 -0.55
CA MET A 161 9.57 -13.43 0.56
C MET A 161 8.50 -12.76 1.42
N ARG A 162 8.69 -11.48 1.71
CA ARG A 162 7.75 -10.73 2.51
C ARG A 162 6.32 -10.90 1.99
N LEU A 163 6.17 -10.79 0.68
CA LEU A 163 4.85 -10.94 0.06
C LEU A 163 4.43 -12.40 0.02
N MET A 164 5.35 -13.28 -0.39
CA MET A 164 5.07 -14.70 -0.47
C MET A 164 4.49 -15.22 0.84
N ALA A 165 5.24 -15.03 1.92
CA ALA A 165 4.79 -15.47 3.24
C ALA A 165 3.36 -15.05 3.51
N ALA A 166 3.08 -13.76 3.37
CA ALA A 166 1.74 -13.23 3.60
C ALA A 166 0.71 -13.96 2.74
N MET A 167 0.89 -13.90 1.43
CA MET A 167 -0.03 -14.56 0.50
C MET A 167 -0.38 -15.95 1.00
N GLU A 168 0.63 -16.71 1.41
CA GLU A 168 0.43 -18.07 1.90
C GLU A 168 -0.41 -18.06 3.17
N ILE A 169 0.09 -17.40 4.21
CA ILE A 169 -0.61 -17.33 5.48
C ILE A 169 -2.11 -17.13 5.27
N PHE A 170 -2.46 -16.20 4.39
CA PHE A 170 -3.86 -15.91 4.10
C PHE A 170 -4.65 -17.20 3.90
N THR A 171 -4.24 -17.99 2.92
CA THR A 171 -4.92 -19.26 2.63
C THR A 171 -5.27 -20.00 3.91
N ALA A 172 -4.34 -20.01 4.86
CA ALA A 172 -4.56 -20.69 6.13
C ALA A 172 -5.57 -19.93 6.99
N GLN A 173 -5.48 -18.60 6.96
CA GLN A 173 -6.39 -17.76 7.73
C GLN A 173 -7.84 -17.97 7.29
N GLN A 174 -8.09 -17.73 6.01
CA GLN A 174 -9.43 -17.90 5.45
C GLN A 174 -9.94 -19.32 5.66
N GLN A 175 -11.23 -19.45 5.92
CA GLN A 175 -11.83 -20.76 6.13
C GLN A 175 -12.55 -21.23 4.87
N GLU A 176 -12.25 -20.59 3.75
CA GLU A 176 -12.86 -20.96 2.48
C GLU A 176 -11.90 -21.79 1.62
N ASP A 177 -12.17 -23.09 1.55
CA ASP A 177 -11.33 -24.00 0.77
C ASP A 177 -11.83 -24.10 -0.66
N ILE A 178 -13.11 -24.41 -0.82
CA ILE A 178 -13.71 -24.53 -2.15
C ILE A 178 -13.65 -23.21 -2.90
N GLU A 8 -23.14 8.46 -8.52
CA GLU A 8 -22.37 9.62 -8.96
C GLU A 8 -21.12 9.19 -9.72
N ASN A 9 -20.52 8.10 -9.28
CA ASN A 9 -19.31 7.58 -9.93
C ASN A 9 -18.25 8.66 -10.03
N ALA A 10 -18.11 9.46 -8.98
CA ALA A 10 -17.13 10.53 -8.95
C ALA A 10 -16.40 10.57 -7.61
N GLU A 11 -15.13 10.15 -7.62
CA GLU A 11 -14.33 10.14 -6.40
C GLU A 11 -13.08 10.99 -6.57
N ASN A 12 -13.01 12.08 -5.80
CA ASN A 12 -11.88 13.00 -5.86
C ASN A 12 -10.57 12.21 -5.96
N GLU A 13 -10.26 11.46 -4.91
CA GLU A 13 -9.03 10.67 -4.88
C GLU A 13 -8.75 10.04 -6.24
N GLY A 14 -9.79 9.48 -6.86
CA GLY A 14 -9.65 8.85 -8.15
C GLY A 14 -8.93 9.74 -9.15
N ASP A 15 -9.54 10.87 -9.47
CA ASP A 15 -8.95 11.82 -10.42
C ASP A 15 -7.62 12.35 -9.90
N ALA A 16 -7.61 12.76 -8.64
CA ALA A 16 -6.39 13.29 -8.02
C ALA A 16 -5.20 12.36 -8.26
N LEU A 17 -5.40 11.08 -8.00
CA LEU A 17 -4.35 10.09 -8.19
C LEU A 17 -3.91 10.02 -9.65
N LEU A 18 -4.87 9.82 -10.54
CA LEU A 18 -4.61 9.73 -11.97
C LEU A 18 -3.45 10.66 -12.35
N GLN A 19 -3.50 11.89 -11.85
CA GLN A 19 -2.46 12.88 -12.15
C GLN A 19 -1.12 12.43 -11.57
N PHE A 20 -1.09 12.18 -10.26
CA PHE A 20 0.12 11.75 -9.60
C PHE A 20 0.73 10.52 -10.28
N THR A 21 -0.11 9.51 -10.49
CA THR A 21 0.34 8.28 -11.13
C THR A 21 0.90 8.55 -12.52
N ALA A 22 0.20 9.38 -13.29
CA ALA A 22 0.63 9.72 -14.64
C ALA A 22 1.96 10.46 -14.61
N GLU A 23 2.00 11.57 -13.89
CA GLU A 23 3.22 12.37 -13.78
C GLU A 23 4.38 11.53 -13.26
N PHE A 24 4.11 10.71 -12.25
CA PHE A 24 5.12 9.85 -11.66
C PHE A 24 5.73 8.92 -12.71
N SER A 25 4.87 8.34 -13.54
CA SER A 25 5.32 7.43 -14.59
C SER A 25 6.48 8.04 -15.37
N SER A 26 6.19 9.13 -16.07
CA SER A 26 7.21 9.81 -16.87
C SER A 26 8.30 10.41 -15.98
N ARG A 27 7.88 11.13 -14.95
CA ARG A 27 8.82 11.75 -14.02
C ARG A 27 9.99 10.82 -13.73
N TYR A 28 9.69 9.63 -13.21
CA TYR A 28 10.72 8.65 -12.88
C TYR A 28 10.98 7.73 -14.07
N GLY A 29 9.97 6.95 -14.44
CA GLY A 29 10.12 6.03 -15.55
C GLY A 29 8.82 5.33 -15.89
N ASP A 30 8.63 5.02 -17.17
CA ASP A 30 7.42 4.34 -17.62
C ASP A 30 7.16 3.09 -16.80
N CYS A 31 8.21 2.31 -16.57
CA CYS A 31 8.09 1.08 -15.79
C CYS A 31 7.66 1.38 -14.36
N HIS A 32 6.47 0.93 -14.00
CA HIS A 32 5.93 1.15 -12.66
C HIS A 32 4.71 0.27 -12.41
N PRO A 33 4.45 -0.03 -11.13
CA PRO A 33 3.30 -0.86 -10.73
C PRO A 33 1.97 -0.15 -10.94
N VAL A 34 1.03 -0.85 -11.56
CA VAL A 34 -0.29 -0.28 -11.82
C VAL A 34 -0.95 0.20 -10.53
N PHE A 35 -1.28 1.48 -10.47
CA PHE A 35 -1.91 2.06 -9.30
C PHE A 35 -3.42 2.11 -9.46
N PHE A 36 -4.13 1.48 -8.53
CA PHE A 36 -5.58 1.45 -8.57
C PHE A 36 -6.17 2.85 -8.56
N ILE A 37 -6.87 3.20 -9.63
CA ILE A 37 -7.47 4.53 -9.75
C ILE A 37 -8.78 4.60 -8.96
N GLY A 38 -8.75 5.35 -7.85
CA GLY A 38 -9.93 5.49 -7.03
C GLY A 38 -9.61 5.90 -5.60
N SER A 39 -10.40 5.43 -4.65
CA SER A 39 -10.18 5.75 -3.25
C SER A 39 -9.87 4.49 -2.45
N LEU A 40 -8.98 4.64 -1.47
CA LEU A 40 -8.58 3.53 -0.62
C LEU A 40 -9.80 2.70 -0.20
N GLU A 41 -10.89 3.39 0.14
CA GLU A 41 -12.11 2.73 0.56
C GLU A 41 -12.46 1.59 -0.39
N ALA A 42 -12.52 1.89 -1.68
CA ALA A 42 -12.85 0.89 -2.69
C ALA A 42 -11.81 -0.23 -2.69
N ALA A 43 -10.54 0.15 -2.68
CA ALA A 43 -9.45 -0.83 -2.69
C ALA A 43 -9.77 -2.01 -1.79
N PHE A 44 -10.27 -1.72 -0.59
CA PHE A 44 -10.61 -2.77 0.37
C PHE A 44 -11.56 -3.79 -0.26
N GLN A 45 -12.50 -3.31 -1.05
CA GLN A 45 -13.46 -4.18 -1.71
C GLN A 45 -12.79 -5.03 -2.78
N GLU A 46 -12.10 -4.37 -3.70
CA GLU A 46 -11.41 -5.07 -4.78
C GLU A 46 -10.28 -5.94 -4.22
N ALA A 47 -10.07 -5.87 -2.91
CA ALA A 47 -9.03 -6.64 -2.26
C ALA A 47 -9.60 -7.91 -1.63
N PHE A 48 -10.52 -7.74 -0.69
CA PHE A 48 -11.15 -8.86 -0.01
C PHE A 48 -12.50 -9.18 -0.63
N TYR A 49 -13.33 -8.16 -0.79
CA TYR A 49 -14.66 -8.34 -1.37
C TYR A 49 -14.57 -8.51 -2.88
N VAL A 50 -13.38 -8.85 -3.37
CA VAL A 50 -13.17 -9.04 -4.80
C VAL A 50 -13.68 -10.41 -5.25
N LYS A 51 -13.35 -11.44 -4.48
CA LYS A 51 -13.77 -12.80 -4.79
C LYS A 51 -13.96 -13.62 -3.51
N ALA A 52 -14.38 -14.86 -3.68
CA ALA A 52 -14.60 -15.75 -2.54
C ALA A 52 -13.38 -16.63 -2.29
N ARG A 53 -12.70 -17.01 -3.37
CA ARG A 53 -11.50 -17.85 -3.26
C ARG A 53 -10.27 -17.10 -3.73
N ASP A 54 -10.47 -16.10 -4.59
CA ASP A 54 -9.37 -15.30 -5.11
C ASP A 54 -9.07 -14.11 -4.20
N ARG A 55 -9.56 -14.18 -2.97
CA ARG A 55 -9.35 -13.11 -2.00
C ARG A 55 -7.88 -12.75 -1.90
N LYS A 56 -7.53 -11.56 -2.37
CA LYS A 56 -6.15 -11.09 -2.33
C LYS A 56 -5.90 -10.22 -1.10
N LEU A 57 -4.67 -9.76 -0.95
CA LEU A 57 -4.30 -8.92 0.19
C LEU A 57 -3.98 -7.50 -0.27
N LEU A 58 -4.23 -6.53 0.60
CA LEU A 58 -3.96 -5.13 0.30
C LEU A 58 -2.71 -4.64 1.00
N ALA A 59 -2.04 -3.65 0.42
CA ALA A 59 -0.84 -3.08 1.00
C ALA A 59 -0.71 -1.60 0.67
N ILE A 60 -0.71 -0.77 1.72
CA ILE A 60 -0.59 0.67 1.54
C ILE A 60 0.86 1.09 1.37
N TYR A 61 1.10 2.06 0.48
CA TYR A 61 2.44 2.54 0.21
C TYR A 61 2.49 4.07 0.26
N LEU A 62 3.04 4.62 1.33
CA LEU A 62 3.14 6.05 1.50
C LEU A 62 4.40 6.59 0.82
N HIS A 63 4.22 7.38 -0.24
CA HIS A 63 5.34 7.96 -0.97
C HIS A 63 5.77 9.28 -0.34
N HIS A 64 7.08 9.46 -0.20
CA HIS A 64 7.62 10.69 0.38
C HIS A 64 8.87 11.13 -0.37
N ASP A 65 8.85 12.36 -0.86
CA ASP A 65 9.99 12.91 -1.59
C ASP A 65 11.14 13.23 -0.65
N GLU A 66 10.90 14.12 0.29
CA GLU A 66 11.93 14.52 1.25
C GLU A 66 12.83 13.34 1.60
N SER A 67 12.22 12.19 1.83
CA SER A 67 12.97 10.98 2.17
C SER A 67 14.06 10.71 1.14
N VAL A 68 15.09 9.98 1.56
CA VAL A 68 16.19 9.65 0.66
C VAL A 68 16.11 8.19 0.20
N LEU A 69 15.48 7.35 1.02
CA LEU A 69 15.33 5.94 0.68
C LEU A 69 14.26 5.74 -0.38
N THR A 70 13.42 6.76 -0.57
CA THR A 70 12.35 6.70 -1.55
C THR A 70 12.90 6.90 -2.96
N ASN A 71 13.42 8.09 -3.23
CA ASN A 71 13.97 8.40 -4.55
C ASN A 71 14.64 7.17 -5.17
N VAL A 72 15.23 6.33 -4.31
CA VAL A 72 15.89 5.12 -4.76
C VAL A 72 14.96 3.91 -4.68
N PHE A 73 14.25 3.81 -3.57
CA PHE A 73 13.33 2.69 -3.35
C PHE A 73 12.17 2.76 -4.34
N CYS A 74 12.06 3.87 -5.05
CA CYS A 74 11.00 4.06 -6.04
C CYS A 74 11.46 3.65 -7.42
N SER A 75 12.72 3.95 -7.73
CA SER A 75 13.28 3.62 -9.04
C SER A 75 14.10 2.33 -8.96
N GLN A 76 14.42 1.92 -7.74
CA GLN A 76 15.19 0.69 -7.53
C GLN A 76 14.29 -0.47 -7.18
N MET A 77 13.51 -0.31 -6.11
CA MET A 77 12.60 -1.36 -5.67
C MET A 77 11.32 -1.35 -6.50
N LEU A 78 10.50 -0.34 -6.31
CA LEU A 78 9.24 -0.22 -7.04
C LEU A 78 9.43 -0.58 -8.51
N CYS A 79 10.67 -0.46 -8.99
CA CYS A 79 10.98 -0.78 -10.37
C CYS A 79 11.20 -2.27 -10.55
N ALA A 80 10.72 -3.05 -9.59
CA ALA A 80 10.87 -4.51 -9.63
C ALA A 80 9.85 -5.12 -10.57
N GLU A 81 10.29 -5.49 -11.77
CA GLU A 81 9.41 -6.10 -12.76
C GLU A 81 8.65 -7.28 -12.16
N SER A 82 9.33 -8.03 -11.30
CA SER A 82 8.74 -9.20 -10.66
C SER A 82 7.67 -8.77 -9.66
N ILE A 83 7.95 -7.71 -8.91
CA ILE A 83 7.02 -7.20 -7.91
C ILE A 83 5.84 -6.49 -8.57
N VAL A 84 6.12 -5.36 -9.20
CA VAL A 84 5.09 -4.58 -9.88
C VAL A 84 4.06 -5.49 -10.54
N SER A 85 4.51 -6.66 -10.97
CA SER A 85 3.63 -7.63 -11.63
C SER A 85 2.81 -8.39 -10.60
N TYR A 86 3.49 -9.01 -9.64
CA TYR A 86 2.82 -9.78 -8.61
C TYR A 86 2.08 -8.86 -7.63
N LEU A 87 2.83 -7.93 -7.04
CA LEU A 87 2.24 -6.98 -6.09
C LEU A 87 0.91 -6.44 -6.60
N SER A 88 0.79 -6.32 -7.93
CA SER A 88 -0.42 -5.82 -8.53
C SER A 88 -1.37 -6.96 -8.90
N GLN A 89 -0.81 -8.02 -9.48
CA GLN A 89 -1.59 -9.17 -9.88
C GLN A 89 -2.16 -9.90 -8.66
N ASN A 90 -1.27 -10.36 -7.79
CA ASN A 90 -1.68 -11.06 -6.58
C ASN A 90 -2.20 -10.09 -5.53
N PHE A 91 -1.46 -9.01 -5.31
CA PHE A 91 -1.84 -7.99 -4.33
C PHE A 91 -2.39 -6.75 -5.03
N ILE A 92 -2.94 -5.84 -4.24
CA ILE A 92 -3.51 -4.60 -4.78
C ILE A 92 -2.58 -3.42 -4.52
N THR A 93 -2.03 -2.87 -5.59
CA THR A 93 -1.12 -1.73 -5.47
C THR A 93 -1.90 -0.42 -5.30
N TRP A 94 -1.54 0.33 -4.26
CA TRP A 94 -2.20 1.60 -3.98
C TRP A 94 -1.24 2.57 -3.31
N ALA A 95 -0.93 3.67 -3.99
CA ALA A 95 -0.03 4.68 -3.46
C ALA A 95 -0.79 5.95 -3.07
N TRP A 96 -0.19 6.75 -2.20
CA TRP A 96 -0.81 7.99 -1.75
C TRP A 96 0.25 9.04 -1.42
N ASP A 97 0.16 10.19 -2.08
CA ASP A 97 1.11 11.28 -1.86
C ASP A 97 0.76 12.05 -0.59
N LEU A 98 1.52 11.81 0.48
CA LEU A 98 1.30 12.48 1.75
C LEU A 98 2.43 13.45 2.07
N THR A 99 3.24 13.75 1.06
CA THR A 99 4.36 14.67 1.23
C THR A 99 4.01 15.80 2.18
N LYS A 100 3.11 16.68 1.73
CA LYS A 100 2.68 17.82 2.54
C LYS A 100 1.97 17.34 3.81
N ASP A 101 1.93 18.21 4.81
CA ASP A 101 1.29 17.89 6.08
C ASP A 101 -0.21 17.69 5.89
N SER A 102 -0.86 18.65 5.23
CA SER A 102 -2.30 18.58 5.00
C SER A 102 -2.72 17.16 4.65
N ASN A 103 -1.91 16.48 3.84
CA ASN A 103 -2.20 15.11 3.44
C ASN A 103 -1.84 14.12 4.54
N ARG A 104 -0.59 14.17 4.98
CA ARG A 104 -0.11 13.29 6.04
C ARG A 104 -1.17 13.10 7.12
N ALA A 105 -1.68 14.22 7.63
CA ALA A 105 -2.70 14.19 8.67
C ALA A 105 -3.89 13.33 8.24
N ARG A 106 -4.50 13.66 7.11
CA ARG A 106 -5.63 12.92 6.60
C ARG A 106 -5.47 11.42 6.85
N PHE A 107 -4.39 10.86 6.30
CA PHE A 107 -4.11 9.44 6.46
C PHE A 107 -4.28 9.01 7.91
N LEU A 108 -3.66 9.75 8.81
CA LEU A 108 -3.73 9.45 10.24
C LEU A 108 -5.18 9.46 10.72
N THR A 109 -5.94 10.45 10.28
CA THR A 109 -7.34 10.57 10.65
C THR A 109 -8.16 9.38 10.16
N MET A 110 -8.17 9.20 8.84
CA MET A 110 -8.91 8.08 8.24
C MET A 110 -8.44 6.75 8.81
N CYS A 111 -7.14 6.63 9.08
CA CYS A 111 -6.59 5.41 9.64
C CYS A 111 -7.11 5.16 11.04
N ASN A 112 -7.05 6.19 11.89
CA ASN A 112 -7.53 6.07 13.26
C ASN A 112 -8.84 5.31 13.32
N ARG A 113 -9.69 5.52 12.31
CA ARG A 113 -10.98 4.85 12.26
C ARG A 113 -10.88 3.53 11.50
N HIS A 114 -10.49 3.61 10.24
CA HIS A 114 -10.35 2.41 9.41
C HIS A 114 -9.57 1.33 10.13
N PHE A 115 -8.31 1.63 10.46
CA PHE A 115 -7.45 0.68 11.15
C PHE A 115 -7.56 0.85 12.66
N GLY A 116 -7.12 2.01 13.15
CA GLY A 116 -7.18 2.28 14.58
C GLY A 116 -6.15 3.31 15.01
N SER A 117 -6.19 3.67 16.29
CA SER A 117 -5.25 4.66 16.83
C SER A 117 -3.88 4.03 17.05
N VAL A 118 -3.87 2.73 17.34
CA VAL A 118 -2.62 2.01 17.58
C VAL A 118 -1.65 2.21 16.43
N VAL A 119 -2.07 1.81 15.23
CA VAL A 119 -1.23 1.93 14.04
C VAL A 119 -0.80 3.37 13.83
N ALA A 120 -1.70 4.31 14.08
CA ALA A 120 -1.41 5.73 13.91
C ALA A 120 -0.14 6.11 14.66
N GLN A 121 -0.15 5.92 15.98
CA GLN A 121 0.99 6.24 16.82
C GLN A 121 2.29 5.91 16.10
N THR A 122 2.47 4.64 15.74
CA THR A 122 3.67 4.20 15.06
C THR A 122 4.00 5.10 13.87
N ILE A 123 2.97 5.43 13.09
CA ILE A 123 3.15 6.29 11.93
C ILE A 123 3.76 7.63 12.32
N ARG A 124 3.35 8.14 13.48
CA ARG A 124 3.86 9.41 13.98
C ARG A 124 5.36 9.34 14.26
N THR A 125 5.77 8.27 14.94
CA THR A 125 7.18 8.07 15.27
C THR A 125 8.01 7.84 14.03
N GLN A 126 7.47 7.04 13.09
CA GLN A 126 8.18 6.74 11.85
C GLN A 126 8.62 8.03 11.15
N LYS A 127 9.91 8.32 11.22
CA LYS A 127 10.46 9.52 10.60
C LYS A 127 10.31 9.45 9.07
N THR A 128 10.65 10.54 8.41
CA THR A 128 10.56 10.60 6.95
C THR A 128 11.42 9.52 6.31
N ASP A 129 12.72 9.57 6.58
CA ASP A 129 13.66 8.60 6.03
C ASP A 129 13.01 7.22 5.91
N GLN A 130 12.49 6.73 7.03
CA GLN A 130 11.84 5.42 7.06
C GLN A 130 11.06 5.17 5.78
N PHE A 131 10.31 6.18 5.34
CA PHE A 131 9.51 6.07 4.13
C PHE A 131 10.38 5.66 2.94
N PRO A 132 9.75 5.05 1.92
CA PRO A 132 8.31 4.78 1.94
C PRO A 132 7.93 3.71 2.95
N LEU A 133 6.87 3.96 3.70
CA LEU A 133 6.39 3.01 4.71
C LEU A 133 5.43 2.01 4.10
N PHE A 134 5.91 0.81 3.85
CA PHE A 134 5.08 -0.24 3.27
C PHE A 134 4.50 -1.15 4.36
N LEU A 135 3.19 -1.19 4.45
CA LEU A 135 2.51 -2.03 5.44
C LEU A 135 1.59 -3.04 4.77
N ILE A 136 1.61 -4.27 5.27
CA ILE A 136 0.78 -5.33 4.73
C ILE A 136 -0.47 -5.53 5.56
N ILE A 137 -1.63 -5.34 4.95
CA ILE A 137 -2.90 -5.50 5.64
C ILE A 137 -3.50 -6.88 5.37
N MET A 138 -4.09 -7.48 6.41
CA MET A 138 -4.71 -8.79 6.28
C MET A 138 -5.56 -9.12 7.50
N GLY A 139 -6.57 -9.95 7.31
CA GLY A 139 -7.44 -10.32 8.40
C GLY A 139 -8.85 -10.64 7.95
N LYS A 140 -9.80 -10.60 8.88
CA LYS A 140 -11.20 -10.89 8.56
C LYS A 140 -11.93 -9.62 8.16
N ARG A 141 -12.94 -9.77 7.30
CA ARG A 141 -13.72 -8.63 6.84
C ARG A 141 -14.27 -7.83 8.02
N SER A 142 -14.44 -8.50 9.15
CA SER A 142 -14.96 -7.84 10.35
C SER A 142 -14.03 -6.73 10.81
N SER A 143 -12.74 -7.05 10.88
CA SER A 143 -11.74 -6.08 11.30
C SER A 143 -10.35 -6.46 10.79
N ASN A 144 -9.73 -5.55 10.04
CA ASN A 144 -8.41 -5.79 9.47
C ASN A 144 -7.33 -5.38 10.46
N GLU A 145 -6.10 -5.83 10.21
CA GLU A 145 -4.97 -5.51 11.07
C GLU A 145 -3.65 -5.60 10.31
N VAL A 146 -2.65 -4.89 10.80
CA VAL A 146 -1.33 -4.89 10.17
C VAL A 146 -0.46 -6.03 10.68
N LEU A 147 -0.19 -7.00 9.81
CA LEU A 147 0.62 -8.15 10.18
C LEU A 147 2.10 -7.78 10.23
N ASN A 148 2.63 -7.33 9.10
CA ASN A 148 4.04 -6.94 9.02
C ASN A 148 4.16 -5.45 8.69
N VAL A 149 5.27 -4.85 9.12
CA VAL A 149 5.52 -3.44 8.86
C VAL A 149 6.92 -3.22 8.31
N ILE A 150 7.00 -2.83 7.04
CA ILE A 150 8.28 -2.58 6.39
C ILE A 150 8.59 -1.09 6.34
N GLN A 151 9.70 -0.70 6.95
CA GLN A 151 10.11 0.70 6.98
C GLN A 151 10.41 1.20 5.56
N GLY A 152 11.41 0.59 4.93
CA GLY A 152 11.78 0.99 3.58
C GLY A 152 13.25 0.73 3.28
N ASN A 153 14.04 0.59 4.34
CA ASN A 153 15.48 0.34 4.18
C ASN A 153 15.75 -1.15 3.94
N THR A 154 14.69 -1.88 3.62
CA THR A 154 14.81 -3.31 3.35
C THR A 154 15.31 -3.57 1.93
N THR A 155 15.69 -4.81 1.66
CA THR A 155 16.20 -5.19 0.35
C THR A 155 15.07 -5.64 -0.56
N VAL A 156 15.19 -5.32 -1.85
CA VAL A 156 14.17 -5.70 -2.83
C VAL A 156 13.71 -7.13 -2.61
N ASP A 157 14.66 -8.05 -2.54
CA ASP A 157 14.33 -9.46 -2.33
C ASP A 157 13.38 -9.64 -1.16
N GLU A 158 13.76 -9.11 0.00
CA GLU A 158 12.93 -9.20 1.20
C GLU A 158 11.46 -8.94 0.86
N LEU A 159 11.21 -7.81 0.21
CA LEU A 159 9.85 -7.44 -0.16
C LEU A 159 9.16 -8.58 -0.92
N MET A 160 9.82 -9.10 -1.94
CA MET A 160 9.27 -10.19 -2.73
C MET A 160 8.83 -11.34 -1.83
N MET A 161 9.70 -11.74 -0.91
CA MET A 161 9.39 -12.83 0.01
C MET A 161 8.22 -12.46 0.92
N ARG A 162 8.34 -11.33 1.59
CA ARG A 162 7.29 -10.86 2.50
C ARG A 162 5.91 -11.10 1.90
N LEU A 163 5.67 -10.55 0.72
CA LEU A 163 4.39 -10.71 0.04
C LEU A 163 3.97 -12.17 0.00
N MET A 164 4.84 -13.01 -0.57
CA MET A 164 4.57 -14.44 -0.66
C MET A 164 4.23 -15.03 0.70
N ALA A 165 4.97 -14.61 1.72
CA ALA A 165 4.75 -15.09 3.07
C ALA A 165 3.34 -14.76 3.55
N ALA A 166 2.86 -13.58 3.20
CA ALA A 166 1.52 -13.16 3.59
C ALA A 166 0.46 -14.10 3.04
N MET A 167 0.66 -14.58 1.82
CA MET A 167 -0.27 -15.50 1.19
C MET A 167 -0.24 -16.87 1.88
N GLU A 168 0.88 -17.57 1.72
CA GLU A 168 1.04 -18.89 2.33
C GLU A 168 0.38 -18.93 3.71
N ILE A 169 0.57 -17.88 4.49
CA ILE A 169 0.00 -17.80 5.83
C ILE A 169 -1.53 -17.67 5.76
N PHE A 170 -2.00 -16.78 4.90
CA PHE A 170 -3.44 -16.56 4.74
C PHE A 170 -4.17 -17.89 4.58
N THR A 171 -3.75 -18.67 3.60
CA THR A 171 -4.37 -19.96 3.32
C THR A 171 -4.44 -20.82 4.59
N ALA A 172 -3.37 -20.79 5.37
CA ALA A 172 -3.31 -21.55 6.62
C ALA A 172 -4.29 -20.99 7.65
N GLN A 173 -4.32 -19.67 7.77
CA GLN A 173 -5.21 -19.02 8.71
C GLN A 173 -6.67 -19.29 8.38
N GLN A 174 -7.03 -19.10 7.12
CA GLN A 174 -8.40 -19.34 6.67
C GLN A 174 -8.83 -20.77 6.96
N GLN A 175 -10.10 -20.95 7.30
CA GLN A 175 -10.63 -22.27 7.60
C GLN A 175 -10.79 -23.09 6.32
N GLU A 176 -10.61 -22.44 5.18
CA GLU A 176 -10.74 -23.11 3.89
C GLU A 176 -10.13 -24.52 3.94
N ASP A 177 -8.92 -24.61 4.48
CA ASP A 177 -8.23 -25.89 4.59
C ASP A 177 -9.21 -27.00 4.96
N ILE A 178 -9.95 -26.77 6.05
CA ILE A 178 -10.93 -27.76 6.51
C ILE A 178 -12.15 -27.80 5.60
N GLU A 8 -19.15 5.97 -8.23
CA GLU A 8 -18.62 5.15 -9.32
C GLU A 8 -18.12 6.03 -10.47
N ASN A 9 -18.85 7.11 -10.74
CA ASN A 9 -18.49 8.02 -11.82
C ASN A 9 -17.50 9.07 -11.33
N ALA A 10 -17.91 9.82 -10.31
CA ALA A 10 -17.06 10.86 -9.75
C ALA A 10 -16.45 10.42 -8.41
N GLU A 11 -15.18 10.73 -8.21
CA GLU A 11 -14.49 10.36 -6.98
C GLU A 11 -13.59 11.49 -6.51
N ASN A 12 -13.27 11.49 -5.22
CA ASN A 12 -12.42 12.51 -4.63
C ASN A 12 -10.94 12.16 -4.80
N GLU A 13 -10.58 10.96 -4.40
CA GLU A 13 -9.20 10.50 -4.51
C GLU A 13 -8.90 10.02 -5.92
N GLY A 14 -9.78 9.17 -6.46
CA GLY A 14 -9.60 8.65 -7.80
C GLY A 14 -8.94 9.65 -8.72
N ASP A 15 -9.59 10.80 -8.90
CA ASP A 15 -9.06 11.85 -9.77
C ASP A 15 -7.69 12.33 -9.28
N ALA A 16 -7.59 12.56 -7.97
CA ALA A 16 -6.34 13.03 -7.38
C ALA A 16 -5.18 12.11 -7.76
N LEU A 17 -5.39 10.81 -7.62
CA LEU A 17 -4.36 9.83 -7.95
C LEU A 17 -3.95 9.93 -9.41
N LEU A 18 -4.94 9.77 -10.30
CA LEU A 18 -4.68 9.86 -11.74
C LEU A 18 -3.59 10.87 -12.04
N GLN A 19 -3.80 12.10 -11.60
CA GLN A 19 -2.82 13.17 -11.84
C GLN A 19 -1.44 12.74 -11.38
N PHE A 20 -1.35 12.23 -10.15
CA PHE A 20 -0.07 11.80 -9.60
C PHE A 20 0.51 10.65 -10.42
N THR A 21 -0.26 9.58 -10.57
CA THR A 21 0.18 8.41 -11.32
C THR A 21 0.69 8.83 -12.71
N ALA A 22 -0.02 9.73 -13.35
CA ALA A 22 0.35 10.21 -14.68
C ALA A 22 1.75 10.83 -14.65
N GLU A 23 1.90 11.92 -13.89
CA GLU A 23 3.18 12.60 -13.79
C GLU A 23 4.26 11.66 -13.27
N PHE A 24 4.06 11.17 -12.05
CA PHE A 24 5.01 10.25 -11.42
C PHE A 24 5.64 9.33 -12.47
N SER A 25 4.80 8.57 -13.16
CA SER A 25 5.27 7.64 -14.18
C SER A 25 6.41 8.26 -14.99
N SER A 26 6.18 9.47 -15.49
CA SER A 26 7.19 10.16 -16.29
C SER A 26 8.34 10.63 -15.41
N ARG A 27 8.01 11.19 -14.25
CA ARG A 27 9.02 11.68 -13.31
C ARG A 27 10.20 10.72 -13.24
N TYR A 28 9.92 9.47 -12.89
CA TYR A 28 10.96 8.45 -12.78
C TYR A 28 11.03 7.61 -14.04
N GLY A 29 9.95 6.89 -14.33
CA GLY A 29 9.91 6.04 -15.50
C GLY A 29 8.60 5.31 -15.64
N ASP A 30 8.22 4.99 -16.88
CA ASP A 30 6.97 4.28 -17.14
C ASP A 30 6.85 3.05 -16.27
N CYS A 31 7.95 2.30 -16.15
CA CYS A 31 7.97 1.08 -15.35
C CYS A 31 7.46 1.37 -13.93
N HIS A 32 6.27 0.89 -13.63
CA HIS A 32 5.68 1.08 -12.32
C HIS A 32 4.45 0.19 -12.12
N PRO A 33 4.12 -0.11 -10.86
CA PRO A 33 2.99 -0.96 -10.52
C PRO A 33 1.65 -0.29 -10.82
N VAL A 34 0.79 -1.00 -11.52
CA VAL A 34 -0.53 -0.48 -11.87
C VAL A 34 -1.28 0.00 -10.64
N PHE A 35 -1.31 1.32 -10.44
CA PHE A 35 -2.00 1.91 -9.29
C PHE A 35 -3.51 1.94 -9.51
N PHE A 36 -4.25 1.46 -8.53
CA PHE A 36 -5.71 1.44 -8.61
C PHE A 36 -6.28 2.84 -8.54
N ILE A 37 -7.15 3.17 -9.49
CA ILE A 37 -7.77 4.50 -9.52
C ILE A 37 -9.10 4.50 -8.77
N GLY A 38 -9.17 5.28 -7.69
CA GLY A 38 -10.37 5.36 -6.90
C GLY A 38 -10.10 5.72 -5.45
N SER A 39 -10.94 5.22 -4.55
CA SER A 39 -10.79 5.50 -3.13
C SER A 39 -10.36 4.25 -2.37
N LEU A 40 -9.59 4.44 -1.31
CA LEU A 40 -9.11 3.33 -0.50
C LEU A 40 -10.22 2.31 -0.26
N GLU A 41 -11.40 2.80 0.08
CA GLU A 41 -12.55 1.93 0.33
C GLU A 41 -12.64 0.83 -0.71
N ALA A 42 -12.61 1.23 -1.98
CA ALA A 42 -12.69 0.28 -3.09
C ALA A 42 -11.50 -0.70 -3.05
N ALA A 43 -10.31 -0.16 -2.83
CA ALA A 43 -9.11 -0.98 -2.78
C ALA A 43 -9.31 -2.19 -1.88
N PHE A 44 -10.33 -2.13 -1.03
CA PHE A 44 -10.63 -3.24 -0.12
C PHE A 44 -11.55 -4.25 -0.77
N GLN A 45 -12.66 -3.76 -1.32
CA GLN A 45 -13.63 -4.63 -1.98
C GLN A 45 -13.03 -5.27 -3.23
N GLU A 46 -12.28 -4.48 -3.98
CA GLU A 46 -11.65 -4.97 -5.20
C GLU A 46 -10.67 -6.11 -4.90
N ALA A 47 -10.44 -6.34 -3.61
CA ALA A 47 -9.53 -7.40 -3.18
C ALA A 47 -10.26 -8.46 -2.37
N PHE A 48 -11.22 -8.02 -1.54
CA PHE A 48 -11.99 -8.93 -0.71
C PHE A 48 -13.34 -9.25 -1.36
N TYR A 49 -14.17 -8.23 -1.51
CA TYR A 49 -15.49 -8.40 -2.11
C TYR A 49 -15.40 -9.29 -3.34
N VAL A 50 -14.33 -9.14 -4.11
CA VAL A 50 -14.13 -9.92 -5.32
C VAL A 50 -14.70 -11.33 -5.16
N LYS A 51 -13.98 -12.17 -4.44
CA LYS A 51 -14.41 -13.55 -4.21
C LYS A 51 -13.76 -14.12 -2.96
N ALA A 52 -14.57 -14.76 -2.13
CA ALA A 52 -14.07 -15.36 -0.89
C ALA A 52 -12.85 -16.25 -1.16
N ARG A 53 -12.71 -16.67 -2.41
CA ARG A 53 -11.59 -17.52 -2.80
C ARG A 53 -10.47 -16.70 -3.43
N ASP A 54 -10.85 -15.82 -4.35
CA ASP A 54 -9.88 -14.97 -5.04
C ASP A 54 -9.51 -13.76 -4.17
N ARG A 55 -9.80 -13.86 -2.88
CA ARG A 55 -9.50 -12.78 -1.95
C ARG A 55 -8.03 -12.37 -2.04
N LYS A 56 -7.78 -11.07 -1.95
CA LYS A 56 -6.42 -10.55 -2.03
C LYS A 56 -6.12 -9.63 -0.84
N LEU A 57 -4.89 -9.17 -0.76
CA LEU A 57 -4.47 -8.28 0.33
C LEU A 57 -4.05 -6.92 -0.21
N LEU A 58 -4.31 -5.87 0.57
CA LEU A 58 -3.95 -4.51 0.17
C LEU A 58 -2.73 -4.02 0.93
N ALA A 59 -1.92 -3.20 0.28
CA ALA A 59 -0.71 -2.66 0.91
C ALA A 59 -0.57 -1.18 0.61
N ILE A 60 -0.84 -0.34 1.60
CA ILE A 60 -0.73 1.10 1.44
C ILE A 60 0.73 1.53 1.32
N TYR A 61 1.06 2.16 0.19
CA TYR A 61 2.42 2.62 -0.06
C TYR A 61 2.52 4.13 0.11
N LEU A 62 3.14 4.56 1.21
CA LEU A 62 3.30 5.98 1.50
C LEU A 62 4.53 6.53 0.79
N HIS A 63 4.31 7.52 -0.07
CA HIS A 63 5.41 8.14 -0.81
C HIS A 63 5.81 9.46 -0.17
N HIS A 64 7.03 9.49 0.38
CA HIS A 64 7.54 10.69 1.03
C HIS A 64 8.88 11.12 0.41
N ASP A 65 8.88 12.30 -0.20
CA ASP A 65 10.08 12.83 -0.83
C ASP A 65 11.18 13.06 0.20
N GLU A 66 10.88 13.87 1.21
CA GLU A 66 11.84 14.17 2.26
C GLU A 66 12.73 12.96 2.55
N SER A 67 12.13 11.77 2.55
CA SER A 67 12.86 10.54 2.81
C SER A 67 13.95 10.32 1.76
N VAL A 68 15.03 9.65 2.17
CA VAL A 68 16.14 9.38 1.27
C VAL A 68 15.97 8.03 0.59
N LEU A 69 15.44 7.06 1.32
CA LEU A 69 15.22 5.71 0.79
C LEU A 69 14.21 5.74 -0.36
N THR A 70 13.10 6.44 -0.14
CA THR A 70 12.06 6.55 -1.16
C THR A 70 12.66 6.86 -2.53
N ASN A 71 13.79 7.55 -2.53
CA ASN A 71 14.47 7.92 -3.77
C ASN A 71 14.87 6.67 -4.55
N VAL A 72 15.80 5.90 -3.99
CA VAL A 72 16.28 4.69 -4.63
C VAL A 72 15.20 3.61 -4.64
N PHE A 73 14.55 3.42 -3.49
CA PHE A 73 13.50 2.42 -3.36
C PHE A 73 12.43 2.63 -4.43
N CYS A 74 12.45 3.79 -5.06
CA CYS A 74 11.48 4.12 -6.10
C CYS A 74 11.91 3.54 -7.44
N SER A 75 13.16 3.77 -7.81
CA SER A 75 13.70 3.28 -9.07
C SER A 75 14.46 1.97 -8.87
N GLN A 76 14.55 1.54 -7.62
CA GLN A 76 15.26 0.31 -7.29
C GLN A 76 14.28 -0.82 -6.98
N MET A 77 13.34 -0.54 -6.07
CA MET A 77 12.34 -1.52 -5.68
C MET A 77 11.09 -1.41 -6.55
N LEU A 78 10.36 -0.31 -6.38
CA LEU A 78 9.14 -0.08 -7.15
C LEU A 78 9.35 -0.42 -8.62
N CYS A 79 10.52 -0.06 -9.15
CA CYS A 79 10.84 -0.34 -10.54
C CYS A 79 10.93 -1.84 -10.79
N ALA A 80 11.37 -2.58 -9.78
CA ALA A 80 11.49 -4.03 -9.89
C ALA A 80 10.20 -4.65 -10.40
N GLU A 81 10.26 -5.21 -11.61
CA GLU A 81 9.08 -5.84 -12.20
C GLU A 81 8.64 -7.05 -11.39
N SER A 82 9.61 -7.83 -10.92
CA SER A 82 9.32 -9.01 -10.11
C SER A 82 8.39 -8.67 -8.95
N ILE A 83 8.44 -7.43 -8.50
CA ILE A 83 7.60 -6.98 -7.40
C ILE A 83 6.28 -6.43 -7.91
N VAL A 84 6.33 -5.30 -8.60
CA VAL A 84 5.13 -4.68 -9.14
C VAL A 84 4.23 -5.70 -9.82
N SER A 85 4.81 -6.83 -10.19
CA SER A 85 4.06 -7.89 -10.86
C SER A 85 3.19 -8.64 -9.85
N TYR A 86 3.83 -9.23 -8.84
CA TYR A 86 3.11 -9.98 -7.82
C TYR A 86 2.31 -9.05 -6.92
N LEU A 87 2.94 -7.95 -6.51
CA LEU A 87 2.28 -6.97 -5.65
C LEU A 87 1.00 -6.45 -6.28
N SER A 88 1.01 -6.32 -7.61
CA SER A 88 -0.14 -5.83 -8.34
C SER A 88 -1.09 -6.98 -8.69
N GLN A 89 -0.53 -8.10 -9.12
CA GLN A 89 -1.32 -9.27 -9.48
C GLN A 89 -1.93 -9.91 -8.25
N ASN A 90 -1.09 -10.37 -7.33
CA ASN A 90 -1.55 -11.00 -6.11
C ASN A 90 -2.15 -9.97 -5.16
N PHE A 91 -1.43 -8.89 -4.94
CA PHE A 91 -1.90 -7.82 -4.05
C PHE A 91 -2.39 -6.62 -4.85
N ILE A 92 -2.92 -5.63 -4.14
CA ILE A 92 -3.43 -4.42 -4.79
C ILE A 92 -2.54 -3.22 -4.49
N THR A 93 -1.82 -2.76 -5.51
CA THR A 93 -0.92 -1.61 -5.36
C THR A 93 -1.71 -0.32 -5.19
N TRP A 94 -1.34 0.47 -4.20
CA TRP A 94 -2.01 1.74 -3.94
C TRP A 94 -1.04 2.77 -3.37
N ALA A 95 -0.98 3.93 -4.00
CA ALA A 95 -0.09 5.00 -3.55
C ALA A 95 -0.88 6.21 -3.09
N TRP A 96 -0.38 6.87 -2.04
CA TRP A 96 -1.04 8.05 -1.50
C TRP A 96 -0.02 9.08 -1.03
N ASP A 97 0.17 10.13 -1.83
CA ASP A 97 1.11 11.18 -1.50
C ASP A 97 0.65 11.96 -0.27
N LEU A 98 1.35 11.77 0.84
CA LEU A 98 1.02 12.45 2.08
C LEU A 98 2.13 13.40 2.51
N THR A 99 3.02 13.71 1.57
CA THR A 99 4.15 14.59 1.85
C THR A 99 3.69 15.86 2.58
N LYS A 100 2.60 16.45 2.10
CA LYS A 100 2.06 17.65 2.71
C LYS A 100 1.19 17.31 3.91
N ASP A 101 1.41 18.01 5.02
CA ASP A 101 0.64 17.79 6.24
C ASP A 101 -0.84 17.60 5.92
N SER A 102 -1.37 18.44 5.05
CA SER A 102 -2.76 18.37 4.67
C SER A 102 -3.22 16.91 4.50
N ASN A 103 -2.53 16.18 3.62
CA ASN A 103 -2.84 14.79 3.37
C ASN A 103 -2.45 13.92 4.55
N ARG A 104 -1.25 14.15 5.08
CA ARG A 104 -0.74 13.38 6.21
C ARG A 104 -1.85 13.14 7.23
N ALA A 105 -2.49 14.21 7.69
CA ALA A 105 -3.57 14.12 8.67
C ALA A 105 -4.65 13.16 8.18
N ARG A 106 -5.15 13.41 6.97
CA ARG A 106 -6.20 12.57 6.40
C ARG A 106 -5.86 11.09 6.56
N PHE A 107 -4.64 10.72 6.21
CA PHE A 107 -4.20 9.33 6.32
C PHE A 107 -4.29 8.84 7.75
N LEU A 108 -4.00 9.74 8.69
CA LEU A 108 -4.05 9.40 10.11
C LEU A 108 -5.49 9.28 10.60
N THR A 109 -6.36 10.13 10.05
CA THR A 109 -7.77 10.13 10.43
C THR A 109 -8.45 8.84 9.97
N MET A 110 -8.28 8.50 8.70
CA MET A 110 -8.88 7.30 8.14
C MET A 110 -8.29 6.05 8.78
N CYS A 111 -6.98 6.03 8.95
CA CYS A 111 -6.29 4.90 9.55
C CYS A 111 -6.68 4.74 11.01
N ASN A 112 -6.82 5.87 11.71
CA ASN A 112 -7.19 5.85 13.12
C ASN A 112 -8.48 5.08 13.34
N ARG A 113 -9.37 5.15 12.36
CA ARG A 113 -10.66 4.45 12.45
C ARG A 113 -10.58 3.08 11.77
N HIS A 114 -10.39 3.10 10.45
CA HIS A 114 -10.30 1.86 9.68
C HIS A 114 -9.50 0.80 10.46
N PHE A 115 -8.21 1.05 10.63
CA PHE A 115 -7.34 0.12 11.34
C PHE A 115 -7.36 0.41 12.84
N GLY A 116 -6.84 1.57 13.22
CA GLY A 116 -6.80 1.95 14.62
C GLY A 116 -5.83 3.07 14.90
N SER A 117 -5.89 3.62 16.11
CA SER A 117 -5.00 4.72 16.49
C SER A 117 -3.56 4.23 16.62
N VAL A 118 -3.36 3.18 17.39
CA VAL A 118 -2.03 2.61 17.61
C VAL A 118 -1.25 2.56 16.30
N VAL A 119 -1.81 1.86 15.31
CA VAL A 119 -1.16 1.72 14.02
C VAL A 119 -0.69 3.09 13.50
N ALA A 120 -1.63 3.97 13.22
CA ALA A 120 -1.31 5.31 12.73
C ALA A 120 -0.21 5.95 13.56
N GLN A 121 -0.32 5.83 14.89
CA GLN A 121 0.66 6.40 15.78
C GLN A 121 2.07 5.92 15.43
N THR A 122 2.20 4.63 15.17
CA THR A 122 3.49 4.04 14.82
C THR A 122 4.17 4.83 13.71
N ILE A 123 3.39 5.21 12.70
CA ILE A 123 3.92 5.97 11.57
C ILE A 123 4.26 7.40 12.00
N ARG A 124 3.52 7.92 12.97
CA ARG A 124 3.74 9.27 13.45
C ARG A 124 5.04 9.36 14.26
N THR A 125 5.19 8.45 15.22
CA THR A 125 6.38 8.42 16.05
C THR A 125 7.61 7.98 15.26
N GLN A 126 7.37 7.24 14.18
CA GLN A 126 8.46 6.76 13.34
C GLN A 126 9.21 7.93 12.70
N LYS A 127 10.45 7.68 12.31
CA LYS A 127 11.28 8.71 11.68
C LYS A 127 11.05 8.76 10.18
N THR A 128 11.11 9.96 9.61
CA THR A 128 10.92 10.14 8.18
C THR A 128 11.77 9.17 7.37
N ASP A 129 12.99 8.94 7.84
CA ASP A 129 13.91 8.03 7.16
C ASP A 129 13.23 6.68 6.89
N GLN A 130 12.62 6.12 7.92
CA GLN A 130 11.93 4.84 7.80
C GLN A 130 11.26 4.71 6.43
N PHE A 131 10.54 5.76 6.03
CA PHE A 131 9.85 5.76 4.76
C PHE A 131 10.80 5.41 3.62
N PRO A 132 10.23 4.88 2.52
CA PRO A 132 8.78 4.65 2.40
C PRO A 132 8.30 3.52 3.32
N LEU A 133 7.23 3.79 4.05
CA LEU A 133 6.66 2.80 4.96
C LEU A 133 5.64 1.93 4.25
N PHE A 134 6.04 0.71 3.90
CA PHE A 134 5.16 -0.22 3.22
C PHE A 134 4.49 -1.16 4.21
N LEU A 135 3.17 -1.07 4.31
CA LEU A 135 2.41 -1.92 5.22
C LEU A 135 1.48 -2.85 4.46
N ILE A 136 1.01 -3.90 5.13
CA ILE A 136 0.11 -4.87 4.52
C ILE A 136 -1.12 -5.10 5.38
N ILE A 137 -2.26 -5.28 4.74
CA ILE A 137 -3.51 -5.52 5.45
C ILE A 137 -4.30 -6.66 4.81
N MET A 138 -4.87 -7.52 5.64
CA MET A 138 -5.66 -8.65 5.15
C MET A 138 -7.06 -8.20 4.73
N GLY A 139 -7.79 -7.61 5.66
CA GLY A 139 -9.12 -7.14 5.37
C GLY A 139 -10.20 -8.07 5.92
N LYS A 140 -10.87 -7.63 6.97
CA LYS A 140 -11.92 -8.43 7.60
C LYS A 140 -13.20 -7.63 7.72
N ARG A 141 -14.31 -8.20 7.25
CA ARG A 141 -15.61 -7.53 7.32
C ARG A 141 -15.71 -6.66 8.56
N SER A 142 -15.34 -7.22 9.71
CA SER A 142 -15.39 -6.50 10.97
C SER A 142 -14.55 -5.23 10.91
N SER A 143 -13.24 -5.41 10.71
CA SER A 143 -12.32 -4.28 10.64
C SER A 143 -11.00 -4.70 10.02
N ASN A 144 -10.27 -3.73 9.46
CA ASN A 144 -8.98 -4.00 8.83
C ASN A 144 -7.86 -3.98 9.86
N GLU A 145 -6.84 -4.79 9.63
CA GLU A 145 -5.69 -4.87 10.53
C GLU A 145 -4.39 -4.98 9.75
N VAL A 146 -3.29 -4.62 10.40
CA VAL A 146 -1.97 -4.68 9.77
C VAL A 146 -1.30 -6.04 10.01
N LEU A 147 -0.70 -6.58 8.96
CA LEU A 147 -0.03 -7.87 9.05
C LEU A 147 1.47 -7.69 9.25
N ASN A 148 2.14 -7.15 8.24
CA ASN A 148 3.58 -6.92 8.31
C ASN A 148 3.91 -5.45 8.09
N VAL A 149 4.93 -4.96 8.79
CA VAL A 149 5.35 -3.57 8.67
C VAL A 149 6.82 -3.46 8.26
N ILE A 150 7.05 -3.05 7.02
CA ILE A 150 8.40 -2.91 6.51
C ILE A 150 8.83 -1.44 6.48
N GLN A 151 9.95 -1.15 7.12
CA GLN A 151 10.47 0.22 7.16
C GLN A 151 10.63 0.79 5.76
N GLY A 152 11.52 0.18 4.97
CA GLY A 152 11.75 0.63 3.62
C GLY A 152 13.15 0.30 3.13
N ASN A 153 14.08 0.12 4.06
CA ASN A 153 15.46 -0.19 3.72
C ASN A 153 15.61 -1.68 3.41
N THR A 154 14.48 -2.38 3.30
CA THR A 154 14.49 -3.81 3.00
C THR A 154 14.94 -4.07 1.57
N THR A 155 15.27 -5.33 1.28
CA THR A 155 15.72 -5.71 -0.05
C THR A 155 14.53 -6.09 -0.94
N VAL A 156 14.53 -5.57 -2.17
CA VAL A 156 13.46 -5.85 -3.11
C VAL A 156 12.96 -7.28 -2.96
N ASP A 157 13.89 -8.22 -2.81
CA ASP A 157 13.55 -9.62 -2.66
C ASP A 157 12.67 -9.84 -1.42
N GLU A 158 13.14 -9.34 -0.28
CA GLU A 158 12.41 -9.49 0.96
C GLU A 158 10.92 -9.21 0.76
N LEU A 159 10.62 -8.20 -0.06
CA LEU A 159 9.24 -7.83 -0.34
C LEU A 159 8.48 -9.00 -0.96
N MET A 160 9.11 -9.66 -1.93
CA MET A 160 8.49 -10.80 -2.59
C MET A 160 7.96 -11.82 -1.58
N MET A 161 8.87 -12.32 -0.74
CA MET A 161 8.49 -13.29 0.28
C MET A 161 7.53 -12.67 1.30
N ARG A 162 7.89 -11.51 1.82
CA ARG A 162 7.07 -10.81 2.80
C ARG A 162 5.60 -10.84 2.39
N LEU A 163 5.33 -10.52 1.14
CA LEU A 163 3.97 -10.52 0.62
C LEU A 163 3.34 -11.90 0.72
N MET A 164 4.07 -12.91 0.26
CA MET A 164 3.58 -14.29 0.30
C MET A 164 3.12 -14.66 1.70
N ALA A 165 3.99 -14.46 2.68
CA ALA A 165 3.67 -14.77 4.07
C ALA A 165 2.27 -14.27 4.44
N ALA A 166 2.02 -12.99 4.21
CA ALA A 166 0.73 -12.40 4.51
C ALA A 166 -0.41 -13.25 3.96
N MET A 167 -0.24 -13.74 2.74
CA MET A 167 -1.25 -14.58 2.10
C MET A 167 -1.49 -15.85 2.90
N GLU A 168 -0.43 -16.62 3.12
CA GLU A 168 -0.53 -17.86 3.88
C GLU A 168 -1.16 -17.61 5.25
N ILE A 169 -0.65 -16.61 5.96
CA ILE A 169 -1.16 -16.27 7.28
C ILE A 169 -2.65 -15.96 7.23
N PHE A 170 -3.09 -15.34 6.14
CA PHE A 170 -4.49 -14.99 5.97
C PHE A 170 -5.36 -16.25 5.90
N THR A 171 -5.11 -17.08 4.90
CA THR A 171 -5.86 -18.31 4.71
C THR A 171 -5.93 -19.11 6.01
N ALA A 172 -4.81 -19.16 6.73
CA ALA A 172 -4.75 -19.88 7.99
C ALA A 172 -5.49 -19.15 9.09
N GLN A 173 -5.35 -17.82 9.12
CA GLN A 173 -6.01 -16.99 10.12
C GLN A 173 -7.51 -17.27 10.15
N GLN A 174 -8.10 -17.42 8.98
CA GLN A 174 -9.53 -17.68 8.86
C GLN A 174 -9.90 -18.96 9.61
N GLN A 175 -11.05 -18.92 10.30
CA GLN A 175 -11.51 -20.08 11.06
C GLN A 175 -12.29 -21.03 10.17
N GLU A 176 -12.71 -22.16 10.74
CA GLU A 176 -13.47 -23.16 9.99
C GLU A 176 -12.74 -23.53 8.70
N ASP A 177 -11.43 -23.72 8.80
CA ASP A 177 -10.62 -24.09 7.64
C ASP A 177 -10.92 -25.51 7.20
N ILE A 178 -10.96 -26.43 8.16
CA ILE A 178 -11.24 -27.83 7.86
C ILE A 178 -12.74 -28.07 7.73
N GLU A 8 -18.67 5.44 3.15
CA GLU A 8 -18.27 6.69 2.54
C GLU A 8 -17.64 6.46 1.18
N ASN A 9 -18.22 7.06 0.15
CA ASN A 9 -17.72 6.92 -1.21
C ASN A 9 -17.82 8.24 -1.98
N ALA A 10 -17.17 8.30 -3.14
CA ALA A 10 -17.20 9.50 -3.96
C ALA A 10 -16.56 10.68 -3.24
N GLU A 11 -15.44 10.41 -2.55
CA GLU A 11 -14.73 11.45 -1.82
C GLU A 11 -13.65 12.08 -2.68
N ASN A 12 -13.73 11.86 -3.99
CA ASN A 12 -12.75 12.41 -4.93
C ASN A 12 -11.34 11.91 -4.58
N GLU A 13 -11.24 10.62 -4.26
CA GLU A 13 -9.94 10.04 -3.92
C GLU A 13 -9.18 9.63 -5.17
N GLY A 14 -9.84 8.84 -6.02
CA GLY A 14 -9.20 8.39 -7.25
C GLY A 14 -8.62 9.53 -8.05
N ASP A 15 -9.42 10.56 -8.28
CA ASP A 15 -8.97 11.72 -9.04
C ASP A 15 -7.58 12.16 -8.59
N ALA A 16 -7.39 12.27 -7.28
CA ALA A 16 -6.10 12.68 -6.73
C ALA A 16 -4.99 11.73 -7.16
N LEU A 17 -5.26 10.43 -7.10
CA LEU A 17 -4.28 9.42 -7.48
C LEU A 17 -3.93 9.54 -8.95
N LEU A 18 -4.91 9.91 -9.77
CA LEU A 18 -4.69 10.07 -11.21
C LEU A 18 -3.63 11.12 -11.48
N GLN A 19 -3.64 12.20 -10.70
CA GLN A 19 -2.67 13.27 -10.88
C GLN A 19 -1.30 12.84 -10.36
N PHE A 20 -1.27 12.24 -9.18
CA PHE A 20 -0.02 11.79 -8.57
C PHE A 20 0.65 10.73 -9.45
N THR A 21 -0.16 9.83 -10.00
CA THR A 21 0.36 8.77 -10.85
C THR A 21 0.93 9.33 -12.14
N ALA A 22 0.08 10.01 -12.92
CA ALA A 22 0.51 10.60 -14.18
C ALA A 22 1.79 11.40 -14.01
N GLU A 23 1.82 12.28 -13.02
CA GLU A 23 2.99 13.10 -12.75
C GLU A 23 4.17 12.24 -12.32
N PHE A 24 3.95 11.42 -11.31
CA PHE A 24 5.01 10.54 -10.80
C PHE A 24 5.73 9.84 -11.94
N SER A 25 5.01 9.00 -12.67
CA SER A 25 5.58 8.26 -13.79
C SER A 25 6.26 9.21 -14.77
N SER A 26 5.61 10.33 -15.05
CA SER A 26 6.14 11.33 -15.98
C SER A 26 7.57 11.70 -15.60
N ARG A 27 7.85 11.69 -14.29
CA ARG A 27 9.17 12.04 -13.79
C ARG A 27 10.02 10.79 -13.57
N TYR A 28 9.58 9.93 -12.65
CA TYR A 28 10.29 8.70 -12.34
C TYR A 28 10.48 7.85 -13.59
N GLY A 29 9.36 7.44 -14.19
CA GLY A 29 9.42 6.62 -15.39
C GLY A 29 8.12 5.89 -15.66
N ASP A 30 7.99 5.34 -16.86
CA ASP A 30 6.79 4.61 -17.24
C ASP A 30 6.62 3.35 -16.38
N CYS A 31 7.68 2.57 -16.27
CA CYS A 31 7.66 1.34 -15.49
C CYS A 31 7.14 1.62 -14.07
N HIS A 32 5.95 1.10 -13.78
CA HIS A 32 5.35 1.29 -12.46
C HIS A 32 4.16 0.34 -12.28
N PRO A 33 3.86 0.01 -11.01
CA PRO A 33 2.75 -0.88 -10.68
C PRO A 33 1.39 -0.24 -10.93
N VAL A 34 0.55 -0.93 -11.68
CA VAL A 34 -0.79 -0.43 -12.00
C VAL A 34 -1.54 -0.06 -10.73
N PHE A 35 -1.61 1.24 -10.45
CA PHE A 35 -2.31 1.73 -9.26
C PHE A 35 -3.82 1.66 -9.45
N PHE A 36 -4.51 1.16 -8.44
CA PHE A 36 -5.97 1.04 -8.49
C PHE A 36 -6.63 2.39 -8.34
N ILE A 37 -7.24 2.88 -9.42
CA ILE A 37 -7.92 4.16 -9.41
C ILE A 37 -9.19 4.10 -8.56
N GLY A 38 -9.12 4.64 -7.35
CA GLY A 38 -10.27 4.64 -6.48
C GLY A 38 -9.92 5.06 -5.06
N SER A 39 -10.90 4.95 -4.16
CA SER A 39 -10.68 5.34 -2.76
C SER A 39 -10.17 4.16 -1.95
N LEU A 40 -9.40 4.45 -0.90
CA LEU A 40 -8.86 3.42 -0.03
C LEU A 40 -9.90 2.35 0.28
N GLU A 41 -11.16 2.77 0.37
CA GLU A 41 -12.25 1.85 0.66
C GLU A 41 -12.62 1.04 -0.57
N ALA A 42 -12.72 1.71 -1.71
CA ALA A 42 -13.06 1.04 -2.96
C ALA A 42 -12.05 -0.05 -3.30
N ALA A 43 -10.78 0.21 -3.00
CA ALA A 43 -9.72 -0.75 -3.26
C ALA A 43 -9.90 -2.01 -2.44
N PHE A 44 -10.18 -1.85 -1.15
CA PHE A 44 -10.38 -2.98 -0.26
C PHE A 44 -11.32 -4.01 -0.88
N GLN A 45 -12.34 -3.51 -1.58
CA GLN A 45 -13.32 -4.38 -2.23
C GLN A 45 -12.63 -5.36 -3.17
N GLU A 46 -11.95 -4.82 -4.18
CA GLU A 46 -11.26 -5.64 -5.16
C GLU A 46 -10.36 -6.67 -4.47
N ALA A 47 -10.07 -6.43 -3.20
CA ALA A 47 -9.22 -7.34 -2.43
C ALA A 47 -10.04 -8.44 -1.78
N PHE A 48 -11.03 -8.04 -0.98
CA PHE A 48 -11.90 -9.01 -0.30
C PHE A 48 -13.19 -9.21 -1.08
N TYR A 49 -14.01 -8.17 -1.12
CA TYR A 49 -15.30 -8.24 -1.83
C TYR A 49 -15.16 -9.05 -3.11
N VAL A 50 -13.99 -8.98 -3.74
CA VAL A 50 -13.73 -9.70 -4.97
C VAL A 50 -14.08 -11.18 -4.82
N LYS A 51 -14.13 -11.89 -5.95
CA LYS A 51 -14.44 -13.32 -5.94
C LYS A 51 -13.53 -14.08 -4.99
N ALA A 52 -13.92 -15.29 -4.64
CA ALA A 52 -13.13 -16.12 -3.74
C ALA A 52 -11.80 -16.49 -4.36
N ARG A 53 -11.83 -16.86 -5.64
CA ARG A 53 -10.62 -17.25 -6.35
C ARG A 53 -9.80 -16.02 -6.71
N ASP A 54 -10.47 -14.96 -7.12
CA ASP A 54 -9.79 -13.72 -7.49
C ASP A 54 -9.39 -12.92 -6.25
N ARG A 55 -9.47 -13.56 -5.09
CA ARG A 55 -9.13 -12.92 -3.83
C ARG A 55 -7.71 -12.35 -3.89
N LYS A 56 -7.48 -11.26 -3.17
CA LYS A 56 -6.17 -10.63 -3.13
C LYS A 56 -5.97 -9.85 -1.84
N LEU A 57 -4.75 -9.37 -1.61
CA LEU A 57 -4.44 -8.61 -0.41
C LEU A 57 -4.11 -7.16 -0.76
N LEU A 58 -4.35 -6.26 0.20
CA LEU A 58 -4.07 -4.85 0.00
C LEU A 58 -2.81 -4.42 0.74
N ALA A 59 -1.85 -3.88 0.00
CA ALA A 59 -0.60 -3.43 0.59
C ALA A 59 -0.44 -1.91 0.49
N ILE A 60 -0.62 -1.22 1.61
CA ILE A 60 -0.51 0.23 1.65
C ILE A 60 0.94 0.67 1.46
N TYR A 61 1.12 1.73 0.68
CA TYR A 61 2.46 2.26 0.41
C TYR A 61 2.48 3.78 0.55
N LEU A 62 3.23 4.26 1.52
CA LEU A 62 3.34 5.71 1.76
C LEU A 62 4.54 6.28 1.02
N HIS A 63 4.28 7.22 0.10
CA HIS A 63 5.33 7.85 -0.68
C HIS A 63 5.66 9.23 -0.12
N HIS A 64 6.95 9.50 0.07
CA HIS A 64 7.40 10.79 0.59
C HIS A 64 8.60 11.31 -0.19
N ASP A 65 8.37 12.35 -0.99
CA ASP A 65 9.44 12.93 -1.79
C ASP A 65 10.63 13.30 -0.92
N GLU A 66 10.41 14.20 0.05
CA GLU A 66 11.47 14.64 0.95
C GLU A 66 12.43 13.49 1.25
N SER A 67 11.88 12.29 1.47
CA SER A 67 12.68 11.13 1.77
C SER A 67 13.69 10.85 0.65
N VAL A 68 14.84 10.31 1.03
CA VAL A 68 15.89 9.99 0.06
C VAL A 68 15.80 8.55 -0.40
N LEU A 69 15.22 7.70 0.45
CA LEU A 69 15.07 6.28 0.12
C LEU A 69 14.03 6.08 -0.97
N THR A 70 13.12 7.03 -1.11
CA THR A 70 12.08 6.97 -2.12
C THR A 70 12.68 6.95 -3.53
N ASN A 71 13.78 7.68 -3.71
CA ASN A 71 14.44 7.75 -5.00
C ASN A 71 14.76 6.36 -5.52
N VAL A 72 15.35 5.52 -4.66
CA VAL A 72 15.72 4.16 -5.04
C VAL A 72 14.58 3.19 -4.72
N PHE A 73 14.12 3.21 -3.47
CA PHE A 73 13.04 2.33 -3.04
C PHE A 73 11.94 2.27 -4.09
N CYS A 74 11.76 3.37 -4.82
CA CYS A 74 10.74 3.44 -5.86
C CYS A 74 11.32 3.14 -7.23
N SER A 75 12.65 3.16 -7.31
CA SER A 75 13.35 2.90 -8.57
C SER A 75 13.78 1.43 -8.65
N GLN A 76 13.82 0.78 -7.50
CA GLN A 76 14.21 -0.63 -7.44
C GLN A 76 13.03 -1.52 -7.09
N MET A 77 12.22 -1.06 -6.15
CA MET A 77 11.04 -1.82 -5.73
C MET A 77 9.86 -1.53 -6.64
N LEU A 78 9.43 -0.28 -6.68
CA LEU A 78 8.30 0.12 -7.51
C LEU A 78 8.64 -0.03 -8.99
N CYS A 79 9.85 0.36 -9.36
CA CYS A 79 10.30 0.26 -10.74
C CYS A 79 10.76 -1.16 -11.07
N ALA A 80 10.37 -2.11 -10.22
CA ALA A 80 10.75 -3.51 -10.41
C ALA A 80 9.69 -4.26 -11.23
N GLU A 81 10.04 -4.62 -12.46
CA GLU A 81 9.12 -5.34 -13.33
C GLU A 81 8.67 -6.64 -12.69
N SER A 82 9.54 -7.22 -11.85
CA SER A 82 9.23 -8.47 -11.17
C SER A 82 8.22 -8.26 -10.05
N ILE A 83 8.52 -7.30 -9.18
CA ILE A 83 7.63 -6.99 -8.06
C ILE A 83 6.25 -6.57 -8.55
N VAL A 84 6.20 -5.50 -9.34
CA VAL A 84 4.95 -5.00 -9.87
C VAL A 84 4.14 -6.13 -10.53
N SER A 85 4.82 -6.99 -11.27
CA SER A 85 4.17 -8.10 -11.94
C SER A 85 3.37 -8.95 -10.95
N TYR A 86 3.97 -9.20 -9.79
CA TYR A 86 3.32 -10.00 -8.75
C TYR A 86 2.49 -9.11 -7.82
N LEU A 87 3.18 -8.24 -7.08
CA LEU A 87 2.52 -7.34 -6.15
C LEU A 87 1.17 -6.87 -6.71
N SER A 88 1.14 -6.59 -8.00
CA SER A 88 -0.08 -6.14 -8.67
C SER A 88 -1.01 -7.32 -8.96
N GLN A 89 -0.45 -8.37 -9.55
CA GLN A 89 -1.23 -9.56 -9.89
C GLN A 89 -1.82 -10.18 -8.63
N ASN A 90 -0.95 -10.62 -7.72
CA ASN A 90 -1.40 -11.24 -6.48
C ASN A 90 -2.00 -10.20 -5.54
N PHE A 91 -1.19 -9.22 -5.14
CA PHE A 91 -1.64 -8.18 -4.24
C PHE A 91 -2.18 -6.98 -5.02
N ILE A 92 -2.65 -5.97 -4.30
CA ILE A 92 -3.20 -4.78 -4.92
C ILE A 92 -2.28 -3.57 -4.71
N THR A 93 -1.97 -2.86 -5.79
CA THR A 93 -1.11 -1.70 -5.72
C THR A 93 -1.89 -0.45 -5.30
N TRP A 94 -1.42 0.20 -4.25
CA TRP A 94 -2.08 1.42 -3.75
C TRP A 94 -1.07 2.35 -3.10
N ALA A 95 -0.83 3.49 -3.73
CA ALA A 95 0.10 4.48 -3.21
C ALA A 95 -0.62 5.75 -2.79
N TRP A 96 0.03 6.53 -1.92
CA TRP A 96 -0.55 7.78 -1.42
C TRP A 96 0.54 8.77 -1.08
N ASP A 97 0.53 9.92 -1.75
CA ASP A 97 1.52 10.96 -1.51
C ASP A 97 1.17 11.76 -0.24
N LEU A 98 2.15 11.93 0.63
CA LEU A 98 1.95 12.67 1.87
C LEU A 98 2.83 13.91 1.92
N THR A 99 3.49 14.21 0.80
CA THR A 99 4.37 15.37 0.71
C THR A 99 3.66 16.63 1.20
N LYS A 100 2.41 16.80 0.81
CA LYS A 100 1.62 17.96 1.21
C LYS A 100 1.03 17.75 2.60
N ASP A 101 1.28 18.70 3.49
CA ASP A 101 0.76 18.62 4.86
C ASP A 101 -0.66 18.09 4.87
N SER A 102 -1.54 18.73 4.11
CA SER A 102 -2.94 18.32 4.04
C SER A 102 -3.05 16.80 3.95
N ASN A 103 -2.22 16.20 3.09
CA ASN A 103 -2.22 14.76 2.90
C ASN A 103 -1.88 14.04 4.20
N ARG A 104 -0.73 14.38 4.76
CA ARG A 104 -0.28 13.75 6.01
C ARG A 104 -1.47 13.45 6.92
N ALA A 105 -2.18 14.50 7.33
CA ALA A 105 -3.34 14.34 8.21
C ALA A 105 -4.43 13.50 7.53
N ARG A 106 -4.76 13.86 6.30
CA ARG A 106 -5.78 13.14 5.55
C ARG A 106 -5.67 11.63 5.76
N PHE A 107 -4.57 11.07 5.27
CA PHE A 107 -4.33 9.63 5.41
C PHE A 107 -4.46 9.19 6.86
N LEU A 108 -3.74 9.89 7.75
CA LEU A 108 -3.78 9.57 9.16
C LEU A 108 -5.20 9.29 9.63
N THR A 109 -6.08 10.27 9.43
CA THR A 109 -7.48 10.13 9.83
C THR A 109 -8.08 8.84 9.26
N MET A 110 -7.87 8.60 7.98
CA MET A 110 -8.39 7.41 7.33
C MET A 110 -7.91 6.15 8.04
N CYS A 111 -6.61 6.09 8.30
CA CYS A 111 -6.02 4.93 8.97
C CYS A 111 -6.58 4.77 10.38
N ASN A 112 -6.65 5.89 11.11
CA ASN A 112 -7.16 5.88 12.47
C ASN A 112 -8.50 5.15 12.55
N ARG A 113 -9.32 5.31 11.51
CA ARG A 113 -10.62 4.67 11.47
C ARG A 113 -10.53 3.29 10.81
N HIS A 114 -10.21 3.28 9.52
CA HIS A 114 -10.09 2.02 8.78
C HIS A 114 -9.37 0.97 9.63
N PHE A 115 -8.11 1.24 9.96
CA PHE A 115 -7.32 0.31 10.76
C PHE A 115 -7.43 0.63 12.24
N GLY A 116 -6.90 1.79 12.62
CA GLY A 116 -6.95 2.21 14.01
C GLY A 116 -6.01 3.36 14.31
N SER A 117 -6.32 4.12 15.36
CA SER A 117 -5.50 5.26 15.74
C SER A 117 -4.08 4.81 16.10
N VAL A 118 -3.99 3.77 16.93
CA VAL A 118 -2.70 3.24 17.35
C VAL A 118 -1.76 3.06 16.16
N VAL A 119 -2.24 2.36 15.13
CA VAL A 119 -1.45 2.12 13.94
C VAL A 119 -1.00 3.43 13.30
N ALA A 120 -1.96 4.25 12.91
CA ALA A 120 -1.67 5.54 12.28
C ALA A 120 -0.51 6.23 12.99
N GLN A 121 -0.67 6.46 14.29
CA GLN A 121 0.37 7.12 15.07
C GLN A 121 1.74 6.51 14.80
N THR A 122 1.80 5.19 14.78
CA THR A 122 3.06 4.48 14.52
C THR A 122 3.78 5.09 13.34
N ILE A 123 3.03 5.64 12.39
CA ILE A 123 3.61 6.25 11.21
C ILE A 123 3.95 7.72 11.45
N ARG A 124 3.07 8.41 12.17
CA ARG A 124 3.28 9.82 12.48
C ARG A 124 4.54 10.01 13.32
N THR A 125 4.74 9.13 14.30
CA THR A 125 5.90 9.21 15.17
C THR A 125 7.18 8.90 14.40
N GLN A 126 7.06 8.07 13.37
CA GLN A 126 8.21 7.68 12.57
C GLN A 126 8.86 8.90 11.94
N LYS A 127 10.17 8.82 11.69
CA LYS A 127 10.91 9.92 11.09
C LYS A 127 10.65 10.00 9.59
N THR A 128 11.23 11.02 8.95
CA THR A 128 11.05 11.21 7.52
C THR A 128 11.91 10.23 6.73
N ASP A 129 13.23 10.34 6.89
CA ASP A 129 14.16 9.47 6.19
C ASP A 129 13.60 8.05 6.09
N GLN A 130 13.14 7.53 7.22
CA GLN A 130 12.58 6.17 7.27
C GLN A 130 11.77 5.89 6.01
N PHE A 131 10.93 6.84 5.62
CA PHE A 131 10.09 6.67 4.44
C PHE A 131 10.92 6.27 3.23
N PRO A 132 10.26 5.68 2.22
CA PRO A 132 8.81 5.42 2.27
C PRO A 132 8.44 4.35 3.29
N LEU A 133 7.16 4.04 3.37
CA LEU A 133 6.67 3.02 4.30
C LEU A 133 5.72 2.06 3.60
N PHE A 134 6.08 0.77 3.60
CA PHE A 134 5.25 -0.24 2.97
C PHE A 134 4.67 -1.20 4.01
N LEU A 135 3.35 -1.14 4.18
CA LEU A 135 2.67 -2.00 5.14
C LEU A 135 1.85 -3.08 4.43
N ILE A 136 1.48 -4.11 5.18
CA ILE A 136 0.69 -5.21 4.62
C ILE A 136 -0.52 -5.52 5.49
N ILE A 137 -1.70 -5.17 5.00
CA ILE A 137 -2.94 -5.41 5.74
C ILE A 137 -3.60 -6.71 5.30
N MET A 138 -3.88 -7.58 6.25
CA MET A 138 -4.51 -8.87 5.97
C MET A 138 -5.48 -9.25 7.07
N GLY A 139 -6.73 -9.51 6.71
CA GLY A 139 -7.73 -9.90 7.68
C GLY A 139 -9.13 -9.98 7.09
N LYS A 140 -10.14 -9.82 7.93
CA LYS A 140 -11.52 -9.88 7.48
C LYS A 140 -12.08 -8.48 7.28
N ARG A 141 -12.90 -8.32 6.24
CA ARG A 141 -13.51 -7.02 5.94
C ARG A 141 -13.90 -6.30 7.21
N SER A 142 -14.58 -7.00 8.12
CA SER A 142 -15.02 -6.42 9.38
C SER A 142 -13.83 -6.12 10.27
N SER A 143 -12.95 -7.09 10.44
CA SER A 143 -11.77 -6.94 11.28
C SER A 143 -10.50 -6.94 10.44
N ASN A 144 -9.83 -5.78 10.38
CA ASN A 144 -8.60 -5.64 9.61
C ASN A 144 -7.50 -5.01 10.46
N GLU A 145 -6.26 -5.39 10.19
CA GLU A 145 -5.12 -4.85 10.92
C GLU A 145 -3.82 -5.13 10.18
N VAL A 146 -2.80 -4.32 10.46
CA VAL A 146 -1.50 -4.48 9.82
C VAL A 146 -0.72 -5.64 10.44
N LEU A 147 -0.34 -6.60 9.61
CA LEU A 147 0.41 -7.76 10.07
C LEU A 147 1.90 -7.47 10.10
N ASN A 148 2.43 -7.07 8.94
CA ASN A 148 3.86 -6.76 8.82
C ASN A 148 4.07 -5.27 8.59
N VAL A 149 5.16 -4.74 9.13
CA VAL A 149 5.48 -3.32 8.99
C VAL A 149 6.93 -3.12 8.54
N ILE A 150 7.11 -2.62 7.33
CA ILE A 150 8.45 -2.38 6.80
C ILE A 150 8.82 -0.90 6.88
N GLN A 151 10.06 -0.63 7.25
CA GLN A 151 10.54 0.74 7.37
C GLN A 151 10.79 1.35 5.99
N GLY A 152 11.64 0.70 5.20
CA GLY A 152 11.95 1.18 3.87
C GLY A 152 13.35 0.82 3.43
N ASN A 153 14.21 0.52 4.40
CA ASN A 153 15.59 0.16 4.10
C ASN A 153 15.69 -1.32 3.71
N THR A 154 14.54 -1.93 3.43
CA THR A 154 14.50 -3.34 3.04
C THR A 154 14.98 -3.52 1.61
N THR A 155 15.12 -4.78 1.20
CA THR A 155 15.58 -5.10 -0.15
C THR A 155 14.43 -5.59 -1.02
N VAL A 156 14.41 -5.14 -2.27
CA VAL A 156 13.36 -5.53 -3.20
C VAL A 156 13.03 -7.01 -3.06
N ASP A 157 14.04 -7.82 -2.76
CA ASP A 157 13.85 -9.25 -2.58
C ASP A 157 12.95 -9.55 -1.38
N GLU A 158 13.25 -8.91 -0.26
CA GLU A 158 12.47 -9.10 0.96
C GLU A 158 10.98 -8.98 0.68
N LEU A 159 10.62 -7.98 -0.11
CA LEU A 159 9.22 -7.75 -0.45
C LEU A 159 8.54 -9.05 -0.89
N MET A 160 9.09 -9.66 -1.94
CA MET A 160 8.55 -10.92 -2.46
C MET A 160 8.21 -11.87 -1.32
N MET A 161 9.16 -12.04 -0.39
CA MET A 161 8.95 -12.93 0.74
C MET A 161 7.82 -12.43 1.63
N ARG A 162 7.80 -11.12 1.90
CA ARG A 162 6.77 -10.53 2.73
C ARG A 162 5.38 -10.82 2.17
N LEU A 163 5.24 -10.74 0.85
CA LEU A 163 3.97 -11.00 0.20
C LEU A 163 3.58 -12.47 0.32
N MET A 164 4.41 -13.35 -0.24
CA MET A 164 4.16 -14.78 -0.18
C MET A 164 3.77 -15.22 1.22
N ALA A 165 4.52 -14.76 2.22
CA ALA A 165 4.25 -15.09 3.60
C ALA A 165 2.82 -14.74 3.98
N ALA A 166 2.40 -13.53 3.63
CA ALA A 166 1.05 -13.07 3.93
C ALA A 166 0.00 -13.94 3.26
N MET A 167 0.32 -14.44 2.07
CA MET A 167 -0.60 -15.30 1.34
C MET A 167 -0.71 -16.67 2.00
N GLU A 168 0.42 -17.36 2.14
CA GLU A 168 0.44 -18.68 2.76
C GLU A 168 -0.30 -18.66 4.10
N ILE A 169 -0.20 -17.54 4.81
CA ILE A 169 -0.86 -17.40 6.10
C ILE A 169 -2.36 -17.19 5.94
N PHE A 170 -2.73 -16.25 5.07
CA PHE A 170 -4.13 -15.96 4.82
C PHE A 170 -4.96 -17.24 4.74
N THR A 171 -4.65 -18.08 3.74
CA THR A 171 -5.36 -19.34 3.55
C THR A 171 -5.41 -20.13 4.85
N ALA A 172 -4.24 -20.52 5.35
CA ALA A 172 -4.15 -21.29 6.59
C ALA A 172 -5.14 -20.77 7.63
N GLN A 173 -5.11 -19.46 7.85
CA GLN A 173 -6.00 -18.83 8.82
C GLN A 173 -7.45 -19.28 8.61
N GLN A 174 -7.95 -19.08 7.39
CA GLN A 174 -9.32 -19.46 7.06
C GLN A 174 -9.48 -20.98 7.04
N GLN A 175 -10.64 -21.45 7.47
CA GLN A 175 -10.91 -22.88 7.50
C GLN A 175 -12.05 -23.24 6.56
N GLU A 176 -12.40 -22.32 5.68
CA GLU A 176 -13.47 -22.54 4.72
C GLU A 176 -12.97 -22.39 3.29
N ASP A 177 -12.87 -23.50 2.57
CA ASP A 177 -12.40 -23.49 1.19
C ASP A 177 -13.02 -22.35 0.41
N ILE A 178 -14.35 -22.28 0.41
CA ILE A 178 -15.07 -21.23 -0.29
C ILE A 178 -15.01 -19.91 0.48
N GLU A 8 -22.44 9.82 -4.37
CA GLU A 8 -21.36 10.60 -4.95
C GLU A 8 -21.32 10.40 -6.47
N ASN A 9 -21.31 11.52 -7.20
CA ASN A 9 -21.29 11.48 -8.66
C ASN A 9 -19.86 11.35 -9.16
N ALA A 10 -18.96 12.17 -8.62
CA ALA A 10 -17.56 12.14 -9.02
C ALA A 10 -16.67 11.72 -7.85
N GLU A 11 -15.56 11.06 -8.17
CA GLU A 11 -14.63 10.60 -7.14
C GLU A 11 -13.42 11.53 -7.06
N ASN A 12 -13.00 11.83 -5.84
CA ASN A 12 -11.85 12.71 -5.62
C ASN A 12 -10.56 11.92 -5.62
N GLU A 13 -10.49 10.91 -4.76
CA GLU A 13 -9.31 10.06 -4.66
C GLU A 13 -8.81 9.65 -6.05
N GLY A 14 -9.74 9.20 -6.89
CA GLY A 14 -9.38 8.78 -8.23
C GLY A 14 -8.57 9.83 -8.98
N ASP A 15 -9.18 11.00 -9.19
CA ASP A 15 -8.50 12.08 -9.89
C ASP A 15 -7.18 12.43 -9.21
N ALA A 16 -7.21 12.52 -7.89
CA ALA A 16 -6.02 12.84 -7.12
C ALA A 16 -4.85 11.92 -7.49
N LEU A 17 -5.14 10.63 -7.56
CA LEU A 17 -4.12 9.64 -7.90
C LEU A 17 -3.67 9.80 -9.35
N LEU A 18 -4.61 9.69 -10.28
CA LEU A 18 -4.31 9.83 -11.70
C LEU A 18 -3.21 10.85 -11.92
N GLN A 19 -3.34 12.00 -11.29
CA GLN A 19 -2.34 13.07 -11.41
C GLN A 19 -1.00 12.63 -10.84
N PHE A 20 -1.04 11.99 -9.68
CA PHE A 20 0.18 11.53 -9.02
C PHE A 20 0.88 10.47 -9.88
N THR A 21 0.10 9.54 -10.42
CA THR A 21 0.65 8.49 -11.26
C THR A 21 1.21 9.04 -12.56
N ALA A 22 0.33 9.59 -13.39
CA ALA A 22 0.74 10.16 -14.66
C ALA A 22 2.06 10.89 -14.54
N GLU A 23 2.21 11.69 -13.48
CA GLU A 23 3.43 12.46 -13.25
C GLU A 23 4.52 11.55 -12.68
N PHE A 24 4.14 10.71 -11.73
CA PHE A 24 5.09 9.79 -11.09
C PHE A 24 6.10 9.27 -12.11
N SER A 25 5.62 8.98 -13.33
CA SER A 25 6.48 8.47 -14.38
C SER A 25 7.39 9.57 -14.92
N SER A 26 6.78 10.61 -15.48
CA SER A 26 7.55 11.72 -16.03
C SER A 26 8.71 12.09 -15.13
N ARG A 27 8.50 11.96 -13.81
CA ARG A 27 9.54 12.28 -12.84
C ARG A 27 10.49 11.11 -12.66
N TYR A 28 9.93 9.92 -12.44
CA TYR A 28 10.73 8.71 -12.24
C TYR A 28 10.89 7.95 -13.55
N GLY A 29 9.78 7.39 -14.03
CA GLY A 29 9.82 6.63 -15.27
C GLY A 29 8.50 5.94 -15.56
N ASP A 30 8.22 5.71 -16.84
CA ASP A 30 6.98 5.04 -17.24
C ASP A 30 6.80 3.73 -16.49
N CYS A 31 7.87 2.96 -16.40
CA CYS A 31 7.83 1.67 -15.70
C CYS A 31 7.31 1.84 -14.28
N HIS A 32 6.11 1.32 -14.01
CA HIS A 32 5.52 1.42 -12.70
C HIS A 32 4.32 0.48 -12.58
N PRO A 33 4.03 0.04 -11.34
CA PRO A 33 2.91 -0.85 -11.06
C PRO A 33 1.55 -0.17 -11.25
N VAL A 34 0.66 -0.83 -11.98
CA VAL A 34 -0.67 -0.29 -12.22
C VAL A 34 -1.38 0.06 -10.92
N PHE A 35 -1.50 1.36 -10.66
CA PHE A 35 -2.15 1.83 -9.43
C PHE A 35 -3.67 1.86 -9.61
N PHE A 36 -4.37 1.19 -8.69
CA PHE A 36 -5.83 1.13 -8.74
C PHE A 36 -6.42 2.54 -8.68
N ILE A 37 -6.98 2.99 -9.80
CA ILE A 37 -7.57 4.32 -9.88
C ILE A 37 -8.92 4.35 -9.15
N GLY A 38 -8.91 4.94 -7.95
CA GLY A 38 -10.13 5.01 -7.17
C GLY A 38 -9.86 5.26 -5.69
N SER A 39 -10.89 5.10 -4.87
CA SER A 39 -10.76 5.29 -3.44
C SER A 39 -10.41 3.99 -2.73
N LEU A 40 -9.60 4.09 -1.68
CA LEU A 40 -9.18 2.91 -0.93
C LEU A 40 -10.38 2.00 -0.64
N GLU A 41 -11.51 2.61 -0.29
CA GLU A 41 -12.72 1.85 0.01
C GLU A 41 -12.89 0.70 -0.98
N ALA A 42 -12.82 1.01 -2.26
CA ALA A 42 -12.97 0.01 -3.31
C ALA A 42 -11.80 -0.97 -3.30
N ALA A 43 -10.59 -0.43 -3.37
CA ALA A 43 -9.39 -1.26 -3.37
C ALA A 43 -9.51 -2.42 -2.39
N PHE A 44 -10.35 -2.24 -1.38
CA PHE A 44 -10.57 -3.26 -0.36
C PHE A 44 -11.41 -4.41 -0.92
N GLN A 45 -12.60 -4.07 -1.43
CA GLN A 45 -13.49 -5.08 -1.99
C GLN A 45 -12.87 -5.74 -3.21
N GLU A 46 -12.25 -4.93 -4.07
CA GLU A 46 -11.62 -5.45 -5.27
C GLU A 46 -10.48 -6.41 -4.92
N ALA A 47 -10.17 -6.51 -3.64
CA ALA A 47 -9.11 -7.40 -3.18
C ALA A 47 -9.67 -8.71 -2.68
N PHE A 48 -10.51 -8.65 -1.65
CA PHE A 48 -11.12 -9.85 -1.08
C PHE A 48 -12.51 -10.08 -1.65
N TYR A 49 -13.42 -9.17 -1.35
CA TYR A 49 -14.80 -9.26 -1.83
C TYR A 49 -14.84 -9.86 -3.24
N VAL A 50 -13.88 -9.47 -4.06
CA VAL A 50 -13.81 -9.95 -5.43
C VAL A 50 -14.34 -11.38 -5.54
N LYS A 51 -13.55 -12.33 -5.04
CA LYS A 51 -13.94 -13.73 -5.08
C LYS A 51 -13.22 -14.53 -3.99
N ALA A 52 -13.96 -15.34 -3.26
CA ALA A 52 -13.40 -16.16 -2.20
C ALA A 52 -12.17 -16.92 -2.68
N ARG A 53 -12.01 -17.00 -4.00
CA ARG A 53 -10.89 -17.71 -4.59
C ARG A 53 -9.77 -16.73 -4.97
N ASP A 54 -10.15 -15.65 -5.65
CA ASP A 54 -9.18 -14.65 -6.07
C ASP A 54 -8.92 -13.64 -4.95
N ARG A 55 -9.30 -14.01 -3.74
CA ARG A 55 -9.10 -13.15 -2.57
C ARG A 55 -7.63 -12.75 -2.43
N LYS A 56 -7.32 -11.53 -2.85
CA LYS A 56 -5.95 -11.02 -2.77
C LYS A 56 -5.74 -10.23 -1.48
N LEU A 57 -4.52 -9.75 -1.28
CA LEU A 57 -4.17 -8.98 -0.09
C LEU A 57 -3.93 -7.51 -0.45
N LEU A 58 -4.19 -6.63 0.51
CA LEU A 58 -3.99 -5.20 0.31
C LEU A 58 -2.75 -4.71 1.03
N ALA A 59 -2.00 -3.82 0.39
CA ALA A 59 -0.78 -3.27 0.97
C ALA A 59 -0.66 -1.78 0.68
N ILE A 60 -0.82 -0.96 1.70
CA ILE A 60 -0.72 0.48 1.54
C ILE A 60 0.74 0.93 1.45
N TYR A 61 1.02 1.76 0.45
CA TYR A 61 2.38 2.26 0.24
C TYR A 61 2.42 3.78 0.36
N LEU A 62 2.93 4.26 1.49
CA LEU A 62 3.03 5.69 1.73
C LEU A 62 4.25 6.28 1.02
N HIS A 63 4.00 7.19 0.09
CA HIS A 63 5.07 7.83 -0.66
C HIS A 63 5.41 9.19 -0.06
N HIS A 64 6.64 9.32 0.43
CA HIS A 64 7.10 10.57 1.03
C HIS A 64 8.27 11.15 0.24
N ASP A 65 7.99 12.19 -0.55
CA ASP A 65 9.02 12.83 -1.35
C ASP A 65 10.19 13.28 -0.48
N GLU A 66 9.90 14.14 0.49
CA GLU A 66 10.92 14.64 1.40
C GLU A 66 11.98 13.58 1.67
N SER A 67 11.54 12.36 1.95
CA SER A 67 12.45 11.25 2.22
C SER A 67 13.39 11.02 1.05
N VAL A 68 14.60 10.55 1.35
CA VAL A 68 15.60 10.28 0.32
C VAL A 68 15.59 8.81 -0.08
N LEU A 69 15.08 7.96 0.81
CA LEU A 69 15.02 6.53 0.55
C LEU A 69 13.96 6.21 -0.50
N THR A 70 13.01 7.13 -0.68
CA THR A 70 11.95 6.96 -1.66
C THR A 70 12.51 6.86 -3.07
N ASN A 71 13.36 7.82 -3.43
CA ASN A 71 13.96 7.84 -4.76
C ASN A 71 14.42 6.45 -5.17
N VAL A 72 15.37 5.90 -4.43
CA VAL A 72 15.89 4.57 -4.72
C VAL A 72 14.86 3.49 -4.42
N PHE A 73 14.22 3.61 -3.26
CA PHE A 73 13.20 2.65 -2.85
C PHE A 73 12.25 2.32 -4.00
N CYS A 74 11.70 3.37 -4.61
CA CYS A 74 10.78 3.19 -5.72
C CYS A 74 11.52 2.88 -7.01
N SER A 75 12.70 3.49 -7.17
CA SER A 75 13.51 3.28 -8.37
C SER A 75 14.13 1.88 -8.36
N GLN A 76 14.11 1.25 -7.20
CA GLN A 76 14.67 -0.10 -7.07
C GLN A 76 13.57 -1.12 -6.83
N MET A 77 12.56 -0.73 -6.07
CA MET A 77 11.44 -1.62 -5.77
C MET A 77 10.32 -1.44 -6.78
N LEU A 78 9.85 -0.20 -6.92
CA LEU A 78 8.77 0.10 -7.86
C LEU A 78 9.30 0.15 -9.30
N CYS A 79 10.48 -0.43 -9.51
CA CYS A 79 11.09 -0.46 -10.83
C CYS A 79 11.14 -1.88 -11.37
N ALA A 80 11.09 -2.86 -10.47
CA ALA A 80 11.13 -4.27 -10.86
C ALA A 80 9.85 -4.68 -11.57
N GLU A 81 9.99 -5.29 -12.73
CA GLU A 81 8.85 -5.74 -13.52
C GLU A 81 8.08 -6.83 -12.79
N SER A 82 8.81 -7.80 -12.25
CA SER A 82 8.20 -8.90 -11.52
C SER A 82 7.49 -8.41 -10.26
N ILE A 83 8.13 -7.47 -9.56
CA ILE A 83 7.57 -6.92 -8.34
C ILE A 83 6.26 -6.20 -8.62
N VAL A 84 6.28 -5.30 -9.60
CA VAL A 84 5.09 -4.54 -9.97
C VAL A 84 4.02 -5.45 -10.54
N SER A 85 4.45 -6.48 -11.29
CA SER A 85 3.52 -7.42 -11.89
C SER A 85 2.83 -8.27 -10.83
N TYR A 86 3.62 -8.79 -9.90
CA TYR A 86 3.08 -9.63 -8.83
C TYR A 86 2.30 -8.79 -7.82
N LEU A 87 2.94 -7.74 -7.32
CA LEU A 87 2.31 -6.84 -6.35
C LEU A 87 0.99 -6.31 -6.89
N SER A 88 0.91 -6.14 -8.21
CA SER A 88 -0.30 -5.64 -8.84
C SER A 88 -1.29 -6.76 -9.13
N GLN A 89 -0.76 -7.89 -9.60
CA GLN A 89 -1.60 -9.04 -9.92
C GLN A 89 -2.04 -9.76 -8.64
N ASN A 90 -1.06 -10.27 -7.89
CA ASN A 90 -1.35 -10.97 -6.64
C ASN A 90 -1.94 -10.02 -5.60
N PHE A 91 -1.36 -8.83 -5.49
CA PHE A 91 -1.82 -7.84 -4.53
C PHE A 91 -2.39 -6.61 -5.25
N ILE A 92 -3.00 -5.72 -4.49
CA ILE A 92 -3.59 -4.52 -5.05
C ILE A 92 -2.68 -3.31 -4.83
N THR A 93 -2.18 -2.75 -5.93
CA THR A 93 -1.29 -1.60 -5.86
C THR A 93 -2.07 -0.33 -5.52
N TRP A 94 -1.64 0.37 -4.47
CA TRP A 94 -2.30 1.59 -4.04
C TRP A 94 -1.31 2.53 -3.35
N ALA A 95 -0.88 3.56 -4.06
CA ALA A 95 0.06 4.53 -3.52
C ALA A 95 -0.65 5.81 -3.08
N TRP A 96 -0.08 6.47 -2.08
CA TRP A 96 -0.67 7.70 -1.56
C TRP A 96 0.42 8.70 -1.17
N ASP A 97 0.21 9.96 -1.54
CA ASP A 97 1.18 11.02 -1.23
C ASP A 97 0.78 11.76 0.04
N LEU A 98 1.69 11.83 1.00
CA LEU A 98 1.44 12.52 2.26
C LEU A 98 2.35 13.73 2.41
N THR A 99 3.15 14.00 1.39
CA THR A 99 4.07 15.13 1.40
C THR A 99 3.40 16.37 1.98
N LYS A 100 2.17 16.63 1.55
CA LYS A 100 1.43 17.79 2.03
C LYS A 100 0.58 17.42 3.24
N ASP A 101 0.46 18.36 4.18
CA ASP A 101 -0.32 18.15 5.39
C ASP A 101 -1.72 17.66 5.05
N SER A 102 -2.45 18.46 4.28
CA SER A 102 -3.81 18.12 3.89
C SER A 102 -3.94 16.62 3.61
N ASN A 103 -2.99 16.08 2.85
CA ASN A 103 -3.00 14.66 2.51
C ASN A 103 -2.56 13.82 3.71
N ARG A 104 -1.47 14.22 4.35
CA ARG A 104 -0.95 13.51 5.50
C ARG A 104 -2.04 13.32 6.56
N ALA A 105 -2.51 14.43 7.12
CA ALA A 105 -3.55 14.39 8.13
C ALA A 105 -4.66 13.42 7.74
N ARG A 106 -5.12 13.52 6.51
CA ARG A 106 -6.19 12.65 6.01
C ARG A 106 -5.88 11.19 6.34
N PHE A 107 -4.72 10.73 5.90
CA PHE A 107 -4.31 9.35 6.13
C PHE A 107 -4.37 9.00 7.62
N LEU A 108 -3.84 9.90 8.44
CA LEU A 108 -3.84 9.69 9.89
C LEU A 108 -5.26 9.64 10.44
N THR A 109 -6.15 10.42 9.84
CA THR A 109 -7.54 10.46 10.25
C THR A 109 -8.27 9.18 9.87
N MET A 110 -8.14 8.80 8.60
CA MET A 110 -8.78 7.58 8.11
C MET A 110 -8.13 6.33 8.68
N CYS A 111 -6.83 6.43 8.97
CA CYS A 111 -6.08 5.31 9.52
C CYS A 111 -6.40 5.13 11.00
N ASN A 112 -6.40 6.23 11.74
CA ASN A 112 -6.69 6.19 13.17
C ASN A 112 -7.94 5.39 13.46
N ARG A 113 -8.91 5.47 12.54
CA ARG A 113 -10.18 4.76 12.69
C ARG A 113 -10.12 3.41 11.97
N HIS A 114 -10.08 3.46 10.65
CA HIS A 114 -10.03 2.25 9.83
C HIS A 114 -9.15 1.19 10.50
N PHE A 115 -7.88 1.51 10.68
CA PHE A 115 -6.94 0.58 11.31
C PHE A 115 -6.92 0.76 12.82
N GLY A 116 -6.55 1.97 13.26
CA GLY A 116 -6.50 2.25 14.68
C GLY A 116 -5.60 3.43 15.00
N SER A 117 -5.72 3.95 16.22
CA SER A 117 -4.92 5.08 16.65
C SER A 117 -3.46 4.68 16.84
N VAL A 118 -3.25 3.55 17.50
CA VAL A 118 -1.91 3.05 17.75
C VAL A 118 -1.12 2.89 16.45
N VAL A 119 -1.77 2.32 15.44
CA VAL A 119 -1.14 2.12 14.14
C VAL A 119 -0.71 3.45 13.53
N ALA A 120 -1.66 4.38 13.42
CA ALA A 120 -1.37 5.69 12.86
C ALA A 120 -0.25 6.39 13.63
N GLN A 121 -0.39 6.44 14.95
CA GLN A 121 0.60 7.09 15.80
C GLN A 121 1.99 6.55 15.51
N THR A 122 2.11 5.22 15.41
CA THR A 122 3.38 4.58 15.14
C THR A 122 4.05 5.17 13.89
N ILE A 123 3.25 5.38 12.86
CA ILE A 123 3.75 5.94 11.61
C ILE A 123 4.15 7.40 11.78
N ARG A 124 3.39 8.13 12.60
CA ARG A 124 3.68 9.54 12.85
C ARG A 124 5.01 9.71 13.56
N THR A 125 5.28 8.82 14.52
CA THR A 125 6.53 8.87 15.27
C THR A 125 7.72 8.57 14.38
N GLN A 126 7.55 7.63 13.46
CA GLN A 126 8.62 7.25 12.55
C GLN A 126 9.20 8.48 11.85
N LYS A 127 10.53 8.59 11.87
CA LYS A 127 11.21 9.71 11.24
C LYS A 127 10.83 9.82 9.77
N THR A 128 11.29 10.88 9.12
CA THR A 128 11.01 11.11 7.70
C THR A 128 11.74 10.09 6.83
N ASP A 129 13.07 10.10 6.91
CA ASP A 129 13.89 9.18 6.13
C ASP A 129 13.26 7.80 6.09
N GLN A 130 12.85 7.30 7.26
CA GLN A 130 12.24 5.98 7.35
C GLN A 130 11.41 5.67 6.10
N PHE A 131 10.57 6.62 5.70
CA PHE A 131 9.73 6.45 4.53
C PHE A 131 10.56 6.05 3.32
N PRO A 132 9.90 5.43 2.32
CA PRO A 132 8.45 5.16 2.37
C PRO A 132 8.11 4.09 3.40
N LEU A 133 6.82 3.96 3.70
CA LEU A 133 6.36 2.97 4.66
C LEU A 133 5.38 1.99 4.01
N PHE A 134 5.87 0.80 3.69
CA PHE A 134 5.05 -0.23 3.07
C PHE A 134 4.48 -1.18 4.11
N LEU A 135 3.16 -1.26 4.19
CA LEU A 135 2.49 -2.13 5.14
C LEU A 135 1.74 -3.25 4.42
N ILE A 136 1.32 -4.26 5.19
CA ILE A 136 0.59 -5.38 4.63
C ILE A 136 -0.65 -5.71 5.46
N ILE A 137 -1.74 -6.05 4.78
CA ILE A 137 -2.99 -6.39 5.46
C ILE A 137 -3.68 -7.56 4.77
N MET A 138 -4.14 -8.52 5.57
CA MET A 138 -4.83 -9.68 5.04
C MET A 138 -6.29 -9.71 5.49
N GLY A 139 -6.54 -9.24 6.70
CA GLY A 139 -7.89 -9.22 7.23
C GLY A 139 -8.86 -8.52 6.29
N LYS A 140 -10.14 -8.56 6.64
CA LYS A 140 -11.17 -7.94 5.82
C LYS A 140 -11.31 -6.46 6.16
N ARG A 141 -12.23 -5.78 5.47
CA ARG A 141 -12.46 -4.35 5.70
C ARG A 141 -12.52 -4.04 7.19
N SER A 142 -13.37 -4.78 7.90
CA SER A 142 -13.53 -4.57 9.34
C SER A 142 -12.38 -5.22 10.11
N SER A 143 -12.11 -6.48 9.82
CA SER A 143 -11.04 -7.22 10.49
C SER A 143 -9.68 -6.78 9.95
N ASN A 144 -9.67 -5.69 9.18
CA ASN A 144 -8.43 -5.18 8.61
C ASN A 144 -7.39 -4.93 9.70
N GLU A 145 -6.23 -5.57 9.55
CA GLU A 145 -5.16 -5.42 10.52
C GLU A 145 -3.80 -5.48 9.84
N VAL A 146 -2.82 -4.75 10.39
CA VAL A 146 -1.48 -4.72 9.82
C VAL A 146 -0.68 -5.93 10.25
N LEU A 147 -0.29 -6.75 9.28
CA LEU A 147 0.49 -7.96 9.56
C LEU A 147 1.96 -7.61 9.81
N ASN A 148 2.60 -7.00 8.83
CA ASN A 148 3.99 -6.62 8.95
C ASN A 148 4.19 -5.14 8.64
N VAL A 149 5.24 -4.55 9.19
CA VAL A 149 5.54 -3.14 8.97
C VAL A 149 6.98 -2.95 8.49
N ILE A 150 7.12 -2.45 7.27
CA ILE A 150 8.44 -2.21 6.69
C ILE A 150 8.82 -0.74 6.77
N GLN A 151 9.89 -0.45 7.49
CA GLN A 151 10.35 0.93 7.65
C GLN A 151 10.58 1.58 6.29
N GLY A 152 11.50 1.01 5.51
CA GLY A 152 11.79 1.56 4.19
C GLY A 152 13.15 1.14 3.68
N ASN A 153 14.02 0.71 4.60
CA ASN A 153 15.37 0.28 4.23
C ASN A 153 15.36 -1.15 3.69
N THR A 154 14.16 -1.70 3.51
CA THR A 154 14.02 -3.05 3.00
C THR A 154 14.62 -3.18 1.61
N THR A 155 14.60 -4.40 1.07
CA THR A 155 15.15 -4.65 -0.26
C THR A 155 14.07 -5.17 -1.20
N VAL A 156 14.25 -4.91 -2.49
CA VAL A 156 13.29 -5.36 -3.50
C VAL A 156 12.94 -6.83 -3.31
N ASP A 157 13.95 -7.65 -3.09
CA ASP A 157 13.76 -9.09 -2.89
C ASP A 157 12.84 -9.34 -1.69
N GLU A 158 13.11 -8.64 -0.59
CA GLU A 158 12.31 -8.81 0.62
C GLU A 158 10.83 -8.67 0.31
N LEU A 159 10.46 -7.60 -0.38
CA LEU A 159 9.07 -7.35 -0.73
C LEU A 159 8.37 -8.64 -1.14
N MET A 160 8.87 -9.27 -2.19
CA MET A 160 8.30 -10.53 -2.67
C MET A 160 8.06 -11.50 -1.51
N MET A 161 9.08 -11.67 -0.68
CA MET A 161 8.99 -12.56 0.46
C MET A 161 7.86 -12.14 1.40
N ARG A 162 7.84 -10.86 1.75
CA ARG A 162 6.81 -10.33 2.64
C ARG A 162 5.42 -10.59 2.07
N LEU A 163 5.24 -10.31 0.79
CA LEU A 163 3.96 -10.51 0.13
C LEU A 163 3.59 -11.98 0.09
N MET A 164 4.48 -12.80 -0.48
CA MET A 164 4.24 -14.23 -0.58
C MET A 164 3.75 -14.80 0.75
N ALA A 165 4.56 -14.63 1.79
CA ALA A 165 4.21 -15.12 3.12
C ALA A 165 2.79 -14.70 3.50
N ALA A 166 2.46 -13.44 3.25
CA ALA A 166 1.13 -12.93 3.56
C ALA A 166 0.04 -13.77 2.91
N MET A 167 0.32 -14.28 1.72
CA MET A 167 -0.64 -15.11 0.99
C MET A 167 -0.80 -16.46 1.68
N GLU A 168 0.28 -17.23 1.74
CA GLU A 168 0.25 -18.54 2.37
C GLU A 168 -0.38 -18.46 3.76
N ILE A 169 -0.02 -17.43 4.51
CA ILE A 169 -0.56 -17.24 5.85
C ILE A 169 -2.04 -16.94 5.82
N PHE A 170 -2.45 -16.04 4.93
CA PHE A 170 -3.85 -15.66 4.81
C PHE A 170 -4.74 -16.90 4.80
N THR A 171 -4.61 -17.71 3.74
CA THR A 171 -5.41 -18.92 3.61
C THR A 171 -5.25 -19.81 4.83
N ALA A 172 -4.02 -20.25 5.08
CA ALA A 172 -3.74 -21.12 6.22
C ALA A 172 -4.44 -20.62 7.48
N GLN A 173 -4.66 -19.31 7.54
CA GLN A 173 -5.32 -18.69 8.70
C GLN A 173 -6.83 -18.88 8.62
N GLN A 174 -7.45 -18.21 7.65
CA GLN A 174 -8.89 -18.29 7.47
C GLN A 174 -9.38 -19.74 7.58
N GLN A 175 -8.57 -20.66 7.05
CA GLN A 175 -8.91 -22.08 7.08
C GLN A 175 -8.64 -22.67 8.47
N GLU A 176 -9.62 -23.39 9.00
CA GLU A 176 -9.48 -24.01 10.32
C GLU A 176 -9.03 -22.98 11.36
N ASP A 177 -9.57 -21.76 11.24
CA ASP A 177 -9.22 -20.70 12.18
C ASP A 177 -9.79 -20.97 13.56
N ILE A 178 -11.06 -21.37 13.61
CA ILE A 178 -11.72 -21.68 14.87
C ILE A 178 -11.45 -23.11 15.30
N GLU A 8 -23.55 4.91 -7.67
CA GLU A 8 -23.21 5.87 -8.71
C GLU A 8 -22.64 7.16 -8.10
N ASN A 9 -21.79 7.00 -7.09
CA ASN A 9 -21.18 8.15 -6.43
C ASN A 9 -19.85 8.51 -7.07
N ALA A 10 -19.53 9.79 -7.07
CA ALA A 10 -18.28 10.27 -7.64
C ALA A 10 -17.12 10.12 -6.66
N GLU A 11 -16.04 9.48 -7.12
CA GLU A 11 -14.88 9.26 -6.28
C GLU A 11 -13.95 10.47 -6.31
N ASN A 12 -13.64 11.00 -5.13
CA ASN A 12 -12.77 12.16 -5.02
C ASN A 12 -11.30 11.75 -5.05
N GLU A 13 -10.96 10.75 -4.23
CA GLU A 13 -9.59 10.26 -4.16
C GLU A 13 -9.09 9.81 -5.53
N GLY A 14 -9.92 9.01 -6.22
CA GLY A 14 -9.55 8.52 -7.53
C GLY A 14 -8.88 9.59 -8.38
N ASP A 15 -9.58 10.70 -8.59
CA ASP A 15 -9.05 11.80 -9.39
C ASP A 15 -7.64 12.16 -8.93
N ALA A 16 -7.49 12.46 -7.65
CA ALA A 16 -6.20 12.83 -7.09
C ALA A 16 -5.12 11.83 -7.51
N LEU A 17 -5.36 10.55 -7.25
CA LEU A 17 -4.42 9.51 -7.60
C LEU A 17 -4.14 9.51 -9.10
N LEU A 18 -5.21 9.48 -9.89
CA LEU A 18 -5.07 9.47 -11.35
C LEU A 18 -3.92 10.37 -11.80
N GLN A 19 -3.93 11.61 -11.31
CA GLN A 19 -2.89 12.58 -11.66
C GLN A 19 -1.52 12.08 -11.22
N PHE A 20 -1.34 11.95 -9.91
CA PHE A 20 -0.07 11.49 -9.36
C PHE A 20 0.44 10.28 -10.12
N THR A 21 -0.48 9.42 -10.57
CA THR A 21 -0.12 8.23 -11.32
C THR A 21 0.46 8.58 -12.69
N ALA A 22 -0.39 9.13 -13.55
CA ALA A 22 0.03 9.52 -14.89
C ALA A 22 1.42 10.14 -14.86
N GLU A 23 1.66 11.00 -13.88
CA GLU A 23 2.96 11.66 -13.75
C GLU A 23 4.01 10.70 -13.20
N PHE A 24 3.79 10.21 -11.99
CA PHE A 24 4.71 9.28 -11.35
C PHE A 24 5.33 8.33 -12.37
N SER A 25 4.47 7.69 -13.16
CA SER A 25 4.92 6.75 -14.19
C SER A 25 5.61 7.49 -15.33
N SER A 26 4.93 8.48 -15.89
CA SER A 26 5.46 9.26 -17.00
C SER A 26 6.79 9.89 -16.61
N ARG A 27 7.05 9.96 -15.31
CA ARG A 27 8.30 10.54 -14.82
C ARG A 27 9.31 9.46 -14.50
N TYR A 28 9.00 8.61 -13.53
CA TYR A 28 9.89 7.53 -13.13
C TYR A 28 10.04 6.51 -14.25
N GLY A 29 8.96 5.79 -14.54
CA GLY A 29 8.98 4.79 -15.59
C GLY A 29 7.71 3.96 -15.64
N ASP A 30 7.74 2.88 -16.41
CA ASP A 30 6.58 2.01 -16.55
C ASP A 30 6.75 0.74 -15.72
N CYS A 31 7.96 0.52 -15.22
CA CYS A 31 8.26 -0.65 -14.41
C CYS A 31 7.80 -0.45 -12.96
N HIS A 32 6.92 0.53 -12.77
CA HIS A 32 6.39 0.81 -11.44
C HIS A 32 5.07 0.11 -11.20
N PRO A 33 4.71 -0.07 -9.93
CA PRO A 33 3.46 -0.74 -9.54
C PRO A 33 2.24 0.10 -9.86
N VAL A 34 1.52 -0.28 -10.92
CA VAL A 34 0.32 0.44 -11.34
C VAL A 34 -0.65 0.59 -10.18
N PHE A 35 -0.73 1.80 -9.64
CA PHE A 35 -1.64 2.07 -8.52
C PHE A 35 -3.09 1.89 -8.94
N PHE A 36 -3.96 1.60 -7.97
CA PHE A 36 -5.38 1.40 -8.24
C PHE A 36 -6.14 2.72 -8.10
N ILE A 37 -6.79 3.14 -9.19
CA ILE A 37 -7.56 4.37 -9.18
C ILE A 37 -8.79 4.25 -8.30
N GLY A 38 -8.80 4.99 -7.19
CA GLY A 38 -9.93 4.94 -6.28
C GLY A 38 -9.54 5.31 -4.86
N SER A 39 -10.48 5.15 -3.94
CA SER A 39 -10.23 5.46 -2.53
C SER A 39 -9.75 4.22 -1.77
N LEU A 40 -9.27 4.44 -0.56
CA LEU A 40 -8.78 3.33 0.27
C LEU A 40 -9.93 2.44 0.74
N GLU A 41 -10.98 3.07 1.26
CA GLU A 41 -12.14 2.34 1.74
C GLU A 41 -12.61 1.33 0.70
N ALA A 42 -12.52 1.71 -0.57
CA ALA A 42 -12.93 0.84 -1.66
C ALA A 42 -11.94 -0.29 -1.88
N ALA A 43 -10.67 0.08 -2.08
CA ALA A 43 -9.62 -0.91 -2.30
C ALA A 43 -9.88 -2.18 -1.49
N PHE A 44 -10.43 -2.02 -0.29
CA PHE A 44 -10.72 -3.15 0.57
C PHE A 44 -11.72 -4.10 -0.10
N GLN A 45 -12.86 -3.55 -0.52
CA GLN A 45 -13.89 -4.35 -1.17
C GLN A 45 -13.37 -4.98 -2.45
N GLU A 46 -12.34 -4.36 -3.02
CA GLU A 46 -11.74 -4.86 -4.26
C GLU A 46 -10.82 -6.05 -3.98
N ALA A 47 -10.56 -6.29 -2.70
CA ALA A 47 -9.70 -7.40 -2.30
C ALA A 47 -10.47 -8.44 -1.49
N PHE A 48 -11.40 -7.97 -0.68
CA PHE A 48 -12.21 -8.87 0.15
C PHE A 48 -13.57 -9.13 -0.52
N TYR A 49 -14.32 -8.07 -0.78
CA TYR A 49 -15.62 -8.18 -1.40
C TYR A 49 -15.49 -8.41 -2.90
N VAL A 50 -14.28 -8.70 -3.35
CA VAL A 50 -14.02 -8.94 -4.76
C VAL A 50 -14.44 -10.35 -5.16
N LYS A 51 -14.61 -10.56 -6.46
CA LYS A 51 -15.01 -11.87 -6.98
C LYS A 51 -14.09 -12.97 -6.45
N ALA A 52 -14.67 -14.11 -6.12
CA ALA A 52 -13.91 -15.25 -5.60
C ALA A 52 -12.68 -15.50 -6.46
N ARG A 53 -12.81 -15.31 -7.77
CA ARG A 53 -11.72 -15.53 -8.70
C ARG A 53 -10.74 -14.35 -8.67
N ASP A 54 -11.28 -13.14 -8.60
CA ASP A 54 -10.46 -11.94 -8.56
C ASP A 54 -9.95 -11.67 -7.15
N ARG A 55 -10.03 -12.69 -6.29
CA ARG A 55 -9.56 -12.56 -4.92
C ARG A 55 -8.13 -12.05 -4.86
N LYS A 56 -7.88 -11.08 -3.99
CA LYS A 56 -6.56 -10.50 -3.85
C LYS A 56 -6.39 -9.88 -2.46
N LEU A 57 -5.19 -9.37 -2.19
CA LEU A 57 -4.90 -8.76 -0.90
C LEU A 57 -4.69 -7.25 -1.04
N LEU A 58 -4.65 -6.56 0.08
CA LEU A 58 -4.45 -5.10 0.08
C LEU A 58 -3.04 -4.75 0.55
N ALA A 59 -2.37 -3.88 -0.19
CA ALA A 59 -1.03 -3.45 0.16
C ALA A 59 -0.87 -1.95 0.00
N ILE A 60 -0.80 -1.24 1.14
CA ILE A 60 -0.65 0.20 1.13
C ILE A 60 0.82 0.61 1.14
N TYR A 61 1.16 1.59 0.32
CA TYR A 61 2.54 2.07 0.24
C TYR A 61 2.60 3.59 0.39
N LEU A 62 3.37 4.04 1.38
CA LEU A 62 3.51 5.48 1.64
C LEU A 62 4.69 6.05 0.86
N HIS A 63 4.42 7.06 0.05
CA HIS A 63 5.47 7.70 -0.75
C HIS A 63 5.79 9.09 -0.20
N HIS A 64 7.04 9.28 0.21
CA HIS A 64 7.48 10.57 0.76
C HIS A 64 8.72 11.07 0.03
N ASP A 65 8.59 12.20 -0.64
CA ASP A 65 9.71 12.79 -1.37
C ASP A 65 10.85 13.14 -0.43
N GLU A 66 10.56 14.00 0.56
CA GLU A 66 11.58 14.42 1.52
C GLU A 66 12.50 13.26 1.89
N SER A 67 11.91 12.08 2.09
CA SER A 67 12.68 10.89 2.44
C SER A 67 13.81 10.67 1.44
N VAL A 68 14.93 10.13 1.94
CA VAL A 68 16.09 9.86 1.09
C VAL A 68 16.01 8.46 0.49
N LEU A 69 15.59 7.50 1.30
CA LEU A 69 15.47 6.11 0.84
C LEU A 69 14.47 6.00 -0.30
N THR A 70 13.31 6.62 -0.13
CA THR A 70 12.27 6.59 -1.15
C THR A 70 12.84 6.88 -2.53
N ASN A 71 13.75 7.86 -2.59
CA ASN A 71 14.37 8.24 -3.86
C ASN A 71 14.91 7.01 -4.59
N VAL A 72 15.84 6.31 -3.94
CA VAL A 72 16.43 5.11 -4.53
C VAL A 72 15.44 3.96 -4.56
N PHE A 73 14.79 3.70 -3.43
CA PHE A 73 13.82 2.62 -3.33
C PHE A 73 12.74 2.77 -4.40
N CYS A 74 12.67 3.95 -5.01
CA CYS A 74 11.69 4.22 -6.05
C CYS A 74 12.13 3.63 -7.38
N SER A 75 13.35 3.98 -7.80
CA SER A 75 13.89 3.49 -9.06
C SER A 75 14.70 2.22 -8.85
N GLN A 76 14.92 1.87 -7.58
CA GLN A 76 15.68 0.67 -7.24
C GLN A 76 14.75 -0.49 -6.93
N MET A 77 13.86 -0.28 -5.96
CA MET A 77 12.91 -1.32 -5.56
C MET A 77 11.62 -1.22 -6.38
N LEU A 78 10.84 -0.17 -6.13
CA LEU A 78 9.60 0.04 -6.85
C LEU A 78 9.75 -0.32 -8.33
N CYS A 79 10.97 -0.25 -8.82
CA CYS A 79 11.25 -0.57 -10.22
C CYS A 79 11.36 -2.07 -10.43
N ALA A 80 10.84 -2.84 -9.47
CA ALA A 80 10.88 -4.30 -9.54
C ALA A 80 9.75 -4.83 -10.41
N GLU A 81 10.08 -5.20 -11.64
CA GLU A 81 9.08 -5.73 -12.57
C GLU A 81 8.42 -6.98 -12.00
N SER A 82 9.22 -7.99 -11.71
CA SER A 82 8.71 -9.24 -11.17
C SER A 82 7.77 -8.98 -10.00
N ILE A 83 8.06 -7.93 -9.23
CA ILE A 83 7.25 -7.57 -8.09
C ILE A 83 5.99 -6.84 -8.52
N VAL A 84 6.15 -5.60 -8.97
CA VAL A 84 5.02 -4.79 -9.41
C VAL A 84 3.98 -5.65 -10.12
N SER A 85 4.45 -6.68 -10.82
CA SER A 85 3.56 -7.58 -11.55
C SER A 85 2.74 -8.43 -10.59
N TYR A 86 3.42 -9.07 -9.65
CA TYR A 86 2.76 -9.92 -8.67
C TYR A 86 1.97 -9.09 -7.66
N LEU A 87 2.62 -8.06 -7.11
CA LEU A 87 1.98 -7.18 -6.14
C LEU A 87 0.73 -6.55 -6.72
N SER A 88 0.76 -6.26 -8.01
CA SER A 88 -0.38 -5.65 -8.69
C SER A 88 -1.40 -6.71 -9.09
N GLN A 89 -0.91 -7.83 -9.60
CA GLN A 89 -1.78 -8.91 -10.04
C GLN A 89 -2.36 -9.65 -8.83
N ASN A 90 -1.48 -10.25 -8.03
CA ASN A 90 -1.91 -10.99 -6.84
C ASN A 90 -2.49 -10.05 -5.80
N PHE A 91 -1.71 -9.04 -5.42
CA PHE A 91 -2.14 -8.06 -4.42
C PHE A 91 -2.67 -6.80 -5.09
N ILE A 92 -3.20 -5.88 -4.29
CA ILE A 92 -3.73 -4.63 -4.80
C ILE A 92 -2.75 -3.49 -4.61
N THR A 93 -2.46 -2.78 -5.69
CA THR A 93 -1.52 -1.66 -5.64
C THR A 93 -2.22 -0.37 -5.23
N TRP A 94 -1.73 0.26 -4.18
CA TRP A 94 -2.31 1.50 -3.67
C TRP A 94 -1.26 2.34 -2.97
N ALA A 95 -0.93 3.49 -3.55
CA ALA A 95 0.05 4.40 -2.96
C ALA A 95 -0.59 5.69 -2.48
N TRP A 96 0.17 6.50 -1.77
CA TRP A 96 -0.33 7.77 -1.25
C TRP A 96 0.81 8.73 -0.97
N ASP A 97 0.76 9.91 -1.58
CA ASP A 97 1.79 10.92 -1.40
C ASP A 97 1.50 11.78 -0.17
N LEU A 98 2.45 11.82 0.76
CA LEU A 98 2.29 12.60 1.98
C LEU A 98 3.28 13.77 2.00
N THR A 99 3.92 14.01 0.88
CA THR A 99 4.89 15.10 0.77
C THR A 99 4.30 16.42 1.29
N LYS A 100 3.07 16.71 0.86
CA LYS A 100 2.39 17.93 1.29
C LYS A 100 1.71 17.74 2.64
N ASP A 101 2.03 18.62 3.57
CA ASP A 101 1.45 18.55 4.92
C ASP A 101 -0.02 18.16 4.86
N SER A 102 -0.74 18.75 3.91
CA SER A 102 -2.16 18.45 3.74
C SER A 102 -2.41 16.95 3.62
N ASN A 103 -1.74 16.33 2.66
CA ASN A 103 -1.88 14.89 2.43
C ASN A 103 -1.39 14.11 3.64
N ARG A 104 -0.24 14.49 4.17
CA ARG A 104 0.34 13.83 5.33
C ARG A 104 -0.74 13.45 6.33
N ALA A 105 -1.59 14.41 6.66
CA ALA A 105 -2.67 14.19 7.60
C ALA A 105 -3.71 13.21 7.04
N ARG A 106 -4.14 13.46 5.81
CA ARG A 106 -5.12 12.61 5.16
C ARG A 106 -4.93 11.15 5.57
N PHE A 107 -3.75 10.61 5.28
CA PHE A 107 -3.45 9.23 5.62
C PHE A 107 -3.75 8.94 7.08
N LEU A 108 -3.33 9.85 7.96
CA LEU A 108 -3.56 9.69 9.39
C LEU A 108 -5.06 9.67 9.70
N THR A 109 -5.79 10.62 9.12
CA THR A 109 -7.22 10.71 9.34
C THR A 109 -7.93 9.43 8.93
N MET A 110 -7.72 9.02 7.68
CA MET A 110 -8.34 7.80 7.16
C MET A 110 -7.88 6.59 7.96
N CYS A 111 -6.59 6.56 8.30
CA CYS A 111 -6.03 5.45 9.06
C CYS A 111 -6.62 5.40 10.47
N ASN A 112 -6.83 6.57 11.07
CA ASN A 112 -7.38 6.65 12.42
C ASN A 112 -8.62 5.78 12.55
N ARG A 113 -9.42 5.72 11.48
CA ARG A 113 -10.63 4.92 11.48
C ARG A 113 -10.38 3.55 10.86
N HIS A 114 -9.83 3.55 9.65
CA HIS A 114 -9.54 2.30 8.94
C HIS A 114 -8.98 1.25 9.90
N PHE A 115 -7.77 1.50 10.39
CA PHE A 115 -7.12 0.57 11.31
C PHE A 115 -7.34 1.00 12.76
N GLY A 116 -7.16 2.28 13.02
CA GLY A 116 -7.34 2.81 14.37
C GLY A 116 -6.32 3.87 14.72
N SER A 117 -6.58 4.61 15.79
CA SER A 117 -5.67 5.67 16.23
C SER A 117 -4.32 5.09 16.62
N VAL A 118 -4.33 4.05 17.44
CA VAL A 118 -3.09 3.41 17.88
C VAL A 118 -2.17 3.12 16.69
N VAL A 119 -2.77 2.76 15.56
CA VAL A 119 -1.99 2.46 14.36
C VAL A 119 -1.45 3.74 13.72
N ALA A 120 -2.35 4.67 13.42
CA ALA A 120 -1.94 5.94 12.82
C ALA A 120 -0.76 6.55 13.55
N GLN A 121 -0.84 6.59 14.88
CA GLN A 121 0.24 7.15 15.69
C GLN A 121 1.55 6.43 15.43
N THR A 122 1.49 5.10 15.36
CA THR A 122 2.68 4.29 15.11
C THR A 122 3.54 4.89 14.01
N ILE A 123 2.89 5.34 12.94
CA ILE A 123 3.60 5.94 11.81
C ILE A 123 4.01 7.37 12.13
N ARG A 124 3.12 8.12 12.76
CA ARG A 124 3.39 9.50 13.12
C ARG A 124 4.75 9.63 13.80
N THR A 125 5.07 8.65 14.66
CA THR A 125 6.33 8.65 15.39
C THR A 125 7.50 8.42 14.44
N GLN A 126 7.31 7.55 13.46
CA GLN A 126 8.35 7.24 12.50
C GLN A 126 8.86 8.51 11.82
N LYS A 127 10.17 8.73 11.92
CA LYS A 127 10.79 9.91 11.31
C LYS A 127 10.63 9.89 9.80
N THR A 128 11.07 10.97 9.15
CA THR A 128 10.99 11.08 7.69
C THR A 128 11.82 10.01 7.02
N ASP A 129 13.10 9.96 7.37
CA ASP A 129 14.02 8.98 6.80
C ASP A 129 13.37 7.60 6.72
N GLN A 130 12.74 7.18 7.83
CA GLN A 130 12.09 5.88 7.88
C GLN A 130 11.44 5.54 6.55
N PHE A 131 10.71 6.50 5.99
CA PHE A 131 10.03 6.30 4.71
C PHE A 131 11.01 5.83 3.64
N PRO A 132 10.49 5.14 2.62
CA PRO A 132 9.05 4.85 2.51
C PRO A 132 8.59 3.85 3.56
N LEU A 133 7.32 3.46 3.48
CA LEU A 133 6.75 2.50 4.42
C LEU A 133 5.73 1.61 3.74
N PHE A 134 6.10 0.35 3.51
CA PHE A 134 5.23 -0.61 2.85
C PHE A 134 4.60 -1.55 3.87
N LEU A 135 3.28 -1.47 4.01
CA LEU A 135 2.54 -2.32 4.95
C LEU A 135 1.61 -3.27 4.22
N ILE A 136 1.24 -4.36 4.88
CA ILE A 136 0.34 -5.35 4.30
C ILE A 136 -0.78 -5.70 5.26
N ILE A 137 -2.01 -5.34 4.87
CA ILE A 137 -3.18 -5.62 5.69
C ILE A 137 -4.01 -6.76 5.11
N MET A 138 -3.90 -7.94 5.71
CA MET A 138 -4.64 -9.10 5.25
C MET A 138 -5.92 -9.30 6.07
N GLY A 139 -5.75 -9.47 7.37
CA GLY A 139 -6.90 -9.66 8.25
C GLY A 139 -8.00 -10.44 7.58
N LYS A 140 -9.24 -10.03 7.83
CA LYS A 140 -10.40 -10.70 7.24
C LYS A 140 -11.25 -9.71 6.45
N ARG A 141 -12.32 -10.22 5.83
CA ARG A 141 -13.20 -9.39 5.04
C ARG A 141 -13.53 -8.09 5.77
N SER A 142 -13.95 -8.21 7.03
CA SER A 142 -14.29 -7.05 7.84
C SER A 142 -13.10 -6.59 8.66
N SER A 143 -12.66 -7.44 9.58
CA SER A 143 -11.52 -7.10 10.43
C SER A 143 -10.28 -6.81 9.60
N ASN A 144 -9.34 -6.06 10.17
CA ASN A 144 -8.11 -5.70 9.49
C ASN A 144 -7.04 -5.28 10.48
N GLU A 145 -5.77 -5.48 10.11
CA GLU A 145 -4.66 -5.11 10.97
C GLU A 145 -3.34 -5.17 10.20
N VAL A 146 -2.31 -4.54 10.75
CA VAL A 146 -1.00 -4.53 10.13
C VAL A 146 -0.24 -5.83 10.38
N LEU A 147 0.02 -6.57 9.31
CA LEU A 147 0.74 -7.84 9.42
C LEU A 147 2.24 -7.63 9.30
N ASN A 148 2.67 -7.07 8.17
CA ASN A 148 4.09 -6.81 7.94
C ASN A 148 4.38 -5.31 7.98
N VAL A 149 5.57 -4.95 8.45
CA VAL A 149 5.97 -3.56 8.53
C VAL A 149 7.37 -3.36 7.95
N ILE A 150 7.43 -2.83 6.74
CA ILE A 150 8.71 -2.58 6.08
C ILE A 150 9.13 -1.12 6.22
N GLN A 151 10.41 -0.91 6.48
CA GLN A 151 10.94 0.45 6.63
C GLN A 151 11.47 0.98 5.31
N GLY A 152 12.09 0.10 4.53
CA GLY A 152 12.64 0.51 3.25
C GLY A 152 14.04 -0.02 3.02
N ASN A 153 14.79 -0.19 4.10
CA ASN A 153 16.16 -0.68 4.03
C ASN A 153 16.19 -2.13 3.56
N THR A 154 15.01 -2.71 3.38
CA THR A 154 14.90 -4.10 2.93
C THR A 154 15.45 -4.27 1.52
N THR A 155 15.68 -5.52 1.13
CA THR A 155 16.21 -5.82 -0.19
C THR A 155 15.09 -6.11 -1.19
N VAL A 156 15.26 -5.64 -2.42
CA VAL A 156 14.26 -5.85 -3.46
C VAL A 156 13.61 -7.22 -3.33
N ASP A 157 14.44 -8.24 -3.13
CA ASP A 157 13.95 -9.60 -2.99
C ASP A 157 13.03 -9.73 -1.78
N GLU A 158 13.57 -9.42 -0.61
CA GLU A 158 12.80 -9.50 0.63
C GLU A 158 11.36 -9.05 0.41
N LEU A 159 11.20 -7.91 -0.25
CA LEU A 159 9.87 -7.36 -0.53
C LEU A 159 8.94 -8.45 -1.05
N MET A 160 9.33 -9.08 -2.15
CA MET A 160 8.53 -10.14 -2.76
C MET A 160 8.15 -11.20 -1.72
N MET A 161 9.16 -11.74 -1.04
CA MET A 161 8.93 -12.76 -0.02
C MET A 161 7.75 -12.38 0.87
N ARG A 162 7.85 -11.24 1.54
CA ARG A 162 6.78 -10.77 2.41
C ARG A 162 5.41 -11.11 1.85
N LEU A 163 5.15 -10.65 0.62
CA LEU A 163 3.89 -10.91 -0.04
C LEU A 163 3.62 -12.41 -0.14
N MET A 164 4.55 -13.14 -0.73
CA MET A 164 4.41 -14.59 -0.88
C MET A 164 4.01 -15.23 0.45
N ALA A 165 4.57 -14.74 1.54
CA ALA A 165 4.27 -15.26 2.86
C ALA A 165 2.82 -14.98 3.25
N ALA A 166 2.33 -13.80 2.88
CA ALA A 166 0.97 -13.41 3.18
C ALA A 166 -0.04 -14.22 2.37
N MET A 167 0.24 -14.36 1.07
CA MET A 167 -0.64 -15.12 0.18
C MET A 167 -0.72 -16.58 0.61
N GLU A 168 0.44 -17.23 0.73
CA GLU A 168 0.50 -18.62 1.13
C GLU A 168 -0.31 -18.85 2.41
N ILE A 169 -0.32 -17.85 3.28
CA ILE A 169 -1.06 -17.94 4.54
C ILE A 169 -2.55 -17.72 4.32
N PHE A 170 -2.88 -16.79 3.42
CA PHE A 170 -4.27 -16.47 3.13
C PHE A 170 -5.04 -17.72 2.72
N THR A 171 -4.57 -18.36 1.64
CA THR A 171 -5.21 -19.56 1.13
C THR A 171 -5.42 -20.59 2.25
N ALA A 172 -4.33 -20.98 2.89
CA ALA A 172 -4.39 -21.96 3.97
C ALA A 172 -5.41 -21.53 5.04
N GLN A 173 -5.36 -20.26 5.41
CA GLN A 173 -6.27 -19.72 6.42
C GLN A 173 -7.72 -19.92 6.00
N GLN A 174 -8.03 -19.53 4.77
CA GLN A 174 -9.39 -19.66 4.25
C GLN A 174 -9.78 -21.13 4.12
N GLN A 175 -11.02 -21.38 3.72
CA GLN A 175 -11.52 -22.74 3.56
C GLN A 175 -10.88 -23.41 2.35
N GLU A 176 -10.94 -24.74 2.31
CA GLU A 176 -10.38 -25.51 1.22
C GLU A 176 -11.13 -26.82 1.02
N ASP A 177 -11.69 -27.00 -0.17
CA ASP A 177 -12.44 -28.21 -0.49
C ASP A 177 -11.49 -29.38 -0.75
N ILE A 178 -10.53 -29.18 -1.65
CA ILE A 178 -9.57 -30.22 -1.98
C ILE A 178 -8.62 -30.48 -0.82
N GLU A 8 -24.15 10.06 -2.22
CA GLU A 8 -24.38 11.45 -1.83
C GLU A 8 -23.12 12.29 -2.01
N ASN A 9 -22.06 11.92 -1.30
CA ASN A 9 -20.79 12.63 -1.39
C ASN A 9 -19.62 11.66 -1.40
N ALA A 10 -18.50 12.07 -2.00
CA ALA A 10 -17.31 11.24 -2.07
C ALA A 10 -16.05 12.08 -1.93
N GLU A 11 -14.91 11.41 -1.79
CA GLU A 11 -13.64 12.09 -1.66
C GLU A 11 -12.89 12.13 -2.99
N ASN A 12 -11.96 13.07 -3.11
CA ASN A 12 -11.18 13.21 -4.34
C ASN A 12 -9.98 12.27 -4.33
N GLU A 13 -10.00 11.30 -3.41
CA GLU A 13 -8.92 10.33 -3.30
C GLU A 13 -8.51 9.81 -4.68
N GLY A 14 -9.52 9.51 -5.52
CA GLY A 14 -9.25 9.01 -6.84
C GLY A 14 -8.62 10.04 -7.75
N ASP A 15 -9.35 11.11 -8.03
CA ASP A 15 -8.86 12.18 -8.88
C ASP A 15 -7.42 12.53 -8.54
N ALA A 16 -7.13 12.66 -7.24
CA ALA A 16 -5.79 12.99 -6.78
C ALA A 16 -4.76 12.03 -7.35
N LEU A 17 -4.96 10.74 -7.10
CA LEU A 17 -4.04 9.72 -7.60
C LEU A 17 -3.77 9.90 -9.09
N LEU A 18 -4.84 9.98 -9.88
CA LEU A 18 -4.70 10.17 -11.32
C LEU A 18 -3.57 11.14 -11.64
N GLN A 19 -3.56 12.28 -10.96
CA GLN A 19 -2.54 13.29 -11.17
C GLN A 19 -1.14 12.73 -10.87
N PHE A 20 -0.99 12.19 -9.66
CA PHE A 20 0.29 11.63 -9.24
C PHE A 20 0.78 10.59 -10.25
N THR A 21 -0.10 9.69 -10.64
CA THR A 21 0.24 8.64 -11.60
C THR A 21 0.82 9.24 -12.87
N ALA A 22 0.12 10.21 -13.44
CA ALA A 22 0.57 10.86 -14.66
C ALA A 22 1.95 11.46 -14.49
N GLU A 23 2.05 12.44 -13.59
CA GLU A 23 3.32 13.11 -13.33
C GLU A 23 4.42 12.09 -13.01
N PHE A 24 4.04 11.04 -12.30
CA PHE A 24 4.99 9.99 -11.93
C PHE A 24 5.65 9.38 -13.17
N SER A 25 4.85 9.21 -14.22
CA SER A 25 5.35 8.64 -15.46
C SER A 25 6.69 9.25 -15.85
N SER A 26 6.78 10.57 -15.74
CA SER A 26 7.99 11.29 -16.09
C SER A 26 8.89 11.46 -14.87
N ARG A 27 8.28 11.75 -13.72
CA ARG A 27 9.02 11.92 -12.47
C ARG A 27 10.15 10.92 -12.38
N TYR A 28 9.81 9.63 -12.39
CA TYR A 28 10.80 8.58 -12.29
C TYR A 28 10.82 7.73 -13.57
N GLY A 29 9.64 7.50 -14.14
CA GLY A 29 9.54 6.70 -15.35
C GLY A 29 8.23 5.96 -15.46
N ASP A 30 7.99 5.32 -16.60
CA ASP A 30 6.76 4.57 -16.82
C ASP A 30 6.72 3.32 -15.94
N CYS A 31 7.89 2.70 -15.77
CA CYS A 31 7.98 1.48 -14.95
C CYS A 31 7.37 1.70 -13.58
N HIS A 32 6.16 1.17 -13.38
CA HIS A 32 5.46 1.31 -12.12
C HIS A 32 4.25 0.38 -12.06
N PRO A 33 3.88 -0.03 -10.84
CA PRO A 33 2.74 -0.92 -10.62
C PRO A 33 1.40 -0.23 -10.90
N VAL A 34 0.51 -0.94 -11.59
CA VAL A 34 -0.81 -0.40 -11.93
C VAL A 34 -1.51 0.14 -10.68
N PHE A 35 -1.49 1.46 -10.52
CA PHE A 35 -2.13 2.10 -9.38
C PHE A 35 -3.65 2.12 -9.54
N PHE A 36 -4.35 1.66 -8.52
CA PHE A 36 -5.81 1.62 -8.54
C PHE A 36 -6.39 3.03 -8.44
N ILE A 37 -7.27 3.37 -9.36
CA ILE A 37 -7.91 4.68 -9.37
C ILE A 37 -9.19 4.68 -8.56
N GLY A 38 -9.14 5.29 -7.37
CA GLY A 38 -10.31 5.35 -6.52
C GLY A 38 -9.94 5.51 -5.06
N SER A 39 -10.93 5.40 -4.18
CA SER A 39 -10.72 5.54 -2.75
C SER A 39 -10.47 4.18 -2.10
N LEU A 40 -9.56 4.15 -1.13
CA LEU A 40 -9.22 2.92 -0.43
C LEU A 40 -10.45 2.02 -0.29
N GLU A 41 -11.58 2.63 0.03
CA GLU A 41 -12.83 1.88 0.20
C GLU A 41 -12.92 0.75 -0.82
N ALA A 42 -12.72 1.08 -2.09
CA ALA A 42 -12.78 0.08 -3.15
C ALA A 42 -11.70 -0.98 -2.96
N ALA A 43 -10.45 -0.54 -2.90
CA ALA A 43 -9.33 -1.45 -2.71
C ALA A 43 -9.71 -2.64 -1.85
N PHE A 44 -10.53 -2.37 -0.82
CA PHE A 44 -10.97 -3.43 0.09
C PHE A 44 -11.78 -4.49 -0.65
N GLN A 45 -12.89 -4.06 -1.25
CA GLN A 45 -13.75 -4.98 -2.00
C GLN A 45 -12.95 -5.74 -3.04
N GLU A 46 -12.13 -5.01 -3.80
CA GLU A 46 -11.32 -5.63 -4.85
C GLU A 46 -10.23 -6.51 -4.23
N ALA A 47 -10.22 -6.61 -2.91
CA ALA A 47 -9.23 -7.42 -2.21
C ALA A 47 -9.90 -8.54 -1.43
N PHE A 48 -11.12 -8.28 -0.94
CA PHE A 48 -11.86 -9.27 -0.17
C PHE A 48 -13.16 -9.63 -0.88
N TYR A 49 -13.80 -8.64 -1.49
CA TYR A 49 -15.06 -8.85 -2.20
C TYR A 49 -14.81 -9.45 -3.58
N VAL A 50 -13.62 -9.99 -3.77
CA VAL A 50 -13.26 -10.60 -5.05
C VAL A 50 -13.56 -12.09 -5.06
N LYS A 51 -13.42 -12.71 -6.22
CA LYS A 51 -13.67 -14.14 -6.37
C LYS A 51 -12.85 -14.94 -5.35
N ALA A 52 -13.46 -15.98 -4.79
CA ALA A 52 -12.79 -16.82 -3.81
C ALA A 52 -11.37 -17.16 -4.26
N ARG A 53 -11.18 -17.33 -5.57
CA ARG A 53 -9.88 -17.65 -6.12
C ARG A 53 -9.05 -16.39 -6.31
N ASP A 54 -9.71 -15.29 -6.64
CA ASP A 54 -9.03 -14.02 -6.85
C ASP A 54 -8.76 -13.32 -5.53
N ARG A 55 -8.81 -14.08 -4.44
CA ARG A 55 -8.58 -13.53 -3.11
C ARG A 55 -7.20 -12.88 -3.02
N LYS A 56 -7.17 -11.60 -2.67
CA LYS A 56 -5.92 -10.86 -2.55
C LYS A 56 -5.92 -9.99 -1.30
N LEU A 57 -4.76 -9.45 -0.97
CA LEU A 57 -4.62 -8.59 0.20
C LEU A 57 -4.26 -7.16 -0.21
N LEU A 58 -4.47 -6.22 0.70
CA LEU A 58 -4.17 -4.81 0.44
C LEU A 58 -2.89 -4.39 1.14
N ALA A 59 -2.08 -3.58 0.45
CA ALA A 59 -0.82 -3.10 1.00
C ALA A 59 -0.64 -1.61 0.74
N ILE A 60 -0.83 -0.79 1.78
CA ILE A 60 -0.68 0.65 1.64
C ILE A 60 0.78 1.05 1.57
N TYR A 61 1.11 1.94 0.64
CA TYR A 61 2.48 2.40 0.46
C TYR A 61 2.54 3.92 0.49
N LEU A 62 3.09 4.47 1.57
CA LEU A 62 3.21 5.92 1.72
C LEU A 62 4.42 6.44 0.95
N HIS A 63 4.16 7.31 -0.02
CA HIS A 63 5.24 7.89 -0.83
C HIS A 63 5.58 9.30 -0.35
N HIS A 64 6.75 9.45 0.24
CA HIS A 64 7.21 10.74 0.74
C HIS A 64 8.46 11.20 0.01
N ASP A 65 8.33 12.30 -0.73
CA ASP A 65 9.45 12.85 -1.48
C ASP A 65 10.62 13.20 -0.56
N GLU A 66 10.36 14.09 0.40
CA GLU A 66 11.39 14.50 1.35
C GLU A 66 12.33 13.34 1.68
N SER A 67 11.74 12.17 1.92
CA SER A 67 12.52 10.99 2.25
C SER A 67 13.62 10.75 1.21
N VAL A 68 14.63 9.98 1.59
CA VAL A 68 15.74 9.68 0.69
C VAL A 68 15.66 8.23 0.19
N LEU A 69 15.14 7.35 1.02
CA LEU A 69 15.00 5.95 0.66
C LEU A 69 13.97 5.77 -0.45
N THR A 70 13.05 6.72 -0.55
CA THR A 70 12.01 6.66 -1.58
C THR A 70 12.60 6.87 -2.97
N ASN A 71 13.57 7.77 -3.06
CA ASN A 71 14.23 8.06 -4.34
C ASN A 71 14.68 6.77 -5.03
N VAL A 72 15.30 5.89 -4.26
CA VAL A 72 15.78 4.61 -4.80
C VAL A 72 14.72 3.54 -4.68
N PHE A 73 14.01 3.53 -3.54
CA PHE A 73 12.95 2.55 -3.31
C PHE A 73 11.82 2.70 -4.32
N CYS A 74 11.83 3.81 -5.04
CA CYS A 74 10.80 4.09 -6.04
C CYS A 74 11.25 3.62 -7.42
N SER A 75 12.54 3.79 -7.71
CA SER A 75 13.09 3.40 -9.00
C SER A 75 13.76 2.03 -8.91
N GLN A 76 13.94 1.55 -7.69
CA GLN A 76 14.57 0.26 -7.46
C GLN A 76 13.53 -0.81 -7.12
N MET A 77 12.73 -0.54 -6.09
CA MET A 77 11.69 -1.48 -5.67
C MET A 77 10.45 -1.32 -6.53
N LEU A 78 9.78 -0.18 -6.41
CA LEU A 78 8.58 0.09 -7.18
C LEU A 78 8.79 -0.21 -8.66
N CYS A 79 9.79 0.44 -9.25
CA CYS A 79 10.10 0.25 -10.66
C CYS A 79 10.35 -1.22 -10.96
N ALA A 80 10.81 -1.96 -9.96
CA ALA A 80 11.08 -3.39 -10.12
C ALA A 80 9.88 -4.11 -10.71
N GLU A 81 10.00 -4.54 -11.96
CA GLU A 81 8.92 -5.24 -12.64
C GLU A 81 8.57 -6.54 -11.90
N SER A 82 9.59 -7.34 -11.62
CA SER A 82 9.40 -8.61 -10.93
C SER A 82 8.51 -8.43 -9.71
N ILE A 83 8.74 -7.34 -8.97
CA ILE A 83 7.96 -7.06 -7.78
C ILE A 83 6.54 -6.63 -8.14
N VAL A 84 6.41 -5.43 -8.69
CA VAL A 84 5.11 -4.91 -9.09
C VAL A 84 4.24 -6.00 -9.71
N SER A 85 4.87 -6.88 -10.50
CA SER A 85 4.16 -7.96 -11.16
C SER A 85 3.42 -8.82 -10.14
N TYR A 86 4.10 -9.14 -9.04
CA TYR A 86 3.50 -9.96 -7.98
C TYR A 86 2.67 -9.11 -7.04
N LEU A 87 3.20 -7.96 -6.66
CA LEU A 87 2.50 -7.05 -5.76
C LEU A 87 1.16 -6.62 -6.36
N SER A 88 1.13 -6.48 -7.68
CA SER A 88 -0.08 -6.07 -8.37
C SER A 88 -1.01 -7.26 -8.61
N GLN A 89 -0.42 -8.37 -9.03
CA GLN A 89 -1.20 -9.58 -9.29
C GLN A 89 -1.72 -10.20 -8.00
N ASN A 90 -0.78 -10.56 -7.11
CA ASN A 90 -1.14 -11.16 -5.83
C ASN A 90 -1.80 -10.13 -4.92
N PHE A 91 -1.14 -8.98 -4.76
CA PHE A 91 -1.67 -7.92 -3.91
C PHE A 91 -2.22 -6.78 -4.74
N ILE A 92 -2.76 -5.77 -4.07
CA ILE A 92 -3.33 -4.61 -4.75
C ILE A 92 -2.42 -3.40 -4.63
N THR A 93 -2.10 -2.77 -5.76
CA THR A 93 -1.24 -1.60 -5.78
C THR A 93 -2.01 -0.35 -5.39
N TRP A 94 -1.55 0.33 -4.35
CA TRP A 94 -2.20 1.55 -3.87
C TRP A 94 -1.19 2.47 -3.19
N ALA A 95 -0.76 3.50 -3.92
CA ALA A 95 0.20 4.46 -3.37
C ALA A 95 -0.49 5.75 -2.95
N TRP A 96 0.11 6.45 -2.00
CA TRP A 96 -0.45 7.71 -1.50
C TRP A 96 0.65 8.73 -1.25
N ASP A 97 0.43 9.96 -1.69
CA ASP A 97 1.40 11.03 -1.50
C ASP A 97 1.14 11.79 -0.22
N LEU A 98 2.15 11.89 0.63
CA LEU A 98 2.03 12.59 1.90
C LEU A 98 2.98 13.78 1.97
N THR A 99 3.54 14.15 0.82
CA THR A 99 4.46 15.27 0.74
C THR A 99 3.83 16.55 1.29
N LYS A 100 2.56 16.75 0.96
CA LYS A 100 1.84 17.94 1.41
C LYS A 100 1.41 17.78 2.87
N ASP A 101 1.43 18.89 3.61
CA ASP A 101 1.04 18.87 5.02
C ASP A 101 -0.38 18.34 5.18
N SER A 102 -1.31 18.84 4.38
CA SER A 102 -2.70 18.41 4.44
C SER A 102 -2.82 16.92 4.11
N ASN A 103 -2.18 16.51 3.02
CA ASN A 103 -2.21 15.12 2.59
C ASN A 103 -1.74 14.19 3.70
N ARG A 104 -0.50 14.39 4.15
CA ARG A 104 0.06 13.57 5.21
C ARG A 104 -0.99 13.25 6.27
N ALA A 105 -1.52 14.29 6.90
CA ALA A 105 -2.54 14.12 7.93
C ALA A 105 -3.77 13.41 7.38
N ARG A 106 -4.19 13.81 6.18
CA ARG A 106 -5.36 13.21 5.54
C ARG A 106 -5.38 11.69 5.75
N PHE A 107 -4.27 11.04 5.38
CA PHE A 107 -4.16 9.60 5.53
C PHE A 107 -4.10 9.20 7.00
N LEU A 108 -3.24 9.87 7.75
CA LEU A 108 -3.08 9.58 9.17
C LEU A 108 -4.43 9.29 9.82
N THR A 109 -5.34 10.24 9.73
CA THR A 109 -6.67 10.09 10.31
C THR A 109 -7.32 8.79 9.85
N MET A 110 -7.38 8.59 8.54
CA MET A 110 -7.98 7.38 7.97
C MET A 110 -7.40 6.13 8.64
N CYS A 111 -6.08 6.04 8.70
CA CYS A 111 -5.42 4.90 9.31
C CYS A 111 -6.06 4.55 10.64
N ASN A 112 -6.35 5.57 11.44
CA ASN A 112 -6.97 5.36 12.75
C ASN A 112 -8.44 4.96 12.60
N ARG A 113 -9.21 5.83 11.95
CA ARG A 113 -10.63 5.58 11.75
C ARG A 113 -10.86 4.15 11.26
N HIS A 114 -9.97 3.67 10.40
CA HIS A 114 -10.07 2.31 9.87
C HIS A 114 -9.41 1.31 10.80
N PHE A 115 -8.09 1.40 10.92
CA PHE A 115 -7.35 0.49 11.78
C PHE A 115 -7.45 0.92 13.24
N GLY A 116 -6.90 2.09 13.55
CA GLY A 116 -6.95 2.59 14.92
C GLY A 116 -5.77 3.48 15.24
N SER A 117 -5.82 4.14 16.40
CA SER A 117 -4.75 5.03 16.83
C SER A 117 -3.43 4.28 16.93
N VAL A 118 -3.42 3.22 17.74
CA VAL A 118 -2.22 2.42 17.93
C VAL A 118 -1.43 2.30 16.64
N VAL A 119 -2.15 2.19 15.52
CA VAL A 119 -1.52 2.06 14.21
C VAL A 119 -1.01 3.41 13.72
N ALA A 120 -1.90 4.40 13.70
CA ALA A 120 -1.54 5.73 13.24
C ALA A 120 -0.31 6.25 13.98
N GLN A 121 -0.34 6.15 15.32
CA GLN A 121 0.77 6.62 16.14
C GLN A 121 2.10 6.10 15.60
N THR A 122 2.14 4.81 15.27
CA THR A 122 3.35 4.19 14.75
C THR A 122 3.96 5.04 13.63
N ILE A 123 3.13 5.41 12.66
CA ILE A 123 3.60 6.23 11.55
C ILE A 123 3.98 7.63 12.01
N ARG A 124 3.11 8.24 12.80
CA ARG A 124 3.35 9.59 13.31
C ARG A 124 4.74 9.68 13.94
N THR A 125 5.10 8.67 14.72
CA THR A 125 6.39 8.65 15.39
C THR A 125 7.53 8.45 14.38
N GLN A 126 7.27 7.66 13.35
CA GLN A 126 8.27 7.40 12.32
C GLN A 126 8.75 8.69 11.69
N LYS A 127 10.06 8.89 11.68
CA LYS A 127 10.65 10.09 11.10
C LYS A 127 10.45 10.13 9.60
N THR A 128 10.84 11.24 8.97
CA THR A 128 10.70 11.40 7.54
C THR A 128 11.56 10.40 6.77
N ASP A 129 12.85 10.36 7.10
CA ASP A 129 13.78 9.45 6.45
C ASP A 129 13.21 8.04 6.41
N GLN A 130 12.70 7.58 7.54
CA GLN A 130 12.12 6.24 7.63
C GLN A 130 11.39 5.87 6.35
N PHE A 131 10.63 6.81 5.81
CA PHE A 131 9.88 6.59 4.59
C PHE A 131 10.80 6.09 3.47
N PRO A 132 10.20 5.40 2.48
CA PRO A 132 8.75 5.14 2.45
C PRO A 132 8.33 4.15 3.53
N LEU A 133 7.03 3.88 3.58
CA LEU A 133 6.48 2.95 4.57
C LEU A 133 5.54 1.95 3.91
N PHE A 134 6.01 0.72 3.75
CA PHE A 134 5.21 -0.33 3.13
C PHE A 134 4.61 -1.26 4.19
N LEU A 135 3.29 -1.26 4.29
CA LEU A 135 2.60 -2.10 5.26
C LEU A 135 1.75 -3.15 4.56
N ILE A 136 1.56 -4.29 5.22
CA ILE A 136 0.76 -5.38 4.66
C ILE A 136 -0.50 -5.61 5.48
N ILE A 137 -1.65 -5.31 4.88
CA ILE A 137 -2.93 -5.48 5.56
C ILE A 137 -3.53 -6.85 5.24
N MET A 138 -3.74 -7.65 6.27
CA MET A 138 -4.31 -8.98 6.11
C MET A 138 -5.21 -9.34 7.29
N GLY A 139 -6.50 -9.54 7.00
CA GLY A 139 -7.45 -9.88 8.05
C GLY A 139 -8.77 -10.37 7.49
N LYS A 140 -9.86 -9.98 8.15
CA LYS A 140 -11.20 -10.37 7.72
C LYS A 140 -12.05 -9.15 7.38
N ARG A 141 -13.06 -9.36 6.55
CA ARG A 141 -13.96 -8.28 6.15
C ARG A 141 -14.32 -7.39 7.34
N SER A 142 -14.74 -8.04 8.43
CA SER A 142 -15.12 -7.31 9.64
C SER A 142 -14.13 -6.18 9.92
N SER A 143 -12.88 -6.54 10.17
CA SER A 143 -11.84 -5.55 10.46
C SER A 143 -10.46 -6.10 10.10
N ASN A 144 -9.53 -5.18 9.87
CA ASN A 144 -8.16 -5.57 9.50
C ASN A 144 -7.15 -4.86 10.40
N GLU A 145 -5.94 -5.40 10.45
CA GLU A 145 -4.88 -4.82 11.26
C GLU A 145 -3.51 -5.06 10.63
N VAL A 146 -2.59 -4.12 10.84
CA VAL A 146 -1.25 -4.22 10.29
C VAL A 146 -0.50 -5.41 10.89
N LEU A 147 -0.20 -6.40 10.06
CA LEU A 147 0.52 -7.58 10.51
C LEU A 147 2.02 -7.37 10.46
N ASN A 148 2.55 -7.10 9.26
CA ASN A 148 3.98 -6.87 9.08
C ASN A 148 4.23 -5.49 8.48
N VAL A 149 5.20 -4.78 9.04
CA VAL A 149 5.55 -3.44 8.55
C VAL A 149 6.95 -3.42 7.97
N ILE A 150 7.05 -3.10 6.69
CA ILE A 150 8.34 -3.03 6.01
C ILE A 150 8.66 -1.61 5.56
N GLN A 151 9.88 -1.16 5.85
CA GLN A 151 10.30 0.18 5.47
C GLN A 151 11.15 0.15 4.21
N GLY A 152 11.58 1.32 3.74
CA GLY A 152 12.39 1.41 2.56
C GLY A 152 13.85 1.12 2.83
N ASN A 153 14.12 0.31 3.84
CA ASN A 153 15.49 -0.04 4.21
C ASN A 153 15.74 -1.53 4.02
N THR A 154 14.86 -2.18 3.28
CA THR A 154 14.98 -3.61 3.01
C THR A 154 15.42 -3.87 1.57
N THR A 155 15.75 -5.12 1.27
CA THR A 155 16.18 -5.50 -0.07
C THR A 155 15.00 -5.91 -0.94
N VAL A 156 14.95 -5.38 -2.14
CA VAL A 156 13.87 -5.69 -3.08
C VAL A 156 13.47 -7.15 -2.98
N ASP A 157 14.46 -8.02 -2.78
CA ASP A 157 14.21 -9.45 -2.66
C ASP A 157 13.36 -9.76 -1.43
N GLU A 158 13.80 -9.27 -0.28
CA GLU A 158 13.09 -9.49 0.97
C GLU A 158 11.59 -9.27 0.80
N LEU A 159 11.24 -8.29 -0.04
CA LEU A 159 9.85 -7.96 -0.30
C LEU A 159 9.10 -9.18 -0.85
N MET A 160 9.77 -9.92 -1.73
CA MET A 160 9.17 -11.12 -2.33
C MET A 160 8.77 -12.12 -1.25
N MET A 161 9.75 -12.54 -0.45
CA MET A 161 9.50 -13.50 0.62
C MET A 161 8.49 -12.96 1.62
N ARG A 162 8.58 -11.65 1.89
CA ARG A 162 7.67 -11.01 2.83
C ARG A 162 6.22 -11.07 2.33
N LEU A 163 6.02 -10.75 1.06
CA LEU A 163 4.69 -10.78 0.47
C LEU A 163 4.08 -12.17 0.56
N MET A 164 4.81 -13.16 0.03
CA MET A 164 4.35 -14.54 0.05
C MET A 164 3.87 -14.93 1.45
N ALA A 165 4.66 -14.57 2.46
CA ALA A 165 4.31 -14.89 3.84
C ALA A 165 2.87 -14.51 4.15
N ALA A 166 2.55 -13.22 4.03
CA ALA A 166 1.20 -12.74 4.30
C ALA A 166 0.17 -13.62 3.61
N MET A 167 0.51 -14.15 2.44
CA MET A 167 -0.39 -14.99 1.69
C MET A 167 -0.50 -16.38 2.33
N GLU A 168 0.59 -17.14 2.29
CA GLU A 168 0.61 -18.47 2.87
C GLU A 168 -0.11 -18.49 4.22
N ILE A 169 0.07 -17.42 4.98
CA ILE A 169 -0.56 -17.31 6.30
C ILE A 169 -2.07 -17.32 6.20
N PHE A 170 -2.58 -16.60 5.20
CA PHE A 170 -4.03 -16.51 4.98
C PHE A 170 -4.59 -17.86 4.54
N THR A 171 -3.85 -18.54 3.65
CA THR A 171 -4.28 -19.85 3.15
C THR A 171 -4.13 -20.93 4.21
N ALA A 172 -3.08 -20.81 5.01
CA ALA A 172 -2.81 -21.78 6.07
C ALA A 172 -3.75 -21.57 7.25
N GLN A 173 -3.78 -20.34 7.75
CA GLN A 173 -4.63 -19.99 8.89
C GLN A 173 -6.00 -20.68 8.76
N GLN A 174 -6.46 -20.82 7.54
CA GLN A 174 -7.75 -21.46 7.28
C GLN A 174 -7.79 -22.87 7.85
N GLN A 175 -6.84 -23.70 7.45
CA GLN A 175 -6.76 -25.07 7.93
C GLN A 175 -6.07 -25.14 9.28
N GLU A 176 -6.00 -24.00 9.96
CA GLU A 176 -5.37 -23.93 11.28
C GLU A 176 -6.42 -23.85 12.38
N ASP A 177 -6.60 -24.95 13.09
CA ASP A 177 -7.58 -25.00 14.18
C ASP A 177 -6.94 -24.58 15.50
N ILE A 178 -5.87 -25.28 15.88
CA ILE A 178 -5.17 -24.98 17.12
C ILE A 178 -4.65 -23.55 17.13
N GLU A 8 -24.15 12.57 -9.45
CA GLU A 8 -22.75 12.91 -9.68
C GLU A 8 -21.98 12.95 -8.37
N ASN A 9 -21.00 12.06 -8.24
CA ASN A 9 -20.18 11.99 -7.02
C ASN A 9 -19.04 13.01 -7.07
N ALA A 10 -18.79 13.66 -5.94
CA ALA A 10 -17.73 14.65 -5.86
C ALA A 10 -16.64 14.21 -4.90
N GLU A 11 -15.57 15.00 -4.81
CA GLU A 11 -14.46 14.68 -3.93
C GLU A 11 -13.95 13.26 -4.17
N ASN A 12 -13.88 12.88 -5.45
CA ASN A 12 -13.41 11.55 -5.82
C ASN A 12 -11.90 11.44 -5.66
N GLU A 13 -11.47 10.74 -4.61
CA GLU A 13 -10.05 10.55 -4.35
C GLU A 13 -9.29 10.31 -5.64
N GLY A 14 -9.86 9.47 -6.51
CA GLY A 14 -9.21 9.17 -7.78
C GLY A 14 -8.52 10.37 -8.38
N ASP A 15 -9.31 11.37 -8.77
CA ASP A 15 -8.77 12.58 -9.37
C ASP A 15 -7.42 12.95 -8.75
N ALA A 16 -7.40 13.07 -7.42
CA ALA A 16 -6.19 13.41 -6.71
C ALA A 16 -5.05 12.44 -7.05
N LEU A 17 -5.38 11.15 -7.08
CA LEU A 17 -4.39 10.13 -7.40
C LEU A 17 -3.87 10.28 -8.82
N LEU A 18 -4.79 10.37 -9.77
CA LEU A 18 -4.43 10.52 -11.18
C LEU A 18 -3.30 11.54 -11.34
N GLN A 19 -3.48 12.71 -10.72
CA GLN A 19 -2.48 13.76 -10.79
C GLN A 19 -1.10 13.24 -10.38
N PHE A 20 -1.07 12.51 -9.27
CA PHE A 20 0.17 11.95 -8.76
C PHE A 20 0.72 10.88 -9.69
N THR A 21 -0.05 9.82 -9.88
CA THR A 21 0.36 8.72 -10.75
C THR A 21 1.05 9.25 -12.01
N ALA A 22 0.44 10.25 -12.63
CA ALA A 22 1.00 10.85 -13.84
C ALA A 22 2.36 11.46 -13.57
N GLU A 23 2.40 12.43 -12.66
CA GLU A 23 3.65 13.10 -12.32
C GLU A 23 4.75 12.09 -12.02
N PHE A 24 4.41 11.08 -11.22
CA PHE A 24 5.37 10.05 -10.85
C PHE A 24 5.82 9.26 -12.08
N SER A 25 4.86 8.80 -12.87
CA SER A 25 5.16 8.03 -14.07
C SER A 25 6.24 8.72 -14.91
N SER A 26 6.13 10.04 -15.01
CA SER A 26 7.09 10.83 -15.78
C SER A 26 8.36 11.07 -14.98
N ARG A 27 8.22 11.74 -13.84
CA ARG A 27 9.35 12.04 -12.98
C ARG A 27 10.24 10.81 -12.81
N TYR A 28 9.66 9.72 -12.32
CA TYR A 28 10.41 8.49 -12.11
C TYR A 28 10.54 7.70 -13.41
N GLY A 29 9.40 7.30 -13.96
CA GLY A 29 9.41 6.54 -15.20
C GLY A 29 8.15 5.72 -15.39
N ASP A 30 8.10 4.97 -16.48
CA ASP A 30 6.94 4.13 -16.78
C ASP A 30 6.94 2.88 -15.90
N CYS A 31 8.10 2.27 -15.74
CA CYS A 31 8.24 1.07 -14.93
C CYS A 31 7.66 1.29 -13.54
N HIS A 32 6.47 0.74 -13.30
CA HIS A 32 5.80 0.89 -12.01
C HIS A 32 4.62 -0.06 -11.90
N PRO A 33 4.26 -0.44 -10.66
CA PRO A 33 3.14 -1.35 -10.40
C PRO A 33 1.80 -0.69 -10.68
N VAL A 34 0.87 -1.48 -11.22
CA VAL A 34 -0.46 -0.98 -11.55
C VAL A 34 -1.10 -0.30 -10.34
N PHE A 35 -1.38 1.00 -10.49
CA PHE A 35 -1.99 1.76 -9.41
C PHE A 35 -3.50 1.85 -9.59
N PHE A 36 -4.24 1.28 -8.64
CA PHE A 36 -5.69 1.30 -8.70
C PHE A 36 -6.23 2.73 -8.75
N ILE A 37 -6.71 3.13 -9.92
CA ILE A 37 -7.25 4.48 -10.11
C ILE A 37 -8.66 4.59 -9.55
N GLY A 38 -8.80 5.33 -8.45
CA GLY A 38 -10.11 5.50 -7.84
C GLY A 38 -10.02 5.92 -6.39
N SER A 39 -10.83 5.29 -5.54
CA SER A 39 -10.83 5.60 -4.11
C SER A 39 -10.18 4.48 -3.31
N LEU A 40 -9.73 4.81 -2.11
CA LEU A 40 -9.07 3.83 -1.24
C LEU A 40 -10.03 2.68 -0.92
N GLU A 41 -11.28 3.02 -0.66
CA GLU A 41 -12.28 2.02 -0.33
C GLU A 41 -12.35 0.94 -1.42
N ALA A 42 -12.27 1.37 -2.67
CA ALA A 42 -12.32 0.44 -3.80
C ALA A 42 -11.31 -0.69 -3.63
N ALA A 43 -10.06 -0.32 -3.34
CA ALA A 43 -9.01 -1.30 -3.15
C ALA A 43 -9.49 -2.47 -2.31
N PHE A 44 -10.00 -2.18 -1.12
CA PHE A 44 -10.49 -3.21 -0.21
C PHE A 44 -11.48 -4.12 -0.92
N GLN A 45 -12.37 -3.53 -1.71
CA GLN A 45 -13.37 -4.29 -2.44
C GLN A 45 -12.71 -5.24 -3.44
N GLU A 46 -11.78 -4.71 -4.22
CA GLU A 46 -11.08 -5.52 -5.21
C GLU A 46 -10.14 -6.51 -4.54
N ALA A 47 -10.19 -6.56 -3.22
CA ALA A 47 -9.34 -7.47 -2.44
C ALA A 47 -10.18 -8.48 -1.67
N PHE A 48 -11.34 -8.04 -1.21
CA PHE A 48 -12.25 -8.90 -0.45
C PHE A 48 -13.57 -9.10 -1.18
N TYR A 49 -14.05 -8.02 -1.80
CA TYR A 49 -15.30 -8.07 -2.54
C TYR A 49 -15.12 -8.73 -3.90
N VAL A 50 -14.03 -9.47 -4.05
CA VAL A 50 -13.73 -10.15 -5.30
C VAL A 50 -13.99 -11.65 -5.18
N LYS A 51 -13.99 -12.34 -6.31
CA LYS A 51 -14.21 -13.78 -6.33
C LYS A 51 -13.27 -14.49 -5.37
N ALA A 52 -13.75 -15.58 -4.77
CA ALA A 52 -12.95 -16.35 -3.83
C ALA A 52 -11.62 -16.77 -4.46
N ARG A 53 -11.67 -17.23 -5.70
CA ARG A 53 -10.47 -17.66 -6.40
C ARG A 53 -9.57 -16.47 -6.71
N ASP A 54 -10.16 -15.38 -7.16
CA ASP A 54 -9.41 -14.18 -7.49
C ASP A 54 -9.15 -13.34 -6.24
N ARG A 55 -9.30 -13.97 -5.08
CA ARG A 55 -9.08 -13.27 -3.81
C ARG A 55 -7.65 -12.76 -3.70
N LYS A 56 -7.49 -11.62 -3.04
CA LYS A 56 -6.16 -11.02 -2.87
C LYS A 56 -6.11 -10.19 -1.59
N LEU A 57 -4.94 -9.64 -1.30
CA LEU A 57 -4.75 -8.81 -0.11
C LEU A 57 -4.52 -7.35 -0.48
N LEU A 58 -4.63 -6.47 0.50
CA LEU A 58 -4.43 -5.05 0.28
C LEU A 58 -3.09 -4.59 0.83
N ALA A 59 -2.40 -3.74 0.07
CA ALA A 59 -1.10 -3.23 0.49
C ALA A 59 -0.99 -1.74 0.21
N ILE A 60 -1.05 -0.94 1.28
CA ILE A 60 -0.96 0.51 1.16
C ILE A 60 0.49 0.95 0.98
N TYR A 61 0.73 1.77 -0.04
CA TYR A 61 2.06 2.26 -0.32
C TYR A 61 2.18 3.74 0.01
N LEU A 62 3.01 4.07 0.99
CA LEU A 62 3.21 5.46 1.41
C LEU A 62 4.39 6.08 0.68
N HIS A 63 4.10 6.89 -0.33
CA HIS A 63 5.16 7.55 -1.11
C HIS A 63 5.54 8.89 -0.47
N HIS A 64 6.84 9.14 -0.36
CA HIS A 64 7.33 10.38 0.23
C HIS A 64 8.58 10.86 -0.51
N ASP A 65 8.40 11.85 -1.37
CA ASP A 65 9.51 12.41 -2.13
C ASP A 65 10.60 12.93 -1.20
N GLU A 66 10.20 13.77 -0.25
CA GLU A 66 11.15 14.34 0.71
C GLU A 66 12.23 13.32 1.08
N SER A 67 11.81 12.08 1.30
CA SER A 67 12.73 11.02 1.67
C SER A 67 13.68 10.70 0.52
N VAL A 68 14.90 10.30 0.86
CA VAL A 68 15.91 9.96 -0.14
C VAL A 68 15.79 8.50 -0.56
N LEU A 69 15.38 7.65 0.38
CA LEU A 69 15.23 6.23 0.11
C LEU A 69 14.19 5.99 -0.98
N THR A 70 13.21 6.88 -1.07
CA THR A 70 12.15 6.77 -2.06
C THR A 70 12.71 6.98 -3.47
N ASN A 71 13.67 7.88 -3.60
CA ASN A 71 14.28 8.16 -4.89
C ASN A 71 14.76 6.88 -5.56
N VAL A 72 15.51 6.08 -4.82
CA VAL A 72 16.04 4.83 -5.34
C VAL A 72 15.04 3.69 -5.16
N PHE A 73 14.34 3.70 -4.02
CA PHE A 73 13.35 2.68 -3.72
C PHE A 73 12.24 2.68 -4.76
N CYS A 74 12.20 3.73 -5.59
CA CYS A 74 11.18 3.84 -6.61
C CYS A 74 11.67 3.27 -7.94
N SER A 75 12.96 3.47 -8.23
CA SER A 75 13.56 2.98 -9.47
C SER A 75 14.36 1.71 -9.20
N GLN A 76 14.47 1.33 -7.93
CA GLN A 76 15.22 0.15 -7.56
C GLN A 76 14.27 -0.96 -7.08
N MET A 77 13.29 -0.58 -6.28
CA MET A 77 12.32 -1.55 -5.76
C MET A 77 11.06 -1.56 -6.62
N LEU A 78 10.53 -0.37 -6.90
CA LEU A 78 9.32 -0.25 -7.70
C LEU A 78 9.62 -0.47 -9.18
N CYS A 79 10.77 -1.07 -9.46
CA CYS A 79 11.17 -1.34 -10.83
C CYS A 79 11.17 -2.84 -11.13
N ALA A 80 11.38 -3.63 -10.08
CA ALA A 80 11.39 -5.09 -10.22
C ALA A 80 10.10 -5.59 -10.85
N GLU A 81 10.16 -5.92 -12.14
CA GLU A 81 8.99 -6.42 -12.86
C GLU A 81 8.33 -7.55 -12.10
N SER A 82 9.14 -8.39 -11.46
CA SER A 82 8.64 -9.53 -10.70
C SER A 82 7.87 -9.04 -9.47
N ILE A 83 8.43 -8.06 -8.78
CA ILE A 83 7.79 -7.52 -7.58
C ILE A 83 6.60 -6.64 -7.95
N VAL A 84 6.86 -5.57 -8.70
CA VAL A 84 5.80 -4.66 -9.11
C VAL A 84 4.64 -5.41 -9.73
N SER A 85 4.94 -6.49 -10.44
CA SER A 85 3.91 -7.30 -11.09
C SER A 85 3.27 -8.26 -10.09
N TYR A 86 4.08 -9.19 -9.57
CA TYR A 86 3.60 -10.18 -8.61
C TYR A 86 2.77 -9.51 -7.53
N LEU A 87 3.22 -8.35 -7.05
CA LEU A 87 2.52 -7.62 -6.01
C LEU A 87 1.19 -7.08 -6.54
N SER A 88 1.22 -6.53 -7.75
CA SER A 88 0.02 -5.97 -8.37
C SER A 88 -1.01 -7.06 -8.64
N GLN A 89 -0.53 -8.25 -9.01
CA GLN A 89 -1.40 -9.37 -9.30
C GLN A 89 -1.86 -10.06 -8.01
N ASN A 90 -0.90 -10.57 -7.26
CA ASN A 90 -1.19 -11.25 -6.00
C ASN A 90 -1.80 -10.29 -4.99
N PHE A 91 -1.28 -9.07 -4.95
CA PHE A 91 -1.76 -8.06 -4.03
C PHE A 91 -2.31 -6.85 -4.78
N ILE A 92 -2.91 -5.91 -4.05
CA ILE A 92 -3.47 -4.72 -4.65
C ILE A 92 -2.64 -3.48 -4.31
N THR A 93 -1.89 -2.99 -5.29
CA THR A 93 -1.05 -1.82 -5.10
C THR A 93 -1.87 -0.54 -5.11
N TRP A 94 -1.80 0.22 -4.02
CA TRP A 94 -2.55 1.47 -3.91
C TRP A 94 -1.83 2.45 -3.01
N ALA A 95 -1.68 3.69 -3.48
CA ALA A 95 -1.01 4.73 -2.71
C ALA A 95 -1.95 5.89 -2.40
N TRP A 96 -1.59 6.70 -1.41
CA TRP A 96 -2.41 7.83 -1.02
C TRP A 96 -1.71 9.15 -1.33
N ASP A 97 -0.45 9.05 -1.75
CA ASP A 97 0.34 10.23 -2.09
C ASP A 97 0.32 11.24 -0.95
N LEU A 98 0.55 10.77 0.27
CA LEU A 98 0.56 11.62 1.44
C LEU A 98 1.85 12.44 1.53
N THR A 99 2.60 12.45 0.42
CA THR A 99 3.86 13.18 0.37
C THR A 99 3.71 14.56 1.00
N LYS A 100 2.57 15.21 0.76
CA LYS A 100 2.30 16.53 1.31
C LYS A 100 1.86 16.44 2.77
N ASP A 101 2.13 17.49 3.53
CA ASP A 101 1.76 17.53 4.94
C ASP A 101 0.26 17.34 5.12
N SER A 102 -0.51 18.16 4.42
CA SER A 102 -1.97 18.09 4.49
C SER A 102 -2.44 16.63 4.60
N ASN A 103 -2.09 15.85 3.58
CA ASN A 103 -2.48 14.44 3.55
C ASN A 103 -1.95 13.70 4.78
N ARG A 104 -0.67 13.88 5.07
CA ARG A 104 -0.05 13.24 6.22
C ARG A 104 -1.03 13.14 7.38
N ALA A 105 -1.72 14.24 7.66
CA ALA A 105 -2.68 14.27 8.76
C ALA A 105 -3.91 13.43 8.42
N ARG A 106 -4.47 13.65 7.23
CA ARG A 106 -5.65 12.91 6.79
C ARG A 106 -5.43 11.41 6.94
N PHE A 107 -4.35 10.91 6.36
CA PHE A 107 -4.03 9.49 6.44
C PHE A 107 -4.06 8.99 7.89
N LEU A 108 -3.56 9.82 8.79
CA LEU A 108 -3.53 9.47 10.21
C LEU A 108 -4.94 9.39 10.78
N THR A 109 -5.76 10.39 10.48
CA THR A 109 -7.13 10.44 10.96
C THR A 109 -7.96 9.31 10.35
N MET A 110 -8.14 9.35 9.04
CA MET A 110 -8.91 8.34 8.33
C MET A 110 -8.51 6.94 8.78
N CYS A 111 -7.23 6.77 9.07
CA CYS A 111 -6.70 5.48 9.51
C CYS A 111 -7.24 5.12 10.90
N ASN A 112 -7.20 6.09 11.81
CA ASN A 112 -7.67 5.88 13.17
C ASN A 112 -9.01 5.16 13.18
N ARG A 113 -9.85 5.48 12.19
CA ARG A 113 -11.17 4.86 12.09
C ARG A 113 -11.09 3.52 11.36
N HIS A 114 -10.47 3.53 10.18
CA HIS A 114 -10.32 2.31 9.39
C HIS A 114 -9.52 1.27 10.15
N PHE A 115 -8.25 1.56 10.41
CA PHE A 115 -7.38 0.64 11.13
C PHE A 115 -7.43 0.90 12.63
N GLY A 116 -6.91 2.05 13.05
CA GLY A 116 -6.90 2.40 14.46
C GLY A 116 -5.86 3.45 14.79
N SER A 117 -5.75 3.77 16.08
CA SER A 117 -4.78 4.78 16.53
C SER A 117 -3.37 4.19 16.58
N VAL A 118 -3.25 3.01 17.17
CA VAL A 118 -1.96 2.34 17.28
C VAL A 118 -1.17 2.45 15.98
N VAL A 119 -1.81 2.07 14.88
CA VAL A 119 -1.17 2.12 13.57
C VAL A 119 -0.77 3.55 13.21
N ALA A 120 -1.51 4.51 13.73
CA ALA A 120 -1.24 5.92 13.46
C ALA A 120 0.01 6.38 14.22
N GLN A 121 0.02 6.14 15.52
CA GLN A 121 1.15 6.54 16.36
C GLN A 121 2.43 5.87 15.89
N THR A 122 2.35 4.57 15.60
CA THR A 122 3.50 3.81 15.15
C THR A 122 4.19 4.50 13.97
N ILE A 123 3.39 4.97 13.02
CA ILE A 123 3.91 5.66 11.85
C ILE A 123 4.46 7.04 12.22
N ARG A 124 3.64 7.82 12.91
CA ARG A 124 4.05 9.16 13.32
C ARG A 124 5.46 9.16 13.88
N THR A 125 5.80 8.12 14.64
CA THR A 125 7.12 7.99 15.23
C THR A 125 8.17 7.71 14.18
N GLN A 126 7.79 6.93 13.17
CA GLN A 126 8.71 6.57 12.09
C GLN A 126 9.29 7.81 11.44
N LYS A 127 10.60 7.88 11.34
CA LYS A 127 11.28 9.02 10.72
C LYS A 127 10.81 9.22 9.29
N THR A 128 11.28 10.30 8.66
CA THR A 128 10.92 10.61 7.29
C THR A 128 11.64 9.70 6.31
N ASP A 129 12.97 9.75 6.33
CA ASP A 129 13.78 8.93 5.44
C ASP A 129 13.22 7.50 5.34
N GLN A 130 12.79 6.96 6.48
CA GLN A 130 12.24 5.61 6.51
C GLN A 130 11.39 5.35 5.29
N PHE A 131 10.57 6.32 4.90
CA PHE A 131 9.70 6.19 3.75
C PHE A 131 10.49 5.76 2.51
N PRO A 132 9.79 5.15 1.55
CA PRO A 132 8.35 4.90 1.65
C PRO A 132 8.01 3.85 2.70
N LEU A 133 6.78 3.90 3.21
CA LEU A 133 6.33 2.95 4.22
C LEU A 133 5.35 1.95 3.62
N PHE A 134 5.84 0.74 3.35
CA PHE A 134 5.01 -0.31 2.77
C PHE A 134 4.45 -1.22 3.87
N LEU A 135 3.13 -1.27 3.97
CA LEU A 135 2.47 -2.09 4.97
C LEU A 135 1.59 -3.15 4.32
N ILE A 136 1.46 -4.30 4.98
CA ILE A 136 0.65 -5.39 4.46
C ILE A 136 -0.59 -5.62 5.32
N ILE A 137 -1.75 -5.26 4.78
CA ILE A 137 -3.01 -5.43 5.51
C ILE A 137 -3.68 -6.75 5.15
N MET A 138 -4.22 -7.43 6.15
CA MET A 138 -4.90 -8.70 5.93
C MET A 138 -6.06 -8.87 6.92
N GLY A 139 -7.22 -9.26 6.40
CA GLY A 139 -8.37 -9.46 7.24
C GLY A 139 -9.68 -9.16 6.51
N LYS A 140 -10.59 -8.47 7.19
CA LYS A 140 -11.88 -8.12 6.60
C LYS A 140 -12.04 -6.61 6.52
N ARG A 141 -13.00 -6.17 5.71
CA ARG A 141 -13.26 -4.74 5.54
C ARG A 141 -13.09 -4.00 6.87
N SER A 142 -13.42 -4.68 7.97
CA SER A 142 -13.31 -4.08 9.29
C SER A 142 -12.27 -4.83 10.13
N SER A 143 -12.15 -6.13 9.91
CA SER A 143 -11.21 -6.95 10.65
C SER A 143 -9.79 -6.77 10.11
N ASN A 144 -9.62 -5.77 9.24
CA ASN A 144 -8.32 -5.49 8.65
C ASN A 144 -7.31 -5.12 9.73
N GLU A 145 -6.10 -5.66 9.60
CA GLU A 145 -5.04 -5.38 10.56
C GLU A 145 -3.67 -5.36 9.88
N VAL A 146 -2.65 -4.98 10.63
CA VAL A 146 -1.30 -4.91 10.10
C VAL A 146 -0.45 -6.08 10.58
N LEU A 147 0.11 -6.84 9.64
CA LEU A 147 0.93 -7.99 9.97
C LEU A 147 2.41 -7.62 9.98
N ASN A 148 2.91 -7.19 8.82
CA ASN A 148 4.31 -6.81 8.69
C ASN A 148 4.43 -5.33 8.34
N VAL A 149 5.43 -4.67 8.91
CA VAL A 149 5.66 -3.25 8.66
C VAL A 149 7.09 -3.01 8.17
N ILE A 150 7.22 -2.61 6.91
CA ILE A 150 8.53 -2.34 6.33
C ILE A 150 8.81 -0.84 6.30
N GLN A 151 9.91 -0.44 6.95
CA GLN A 151 10.30 0.96 6.99
C GLN A 151 10.56 1.50 5.60
N GLY A 152 11.46 0.85 4.88
CA GLY A 152 11.78 1.27 3.52
C GLY A 152 13.24 1.06 3.18
N ASN A 153 14.09 1.02 4.21
CA ASN A 153 15.52 0.82 4.01
C ASN A 153 15.83 -0.66 3.80
N THR A 154 14.80 -1.45 3.52
CA THR A 154 14.97 -2.88 3.30
C THR A 154 15.54 -3.16 1.90
N THR A 155 15.99 -4.39 1.69
CA THR A 155 16.55 -4.79 0.41
C THR A 155 15.45 -5.25 -0.55
N VAL A 156 15.53 -4.79 -1.79
CA VAL A 156 14.56 -5.15 -2.81
C VAL A 156 14.19 -6.63 -2.72
N ASP A 157 15.20 -7.47 -2.52
CA ASP A 157 14.99 -8.91 -2.41
C ASP A 157 14.07 -9.23 -1.24
N GLU A 158 14.36 -8.64 -0.08
CA GLU A 158 13.55 -8.88 1.11
C GLU A 158 12.06 -8.69 0.82
N LEU A 159 11.75 -7.62 0.07
CA LEU A 159 10.37 -7.33 -0.28
C LEU A 159 9.70 -8.54 -0.93
N MET A 160 10.36 -9.09 -1.94
CA MET A 160 9.84 -10.25 -2.65
C MET A 160 9.44 -11.35 -1.68
N MET A 161 10.31 -11.61 -0.70
CA MET A 161 10.06 -12.64 0.30
C MET A 161 8.91 -12.24 1.22
N ARG A 162 9.02 -11.05 1.81
CA ARG A 162 7.99 -10.55 2.72
C ARG A 162 6.60 -10.83 2.16
N LEU A 163 6.38 -10.45 0.91
CA LEU A 163 5.08 -10.66 0.27
C LEU A 163 4.73 -12.14 0.22
N MET A 164 5.57 -12.91 -0.47
CA MET A 164 5.36 -14.36 -0.59
C MET A 164 4.92 -14.95 0.76
N ALA A 165 5.60 -14.55 1.82
CA ALA A 165 5.29 -15.05 3.15
C ALA A 165 3.85 -14.74 3.53
N ALA A 166 3.48 -13.46 3.43
CA ALA A 166 2.12 -13.03 3.76
C ALA A 166 1.09 -13.96 3.15
N MET A 167 1.32 -14.37 1.90
CA MET A 167 0.40 -15.27 1.20
C MET A 167 0.29 -16.60 1.93
N GLU A 168 1.44 -17.14 2.35
CA GLU A 168 1.47 -18.41 3.06
C GLU A 168 0.55 -18.38 4.28
N ILE A 169 0.74 -17.39 5.13
CA ILE A 169 -0.07 -17.24 6.34
C ILE A 169 -1.56 -17.11 5.98
N PHE A 170 -1.83 -16.33 4.94
CA PHE A 170 -3.21 -16.11 4.50
C PHE A 170 -3.84 -17.42 4.04
N THR A 171 -3.27 -18.01 3.00
CA THR A 171 -3.78 -19.26 2.45
C THR A 171 -4.15 -20.25 3.56
N ALA A 172 -3.22 -20.45 4.49
CA ALA A 172 -3.44 -21.36 5.61
C ALA A 172 -4.51 -20.80 6.56
N GLN A 173 -4.39 -19.52 6.88
CA GLN A 173 -5.34 -18.87 7.78
C GLN A 173 -6.78 -19.18 7.36
N GLN A 174 -7.05 -19.05 6.07
CA GLN A 174 -8.39 -19.31 5.55
C GLN A 174 -9.06 -20.45 6.30
N GLN A 175 -8.34 -21.56 6.44
CA GLN A 175 -8.87 -22.73 7.14
C GLN A 175 -8.42 -22.74 8.60
N GLU A 176 -8.95 -23.67 9.38
CA GLU A 176 -8.60 -23.79 10.78
C GLU A 176 -7.93 -25.13 11.08
N ASP A 177 -6.62 -25.11 11.25
CA ASP A 177 -5.86 -26.33 11.54
C ASP A 177 -6.05 -26.76 12.98
N ILE A 178 -5.66 -25.89 13.91
CA ILE A 178 -5.78 -26.19 15.33
C ILE A 178 -7.20 -26.59 15.68
#